data_8KCQ
#
_entry.id   8KCQ
#
_entity_poly.entity_id   1
_entity_poly.type   'polypeptide(L)'
_entity_poly.pdbx_seq_one_letter_code
;GSSGSSGMNAAVVRRTQEALGKVIRRPPLTEKLLSKPPFRYLHDIITEVIRMTGFMKGLYTDAEMKSDNVKDKDAKISFL
QKAIDVVVMVSGEPLLAKPARIVAGHEPERTNELLQIIGKCCLNKLSSDDAVRRVLAGEK
;
_entity_poly.pdbx_strand_id   A
#
# COMPACT_ATOMS: atom_id res chain seq x y z
N GLY A 1 -16.00 18.01 1.40
CA GLY A 1 -15.01 16.90 1.29
C GLY A 1 -15.27 16.03 0.06
N SER A 2 -14.23 15.33 -0.40
CA SER A 2 -14.33 14.42 -1.58
C SER A 2 -15.20 13.19 -1.28
N SER A 3 -16.09 12.84 -2.22
CA SER A 3 -17.02 11.72 -2.09
C SER A 3 -16.39 10.35 -2.41
N GLY A 4 -16.73 9.31 -1.64
CA GLY A 4 -16.37 7.91 -1.89
C GLY A 4 -17.22 7.25 -2.99
N SER A 5 -17.44 7.95 -4.11
CA SER A 5 -18.36 7.54 -5.19
C SER A 5 -17.89 6.28 -5.93
N SER A 6 -18.87 5.45 -6.33
CA SER A 6 -18.73 4.11 -6.94
C SER A 6 -18.03 3.06 -6.04
N GLY A 7 -18.75 1.98 -5.72
CA GLY A 7 -18.25 0.90 -4.87
C GLY A 7 -17.94 1.34 -3.43
N MET A 8 -16.84 0.83 -2.86
CA MET A 8 -16.30 1.17 -1.54
C MET A 8 -17.33 1.02 -0.40
N ASN A 9 -17.80 -0.22 -0.21
CA ASN A 9 -18.76 -0.59 0.82
C ASN A 9 -18.10 -0.92 2.17
N ALA A 10 -18.92 -1.05 3.22
CA ALA A 10 -18.45 -1.33 4.59
C ALA A 10 -17.78 -2.71 4.74
N ALA A 11 -18.16 -3.72 3.96
CA ALA A 11 -17.56 -5.06 4.03
C ALA A 11 -16.13 -5.08 3.44
N VAL A 12 -15.84 -4.28 2.42
CA VAL A 12 -14.47 -4.06 1.92
C VAL A 12 -13.64 -3.41 3.03
N VAL A 13 -14.15 -2.33 3.64
CA VAL A 13 -13.38 -1.57 4.65
C VAL A 13 -13.08 -2.36 5.94
N ARG A 14 -14.07 -3.11 6.43
CA ARG A 14 -13.94 -3.97 7.62
C ARG A 14 -12.97 -5.14 7.41
N ARG A 15 -12.77 -5.62 6.17
CA ARG A 15 -11.75 -6.62 5.83
C ARG A 15 -10.33 -6.04 5.89
N THR A 16 -10.13 -4.83 5.39
CA THR A 16 -8.88 -4.08 5.58
C THR A 16 -8.48 -3.78 7.02
N GLN A 17 -9.46 -3.47 7.87
CA GLN A 17 -9.25 -3.32 9.32
C GLN A 17 -8.75 -4.60 10.00
N GLU A 18 -9.21 -5.78 9.56
CA GLU A 18 -8.64 -7.06 10.02
C GLU A 18 -7.26 -7.37 9.43
N ALA A 19 -7.05 -7.02 8.15
CA ALA A 19 -5.82 -7.33 7.43
C ALA A 19 -4.62 -6.51 7.92
N LEU A 20 -4.80 -5.19 8.11
CA LEU A 20 -3.79 -4.29 8.69
C LEU A 20 -3.73 -4.35 10.22
N GLY A 21 -4.77 -4.88 10.88
CA GLY A 21 -4.92 -4.86 12.35
C GLY A 21 -3.80 -5.57 13.12
N LYS A 22 -3.02 -6.42 12.46
CA LYS A 22 -1.88 -7.17 13.03
C LYS A 22 -0.50 -6.64 12.60
N VAL A 23 -0.46 -5.65 11.69
CA VAL A 23 0.77 -5.23 10.99
C VAL A 23 1.53 -4.06 11.62
N ILE A 24 0.87 -2.95 11.91
CA ILE A 24 1.47 -1.73 12.49
C ILE A 24 0.55 -1.02 13.51
N ARG A 25 1.06 0.03 14.16
CA ARG A 25 0.35 0.82 15.19
C ARG A 25 0.38 2.36 15.03
N ARG A 26 1.01 2.92 13.99
CA ARG A 26 1.07 4.39 13.77
C ARG A 26 -0.24 5.03 13.28
N PRO A 27 -0.68 4.91 12.01
CA PRO A 27 -1.92 5.54 11.57
C PRO A 27 -3.16 4.78 12.10
N PRO A 28 -4.23 5.48 12.50
CA PRO A 28 -5.45 4.85 13.00
C PRO A 28 -6.27 4.25 11.84
N LEU A 29 -6.71 3.00 11.98
CA LEU A 29 -7.42 2.23 10.95
C LEU A 29 -8.92 2.57 10.89
N THR A 30 -9.23 3.86 10.73
CA THR A 30 -10.60 4.38 10.68
C THR A 30 -11.39 4.07 9.42
N GLU A 31 -12.72 3.93 9.55
CA GLU A 31 -13.64 3.78 8.41
C GLU A 31 -13.52 4.95 7.43
N LYS A 32 -13.43 6.19 7.94
CA LYS A 32 -13.27 7.41 7.14
C LYS A 32 -11.96 7.40 6.34
N LEU A 33 -10.84 7.11 7.00
CA LEU A 33 -9.51 7.18 6.38
C LEU A 33 -9.32 6.06 5.36
N LEU A 34 -9.79 4.84 5.65
CA LEU A 34 -9.74 3.74 4.69
C LEU A 34 -10.72 3.91 3.53
N SER A 35 -11.87 4.58 3.69
CA SER A 35 -12.81 4.86 2.60
C SER A 35 -12.24 5.76 1.48
N LYS A 36 -11.25 6.61 1.79
CA LYS A 36 -10.42 7.35 0.81
C LYS A 36 -9.15 7.90 1.49
N PRO A 37 -8.03 7.15 1.49
CA PRO A 37 -6.82 7.57 2.21
C PRO A 37 -6.02 8.65 1.44
N PRO A 38 -5.46 9.66 2.12
CA PRO A 38 -4.50 10.58 1.53
C PRO A 38 -3.15 9.87 1.29
N PHE A 39 -2.31 10.39 0.39
CA PHE A 39 -0.98 9.85 0.15
C PHE A 39 -0.09 9.69 1.40
N ARG A 40 -0.10 10.70 2.28
CA ARG A 40 0.66 10.73 3.53
C ARG A 40 0.27 9.56 4.46
N TYR A 41 -1.03 9.25 4.56
CA TYR A 41 -1.52 8.08 5.30
C TYR A 41 -1.01 6.73 4.76
N LEU A 42 -1.03 6.56 3.43
CA LEU A 42 -0.48 5.38 2.77
C LEU A 42 1.04 5.29 2.92
N HIS A 43 1.77 6.40 2.78
CA HIS A 43 3.20 6.50 3.01
C HIS A 43 3.57 6.12 4.46
N ASP A 44 2.79 6.59 5.45
CA ASP A 44 2.91 6.11 6.83
C ASP A 44 2.83 4.59 7.00
N ILE A 45 1.86 3.93 6.37
CA ILE A 45 1.75 2.46 6.40
C ILE A 45 2.93 1.81 5.67
N ILE A 46 3.22 2.24 4.45
CA ILE A 46 4.21 1.62 3.56
C ILE A 46 5.64 1.76 4.09
N THR A 47 5.98 2.82 4.83
CA THR A 47 7.24 2.91 5.57
C THR A 47 7.21 2.23 6.94
N GLU A 48 6.10 2.28 7.70
CA GLU A 48 6.05 1.66 9.03
C GLU A 48 6.04 0.13 8.99
N VAL A 49 5.48 -0.48 7.94
CA VAL A 49 5.52 -1.93 7.73
C VAL A 49 6.94 -2.49 7.65
N ILE A 50 7.86 -1.73 7.04
CA ILE A 50 9.29 -2.07 6.97
C ILE A 50 9.92 -2.03 8.37
N ARG A 51 9.54 -1.07 9.22
CA ARG A 51 10.05 -0.92 10.60
C ARG A 51 9.53 -1.99 11.56
N MET A 52 8.25 -2.37 11.45
CA MET A 52 7.58 -3.28 12.40
C MET A 52 7.54 -4.75 11.97
N THR A 53 7.24 -5.05 10.70
CA THR A 53 7.17 -6.42 10.15
C THR A 53 8.39 -6.89 9.36
N GLY A 54 9.09 -5.96 8.71
CA GLY A 54 10.20 -6.24 7.79
C GLY A 54 9.75 -6.61 6.37
N PHE A 55 8.44 -6.62 6.07
CA PHE A 55 7.96 -6.75 4.69
C PHE A 55 8.32 -5.53 3.81
N MET A 56 8.77 -5.76 2.58
CA MET A 56 9.36 -4.74 1.68
C MET A 56 10.65 -4.08 2.21
N LYS A 57 11.39 -4.71 3.14
CA LYS A 57 12.65 -4.14 3.66
C LYS A 57 13.72 -3.99 2.56
N GLY A 58 14.33 -2.81 2.48
CA GLY A 58 15.33 -2.44 1.46
C GLY A 58 14.76 -1.98 0.11
N LEU A 59 13.43 -1.97 -0.06
CA LEU A 59 12.72 -1.60 -1.29
C LEU A 59 12.78 -0.09 -1.59
N TYR A 60 12.92 0.73 -0.54
CA TYR A 60 13.11 2.17 -0.62
C TYR A 60 14.50 2.64 -0.20
N THR A 61 15.04 3.65 -0.88
CA THR A 61 16.25 4.37 -0.42
C THR A 61 15.97 5.28 0.77
N ASP A 62 17.01 5.73 1.47
CA ASP A 62 16.90 6.60 2.65
C ASP A 62 16.13 7.93 2.46
N ALA A 63 16.17 8.47 1.24
CA ALA A 63 15.39 9.64 0.82
C ALA A 63 13.93 9.30 0.47
N GLU A 64 13.65 8.11 -0.09
CA GLU A 64 12.29 7.68 -0.49
C GLU A 64 11.35 7.40 0.70
N MET A 65 11.89 7.06 1.88
CA MET A 65 11.11 6.83 3.11
C MET A 65 10.69 8.13 3.85
N LYS A 66 10.83 9.30 3.21
CA LYS A 66 10.55 10.62 3.77
C LYS A 66 9.57 11.42 2.90
N SER A 67 8.38 11.70 3.41
CA SER A 67 7.26 12.25 2.64
C SER A 67 7.48 13.67 2.09
N ASP A 68 8.39 14.45 2.68
CA ASP A 68 8.82 15.75 2.15
C ASP A 68 9.69 15.69 0.87
N ASN A 69 10.39 14.57 0.64
CA ASN A 69 11.05 14.29 -0.64
C ASN A 69 10.02 13.80 -1.67
N VAL A 70 9.12 12.91 -1.25
CA VAL A 70 7.97 12.39 -2.02
C VAL A 70 6.79 13.38 -2.14
N LYS A 71 7.09 14.67 -2.36
CA LYS A 71 6.11 15.77 -2.44
C LYS A 71 5.42 15.86 -3.81
N ASP A 72 6.15 15.63 -4.89
CA ASP A 72 5.62 15.66 -6.26
C ASP A 72 4.75 14.45 -6.66
N LYS A 73 3.68 14.67 -7.45
CA LYS A 73 2.74 13.62 -7.88
C LYS A 73 3.42 12.46 -8.62
N ASP A 74 4.41 12.77 -9.45
CA ASP A 74 5.26 11.77 -10.14
C ASP A 74 6.09 10.89 -9.19
N ALA A 75 6.65 11.50 -8.14
CA ALA A 75 7.36 10.79 -7.08
C ALA A 75 6.41 9.94 -6.22
N LYS A 76 5.21 10.46 -5.90
CA LYS A 76 4.14 9.75 -5.19
C LYS A 76 3.69 8.49 -5.93
N ILE A 77 3.46 8.63 -7.25
CA ILE A 77 3.15 7.52 -8.15
C ILE A 77 4.30 6.49 -8.18
N SER A 78 5.54 6.94 -8.32
CA SER A 78 6.72 6.05 -8.35
C SER A 78 6.90 5.28 -7.03
N PHE A 79 6.70 5.95 -5.88
CA PHE A 79 6.72 5.34 -4.56
C PHE A 79 5.68 4.22 -4.36
N LEU A 80 4.43 4.49 -4.73
CA LEU A 80 3.35 3.50 -4.70
C LEU A 80 3.59 2.36 -5.70
N GLN A 81 4.11 2.67 -6.91
CA GLN A 81 4.38 1.67 -7.94
C GLN A 81 5.37 0.59 -7.48
N LYS A 82 6.41 0.97 -6.71
CA LYS A 82 7.34 0.02 -6.08
C LYS A 82 6.62 -0.95 -5.11
N ALA A 83 5.76 -0.42 -4.23
CA ALA A 83 4.99 -1.25 -3.30
C ALA A 83 4.05 -2.21 -4.05
N ILE A 84 3.26 -1.69 -4.99
CA ILE A 84 2.32 -2.47 -5.81
C ILE A 84 3.05 -3.62 -6.53
N ASP A 85 4.22 -3.35 -7.10
CA ASP A 85 5.08 -4.37 -7.72
C ASP A 85 5.51 -5.53 -6.81
N VAL A 86 6.07 -5.24 -5.64
CA VAL A 86 6.45 -6.27 -4.65
C VAL A 86 5.22 -7.00 -4.10
N VAL A 87 4.14 -6.29 -3.78
CA VAL A 87 2.92 -6.89 -3.19
C VAL A 87 2.33 -7.93 -4.15
N VAL A 88 2.21 -7.62 -5.46
CA VAL A 88 1.73 -8.58 -6.47
C VAL A 88 2.70 -9.76 -6.60
N MET A 89 4.02 -9.51 -6.68
CA MET A 89 5.04 -10.56 -6.83
C MET A 89 5.13 -11.53 -5.63
N VAL A 90 5.04 -11.03 -4.40
CA VAL A 90 5.18 -11.83 -3.17
C VAL A 90 3.90 -12.63 -2.87
N SER A 91 2.73 -11.98 -2.97
CA SER A 91 1.45 -12.60 -2.60
C SER A 91 0.89 -13.58 -3.64
N GLY A 92 1.29 -13.43 -4.91
CA GLY A 92 0.69 -14.12 -6.06
C GLY A 92 -0.68 -13.56 -6.48
N GLU A 93 -1.21 -12.53 -5.80
CA GLU A 93 -2.53 -11.95 -6.07
C GLU A 93 -2.46 -10.79 -7.08
N PRO A 94 -3.36 -10.71 -8.08
CA PRO A 94 -3.52 -9.54 -8.93
C PRO A 94 -4.00 -8.32 -8.14
N LEU A 95 -3.69 -7.11 -8.64
CA LEU A 95 -4.22 -5.83 -8.15
C LEU A 95 -4.56 -4.91 -9.33
N LEU A 96 -5.78 -4.39 -9.37
CA LEU A 96 -6.20 -3.33 -10.32
C LEU A 96 -5.93 -1.91 -9.79
N ALA A 97 -5.40 -1.79 -8.56
CA ALA A 97 -5.02 -0.53 -7.93
C ALA A 97 -3.86 0.16 -8.68
N LYS A 98 -4.17 1.17 -9.50
CA LYS A 98 -3.18 1.97 -10.23
C LYS A 98 -2.62 3.07 -9.31
N PRO A 99 -1.29 3.30 -9.26
CA PRO A 99 -0.72 4.40 -8.46
C PRO A 99 -1.30 5.77 -8.83
N ALA A 100 -1.59 6.02 -10.12
CA ALA A 100 -2.18 7.27 -10.57
C ALA A 100 -3.60 7.49 -10.01
N ARG A 101 -4.44 6.44 -9.97
CA ARG A 101 -5.79 6.52 -9.36
C ARG A 101 -5.73 6.71 -7.85
N ILE A 102 -4.78 6.05 -7.17
CA ILE A 102 -4.58 6.17 -5.72
C ILE A 102 -4.26 7.62 -5.33
N VAL A 103 -3.27 8.24 -6.01
CA VAL A 103 -2.85 9.63 -5.74
C VAL A 103 -3.92 10.66 -6.15
N ALA A 104 -4.66 10.40 -7.23
CA ALA A 104 -5.77 11.24 -7.67
C ALA A 104 -7.05 11.14 -6.78
N GLY A 105 -7.14 10.15 -5.89
CA GLY A 105 -8.27 9.95 -4.99
C GLY A 105 -9.45 9.18 -5.60
N HIS A 106 -9.17 8.23 -6.48
CA HIS A 106 -10.15 7.38 -7.18
C HIS A 106 -9.90 5.88 -6.91
N GLU A 107 -10.91 5.05 -7.18
CA GLU A 107 -10.89 3.59 -6.98
C GLU A 107 -10.48 3.13 -5.56
N PRO A 108 -10.96 3.76 -4.46
CA PRO A 108 -10.45 3.50 -3.11
C PRO A 108 -10.68 2.06 -2.60
N GLU A 109 -11.63 1.32 -3.17
CA GLU A 109 -11.81 -0.10 -2.87
C GLU A 109 -10.64 -0.96 -3.38
N ARG A 110 -9.96 -0.54 -4.44
CA ARG A 110 -8.70 -1.15 -4.91
C ARG A 110 -7.51 -0.72 -4.03
N THR A 111 -7.52 0.51 -3.51
CA THR A 111 -6.59 0.92 -2.43
C THR A 111 -6.72 0.08 -1.16
N ASN A 112 -7.96 -0.23 -0.77
CA ASN A 112 -8.25 -1.20 0.30
C ASN A 112 -7.74 -2.60 -0.06
N GLU A 113 -7.97 -3.08 -1.28
CA GLU A 113 -7.46 -4.38 -1.73
C GLU A 113 -5.93 -4.45 -1.64
N LEU A 114 -5.20 -3.40 -2.01
CA LEU A 114 -3.74 -3.31 -1.89
C LEU A 114 -3.30 -3.45 -0.43
N LEU A 115 -3.97 -2.73 0.48
CA LEU A 115 -3.72 -2.81 1.92
C LEU A 115 -4.09 -4.18 2.52
N GLN A 116 -5.15 -4.83 2.03
CA GLN A 116 -5.49 -6.21 2.38
C GLN A 116 -4.41 -7.22 1.96
N ILE A 117 -3.82 -7.09 0.76
CA ILE A 117 -2.71 -7.97 0.33
C ILE A 117 -1.38 -7.64 1.05
N ILE A 118 -1.11 -6.37 1.39
CA ILE A 118 -0.02 -6.01 2.31
C ILE A 118 -0.23 -6.70 3.68
N GLY A 119 -1.47 -6.69 4.18
CA GLY A 119 -1.91 -7.46 5.33
C GLY A 119 -1.64 -8.97 5.20
N LYS A 120 -2.01 -9.58 4.07
CA LYS A 120 -1.72 -11.00 3.75
C LYS A 120 -0.23 -11.31 3.85
N CYS A 121 0.62 -10.46 3.26
CA CYS A 121 2.08 -10.64 3.28
C CYS A 121 2.67 -10.52 4.70
N CYS A 122 2.14 -9.59 5.51
CA CYS A 122 2.54 -9.39 6.90
C CYS A 122 2.07 -10.50 7.85
N LEU A 123 0.84 -11.01 7.67
CA LEU A 123 0.30 -12.13 8.45
C LEU A 123 1.09 -13.42 8.18
N ASN A 124 1.49 -13.65 6.92
CA ASN A 124 2.41 -14.72 6.50
C ASN A 124 3.91 -14.41 6.78
N LYS A 125 4.23 -13.22 7.30
CA LYS A 125 5.56 -12.78 7.78
C LYS A 125 6.64 -12.87 6.70
N LEU A 126 6.28 -12.57 5.45
CA LEU A 126 7.11 -12.77 4.27
C LEU A 126 8.24 -11.72 4.17
N SER A 127 9.46 -12.19 3.94
CA SER A 127 10.69 -11.38 3.86
C SER A 127 10.84 -10.59 2.55
N SER A 128 10.15 -11.00 1.47
CA SER A 128 10.06 -10.33 0.17
C SER A 128 11.36 -10.11 -0.64
N ASP A 129 12.50 -10.63 -0.17
CA ASP A 129 13.84 -10.31 -0.70
C ASP A 129 14.01 -10.39 -2.24
N ASP A 130 13.63 -11.51 -2.85
CA ASP A 130 13.65 -11.69 -4.31
C ASP A 130 12.74 -10.75 -5.12
N ALA A 131 11.53 -10.48 -4.63
CA ALA A 131 10.62 -9.52 -5.26
C ALA A 131 11.12 -8.07 -5.11
N VAL A 132 11.66 -7.71 -3.94
CA VAL A 132 12.29 -6.41 -3.69
C VAL A 132 13.46 -6.22 -4.66
N ARG A 133 14.33 -7.23 -4.80
CA ARG A 133 15.46 -7.20 -5.74
C ARG A 133 15.04 -7.01 -7.20
N ARG A 134 13.89 -7.56 -7.62
CA ARG A 134 13.34 -7.37 -8.97
C ARG A 134 12.91 -5.93 -9.25
N VAL A 135 12.29 -5.26 -8.27
CA VAL A 135 11.95 -3.83 -8.37
C VAL A 135 13.19 -2.93 -8.35
N LEU A 136 14.19 -3.25 -7.53
CA LEU A 136 15.48 -2.53 -7.50
C LEU A 136 16.26 -2.69 -8.81
N ALA A 137 16.27 -3.88 -9.40
CA ALA A 137 16.83 -4.15 -10.73
C ALA A 137 16.09 -3.42 -11.86
N GLY A 138 14.81 -3.08 -11.65
CA GLY A 138 13.97 -2.29 -12.56
C GLY A 138 14.21 -0.77 -12.52
N GLU A 139 15.05 -0.26 -11.60
CA GLU A 139 15.41 1.17 -11.53
C GLU A 139 16.23 1.64 -12.75
N LYS A 140 15.94 2.85 -13.25
CA LYS A 140 16.63 3.49 -14.38
C LYS A 140 18.02 4.03 -14.01
N GLY A 1 -31.33 -6.56 -1.22
CA GLY A 1 -30.53 -6.84 -2.43
C GLY A 1 -29.31 -5.95 -2.52
N SER A 2 -28.89 -5.59 -3.74
CA SER A 2 -27.75 -4.69 -4.00
C SER A 2 -28.03 -3.24 -3.53
N SER A 3 -26.98 -2.50 -3.17
CA SER A 3 -27.04 -1.12 -2.66
C SER A 3 -25.74 -0.34 -2.93
N GLY A 4 -25.83 0.99 -2.94
CA GLY A 4 -24.74 1.92 -3.24
C GLY A 4 -24.58 2.23 -4.75
N SER A 5 -24.32 3.49 -5.06
CA SER A 5 -24.18 4.02 -6.44
C SER A 5 -22.77 3.92 -7.03
N SER A 6 -21.76 3.60 -6.21
CA SER A 6 -20.33 3.58 -6.58
C SER A 6 -19.53 2.60 -5.69
N GLY A 7 -18.22 2.49 -5.94
CA GLY A 7 -17.28 1.64 -5.19
C GLY A 7 -17.08 2.06 -3.72
N MET A 8 -16.45 1.17 -2.95
CA MET A 8 -16.28 1.21 -1.48
C MET A 8 -17.60 1.12 -0.68
N ASN A 9 -17.64 0.16 0.26
CA ASN A 9 -18.68 -0.04 1.27
C ASN A 9 -18.08 -0.66 2.54
N ALA A 10 -18.86 -0.74 3.62
CA ALA A 10 -18.39 -1.20 4.94
C ALA A 10 -17.77 -2.62 4.93
N ALA A 11 -18.19 -3.50 4.03
CA ALA A 11 -17.66 -4.86 3.92
C ALA A 11 -16.29 -4.93 3.24
N VAL A 12 -15.93 -3.93 2.44
CA VAL A 12 -14.57 -3.76 1.90
C VAL A 12 -13.65 -3.23 3.00
N VAL A 13 -14.11 -2.20 3.74
CA VAL A 13 -13.26 -1.54 4.76
C VAL A 13 -12.96 -2.41 5.99
N ARG A 14 -13.94 -3.19 6.46
CA ARG A 14 -13.78 -4.13 7.59
C ARG A 14 -12.69 -5.17 7.31
N ARG A 15 -12.58 -5.63 6.06
CA ARG A 15 -11.53 -6.58 5.61
C ARG A 15 -10.13 -5.97 5.68
N THR A 16 -9.98 -4.70 5.29
CA THR A 16 -8.74 -3.95 5.49
C THR A 16 -8.34 -3.69 6.93
N GLN A 17 -9.31 -3.35 7.80
CA GLN A 17 -9.08 -3.15 9.23
C GLN A 17 -8.55 -4.40 9.93
N GLU A 18 -9.11 -5.59 9.64
CA GLU A 18 -8.64 -6.85 10.22
C GLU A 18 -7.37 -7.39 9.55
N ALA A 19 -7.09 -6.98 8.30
CA ALA A 19 -5.86 -7.33 7.58
C ALA A 19 -4.64 -6.53 8.05
N LEU A 20 -4.76 -5.19 8.17
CA LEU A 20 -3.69 -4.31 8.65
C LEU A 20 -3.52 -4.33 10.18
N GLY A 21 -4.51 -4.75 10.94
CA GLY A 21 -4.51 -4.69 12.41
C GLY A 21 -3.40 -5.49 13.11
N LYS A 22 -2.75 -6.43 12.39
CA LYS A 22 -1.59 -7.21 12.87
C LYS A 22 -0.23 -6.69 12.38
N VAL A 23 -0.24 -5.71 11.48
CA VAL A 23 0.94 -5.26 10.73
C VAL A 23 1.57 -3.95 11.21
N ILE A 24 0.71 -2.95 11.45
CA ILE A 24 1.09 -1.60 11.91
C ILE A 24 0.03 -0.99 12.83
N ARG A 25 0.45 -0.02 13.66
CA ARG A 25 -0.43 0.70 14.63
C ARG A 25 -0.27 2.23 14.66
N ARG A 26 0.63 2.83 13.87
CA ARG A 26 0.94 4.28 13.95
C ARG A 26 -0.20 5.16 13.41
N PRO A 27 -0.58 5.13 12.12
CA PRO A 27 -1.83 5.79 11.69
C PRO A 27 -3.05 4.96 12.16
N PRO A 28 -4.15 5.60 12.57
CA PRO A 28 -5.32 4.89 13.08
C PRO A 28 -6.10 4.22 11.94
N LEU A 29 -6.50 2.96 12.13
CA LEU A 29 -7.23 2.14 11.15
C LEU A 29 -8.74 2.41 11.19
N THR A 30 -9.10 3.69 11.03
CA THR A 30 -10.50 4.15 11.03
C THR A 30 -11.31 3.83 9.77
N GLU A 31 -12.62 3.61 9.93
CA GLU A 31 -13.56 3.46 8.82
C GLU A 31 -13.53 4.68 7.88
N LYS A 32 -13.50 5.89 8.44
CA LYS A 32 -13.47 7.15 7.69
C LYS A 32 -12.19 7.31 6.86
N LEU A 33 -11.03 7.00 7.44
CA LEU A 33 -9.74 7.14 6.77
C LEU A 33 -9.52 6.05 5.72
N LEU A 34 -9.77 4.78 6.04
CA LEU A 34 -9.63 3.68 5.08
C LEU A 34 -10.68 3.74 3.95
N SER A 35 -11.86 4.35 4.17
CA SER A 35 -12.86 4.55 3.10
C SER A 35 -12.33 5.39 1.92
N LYS A 36 -11.51 6.42 2.18
CA LYS A 36 -10.78 7.19 1.15
C LYS A 36 -9.54 7.89 1.74
N PRO A 37 -8.38 7.20 1.82
CA PRO A 37 -7.18 7.72 2.50
C PRO A 37 -6.39 8.74 1.64
N PRO A 38 -5.76 9.76 2.26
CA PRO A 38 -4.80 10.63 1.59
C PRO A 38 -3.47 9.90 1.31
N PHE A 39 -2.68 10.42 0.37
CA PHE A 39 -1.34 9.86 0.07
C PHE A 39 -0.40 9.74 1.28
N ARG A 40 -0.34 10.78 2.13
CA ARG A 40 0.51 10.84 3.33
C ARG A 40 0.17 9.70 4.31
N TYR A 41 -1.12 9.41 4.50
CA TYR A 41 -1.58 8.27 5.30
C TYR A 41 -1.10 6.90 4.78
N LEU A 42 -1.26 6.68 3.47
CA LEU A 42 -0.80 5.46 2.78
C LEU A 42 0.73 5.32 2.81
N HIS A 43 1.45 6.41 2.56
CA HIS A 43 2.91 6.49 2.63
C HIS A 43 3.40 6.04 4.02
N ASP A 44 2.81 6.57 5.08
CA ASP A 44 3.20 6.25 6.45
C ASP A 44 2.96 4.79 6.86
N ILE A 45 1.90 4.14 6.35
CA ILE A 45 1.72 2.68 6.48
C ILE A 45 2.83 1.92 5.75
N ILE A 46 3.12 2.30 4.50
CA ILE A 46 4.07 1.61 3.62
C ILE A 46 5.53 1.74 4.13
N THR A 47 5.91 2.87 4.74
CA THR A 47 7.20 2.98 5.44
C THR A 47 7.20 2.31 6.81
N GLU A 48 6.11 2.35 7.59
CA GLU A 48 6.08 1.76 8.93
C GLU A 48 6.02 0.23 8.93
N VAL A 49 5.42 -0.41 7.92
CA VAL A 49 5.41 -1.88 7.81
C VAL A 49 6.82 -2.48 7.73
N ILE A 50 7.76 -1.77 7.12
CA ILE A 50 9.18 -2.14 7.06
C ILE A 50 9.81 -2.14 8.47
N ARG A 51 9.36 -1.24 9.37
CA ARG A 51 9.80 -1.18 10.78
C ARG A 51 9.10 -2.22 11.67
N MET A 52 7.79 -2.41 11.52
CA MET A 52 6.96 -3.23 12.42
C MET A 52 6.89 -4.72 12.04
N THR A 53 7.09 -5.07 10.76
CA THR A 53 7.12 -6.46 10.25
C THR A 53 8.36 -6.89 9.49
N GLY A 54 9.05 -5.95 8.84
CA GLY A 54 10.17 -6.21 7.93
C GLY A 54 9.75 -6.60 6.50
N PHE A 55 8.45 -6.62 6.19
CA PHE A 55 7.98 -6.76 4.81
C PHE A 55 8.32 -5.54 3.93
N MET A 56 8.80 -5.77 2.70
CA MET A 56 9.39 -4.76 1.80
C MET A 56 10.69 -4.11 2.33
N LYS A 57 11.44 -4.76 3.23
CA LYS A 57 12.73 -4.25 3.73
C LYS A 57 13.74 -4.04 2.59
N GLY A 58 14.40 -2.88 2.57
CA GLY A 58 15.39 -2.49 1.55
C GLY A 58 14.81 -2.00 0.22
N LEU A 59 13.47 -2.00 0.05
CA LEU A 59 12.77 -1.59 -1.18
C LEU A 59 12.82 -0.07 -1.44
N TYR A 60 12.98 0.72 -0.37
CA TYR A 60 13.13 2.18 -0.42
C TYR A 60 14.48 2.68 0.12
N THR A 61 15.03 3.73 -0.49
CA THR A 61 16.16 4.50 0.07
C THR A 61 15.72 5.45 1.18
N ASP A 62 16.64 5.95 2.00
CA ASP A 62 16.32 6.91 3.09
C ASP A 62 15.59 8.19 2.63
N ALA A 63 15.98 8.72 1.46
CA ALA A 63 15.32 9.86 0.82
C ALA A 63 13.90 9.54 0.30
N GLU A 64 13.61 8.27 -0.03
CA GLU A 64 12.25 7.81 -0.39
C GLU A 64 11.36 7.56 0.82
N MET A 65 11.91 7.04 1.93
CA MET A 65 11.17 6.86 3.19
C MET A 65 10.90 8.20 3.91
N LYS A 66 11.70 9.24 3.64
CA LYS A 66 11.43 10.62 4.07
C LYS A 66 10.21 11.20 3.32
N SER A 67 9.11 11.43 4.04
CA SER A 67 7.93 12.16 3.55
C SER A 67 8.24 13.62 3.15
N ASP A 68 9.40 14.14 3.55
CA ASP A 68 9.94 15.44 3.10
C ASP A 68 9.98 15.63 1.58
N ASN A 69 10.42 14.59 0.85
CA ASN A 69 10.72 14.65 -0.59
C ASN A 69 9.54 14.25 -1.51
N VAL A 70 8.53 13.55 -0.98
CA VAL A 70 7.46 12.89 -1.76
C VAL A 70 6.23 13.77 -2.04
N LYS A 71 6.51 15.03 -2.37
CA LYS A 71 5.51 16.09 -2.57
C LYS A 71 4.93 16.14 -4.01
N ASP A 72 5.75 15.87 -5.02
CA ASP A 72 5.33 15.82 -6.42
C ASP A 72 4.52 14.58 -6.81
N LYS A 73 3.48 14.73 -7.66
CA LYS A 73 2.62 13.63 -8.10
C LYS A 73 3.40 12.49 -8.78
N ASP A 74 4.43 12.83 -9.56
CA ASP A 74 5.38 11.86 -10.13
C ASP A 74 6.16 11.04 -9.10
N ALA A 75 6.67 11.70 -8.05
CA ALA A 75 7.35 11.04 -6.93
C ALA A 75 6.40 10.16 -6.12
N LYS A 76 5.16 10.62 -5.87
CA LYS A 76 4.08 9.86 -5.22
C LYS A 76 3.74 8.57 -5.98
N ILE A 77 3.56 8.69 -7.30
CA ILE A 77 3.30 7.55 -8.20
C ILE A 77 4.48 6.57 -8.22
N SER A 78 5.71 7.07 -8.38
CA SER A 78 6.94 6.25 -8.38
C SER A 78 7.12 5.49 -7.06
N PHE A 79 6.89 6.15 -5.93
CA PHE A 79 6.86 5.52 -4.61
C PHE A 79 5.85 4.37 -4.47
N LEU A 80 4.59 4.59 -4.84
CA LEU A 80 3.54 3.57 -4.81
C LEU A 80 3.80 2.42 -5.78
N GLN A 81 4.33 2.68 -6.97
CA GLN A 81 4.64 1.63 -7.97
C GLN A 81 5.59 0.57 -7.38
N LYS A 82 6.63 0.97 -6.63
CA LYS A 82 7.55 0.04 -5.98
C LYS A 82 6.85 -0.89 -4.97
N ALA A 83 5.96 -0.37 -4.14
CA ALA A 83 5.15 -1.19 -3.21
C ALA A 83 4.23 -2.15 -3.98
N ILE A 84 3.44 -1.62 -4.93
CA ILE A 84 2.48 -2.41 -5.74
C ILE A 84 3.20 -3.57 -6.45
N ASP A 85 4.38 -3.31 -7.03
CA ASP A 85 5.22 -4.32 -7.65
C ASP A 85 5.62 -5.50 -6.74
N VAL A 86 6.20 -5.20 -5.57
CA VAL A 86 6.57 -6.23 -4.58
C VAL A 86 5.34 -6.94 -4.02
N VAL A 87 4.26 -6.23 -3.70
CA VAL A 87 3.04 -6.82 -3.09
C VAL A 87 2.41 -7.85 -4.05
N VAL A 88 2.34 -7.56 -5.35
CA VAL A 88 1.85 -8.53 -6.36
C VAL A 88 2.83 -9.71 -6.48
N MET A 89 4.15 -9.46 -6.55
CA MET A 89 5.15 -10.51 -6.71
C MET A 89 5.28 -11.46 -5.52
N VAL A 90 5.17 -10.98 -4.28
CA VAL A 90 5.30 -11.79 -3.05
C VAL A 90 4.03 -12.59 -2.78
N SER A 91 2.85 -11.96 -2.88
CA SER A 91 1.56 -12.64 -2.62
C SER A 91 1.15 -13.61 -3.73
N GLY A 92 1.55 -13.35 -4.98
CA GLY A 92 1.05 -14.02 -6.17
C GLY A 92 -0.36 -13.56 -6.60
N GLU A 93 -0.97 -12.62 -5.88
CA GLU A 93 -2.30 -12.07 -6.16
C GLU A 93 -2.20 -10.82 -7.07
N PRO A 94 -3.04 -10.69 -8.12
CA PRO A 94 -3.09 -9.48 -8.95
C PRO A 94 -3.70 -8.29 -8.19
N LEU A 95 -3.38 -7.06 -8.64
CA LEU A 95 -3.98 -5.81 -8.16
C LEU A 95 -4.33 -4.88 -9.32
N LEU A 96 -5.60 -4.47 -9.39
CA LEU A 96 -6.05 -3.39 -10.29
C LEU A 96 -5.81 -1.99 -9.68
N ALA A 97 -5.31 -1.92 -8.44
CA ALA A 97 -4.86 -0.70 -7.79
C ALA A 97 -3.57 -0.18 -8.46
N LYS A 98 -3.70 0.76 -9.40
CA LYS A 98 -2.57 1.41 -10.08
C LYS A 98 -2.23 2.74 -9.39
N PRO A 99 -0.95 3.15 -9.33
CA PRO A 99 -0.51 4.29 -8.53
C PRO A 99 -1.18 5.60 -8.94
N ALA A 100 -1.38 5.84 -10.24
CA ALA A 100 -2.04 7.04 -10.74
C ALA A 100 -3.50 7.16 -10.25
N ARG A 101 -4.23 6.05 -10.15
CA ARG A 101 -5.61 6.01 -9.61
C ARG A 101 -5.62 6.37 -8.12
N ILE A 102 -4.65 5.82 -7.36
CA ILE A 102 -4.53 6.01 -5.91
C ILE A 102 -4.23 7.48 -5.58
N VAL A 103 -3.24 8.09 -6.23
CA VAL A 103 -2.84 9.50 -5.98
C VAL A 103 -3.91 10.50 -6.43
N ALA A 104 -4.63 10.21 -7.53
CA ALA A 104 -5.80 10.98 -7.96
C ALA A 104 -7.08 10.74 -7.12
N GLY A 105 -7.07 9.77 -6.21
CA GLY A 105 -8.18 9.47 -5.28
C GLY A 105 -9.34 8.67 -5.88
N HIS A 106 -9.15 8.00 -7.02
CA HIS A 106 -10.15 7.14 -7.66
C HIS A 106 -10.11 5.70 -7.13
N GLU A 107 -11.23 4.98 -7.26
CA GLU A 107 -11.36 3.53 -7.01
C GLU A 107 -10.82 3.09 -5.63
N PRO A 108 -11.23 3.72 -4.50
CA PRO A 108 -10.65 3.47 -3.19
C PRO A 108 -10.83 2.03 -2.68
N GLU A 109 -11.77 1.25 -3.22
CA GLU A 109 -11.89 -0.18 -2.97
C GLU A 109 -10.65 -0.97 -3.45
N ARG A 110 -9.96 -0.50 -4.50
CA ARG A 110 -8.67 -1.04 -4.95
C ARG A 110 -7.52 -0.59 -4.04
N THR A 111 -7.54 0.65 -3.57
CA THR A 111 -6.64 1.11 -2.50
C THR A 111 -6.73 0.29 -1.21
N ASN A 112 -7.96 -0.08 -0.83
CA ASN A 112 -8.22 -1.05 0.24
C ASN A 112 -7.67 -2.43 -0.10
N GLU A 113 -7.92 -2.95 -1.31
CA GLU A 113 -7.40 -4.25 -1.75
C GLU A 113 -5.87 -4.33 -1.66
N LEU A 114 -5.13 -3.27 -2.02
CA LEU A 114 -3.67 -3.19 -1.89
C LEU A 114 -3.23 -3.37 -0.44
N LEU A 115 -3.89 -2.66 0.49
CA LEU A 115 -3.64 -2.77 1.93
C LEU A 115 -4.03 -4.14 2.50
N GLN A 116 -5.11 -4.74 2.01
CA GLN A 116 -5.48 -6.12 2.34
C GLN A 116 -4.42 -7.14 1.87
N ILE A 117 -3.79 -6.99 0.69
CA ILE A 117 -2.69 -7.87 0.26
C ILE A 117 -1.39 -7.60 1.03
N ILE A 118 -1.08 -6.35 1.40
CA ILE A 118 0.01 -6.02 2.35
C ILE A 118 -0.24 -6.74 3.69
N GLY A 119 -1.49 -6.71 4.16
CA GLY A 119 -1.97 -7.49 5.31
C GLY A 119 -1.72 -8.99 5.15
N LYS A 120 -2.14 -9.59 4.03
CA LYS A 120 -1.93 -11.01 3.69
C LYS A 120 -0.45 -11.40 3.74
N CYS A 121 0.43 -10.58 3.16
CA CYS A 121 1.88 -10.83 3.15
C CYS A 121 2.48 -10.82 4.56
N CYS A 122 2.08 -9.86 5.38
CA CYS A 122 2.50 -9.72 6.78
C CYS A 122 1.97 -10.82 7.70
N LEU A 123 0.70 -11.22 7.54
CA LEU A 123 0.06 -12.31 8.28
C LEU A 123 0.73 -13.67 7.98
N ASN A 124 0.99 -13.95 6.70
CA ASN A 124 1.73 -15.13 6.25
C ASN A 124 3.26 -15.02 6.47
N LYS A 125 3.75 -13.87 6.99
CA LYS A 125 5.16 -13.60 7.34
C LYS A 125 6.14 -13.84 6.17
N LEU A 126 5.71 -13.48 4.96
CA LEU A 126 6.44 -13.75 3.71
C LEU A 126 7.70 -12.87 3.59
N SER A 127 8.83 -13.50 3.30
CA SER A 127 10.08 -12.81 2.95
C SER A 127 9.97 -12.20 1.55
N SER A 128 10.18 -10.89 1.45
CA SER A 128 10.04 -10.11 0.21
C SER A 128 11.31 -9.99 -0.64
N ASP A 129 12.47 -10.46 -0.15
CA ASP A 129 13.79 -10.21 -0.76
C ASP A 129 13.92 -10.50 -2.27
N ASP A 130 13.37 -11.63 -2.72
CA ASP A 130 13.34 -12.02 -4.13
C ASP A 130 12.48 -11.16 -5.07
N ALA A 131 11.45 -10.51 -4.53
CA ALA A 131 10.63 -9.52 -5.23
C ALA A 131 11.22 -8.11 -5.13
N VAL A 132 11.75 -7.73 -3.97
CA VAL A 132 12.41 -6.42 -3.74
C VAL A 132 13.59 -6.28 -4.70
N ARG A 133 14.42 -7.32 -4.84
CA ARG A 133 15.56 -7.35 -5.78
C ARG A 133 15.12 -7.17 -7.25
N ARG A 134 13.93 -7.65 -7.62
CA ARG A 134 13.36 -7.48 -8.98
C ARG A 134 12.92 -6.05 -9.27
N VAL A 135 12.39 -5.34 -8.26
CA VAL A 135 12.09 -3.90 -8.37
C VAL A 135 13.36 -3.05 -8.38
N LEU A 136 14.34 -3.36 -7.53
CA LEU A 136 15.62 -2.66 -7.47
C LEU A 136 16.47 -2.86 -8.75
N ALA A 137 16.35 -4.00 -9.43
CA ALA A 137 16.94 -4.24 -10.74
C ALA A 137 16.36 -3.31 -11.85
N GLY A 138 15.21 -2.68 -11.61
CA GLY A 138 14.60 -1.66 -12.48
C GLY A 138 15.21 -0.25 -12.34
N GLU A 139 16.14 -0.03 -11.40
CA GLU A 139 16.84 1.26 -11.23
C GLU A 139 17.76 1.62 -12.42
N LYS A 140 17.92 2.93 -12.67
CA LYS A 140 18.77 3.49 -13.73
C LYS A 140 20.28 3.31 -13.46
N GLY A 1 -27.01 11.23 -5.86
CA GLY A 1 -26.69 9.79 -5.74
C GLY A 1 -27.42 9.13 -4.58
N SER A 2 -26.85 8.05 -4.03
CA SER A 2 -27.39 7.30 -2.88
C SER A 2 -26.29 6.58 -2.11
N SER A 3 -26.42 6.49 -0.78
CA SER A 3 -25.56 5.68 0.10
C SER A 3 -25.65 4.16 -0.16
N GLY A 4 -26.68 3.70 -0.89
CA GLY A 4 -26.84 2.32 -1.35
C GLY A 4 -25.93 1.94 -2.54
N SER A 5 -25.20 2.90 -3.14
CA SER A 5 -24.31 2.67 -4.29
C SER A 5 -23.09 1.81 -3.90
N SER A 6 -22.85 0.73 -4.63
CA SER A 6 -21.66 -0.13 -4.46
C SER A 6 -20.40 0.53 -5.07
N GLY A 7 -19.24 0.36 -4.43
CA GLY A 7 -17.94 0.84 -4.93
C GLY A 7 -16.90 1.19 -3.86
N MET A 8 -17.33 1.30 -2.59
CA MET A 8 -16.48 1.42 -1.39
C MET A 8 -17.30 0.93 -0.19
N ASN A 9 -17.49 -0.38 -0.12
CA ASN A 9 -18.45 -1.03 0.75
C ASN A 9 -17.89 -1.28 2.17
N ALA A 10 -18.77 -1.32 3.18
CA ALA A 10 -18.40 -1.52 4.58
C ALA A 10 -17.69 -2.86 4.83
N ALA A 11 -18.05 -3.92 4.10
CA ALA A 11 -17.42 -5.23 4.20
C ALA A 11 -15.98 -5.23 3.65
N VAL A 12 -15.70 -4.43 2.62
CA VAL A 12 -14.33 -4.21 2.11
C VAL A 12 -13.52 -3.47 3.17
N VAL A 13 -14.06 -2.37 3.73
CA VAL A 13 -13.31 -1.58 4.72
C VAL A 13 -12.99 -2.32 6.01
N ARG A 14 -13.95 -3.09 6.53
CA ARG A 14 -13.81 -3.91 7.75
C ARG A 14 -12.80 -5.05 7.56
N ARG A 15 -12.70 -5.63 6.35
CA ARG A 15 -11.64 -6.59 5.98
C ARG A 15 -10.25 -5.97 6.01
N THR A 16 -10.09 -4.73 5.54
CA THR A 16 -8.85 -3.95 5.73
C THR A 16 -8.50 -3.59 7.16
N GLN A 17 -9.48 -3.20 7.98
CA GLN A 17 -9.29 -2.91 9.40
C GLN A 17 -8.75 -4.13 10.18
N GLU A 18 -9.33 -5.32 9.97
CA GLU A 18 -8.88 -6.55 10.65
C GLU A 18 -7.58 -7.11 10.05
N ALA A 19 -7.28 -6.79 8.79
CA ALA A 19 -6.02 -7.17 8.15
C ALA A 19 -4.84 -6.32 8.63
N LEU A 20 -4.96 -4.98 8.56
CA LEU A 20 -3.88 -4.06 8.95
C LEU A 20 -3.69 -3.98 10.48
N GLY A 21 -4.74 -4.19 11.27
CA GLY A 21 -4.70 -4.08 12.74
C GLY A 21 -3.81 -5.11 13.45
N LYS A 22 -3.29 -6.10 12.71
CA LYS A 22 -2.33 -7.11 13.19
C LYS A 22 -0.88 -6.83 12.75
N VAL A 23 -0.66 -5.83 11.91
CA VAL A 23 0.63 -5.59 11.20
C VAL A 23 1.17 -4.17 11.35
N ILE A 24 0.32 -3.15 11.52
CA ILE A 24 0.72 -1.73 11.63
C ILE A 24 -0.12 -0.96 12.67
N ARG A 25 0.43 0.12 13.25
CA ARG A 25 -0.22 0.92 14.31
C ARG A 25 -0.05 2.45 14.23
N ARG A 26 0.80 2.98 13.34
CA ARG A 26 1.03 4.43 13.17
C ARG A 26 -0.24 5.23 12.81
N PRO A 27 -0.89 5.03 11.64
CA PRO A 27 -2.13 5.72 11.32
C PRO A 27 -3.35 5.03 11.96
N PRO A 28 -4.42 5.78 12.31
CA PRO A 28 -5.65 5.20 12.83
C PRO A 28 -6.45 4.51 11.72
N LEU A 29 -6.89 3.26 11.95
CA LEU A 29 -7.64 2.45 10.99
C LEU A 29 -9.14 2.77 11.00
N THR A 30 -9.47 4.03 10.72
CA THR A 30 -10.87 4.51 10.62
C THR A 30 -11.58 4.13 9.33
N GLU A 31 -12.90 3.91 9.41
CA GLU A 31 -13.74 3.68 8.23
C GLU A 31 -13.72 4.89 7.26
N LYS A 32 -13.71 6.11 7.79
CA LYS A 32 -13.62 7.36 7.00
C LYS A 32 -12.30 7.46 6.24
N LEU A 33 -11.17 7.19 6.89
CA LEU A 33 -9.85 7.32 6.29
C LEU A 33 -9.54 6.19 5.31
N LEU A 34 -9.87 4.94 5.63
CA LEU A 34 -9.70 3.82 4.69
C LEU A 34 -10.65 3.92 3.48
N SER A 35 -11.81 4.59 3.60
CA SER A 35 -12.72 4.79 2.46
C SER A 35 -12.20 5.76 1.38
N LYS A 36 -11.28 6.68 1.72
CA LYS A 36 -10.56 7.55 0.76
C LYS A 36 -9.28 8.15 1.40
N PRO A 37 -8.17 7.39 1.48
CA PRO A 37 -6.98 7.83 2.20
C PRO A 37 -6.15 8.86 1.42
N PRO A 38 -5.59 9.90 2.06
CA PRO A 38 -4.60 10.78 1.44
C PRO A 38 -3.26 10.05 1.23
N PHE A 39 -2.41 10.55 0.34
CA PHE A 39 -1.09 9.96 0.11
C PHE A 39 -0.21 9.78 1.35
N ARG A 40 -0.18 10.81 2.22
CA ARG A 40 0.57 10.82 3.49
C ARG A 40 0.12 9.70 4.43
N TYR A 41 -1.18 9.45 4.51
CA TYR A 41 -1.73 8.33 5.30
C TYR A 41 -1.26 6.95 4.82
N LEU A 42 -1.21 6.74 3.50
CA LEU A 42 -0.67 5.52 2.89
C LEU A 42 0.87 5.42 3.06
N HIS A 43 1.60 6.52 2.91
CA HIS A 43 3.04 6.59 3.18
C HIS A 43 3.36 6.21 4.63
N ASP A 44 2.55 6.66 5.60
CA ASP A 44 2.61 6.16 6.98
C ASP A 44 2.53 4.65 7.12
N ILE A 45 1.54 3.98 6.49
CA ILE A 45 1.43 2.51 6.48
C ILE A 45 2.67 1.87 5.82
N ILE A 46 3.11 2.40 4.68
CA ILE A 46 4.18 1.81 3.86
C ILE A 46 5.56 1.87 4.53
N THR A 47 5.87 2.92 5.32
CA THR A 47 7.06 2.89 6.20
C THR A 47 6.86 2.16 7.53
N GLU A 48 5.66 2.22 8.12
CA GLU A 48 5.33 1.51 9.36
C GLU A 48 5.39 0.00 9.22
N VAL A 49 5.00 -0.58 8.07
CA VAL A 49 5.15 -2.01 7.81
C VAL A 49 6.61 -2.46 7.80
N ILE A 50 7.53 -1.62 7.29
CA ILE A 50 8.96 -1.87 7.33
C ILE A 50 9.48 -1.82 8.79
N ARG A 51 9.00 -0.87 9.60
CA ARG A 51 9.35 -0.73 11.03
C ARG A 51 8.81 -1.88 11.91
N MET A 52 7.59 -2.33 11.64
CA MET A 52 6.86 -3.33 12.44
C MET A 52 7.16 -4.79 12.05
N THR A 53 7.21 -5.08 10.74
CA THR A 53 7.30 -6.44 10.17
C THR A 53 8.56 -6.78 9.37
N GLY A 54 9.21 -5.75 8.81
CA GLY A 54 10.35 -5.90 7.90
C GLY A 54 9.97 -6.26 6.45
N PHE A 55 8.68 -6.38 6.12
CA PHE A 55 8.24 -6.54 4.73
C PHE A 55 8.51 -5.30 3.86
N MET A 56 9.09 -5.49 2.66
CA MET A 56 9.58 -4.41 1.78
C MET A 56 10.76 -3.57 2.35
N LYS A 57 11.49 -4.05 3.37
CA LYS A 57 12.52 -3.24 4.08
C LYS A 57 13.63 -2.67 3.19
N GLY A 58 14.08 -3.42 2.20
CA GLY A 58 15.14 -3.02 1.25
C GLY A 58 14.63 -2.35 -0.04
N LEU A 59 13.30 -2.22 -0.20
CA LEU A 59 12.64 -1.73 -1.42
C LEU A 59 12.74 -0.21 -1.58
N TYR A 60 12.90 0.53 -0.48
CA TYR A 60 13.01 1.99 -0.46
C TYR A 60 14.39 2.58 -0.16
N THR A 61 14.69 3.72 -0.78
CA THR A 61 15.86 4.55 -0.44
C THR A 61 15.74 5.34 0.86
N ASP A 62 16.87 5.77 1.44
CA ASP A 62 16.85 6.71 2.58
C ASP A 62 16.13 8.04 2.32
N ALA A 63 16.06 8.45 1.06
CA ALA A 63 15.27 9.62 0.62
C ALA A 63 13.80 9.27 0.37
N GLU A 64 13.49 8.15 -0.30
CA GLU A 64 12.11 7.74 -0.60
C GLU A 64 11.30 7.31 0.64
N MET A 65 11.96 6.92 1.75
CA MET A 65 11.30 6.71 3.05
C MET A 65 10.91 8.02 3.78
N LYS A 66 11.18 9.21 3.20
CA LYS A 66 10.86 10.52 3.78
C LYS A 66 9.92 11.33 2.88
N SER A 67 8.73 11.66 3.39
CA SER A 67 7.62 12.24 2.62
C SER A 67 7.88 13.65 2.07
N ASP A 68 8.85 14.40 2.62
CA ASP A 68 9.30 15.69 2.07
C ASP A 68 10.04 15.61 0.74
N ASN A 69 10.71 14.49 0.46
CA ASN A 69 11.26 14.18 -0.88
C ASN A 69 10.15 13.70 -1.82
N VAL A 70 9.25 12.85 -1.31
CA VAL A 70 8.05 12.33 -2.01
C VAL A 70 6.88 13.33 -2.09
N LYS A 71 7.19 14.60 -2.34
CA LYS A 71 6.23 15.73 -2.39
C LYS A 71 5.53 15.86 -3.75
N ASP A 72 6.25 15.68 -4.85
CA ASP A 72 5.71 15.74 -6.21
C ASP A 72 4.88 14.51 -6.63
N LYS A 73 3.82 14.70 -7.44
CA LYS A 73 2.94 13.61 -7.89
C LYS A 73 3.70 12.51 -8.65
N ASP A 74 4.67 12.88 -9.46
CA ASP A 74 5.59 11.94 -10.12
C ASP A 74 6.41 11.07 -9.15
N ALA A 75 6.95 11.68 -8.09
CA ALA A 75 7.65 10.97 -7.01
C ALA A 75 6.69 10.07 -6.21
N LYS A 76 5.47 10.54 -5.92
CA LYS A 76 4.40 9.76 -5.25
C LYS A 76 4.03 8.50 -6.03
N ILE A 77 3.88 8.62 -7.34
CA ILE A 77 3.63 7.50 -8.25
C ILE A 77 4.83 6.54 -8.31
N SER A 78 6.06 7.06 -8.46
CA SER A 78 7.29 6.27 -8.44
C SER A 78 7.51 5.52 -7.11
N PHE A 79 7.08 6.11 -5.99
CA PHE A 79 7.02 5.46 -4.69
C PHE A 79 6.00 4.31 -4.57
N LEU A 80 4.74 4.57 -4.90
CA LEU A 80 3.65 3.59 -4.84
C LEU A 80 3.85 2.41 -5.81
N GLN A 81 4.35 2.66 -7.03
CA GLN A 81 4.56 1.62 -8.04
C GLN A 81 5.44 0.47 -7.51
N LYS A 82 6.51 0.80 -6.76
CA LYS A 82 7.43 -0.21 -6.20
C LYS A 82 6.74 -1.11 -5.18
N ALA A 83 5.93 -0.55 -4.28
CA ALA A 83 5.14 -1.33 -3.32
C ALA A 83 4.13 -2.22 -4.04
N ILE A 84 3.35 -1.67 -4.98
CA ILE A 84 2.35 -2.42 -5.75
C ILE A 84 3.01 -3.60 -6.49
N ASP A 85 4.16 -3.37 -7.13
CA ASP A 85 4.95 -4.40 -7.80
C ASP A 85 5.40 -5.56 -6.90
N VAL A 86 6.05 -5.27 -5.77
CA VAL A 86 6.49 -6.28 -4.79
C VAL A 86 5.30 -7.00 -4.17
N VAL A 87 4.22 -6.30 -3.80
CA VAL A 87 3.04 -6.91 -3.14
C VAL A 87 2.40 -7.93 -4.08
N VAL A 88 2.26 -7.64 -5.38
CA VAL A 88 1.75 -8.61 -6.38
C VAL A 88 2.74 -9.78 -6.53
N MET A 89 4.05 -9.51 -6.65
CA MET A 89 5.05 -10.55 -6.86
C MET A 89 5.27 -11.51 -5.66
N VAL A 90 5.19 -11.01 -4.43
CA VAL A 90 5.37 -11.81 -3.20
C VAL A 90 4.12 -12.65 -2.91
N SER A 91 2.92 -12.05 -2.97
CA SER A 91 1.66 -12.75 -2.68
C SER A 91 1.21 -13.70 -3.80
N GLY A 92 1.55 -13.40 -5.06
CA GLY A 92 1.01 -14.04 -6.25
C GLY A 92 -0.43 -13.59 -6.60
N GLU A 93 -1.02 -12.67 -5.84
CA GLU A 93 -2.36 -12.12 -6.07
C GLU A 93 -2.30 -10.86 -6.97
N PRO A 94 -3.13 -10.74 -8.02
CA PRO A 94 -3.18 -9.55 -8.88
C PRO A 94 -3.81 -8.35 -8.16
N LEU A 95 -3.45 -7.13 -8.60
CA LEU A 95 -4.02 -5.87 -8.11
C LEU A 95 -4.35 -4.91 -9.28
N LEU A 96 -5.61 -4.46 -9.32
CA LEU A 96 -6.07 -3.37 -10.20
C LEU A 96 -5.83 -1.98 -9.58
N ALA A 97 -5.31 -1.91 -8.36
CA ALA A 97 -4.88 -0.67 -7.70
C ALA A 97 -3.65 -0.08 -8.41
N LYS A 98 -3.82 1.01 -9.18
CA LYS A 98 -2.73 1.67 -9.94
C LYS A 98 -2.28 2.96 -9.23
N PRO A 99 -0.97 3.29 -9.23
CA PRO A 99 -0.43 4.39 -8.42
C PRO A 99 -1.04 5.76 -8.75
N ALA A 100 -1.22 6.08 -10.03
CA ALA A 100 -1.80 7.36 -10.46
C ALA A 100 -3.24 7.55 -9.95
N ARG A 101 -4.05 6.46 -9.95
CA ARG A 101 -5.42 6.44 -9.39
C ARG A 101 -5.42 6.60 -7.87
N ILE A 102 -4.47 5.97 -7.18
CA ILE A 102 -4.33 6.05 -5.71
C ILE A 102 -4.01 7.48 -5.27
N VAL A 103 -3.04 8.15 -5.91
CA VAL A 103 -2.69 9.55 -5.60
C VAL A 103 -3.84 10.52 -5.90
N ALA A 104 -4.56 10.30 -7.00
CA ALA A 104 -5.76 11.07 -7.35
C ALA A 104 -7.02 10.73 -6.52
N GLY A 105 -6.96 9.70 -5.67
CA GLY A 105 -8.05 9.29 -4.76
C GLY A 105 -9.17 8.46 -5.40
N HIS A 106 -8.97 7.92 -6.60
CA HIS A 106 -9.92 7.05 -7.30
C HIS A 106 -9.77 5.57 -6.92
N GLU A 107 -10.81 4.77 -7.20
CA GLU A 107 -10.86 3.31 -6.98
C GLU A 107 -10.46 2.85 -5.55
N PRO A 108 -10.99 3.45 -4.47
CA PRO A 108 -10.54 3.19 -3.10
C PRO A 108 -10.79 1.75 -2.63
N GLU A 109 -11.72 1.01 -3.24
CA GLU A 109 -11.88 -0.44 -3.02
C GLU A 109 -10.61 -1.22 -3.40
N ARG A 110 -9.90 -0.80 -4.46
CA ARG A 110 -8.60 -1.36 -4.88
C ARG A 110 -7.48 -0.91 -3.96
N THR A 111 -7.50 0.34 -3.48
CA THR A 111 -6.60 0.79 -2.39
C THR A 111 -6.72 -0.02 -1.10
N ASN A 112 -7.96 -0.35 -0.72
CA ASN A 112 -8.25 -1.30 0.37
C ASN A 112 -7.72 -2.71 0.06
N GLU A 113 -7.95 -3.24 -1.14
CA GLU A 113 -7.43 -4.55 -1.56
C GLU A 113 -5.88 -4.59 -1.45
N LEU A 114 -5.17 -3.55 -1.88
CA LEU A 114 -3.71 -3.44 -1.78
C LEU A 114 -3.23 -3.57 -0.32
N LEU A 115 -3.91 -2.86 0.60
CA LEU A 115 -3.63 -2.92 2.03
C LEU A 115 -3.96 -4.29 2.65
N GLN A 116 -5.06 -4.91 2.24
CA GLN A 116 -5.36 -6.29 2.62
C GLN A 116 -4.29 -7.30 2.14
N ILE A 117 -3.74 -7.16 0.93
CA ILE A 117 -2.62 -8.02 0.47
C ILE A 117 -1.29 -7.71 1.20
N ILE A 118 -0.99 -6.45 1.52
CA ILE A 118 0.13 -6.09 2.41
C ILE A 118 -0.02 -6.78 3.78
N GLY A 119 -1.22 -6.73 4.36
CA GLY A 119 -1.56 -7.44 5.59
C GLY A 119 -1.39 -8.97 5.47
N LYS A 120 -1.86 -9.57 4.36
CA LYS A 120 -1.70 -10.99 4.03
C LYS A 120 -0.23 -11.41 3.95
N CYS A 121 0.61 -10.63 3.27
CA CYS A 121 2.04 -10.93 3.14
C CYS A 121 2.77 -10.95 4.49
N CYS A 122 2.42 -9.99 5.36
CA CYS A 122 2.97 -9.85 6.70
C CYS A 122 2.50 -10.97 7.66
N LEU A 123 1.21 -11.34 7.60
CA LEU A 123 0.65 -12.43 8.42
C LEU A 123 1.20 -13.80 8.01
N ASN A 124 1.40 -14.03 6.71
CA ASN A 124 2.11 -15.20 6.17
C ASN A 124 3.65 -15.11 6.33
N LYS A 125 4.16 -14.00 6.90
CA LYS A 125 5.58 -13.76 7.22
C LYS A 125 6.53 -13.91 6.03
N LEU A 126 6.06 -13.52 4.84
CA LEU A 126 6.77 -13.66 3.58
C LEU A 126 7.92 -12.65 3.47
N SER A 127 9.14 -13.15 3.23
CA SER A 127 10.28 -12.29 2.89
C SER A 127 10.16 -11.79 1.45
N SER A 128 10.37 -10.48 1.25
CA SER A 128 10.18 -9.80 -0.04
C SER A 128 11.41 -9.74 -0.95
N ASP A 129 12.60 -10.14 -0.47
CA ASP A 129 13.89 -9.95 -1.17
C ASP A 129 13.93 -10.37 -2.65
N ASP A 130 13.43 -11.56 -2.97
CA ASP A 130 13.31 -12.09 -4.33
C ASP A 130 12.40 -11.33 -5.31
N ALA A 131 11.44 -10.54 -4.79
CA ALA A 131 10.63 -9.61 -5.58
C ALA A 131 11.21 -8.17 -5.57
N VAL A 132 11.78 -7.73 -4.44
CA VAL A 132 12.40 -6.40 -4.29
C VAL A 132 13.54 -6.24 -5.30
N ARG A 133 14.36 -7.28 -5.47
CA ARG A 133 15.45 -7.30 -6.46
C ARG A 133 14.97 -7.06 -7.89
N ARG A 134 13.77 -7.55 -8.24
CA ARG A 134 13.19 -7.43 -9.59
C ARG A 134 12.72 -6.00 -9.89
N VAL A 135 12.15 -5.34 -8.88
CA VAL A 135 11.78 -3.91 -8.96
C VAL A 135 13.01 -3.00 -9.03
N LEU A 136 14.02 -3.25 -8.19
CA LEU A 136 15.25 -2.44 -8.17
C LEU A 136 16.09 -2.62 -9.45
N ALA A 137 16.11 -3.83 -10.02
CA ALA A 137 16.71 -4.09 -11.34
C ALA A 137 16.01 -3.39 -12.51
N GLY A 138 14.79 -2.89 -12.32
CA GLY A 138 14.06 -2.04 -13.27
C GLY A 138 14.66 -0.63 -13.43
N GLU A 139 15.52 -0.19 -12.50
CA GLU A 139 16.31 1.04 -12.65
C GLU A 139 17.50 0.78 -13.60
N LYS A 140 17.68 1.64 -14.62
CA LYS A 140 18.61 1.44 -15.74
C LYS A 140 19.41 2.72 -16.06
N GLY A 1 -35.90 1.24 -11.26
CA GLY A 1 -35.29 2.35 -12.02
C GLY A 1 -34.01 1.93 -12.71
N SER A 2 -33.15 2.90 -13.05
CA SER A 2 -31.83 2.66 -13.68
C SER A 2 -30.83 2.00 -12.71
N SER A 3 -29.85 1.28 -13.26
CA SER A 3 -28.78 0.60 -12.51
C SER A 3 -27.76 1.55 -11.85
N GLY A 4 -27.00 1.04 -10.89
CA GLY A 4 -25.95 1.80 -10.16
C GLY A 4 -25.03 0.91 -9.33
N SER A 5 -23.91 1.49 -8.87
CA SER A 5 -22.86 0.82 -8.09
C SER A 5 -22.03 1.86 -7.29
N SER A 6 -21.05 1.40 -6.50
CA SER A 6 -20.11 2.24 -5.73
C SER A 6 -18.71 1.62 -5.66
N GLY A 7 -17.67 2.46 -5.69
CA GLY A 7 -16.27 2.07 -5.59
C GLY A 7 -15.75 1.81 -4.17
N MET A 8 -16.61 1.90 -3.14
CA MET A 8 -16.29 1.55 -1.74
C MET A 8 -17.57 1.21 -0.96
N ASN A 9 -17.54 0.09 -0.22
CA ASN A 9 -18.59 -0.37 0.70
C ASN A 9 -17.97 -0.78 2.05
N ALA A 10 -18.73 -0.69 3.15
CA ALA A 10 -18.24 -1.01 4.50
C ALA A 10 -17.70 -2.45 4.65
N ALA A 11 -18.16 -3.38 3.81
CA ALA A 11 -17.68 -4.77 3.79
C ALA A 11 -16.25 -4.90 3.22
N VAL A 12 -15.82 -3.96 2.36
CA VAL A 12 -14.44 -3.85 1.89
C VAL A 12 -13.58 -3.23 2.99
N VAL A 13 -14.07 -2.17 3.64
CA VAL A 13 -13.29 -1.47 4.68
C VAL A 13 -13.01 -2.31 5.93
N ARG A 14 -14.01 -3.10 6.35
CA ARG A 14 -13.90 -4.03 7.49
C ARG A 14 -12.86 -5.13 7.27
N ARG A 15 -12.65 -5.58 6.02
CA ARG A 15 -11.57 -6.51 5.65
C ARG A 15 -10.20 -5.89 5.89
N THR A 16 -9.98 -4.66 5.44
CA THR A 16 -8.74 -3.90 5.68
C THR A 16 -8.41 -3.60 7.14
N GLN A 17 -9.41 -3.27 7.94
CA GLN A 17 -9.25 -3.05 9.39
C GLN A 17 -8.75 -4.32 10.12
N GLU A 18 -9.22 -5.51 9.72
CA GLU A 18 -8.69 -6.78 10.21
C GLU A 18 -7.30 -7.11 9.62
N ALA A 19 -7.10 -6.85 8.32
CA ALA A 19 -5.88 -7.24 7.60
C ALA A 19 -4.64 -6.43 8.04
N LEU A 20 -4.76 -5.11 8.23
CA LEU A 20 -3.70 -4.26 8.77
C LEU A 20 -3.60 -4.29 10.30
N GLY A 21 -4.64 -4.75 11.00
CA GLY A 21 -4.80 -4.63 12.46
C GLY A 21 -3.73 -5.29 13.34
N LYS A 22 -2.86 -6.12 12.74
CA LYS A 22 -1.71 -6.78 13.41
C LYS A 22 -0.35 -6.38 12.83
N VAL A 23 -0.32 -5.62 11.74
CA VAL A 23 0.88 -5.33 10.92
C VAL A 23 1.57 -4.00 11.25
N ILE A 24 0.76 -2.98 11.52
CA ILE A 24 1.16 -1.61 11.89
C ILE A 24 0.14 -0.99 12.88
N ARG A 25 0.54 0.08 13.58
CA ARG A 25 -0.29 0.77 14.59
C ARG A 25 -0.15 2.30 14.69
N ARG A 26 0.65 2.95 13.82
CA ARG A 26 0.92 4.40 13.90
C ARG A 26 -0.26 5.25 13.40
N PRO A 27 -0.71 5.17 12.12
CA PRO A 27 -1.96 5.81 11.73
C PRO A 27 -3.18 5.02 12.28
N PRO A 28 -4.27 5.68 12.69
CA PRO A 28 -5.47 5.01 13.18
C PRO A 28 -6.25 4.38 12.01
N LEU A 29 -6.64 3.11 12.16
CA LEU A 29 -7.35 2.33 11.12
C LEU A 29 -8.86 2.64 11.11
N THR A 30 -9.20 3.92 10.94
CA THR A 30 -10.58 4.41 10.90
C THR A 30 -11.36 4.07 9.62
N GLU A 31 -12.69 3.92 9.77
CA GLU A 31 -13.61 3.77 8.63
C GLU A 31 -13.50 4.95 7.65
N LYS A 32 -13.42 6.18 8.17
CA LYS A 32 -13.31 7.41 7.38
C LYS A 32 -12.01 7.48 6.57
N LEU A 33 -10.88 7.12 7.18
CA LEU A 33 -9.57 7.19 6.54
C LEU A 33 -9.40 6.06 5.51
N LEU A 34 -9.74 4.81 5.85
CA LEU A 34 -9.66 3.69 4.92
C LEU A 34 -10.70 3.79 3.77
N SER A 35 -11.85 4.45 3.97
CA SER A 35 -12.84 4.68 2.92
C SER A 35 -12.31 5.50 1.73
N LYS A 36 -11.46 6.51 1.99
CA LYS A 36 -10.74 7.29 0.95
C LYS A 36 -9.45 7.93 1.52
N PRO A 37 -8.32 7.21 1.55
CA PRO A 37 -7.11 7.68 2.22
C PRO A 37 -6.32 8.70 1.38
N PRO A 38 -5.67 9.71 2.02
CA PRO A 38 -4.69 10.57 1.36
C PRO A 38 -3.38 9.81 1.11
N PHE A 39 -2.54 10.30 0.20
CA PHE A 39 -1.20 9.73 -0.01
C PHE A 39 -0.32 9.60 1.24
N ARG A 40 -0.32 10.64 2.08
CA ARG A 40 0.48 10.69 3.32
C ARG A 40 0.12 9.56 4.29
N TYR A 41 -1.17 9.25 4.41
CA TYR A 41 -1.66 8.11 5.19
C TYR A 41 -1.14 6.75 4.70
N LEU A 42 -1.24 6.51 3.39
CA LEU A 42 -0.74 5.30 2.72
C LEU A 42 0.80 5.19 2.82
N HIS A 43 1.52 6.29 2.57
CA HIS A 43 2.97 6.40 2.73
C HIS A 43 3.40 5.96 4.13
N ASP A 44 2.76 6.51 5.16
CA ASP A 44 3.08 6.20 6.55
C ASP A 44 2.89 4.72 6.94
N ILE A 45 1.83 4.07 6.42
CA ILE A 45 1.66 2.60 6.53
C ILE A 45 2.80 1.86 5.81
N ILE A 46 3.11 2.25 4.57
CA ILE A 46 4.10 1.56 3.72
C ILE A 46 5.53 1.69 4.27
N THR A 47 5.91 2.81 4.88
CA THR A 47 7.18 2.91 5.63
C THR A 47 7.15 2.20 6.99
N GLU A 48 6.02 2.21 7.71
CA GLU A 48 5.93 1.57 9.03
C GLU A 48 5.91 0.04 8.97
N VAL A 49 5.33 -0.57 7.93
CA VAL A 49 5.36 -2.04 7.78
C VAL A 49 6.79 -2.60 7.68
N ILE A 50 7.71 -1.84 7.08
CA ILE A 50 9.14 -2.16 7.02
C ILE A 50 9.76 -2.15 8.43
N ARG A 51 9.36 -1.20 9.29
CA ARG A 51 9.82 -1.08 10.69
C ARG A 51 9.21 -2.14 11.62
N MET A 52 7.93 -2.47 11.43
CA MET A 52 7.15 -3.37 12.30
C MET A 52 7.29 -4.85 11.96
N THR A 53 7.31 -5.20 10.67
CA THR A 53 7.34 -6.59 10.16
C THR A 53 8.55 -7.00 9.33
N GLY A 54 9.22 -6.02 8.70
CA GLY A 54 10.31 -6.25 7.74
C GLY A 54 9.84 -6.62 6.33
N PHE A 55 8.53 -6.66 6.07
CA PHE A 55 8.01 -6.82 4.70
C PHE A 55 8.29 -5.61 3.80
N MET A 56 8.74 -5.83 2.56
CA MET A 56 9.26 -4.80 1.63
C MET A 56 10.53 -4.07 2.12
N LYS A 57 11.28 -4.61 3.10
CA LYS A 57 12.52 -3.99 3.61
C LYS A 57 13.58 -3.82 2.51
N GLY A 58 14.22 -2.64 2.46
CA GLY A 58 15.24 -2.27 1.48
C GLY A 58 14.70 -1.76 0.13
N LEU A 59 13.38 -1.78 -0.08
CA LEU A 59 12.70 -1.33 -1.32
C LEU A 59 12.74 0.20 -1.50
N TYR A 60 12.88 0.94 -0.40
CA TYR A 60 13.04 2.39 -0.36
C TYR A 60 14.36 2.86 0.25
N THR A 61 14.83 4.03 -0.18
CA THR A 61 15.94 4.75 0.46
C THR A 61 15.58 5.40 1.80
N ASP A 62 16.57 5.74 2.62
CA ASP A 62 16.35 6.55 3.83
C ASP A 62 15.63 7.89 3.58
N ALA A 63 15.85 8.47 2.39
CA ALA A 63 15.22 9.70 1.93
C ALA A 63 13.82 9.46 1.32
N GLU A 64 13.60 8.38 0.57
CA GLU A 64 12.26 8.03 0.06
C GLU A 64 11.29 7.63 1.18
N MET A 65 11.80 7.10 2.30
CA MET A 65 11.00 6.88 3.52
C MET A 65 10.64 8.16 4.30
N LYS A 66 11.07 9.35 3.83
CA LYS A 66 10.68 10.66 4.37
C LYS A 66 9.71 11.38 3.42
N SER A 67 8.49 11.62 3.89
CA SER A 67 7.38 12.21 3.11
C SER A 67 7.66 13.60 2.54
N ASP A 68 8.57 14.36 3.15
CA ASP A 68 9.03 15.67 2.66
C ASP A 68 9.73 15.63 1.29
N ASN A 69 10.44 14.53 0.99
CA ASN A 69 11.02 14.29 -0.34
C ASN A 69 9.97 13.83 -1.36
N VAL A 70 9.01 13.00 -0.94
CA VAL A 70 7.89 12.48 -1.75
C VAL A 70 6.73 13.48 -1.98
N LYS A 71 7.08 14.75 -2.21
CA LYS A 71 6.13 15.87 -2.36
C LYS A 71 5.47 15.92 -3.75
N ASP A 72 6.22 15.66 -4.81
CA ASP A 72 5.74 15.68 -6.19
C ASP A 72 4.86 14.48 -6.60
N LYS A 73 3.82 14.70 -7.41
CA LYS A 73 2.88 13.65 -7.84
C LYS A 73 3.57 12.49 -8.58
N ASP A 74 4.58 12.79 -9.38
CA ASP A 74 5.44 11.77 -10.03
C ASP A 74 6.25 10.90 -9.05
N ALA A 75 6.78 11.50 -7.98
CA ALA A 75 7.47 10.80 -6.90
C ALA A 75 6.48 9.94 -6.07
N LYS A 76 5.29 10.48 -5.78
CA LYS A 76 4.19 9.76 -5.11
C LYS A 76 3.76 8.52 -5.89
N ILE A 77 3.58 8.67 -7.21
CA ILE A 77 3.27 7.56 -8.12
C ILE A 77 4.40 6.53 -8.14
N SER A 78 5.65 6.95 -8.36
CA SER A 78 6.83 6.06 -8.38
C SER A 78 6.97 5.26 -7.07
N PHE A 79 6.77 5.92 -5.93
CA PHE A 79 6.77 5.28 -4.61
C PHE A 79 5.73 4.17 -4.45
N LEU A 80 4.47 4.44 -4.81
CA LEU A 80 3.39 3.44 -4.76
C LEU A 80 3.55 2.33 -5.81
N GLN A 81 4.06 2.64 -7.01
CA GLN A 81 4.26 1.65 -8.09
C GLN A 81 5.18 0.52 -7.60
N LYS A 82 6.28 0.88 -6.92
CA LYS A 82 7.24 -0.07 -6.34
C LYS A 82 6.61 -0.97 -5.27
N ALA A 83 5.76 -0.43 -4.40
CA ALA A 83 4.98 -1.25 -3.45
C ALA A 83 4.04 -2.22 -4.17
N ILE A 84 3.24 -1.72 -5.13
CA ILE A 84 2.29 -2.54 -5.91
C ILE A 84 3.01 -3.72 -6.58
N ASP A 85 4.15 -3.49 -7.22
CA ASP A 85 4.99 -4.55 -7.80
C ASP A 85 5.47 -5.65 -6.84
N VAL A 86 6.07 -5.28 -5.69
CA VAL A 86 6.50 -6.28 -4.68
C VAL A 86 5.31 -7.02 -4.07
N VAL A 87 4.22 -6.33 -3.75
CA VAL A 87 3.02 -6.95 -3.15
C VAL A 87 2.42 -7.99 -4.12
N VAL A 88 2.32 -7.69 -5.41
CA VAL A 88 1.87 -8.65 -6.45
C VAL A 88 2.86 -9.82 -6.54
N MET A 89 4.17 -9.55 -6.61
CA MET A 89 5.19 -10.60 -6.77
C MET A 89 5.32 -11.56 -5.57
N VAL A 90 5.20 -11.07 -4.34
CA VAL A 90 5.33 -11.88 -3.11
C VAL A 90 4.07 -12.71 -2.87
N SER A 91 2.87 -12.11 -2.99
CA SER A 91 1.60 -12.79 -2.73
C SER A 91 1.12 -13.69 -3.88
N GLY A 92 1.49 -13.35 -5.13
CA GLY A 92 0.93 -13.95 -6.36
C GLY A 92 -0.47 -13.43 -6.72
N GLU A 93 -1.04 -12.49 -5.94
CA GLU A 93 -2.37 -11.91 -6.16
C GLU A 93 -2.30 -10.78 -7.22
N PRO A 94 -3.17 -10.78 -8.26
CA PRO A 94 -3.25 -9.68 -9.21
C PRO A 94 -3.97 -8.47 -8.60
N LEU A 95 -3.23 -7.39 -8.33
CA LEU A 95 -3.80 -6.10 -7.92
C LEU A 95 -4.29 -5.35 -9.17
N LEU A 96 -5.60 -5.05 -9.22
CA LEU A 96 -6.19 -4.21 -10.27
C LEU A 96 -5.91 -2.71 -10.04
N ALA A 97 -5.47 -2.33 -8.84
CA ALA A 97 -5.07 -0.97 -8.47
C ALA A 97 -3.94 -0.43 -9.37
N LYS A 98 -3.88 0.90 -9.44
CA LYS A 98 -2.88 1.69 -10.18
C LYS A 98 -2.44 2.92 -9.37
N PRO A 99 -1.14 3.26 -9.33
CA PRO A 99 -0.64 4.34 -8.49
C PRO A 99 -1.23 5.71 -8.83
N ALA A 100 -1.40 6.03 -10.12
CA ALA A 100 -1.98 7.31 -10.56
C ALA A 100 -3.43 7.49 -10.08
N ARG A 101 -4.21 6.40 -10.05
CA ARG A 101 -5.58 6.39 -9.47
C ARG A 101 -5.55 6.59 -7.96
N ILE A 102 -4.65 5.90 -7.25
CA ILE A 102 -4.53 5.96 -5.79
C ILE A 102 -4.18 7.39 -5.32
N VAL A 103 -3.16 8.02 -5.93
CA VAL A 103 -2.71 9.38 -5.57
C VAL A 103 -3.81 10.44 -5.85
N ALA A 104 -4.57 10.26 -6.94
CA ALA A 104 -5.74 11.08 -7.28
C ALA A 104 -7.01 10.76 -6.45
N GLY A 105 -6.98 9.73 -5.60
CA GLY A 105 -8.09 9.35 -4.71
C GLY A 105 -9.20 8.49 -5.35
N HIS A 106 -8.97 7.96 -6.56
CA HIS A 106 -9.89 7.06 -7.26
C HIS A 106 -9.66 5.58 -6.89
N GLU A 107 -10.63 4.73 -7.22
CA GLU A 107 -10.61 3.27 -6.96
C GLU A 107 -10.34 2.91 -5.48
N PRO A 108 -11.07 3.46 -4.49
CA PRO A 108 -10.81 3.21 -3.07
C PRO A 108 -10.94 1.73 -2.66
N GLU A 109 -11.81 0.94 -3.29
CA GLU A 109 -11.86 -0.52 -3.09
C GLU A 109 -10.54 -1.22 -3.49
N ARG A 110 -9.88 -0.79 -4.58
CA ARG A 110 -8.57 -1.31 -5.01
C ARG A 110 -7.43 -0.77 -4.14
N THR A 111 -7.56 0.45 -3.63
CA THR A 111 -6.67 1.01 -2.60
C THR A 111 -6.73 0.22 -1.29
N ASN A 112 -7.94 -0.19 -0.86
CA ASN A 112 -8.14 -1.13 0.23
C ASN A 112 -7.58 -2.52 -0.07
N GLU A 113 -7.80 -3.06 -1.27
CA GLU A 113 -7.27 -4.37 -1.67
C GLU A 113 -5.73 -4.43 -1.55
N LEU A 114 -5.01 -3.38 -1.95
CA LEU A 114 -3.54 -3.28 -1.81
C LEU A 114 -3.13 -3.44 -0.34
N LEU A 115 -3.79 -2.73 0.58
CA LEU A 115 -3.56 -2.83 2.02
C LEU A 115 -3.95 -4.20 2.60
N GLN A 116 -5.04 -4.80 2.11
CA GLN A 116 -5.42 -6.17 2.46
C GLN A 116 -4.37 -7.21 2.02
N ILE A 117 -3.75 -7.09 0.84
CA ILE A 117 -2.67 -8.00 0.41
C ILE A 117 -1.36 -7.73 1.18
N ILE A 118 -1.02 -6.47 1.49
CA ILE A 118 0.08 -6.14 2.44
C ILE A 118 -0.18 -6.82 3.79
N GLY A 119 -1.43 -6.76 4.28
CA GLY A 119 -1.92 -7.48 5.44
C GLY A 119 -1.69 -8.99 5.34
N LYS A 120 -2.15 -9.64 4.26
CA LYS A 120 -1.95 -11.07 4.00
C LYS A 120 -0.47 -11.47 4.02
N CYS A 121 0.39 -10.69 3.37
CA CYS A 121 1.83 -10.97 3.32
C CYS A 121 2.48 -10.94 4.71
N CYS A 122 2.10 -9.96 5.54
CA CYS A 122 2.56 -9.82 6.91
C CYS A 122 2.02 -10.91 7.86
N LEU A 123 0.74 -11.24 7.75
CA LEU A 123 0.08 -12.29 8.56
C LEU A 123 0.62 -13.70 8.25
N ASN A 124 1.00 -13.95 6.99
CA ASN A 124 1.71 -15.17 6.57
C ASN A 124 3.24 -15.10 6.73
N LYS A 125 3.77 -13.97 7.22
CA LYS A 125 5.21 -13.69 7.44
C LYS A 125 6.09 -13.94 6.21
N LEU A 126 5.58 -13.59 5.03
CA LEU A 126 6.26 -13.82 3.74
C LEU A 126 7.49 -12.91 3.59
N SER A 127 8.63 -13.52 3.25
CA SER A 127 9.85 -12.82 2.85
C SER A 127 9.71 -12.18 1.46
N SER A 128 10.40 -11.06 1.24
CA SER A 128 10.24 -10.22 0.04
C SER A 128 11.54 -9.83 -0.68
N ASP A 129 12.71 -10.20 -0.17
CA ASP A 129 14.02 -9.78 -0.71
C ASP A 129 14.23 -10.00 -2.22
N ASP A 130 13.78 -11.15 -2.73
CA ASP A 130 13.77 -11.47 -4.17
C ASP A 130 12.95 -10.47 -5.00
N ALA A 131 11.68 -10.28 -4.62
CA ALA A 131 10.76 -9.38 -5.29
C ALA A 131 11.19 -7.90 -5.17
N VAL A 132 11.72 -7.49 -4.01
CA VAL A 132 12.30 -6.17 -3.77
C VAL A 132 13.48 -5.94 -4.73
N ARG A 133 14.42 -6.89 -4.82
CA ARG A 133 15.59 -6.79 -5.72
C ARG A 133 15.20 -6.73 -7.20
N ARG A 134 14.10 -7.38 -7.58
CA ARG A 134 13.51 -7.36 -8.94
C ARG A 134 12.87 -6.03 -9.32
N VAL A 135 12.22 -5.35 -8.36
CA VAL A 135 11.72 -3.97 -8.57
C VAL A 135 12.88 -2.98 -8.66
N LEU A 136 13.91 -3.12 -7.82
CA LEU A 136 15.10 -2.27 -7.84
C LEU A 136 15.92 -2.44 -9.14
N ALA A 137 15.90 -3.64 -9.74
CA ALA A 137 16.46 -3.90 -11.08
C ALA A 137 15.75 -3.14 -12.23
N GLY A 138 14.55 -2.62 -12.00
CA GLY A 138 13.80 -1.79 -12.96
C GLY A 138 14.34 -0.36 -13.08
N GLU A 139 15.18 0.10 -12.15
CA GLU A 139 15.85 1.41 -12.20
C GLU A 139 17.14 1.40 -13.03
N LYS A 140 17.46 2.53 -13.67
CA LYS A 140 18.67 2.75 -14.49
C LYS A 140 19.95 2.87 -13.65
N GLY A 1 -28.80 8.96 -9.30
CA GLY A 1 -29.13 8.03 -8.20
C GLY A 1 -28.63 8.54 -6.85
N SER A 2 -28.99 7.84 -5.77
CA SER A 2 -28.59 8.20 -4.38
C SER A 2 -27.10 7.99 -4.10
N SER A 3 -26.52 6.90 -4.63
CA SER A 3 -25.09 6.56 -4.48
C SER A 3 -24.17 7.54 -5.23
N GLY A 4 -22.98 7.80 -4.67
CA GLY A 4 -21.97 8.70 -5.25
C GLY A 4 -20.73 8.88 -4.37
N SER A 5 -19.80 9.72 -4.84
CA SER A 5 -18.52 10.13 -4.20
C SER A 5 -17.47 9.03 -3.96
N SER A 6 -17.85 7.76 -3.77
CA SER A 6 -16.95 6.61 -3.62
C SER A 6 -17.64 5.30 -4.00
N GLY A 7 -16.84 4.33 -4.49
CA GLY A 7 -17.28 2.94 -4.74
C GLY A 7 -17.24 2.03 -3.49
N MET A 8 -16.75 2.53 -2.35
CA MET A 8 -16.58 1.75 -1.12
C MET A 8 -17.87 1.26 -0.45
N ASN A 9 -17.71 0.20 0.35
CA ASN A 9 -18.72 -0.38 1.23
C ASN A 9 -18.06 -0.85 2.53
N ALA A 10 -18.82 -0.94 3.63
CA ALA A 10 -18.33 -1.32 4.96
C ALA A 10 -17.68 -2.71 4.99
N ALA A 11 -18.11 -3.63 4.12
CA ALA A 11 -17.57 -4.99 4.04
C ALA A 11 -16.19 -5.05 3.35
N VAL A 12 -15.89 -4.07 2.49
CA VAL A 12 -14.54 -3.86 1.94
C VAL A 12 -13.63 -3.28 3.01
N VAL A 13 -14.08 -2.27 3.75
CA VAL A 13 -13.24 -1.59 4.76
C VAL A 13 -12.92 -2.43 5.99
N ARG A 14 -13.88 -3.22 6.48
CA ARG A 14 -13.71 -4.14 7.64
C ARG A 14 -12.59 -5.16 7.40
N ARG A 15 -12.46 -5.66 6.16
CA ARG A 15 -11.37 -6.55 5.73
C ARG A 15 -10.00 -5.89 5.88
N THR A 16 -9.87 -4.65 5.41
CA THR A 16 -8.66 -3.84 5.59
C THR A 16 -8.29 -3.50 7.02
N GLN A 17 -9.29 -3.12 7.84
CA GLN A 17 -9.10 -2.81 9.26
C GLN A 17 -8.57 -4.01 10.05
N GLU A 18 -9.15 -5.21 9.85
CA GLU A 18 -8.71 -6.42 10.56
C GLU A 18 -7.44 -7.03 9.97
N ALA A 19 -7.12 -6.72 8.70
CA ALA A 19 -5.85 -7.09 8.07
C ALA A 19 -4.69 -6.22 8.58
N LEU A 20 -4.80 -4.89 8.47
CA LEU A 20 -3.76 -3.95 8.89
C LEU A 20 -3.60 -3.88 10.42
N GLY A 21 -4.67 -4.12 11.18
CA GLY A 21 -4.70 -4.07 12.64
C GLY A 21 -3.82 -5.10 13.36
N LYS A 22 -3.23 -6.05 12.62
CA LYS A 22 -2.27 -7.05 13.13
C LYS A 22 -0.82 -6.77 12.71
N VAL A 23 -0.58 -5.76 11.86
CA VAL A 23 0.71 -5.54 11.16
C VAL A 23 1.29 -4.14 11.32
N ILE A 24 0.49 -3.10 11.56
CA ILE A 24 0.96 -1.71 11.70
C ILE A 24 0.25 -0.94 12.84
N ARG A 25 0.86 0.15 13.33
CA ARG A 25 0.34 0.97 14.46
C ARG A 25 0.35 2.49 14.25
N ARG A 26 1.15 3.02 13.31
CA ARG A 26 1.32 4.48 13.09
C ARG A 26 0.02 5.24 12.73
N PRO A 27 -0.59 5.09 11.55
CA PRO A 27 -1.85 5.77 11.22
C PRO A 27 -3.07 5.07 11.84
N PRO A 28 -4.14 5.81 12.21
CA PRO A 28 -5.37 5.23 12.76
C PRO A 28 -6.21 4.56 11.67
N LEU A 29 -6.66 3.33 11.92
CA LEU A 29 -7.43 2.50 10.97
C LEU A 29 -8.93 2.82 10.98
N THR A 30 -9.25 4.09 10.74
CA THR A 30 -10.65 4.57 10.69
C THR A 30 -11.42 4.21 9.42
N GLU A 31 -12.74 4.01 9.55
CA GLU A 31 -13.65 3.79 8.41
C GLU A 31 -13.60 4.97 7.42
N LYS A 32 -13.60 6.21 7.94
CA LYS A 32 -13.56 7.44 7.14
C LYS A 32 -12.25 7.56 6.34
N LEU A 33 -11.11 7.29 6.96
CA LEU A 33 -9.80 7.43 6.33
C LEU A 33 -9.55 6.30 5.31
N LEU A 34 -9.84 5.04 5.65
CA LEU A 34 -9.67 3.93 4.70
C LEU A 34 -10.68 3.98 3.54
N SER A 35 -11.83 4.67 3.68
CA SER A 35 -12.78 4.84 2.57
C SER A 35 -12.25 5.67 1.40
N LYS A 36 -11.30 6.60 1.64
CA LYS A 36 -10.54 7.32 0.61
C LYS A 36 -9.28 7.99 1.23
N PRO A 37 -8.17 7.26 1.43
CA PRO A 37 -7.00 7.77 2.15
C PRO A 37 -6.15 8.73 1.29
N PRO A 38 -5.53 9.77 1.89
CA PRO A 38 -4.53 10.59 1.21
C PRO A 38 -3.21 9.82 1.00
N PHE A 39 -2.37 10.28 0.07
CA PHE A 39 -1.04 9.70 -0.14
C PHE A 39 -0.17 9.56 1.12
N ARG A 40 -0.11 10.62 1.93
CA ARG A 40 0.75 10.66 3.13
C ARG A 40 0.32 9.67 4.21
N TYR A 41 -1.00 9.39 4.30
CA TYR A 41 -1.52 8.31 5.15
C TYR A 41 -1.06 6.91 4.71
N LEU A 42 -1.13 6.63 3.41
CA LEU A 42 -0.68 5.37 2.81
C LEU A 42 0.85 5.20 2.89
N HIS A 43 1.61 6.26 2.62
CA HIS A 43 3.06 6.32 2.82
C HIS A 43 3.42 5.88 4.24
N ASP A 44 2.73 6.42 5.24
CA ASP A 44 2.92 6.07 6.63
C ASP A 44 2.49 4.66 7.08
N ILE A 45 1.76 3.92 6.24
CA ILE A 45 1.54 2.47 6.40
C ILE A 45 2.74 1.72 5.80
N ILE A 46 3.17 2.14 4.61
CA ILE A 46 4.21 1.46 3.82
C ILE A 46 5.61 1.57 4.45
N THR A 47 5.99 2.71 5.02
CA THR A 47 7.22 2.82 5.83
C THR A 47 7.12 2.14 7.19
N GLU A 48 5.94 2.13 7.81
CA GLU A 48 5.67 1.49 9.10
C GLU A 48 5.72 -0.04 9.02
N VAL A 49 5.20 -0.67 7.96
CA VAL A 49 5.27 -2.13 7.78
C VAL A 49 6.71 -2.65 7.67
N ILE A 50 7.59 -1.87 7.06
CA ILE A 50 9.03 -2.17 6.98
C ILE A 50 9.66 -2.22 8.39
N ARG A 51 9.27 -1.32 9.30
CA ARG A 51 9.72 -1.32 10.71
C ARG A 51 9.07 -2.39 11.57
N MET A 52 7.77 -2.65 11.38
CA MET A 52 6.96 -3.56 12.20
C MET A 52 7.14 -5.04 11.85
N THR A 53 7.29 -5.36 10.57
CA THR A 53 7.32 -6.74 10.03
C THR A 53 8.55 -7.13 9.20
N GLY A 54 9.25 -6.13 8.65
CA GLY A 54 10.35 -6.34 7.69
C GLY A 54 9.90 -6.63 6.25
N PHE A 55 8.59 -6.65 5.97
CA PHE A 55 8.07 -6.77 4.61
C PHE A 55 8.37 -5.54 3.73
N MET A 56 8.85 -5.73 2.51
CA MET A 56 9.39 -4.68 1.62
C MET A 56 10.64 -3.95 2.17
N LYS A 57 11.40 -4.53 3.11
CA LYS A 57 12.62 -3.90 3.65
C LYS A 57 13.71 -3.73 2.58
N GLY A 58 14.35 -2.55 2.55
CA GLY A 58 15.40 -2.18 1.58
C GLY A 58 14.91 -1.70 0.21
N LEU A 59 13.59 -1.73 -0.03
CA LEU A 59 12.91 -1.36 -1.29
C LEU A 59 12.92 0.16 -1.55
N TYR A 60 12.96 0.95 -0.49
CA TYR A 60 13.11 2.41 -0.52
C TYR A 60 14.48 2.91 -0.06
N THR A 61 15.00 3.95 -0.71
CA THR A 61 16.20 4.67 -0.23
C THR A 61 15.91 5.55 0.99
N ASP A 62 16.97 6.00 1.69
CA ASP A 62 16.86 6.86 2.88
C ASP A 62 16.11 8.18 2.69
N ALA A 63 16.11 8.72 1.48
CA ALA A 63 15.31 9.88 1.07
C ALA A 63 13.85 9.54 0.75
N GLU A 64 13.57 8.37 0.16
CA GLU A 64 12.20 7.93 -0.20
C GLU A 64 11.32 7.59 1.02
N MET A 65 11.91 7.16 2.13
CA MET A 65 11.22 6.91 3.41
C MET A 65 10.76 8.19 4.12
N LYS A 66 11.21 9.36 3.66
CA LYS A 66 10.85 10.70 4.18
C LYS A 66 9.80 11.37 3.28
N SER A 67 8.57 11.46 3.77
CA SER A 67 7.41 11.98 3.00
C SER A 67 7.58 13.41 2.49
N ASP A 68 8.41 14.22 3.14
CA ASP A 68 8.78 15.58 2.70
C ASP A 68 9.49 15.65 1.34
N ASN A 69 10.28 14.63 0.99
CA ASN A 69 10.89 14.49 -0.34
C ASN A 69 9.86 14.05 -1.40
N VAL A 70 8.93 13.16 -1.02
CA VAL A 70 7.85 12.63 -1.87
C VAL A 70 6.67 13.60 -2.09
N LYS A 71 6.98 14.88 -2.33
CA LYS A 71 6.00 15.98 -2.50
C LYS A 71 5.33 15.99 -3.87
N ASP A 72 6.09 15.72 -4.94
CA ASP A 72 5.59 15.73 -6.32
C ASP A 72 4.72 14.52 -6.71
N LYS A 73 3.66 14.73 -7.51
CA LYS A 73 2.71 13.68 -7.92
C LYS A 73 3.41 12.52 -8.65
N ASP A 74 4.40 12.81 -9.49
CA ASP A 74 5.24 11.79 -10.14
C ASP A 74 6.08 10.94 -9.18
N ALA A 75 6.63 11.56 -8.12
CA ALA A 75 7.36 10.87 -7.06
C ALA A 75 6.41 10.02 -6.18
N LYS A 76 5.21 10.53 -5.88
CA LYS A 76 4.13 9.80 -5.17
C LYS A 76 3.70 8.55 -5.92
N ILE A 77 3.48 8.69 -7.23
CA ILE A 77 3.16 7.58 -8.14
C ILE A 77 4.31 6.56 -8.20
N SER A 78 5.54 7.02 -8.35
CA SER A 78 6.74 6.14 -8.38
C SER A 78 6.93 5.37 -7.06
N PHE A 79 6.74 6.03 -5.92
CA PHE A 79 6.77 5.41 -4.60
C PHE A 79 5.75 4.26 -4.42
N LEU A 80 4.49 4.51 -4.81
CA LEU A 80 3.44 3.49 -4.78
C LEU A 80 3.67 2.38 -5.80
N GLN A 81 4.20 2.68 -7.00
CA GLN A 81 4.51 1.66 -8.01
C GLN A 81 5.49 0.61 -7.46
N LYS A 82 6.52 1.02 -6.71
CA LYS A 82 7.44 0.08 -6.04
C LYS A 82 6.72 -0.87 -5.08
N ALA A 83 5.83 -0.36 -4.23
CA ALA A 83 5.04 -1.18 -3.29
C ALA A 83 4.12 -2.15 -4.05
N ILE A 84 3.33 -1.65 -5.01
CA ILE A 84 2.40 -2.45 -5.82
C ILE A 84 3.15 -3.59 -6.52
N ASP A 85 4.32 -3.30 -7.11
CA ASP A 85 5.18 -4.29 -7.74
C ASP A 85 5.62 -5.46 -6.83
N VAL A 86 6.17 -5.16 -5.65
CA VAL A 86 6.57 -6.19 -4.67
C VAL A 86 5.34 -6.95 -4.13
N VAL A 87 4.24 -6.26 -3.80
CA VAL A 87 3.04 -6.91 -3.24
C VAL A 87 2.47 -7.94 -4.22
N VAL A 88 2.35 -7.61 -5.51
CA VAL A 88 1.89 -8.55 -6.55
C VAL A 88 2.90 -9.70 -6.71
N MET A 89 4.21 -9.42 -6.73
CA MET A 89 5.25 -10.45 -6.90
C MET A 89 5.37 -11.44 -5.72
N VAL A 90 5.24 -10.97 -4.47
CA VAL A 90 5.37 -11.82 -3.27
C VAL A 90 4.11 -12.66 -3.06
N SER A 91 2.93 -12.04 -3.15
CA SER A 91 1.65 -12.73 -2.90
C SER A 91 1.20 -13.65 -4.05
N GLY A 92 1.57 -13.30 -5.30
CA GLY A 92 1.03 -13.91 -6.52
C GLY A 92 -0.41 -13.48 -6.84
N GLU A 93 -1.01 -12.59 -6.04
CA GLU A 93 -2.36 -12.08 -6.23
C GLU A 93 -2.38 -10.93 -7.26
N PRO A 94 -3.37 -10.86 -8.17
CA PRO A 94 -3.58 -9.70 -9.02
C PRO A 94 -4.08 -8.49 -8.21
N LEU A 95 -3.74 -7.29 -8.66
CA LEU A 95 -4.29 -6.02 -8.15
C LEU A 95 -4.64 -5.09 -9.32
N LEU A 96 -5.87 -4.55 -9.33
CA LEU A 96 -6.28 -3.48 -10.25
C LEU A 96 -5.82 -2.09 -9.77
N ALA A 97 -5.28 -1.99 -8.55
CA ALA A 97 -4.85 -0.75 -7.91
C ALA A 97 -3.66 -0.10 -8.66
N LYS A 98 -3.94 0.94 -9.45
CA LYS A 98 -2.92 1.73 -10.14
C LYS A 98 -2.43 2.87 -9.23
N PRO A 99 -1.14 3.24 -9.25
CA PRO A 99 -0.64 4.35 -8.43
C PRO A 99 -1.31 5.69 -8.78
N ALA A 100 -1.58 5.95 -10.07
CA ALA A 100 -2.26 7.17 -10.52
C ALA A 100 -3.71 7.28 -9.98
N ARG A 101 -4.44 6.14 -9.89
CA ARG A 101 -5.73 6.04 -9.21
C ARG A 101 -5.61 6.41 -7.73
N ILE A 102 -4.65 5.80 -7.04
CA ILE A 102 -4.47 5.91 -5.58
C ILE A 102 -4.18 7.36 -5.16
N VAL A 103 -3.21 8.02 -5.82
CA VAL A 103 -2.79 9.40 -5.48
C VAL A 103 -3.91 10.41 -5.73
N ALA A 104 -4.72 10.21 -6.78
CA ALA A 104 -5.88 11.05 -7.08
C ALA A 104 -7.16 10.67 -6.30
N GLY A 105 -7.14 9.58 -5.51
CA GLY A 105 -8.27 9.12 -4.69
C GLY A 105 -9.37 8.35 -5.43
N HIS A 106 -9.09 7.87 -6.65
CA HIS A 106 -10.02 7.08 -7.47
C HIS A 106 -9.93 5.57 -7.20
N GLU A 107 -11.01 4.85 -7.48
CA GLU A 107 -11.15 3.39 -7.30
C GLU A 107 -10.73 2.89 -5.89
N PRO A 108 -11.18 3.51 -4.78
CA PRO A 108 -10.68 3.25 -3.42
C PRO A 108 -10.89 1.82 -2.90
N GLU A 109 -11.78 1.02 -3.50
CA GLU A 109 -11.89 -0.41 -3.20
C GLU A 109 -10.58 -1.17 -3.51
N ARG A 110 -9.81 -0.69 -4.51
CA ARG A 110 -8.51 -1.25 -4.90
C ARG A 110 -7.38 -0.72 -4.02
N THR A 111 -7.48 0.52 -3.55
CA THR A 111 -6.61 1.02 -2.47
C THR A 111 -6.72 0.22 -1.18
N ASN A 112 -7.96 -0.16 -0.83
CA ASN A 112 -8.22 -1.12 0.25
C ASN A 112 -7.67 -2.52 -0.07
N GLU A 113 -7.90 -3.04 -1.28
CA GLU A 113 -7.41 -4.37 -1.69
C GLU A 113 -5.87 -4.48 -1.58
N LEU A 114 -5.13 -3.44 -1.97
CA LEU A 114 -3.67 -3.37 -1.85
C LEU A 114 -3.21 -3.53 -0.40
N LEU A 115 -3.86 -2.81 0.52
CA LEU A 115 -3.59 -2.87 1.95
C LEU A 115 -3.98 -4.22 2.57
N GLN A 116 -5.10 -4.82 2.14
CA GLN A 116 -5.46 -6.18 2.50
C GLN A 116 -4.40 -7.21 2.08
N ILE A 117 -3.82 -7.12 0.86
CA ILE A 117 -2.72 -8.01 0.44
C ILE A 117 -1.40 -7.72 1.18
N ILE A 118 -1.06 -6.46 1.47
CA ILE A 118 0.07 -6.11 2.37
C ILE A 118 -0.09 -6.78 3.74
N GLY A 119 -1.28 -6.68 4.34
CA GLY A 119 -1.62 -7.37 5.59
C GLY A 119 -1.51 -8.90 5.48
N LYS A 120 -2.03 -9.49 4.39
CA LYS A 120 -1.93 -10.94 4.09
C LYS A 120 -0.49 -11.42 3.99
N CYS A 121 0.38 -10.70 3.27
CA CYS A 121 1.78 -11.08 3.09
C CYS A 121 2.54 -11.14 4.43
N CYS A 122 2.28 -10.15 5.29
CA CYS A 122 2.84 -10.05 6.64
C CYS A 122 2.32 -11.15 7.58
N LEU A 123 1.01 -11.44 7.55
CA LEU A 123 0.39 -12.49 8.38
C LEU A 123 0.81 -13.91 7.96
N ASN A 124 1.06 -14.14 6.67
CA ASN A 124 1.66 -15.37 6.14
C ASN A 124 3.20 -15.40 6.25
N LYS A 125 3.83 -14.34 6.78
CA LYS A 125 5.27 -14.16 6.99
C LYS A 125 6.11 -14.39 5.70
N LEU A 126 5.57 -13.97 4.56
CA LEU A 126 6.20 -14.17 3.25
C LEU A 126 7.47 -13.31 3.12
N SER A 127 8.57 -13.95 2.69
CA SER A 127 9.81 -13.25 2.34
C SER A 127 9.62 -12.39 1.08
N SER A 128 10.24 -11.21 1.06
CA SER A 128 10.16 -10.24 -0.04
C SER A 128 11.51 -9.90 -0.69
N ASP A 129 12.62 -10.44 -0.19
CA ASP A 129 13.98 -10.08 -0.61
C ASP A 129 14.27 -10.12 -2.12
N ASP A 130 13.89 -11.19 -2.81
CA ASP A 130 13.95 -11.28 -4.28
C ASP A 130 12.95 -10.44 -5.08
N ALA A 131 11.71 -10.27 -4.59
CA ALA A 131 10.74 -9.37 -5.24
C ALA A 131 11.19 -7.90 -5.13
N VAL A 132 11.74 -7.49 -3.97
CA VAL A 132 12.36 -6.17 -3.73
C VAL A 132 13.52 -6.00 -4.70
N ARG A 133 14.42 -6.98 -4.80
CA ARG A 133 15.56 -6.98 -5.74
C ARG A 133 15.12 -6.85 -7.20
N ARG A 134 13.99 -7.44 -7.58
CA ARG A 134 13.41 -7.35 -8.94
C ARG A 134 12.88 -5.96 -9.29
N VAL A 135 12.32 -5.23 -8.32
CA VAL A 135 11.96 -3.81 -8.49
C VAL A 135 13.20 -2.92 -8.58
N LEU A 136 14.20 -3.13 -7.74
CA LEU A 136 15.45 -2.36 -7.73
C LEU A 136 16.29 -2.58 -9.01
N ALA A 137 16.24 -3.79 -9.58
CA ALA A 137 16.81 -4.16 -10.87
C ALA A 137 15.90 -3.82 -12.08
N GLY A 138 14.73 -3.20 -11.83
CA GLY A 138 13.72 -2.84 -12.84
C GLY A 138 14.07 -1.63 -13.73
N GLU A 139 15.32 -1.17 -13.69
CA GLU A 139 15.84 -0.09 -14.56
C GLU A 139 15.68 -0.39 -16.06
N LYS A 140 15.37 0.64 -16.85
CA LYS A 140 15.11 0.58 -18.30
C LYS A 140 15.43 1.90 -19.03
N GLY A 1 -32.79 6.08 -0.98
CA GLY A 1 -31.63 5.96 -1.89
C GLY A 1 -30.36 5.61 -1.15
N SER A 2 -29.25 5.45 -1.88
CA SER A 2 -27.91 5.11 -1.36
C SER A 2 -26.80 5.61 -2.30
N SER A 3 -25.58 5.75 -1.78
CA SER A 3 -24.38 6.24 -2.50
C SER A 3 -23.75 5.19 -3.46
N GLY A 4 -24.58 4.59 -4.32
CA GLY A 4 -24.21 3.51 -5.25
C GLY A 4 -23.17 3.89 -6.33
N SER A 5 -22.86 5.18 -6.48
CA SER A 5 -21.76 5.70 -7.30
C SER A 5 -20.36 5.41 -6.72
N SER A 6 -20.25 5.09 -5.42
CA SER A 6 -18.99 4.69 -4.77
C SER A 6 -18.50 3.32 -5.24
N GLY A 7 -17.18 3.15 -5.37
CA GLY A 7 -16.54 1.87 -5.71
C GLY A 7 -16.45 0.86 -4.54
N MET A 8 -16.66 1.31 -3.29
CA MET A 8 -16.40 0.55 -2.06
C MET A 8 -17.57 0.58 -1.07
N ASN A 9 -17.53 -0.32 -0.07
CA ASN A 9 -18.55 -0.48 0.98
C ASN A 9 -17.89 -0.78 2.35
N ALA A 10 -18.64 -0.71 3.45
CA ALA A 10 -18.15 -1.02 4.79
C ALA A 10 -17.64 -2.48 4.95
N ALA A 11 -18.12 -3.42 4.13
CA ALA A 11 -17.63 -4.81 4.12
C ALA A 11 -16.22 -4.92 3.52
N VAL A 12 -15.85 -4.01 2.61
CA VAL A 12 -14.49 -3.87 2.10
C VAL A 12 -13.59 -3.27 3.20
N VAL A 13 -14.05 -2.23 3.89
CA VAL A 13 -13.25 -1.56 4.93
C VAL A 13 -12.95 -2.41 6.16
N ARG A 14 -13.94 -3.18 6.63
CA ARG A 14 -13.82 -4.09 7.78
C ARG A 14 -12.81 -5.22 7.54
N ARG A 15 -12.58 -5.62 6.28
CA ARG A 15 -11.48 -6.55 5.90
C ARG A 15 -10.11 -5.90 6.08
N THR A 16 -9.93 -4.69 5.55
CA THR A 16 -8.70 -3.90 5.73
C THR A 16 -8.31 -3.56 7.16
N GLN A 17 -9.30 -3.30 8.02
CA GLN A 17 -9.09 -3.10 9.46
C GLN A 17 -8.49 -4.33 10.16
N GLU A 18 -8.94 -5.55 9.81
CA GLU A 18 -8.31 -6.79 10.30
C GLU A 18 -6.94 -7.00 9.66
N ALA A 19 -6.79 -6.71 8.36
CA ALA A 19 -5.57 -6.96 7.62
C ALA A 19 -4.40 -6.09 8.09
N LEU A 20 -4.64 -4.79 8.36
CA LEU A 20 -3.63 -3.84 8.83
C LEU A 20 -3.49 -3.78 10.36
N GLY A 21 -4.56 -4.01 11.12
CA GLY A 21 -4.58 -3.83 12.59
C GLY A 21 -3.69 -4.81 13.37
N LYS A 22 -3.14 -5.82 12.68
CA LYS A 22 -2.27 -6.88 13.19
C LYS A 22 -0.81 -6.73 12.73
N VAL A 23 -0.53 -5.71 11.89
CA VAL A 23 0.76 -5.53 11.17
C VAL A 23 1.36 -4.12 11.30
N ILE A 24 0.54 -3.07 11.49
CA ILE A 24 1.00 -1.67 11.63
C ILE A 24 0.21 -0.90 12.70
N ARG A 25 0.82 0.14 13.29
CA ARG A 25 0.25 0.89 14.43
C ARG A 25 0.30 2.42 14.35
N ARG A 26 0.97 3.01 13.35
CA ARG A 26 1.14 4.48 13.22
C ARG A 26 -0.14 5.26 12.86
N PRO A 27 -0.68 5.18 11.62
CA PRO A 27 -1.93 5.87 11.29
C PRO A 27 -3.17 5.12 11.84
N PRO A 28 -4.25 5.84 12.22
CA PRO A 28 -5.47 5.22 12.74
C PRO A 28 -6.30 4.55 11.63
N LEU A 29 -6.77 3.33 11.88
CA LEU A 29 -7.52 2.51 10.92
C LEU A 29 -9.02 2.82 10.93
N THR A 30 -9.35 4.09 10.74
CA THR A 30 -10.73 4.58 10.62
C THR A 30 -11.42 4.23 9.32
N GLU A 31 -12.74 4.01 9.41
CA GLU A 31 -13.57 3.69 8.25
C GLU A 31 -13.58 4.84 7.21
N LYS A 32 -13.55 6.10 7.70
CA LYS A 32 -13.47 7.31 6.88
C LYS A 32 -12.13 7.39 6.13
N LEU A 33 -11.01 7.17 6.83
CA LEU A 33 -9.68 7.29 6.25
C LEU A 33 -9.37 6.14 5.30
N LEU A 34 -9.68 4.89 5.65
CA LEU A 34 -9.51 3.74 4.75
C LEU A 34 -10.45 3.79 3.55
N SER A 35 -11.62 4.43 3.63
CA SER A 35 -12.52 4.64 2.49
C SER A 35 -11.89 5.47 1.36
N LYS A 36 -11.18 6.57 1.68
CA LYS A 36 -10.50 7.43 0.70
C LYS A 36 -9.27 8.15 1.34
N PRO A 37 -8.13 7.46 1.48
CA PRO A 37 -6.96 7.99 2.18
C PRO A 37 -6.13 8.97 1.34
N PRO A 38 -5.48 9.98 1.97
CA PRO A 38 -4.45 10.79 1.31
C PRO A 38 -3.17 9.97 1.09
N PHE A 39 -2.30 10.43 0.18
CA PHE A 39 -0.98 9.79 -0.03
C PHE A 39 -0.13 9.61 1.23
N ARG A 40 -0.06 10.67 2.06
CA ARG A 40 0.74 10.68 3.30
C ARG A 40 0.28 9.61 4.30
N TYR A 41 -1.03 9.34 4.36
CA TYR A 41 -1.58 8.25 5.18
C TYR A 41 -1.14 6.85 4.73
N LEU A 42 -1.15 6.61 3.41
CA LEU A 42 -0.65 5.36 2.81
C LEU A 42 0.87 5.21 2.98
N HIS A 43 1.63 6.29 2.77
CA HIS A 43 3.07 6.35 3.06
C HIS A 43 3.36 6.00 4.53
N ASP A 44 2.57 6.50 5.47
CA ASP A 44 2.62 6.13 6.89
C ASP A 44 2.31 4.67 7.24
N ILE A 45 1.60 3.93 6.38
CA ILE A 45 1.43 2.48 6.49
C ILE A 45 2.63 1.75 5.88
N ILE A 46 3.05 2.15 4.67
CA ILE A 46 4.10 1.50 3.89
C ILE A 46 5.49 1.63 4.55
N THR A 47 5.77 2.75 5.21
CA THR A 47 7.00 2.92 6.02
C THR A 47 6.87 2.13 7.34
N GLU A 48 5.70 2.08 7.96
CA GLU A 48 5.50 1.38 9.24
C GLU A 48 5.55 -0.15 9.13
N VAL A 49 5.09 -0.73 8.02
CA VAL A 49 5.19 -2.17 7.79
C VAL A 49 6.64 -2.68 7.72
N ILE A 50 7.53 -1.86 7.14
CA ILE A 50 8.97 -2.14 7.12
C ILE A 50 9.55 -2.16 8.55
N ARG A 51 9.11 -1.23 9.42
CA ARG A 51 9.51 -1.16 10.84
C ARG A 51 8.99 -2.33 11.68
N MET A 52 7.72 -2.70 11.49
CA MET A 52 6.98 -3.67 12.30
C MET A 52 7.24 -5.13 11.91
N THR A 53 7.29 -5.41 10.61
CA THR A 53 7.31 -6.78 10.05
C THR A 53 8.54 -7.17 9.24
N GLY A 54 9.25 -6.18 8.68
CA GLY A 54 10.35 -6.37 7.73
C GLY A 54 9.91 -6.64 6.29
N PHE A 55 8.60 -6.68 6.00
CA PHE A 55 8.10 -6.78 4.62
C PHE A 55 8.40 -5.53 3.80
N MET A 56 8.89 -5.69 2.56
CA MET A 56 9.44 -4.62 1.71
C MET A 56 10.69 -3.90 2.29
N LYS A 57 11.43 -4.51 3.23
CA LYS A 57 12.68 -3.92 3.75
C LYS A 57 13.73 -3.75 2.64
N GLY A 58 14.35 -2.57 2.59
CA GLY A 58 15.34 -2.18 1.57
C GLY A 58 14.78 -1.75 0.20
N LEU A 59 13.46 -1.84 0.00
CA LEU A 59 12.76 -1.47 -1.24
C LEU A 59 12.79 0.05 -1.53
N TYR A 60 12.93 0.86 -0.48
CA TYR A 60 13.10 2.31 -0.55
C TYR A 60 14.48 2.79 -0.08
N THR A 61 15.02 3.81 -0.75
CA THR A 61 16.21 4.53 -0.25
C THR A 61 15.90 5.44 0.95
N ASP A 62 16.94 5.91 1.67
CA ASP A 62 16.78 6.78 2.83
C ASP A 62 15.99 8.08 2.57
N ALA A 63 16.15 8.66 1.38
CA ALA A 63 15.36 9.80 0.92
C ALA A 63 13.90 9.44 0.64
N GLU A 64 13.62 8.28 0.02
CA GLU A 64 12.25 7.82 -0.28
C GLU A 64 11.42 7.49 0.98
N MET A 65 12.06 7.07 2.07
CA MET A 65 11.41 6.86 3.37
C MET A 65 11.00 8.17 4.08
N LYS A 66 11.57 9.31 3.66
CA LYS A 66 11.26 10.66 4.18
C LYS A 66 10.26 11.39 3.26
N SER A 67 9.03 11.56 3.72
CA SER A 67 7.90 12.07 2.92
C SER A 67 8.09 13.47 2.32
N ASP A 68 8.97 14.30 2.88
CA ASP A 68 9.33 15.62 2.34
C ASP A 68 9.99 15.57 0.94
N ASN A 69 10.64 14.45 0.59
CA ASN A 69 11.17 14.18 -0.75
C ASN A 69 10.09 13.66 -1.74
N VAL A 70 8.88 13.38 -1.26
CA VAL A 70 7.78 12.70 -1.95
C VAL A 70 6.50 13.54 -2.06
N LYS A 71 6.66 14.87 -2.18
CA LYS A 71 5.57 15.85 -2.34
C LYS A 71 5.04 15.96 -3.77
N ASP A 72 5.89 15.68 -4.76
CA ASP A 72 5.56 15.65 -6.19
C ASP A 72 4.69 14.44 -6.62
N LYS A 73 3.59 14.66 -7.36
CA LYS A 73 2.68 13.61 -7.84
C LYS A 73 3.39 12.48 -8.58
N ASP A 74 4.42 12.79 -9.38
CA ASP A 74 5.24 11.77 -10.05
C ASP A 74 6.09 10.91 -9.10
N ALA A 75 6.66 11.52 -8.06
CA ALA A 75 7.37 10.82 -6.99
C ALA A 75 6.42 9.97 -6.14
N LYS A 76 5.20 10.47 -5.85
CA LYS A 76 4.12 9.75 -5.16
C LYS A 76 3.69 8.49 -5.93
N ILE A 77 3.48 8.62 -7.24
CA ILE A 77 3.16 7.51 -8.13
C ILE A 77 4.30 6.48 -8.17
N SER A 78 5.56 6.94 -8.32
CA SER A 78 6.74 6.07 -8.31
C SER A 78 6.89 5.30 -6.99
N PHE A 79 6.70 5.98 -5.85
CA PHE A 79 6.69 5.35 -4.53
C PHE A 79 5.67 4.23 -4.36
N LEU A 80 4.41 4.48 -4.74
CA LEU A 80 3.35 3.45 -4.72
C LEU A 80 3.57 2.35 -5.76
N GLN A 81 4.13 2.65 -6.95
CA GLN A 81 4.45 1.64 -7.96
C GLN A 81 5.41 0.59 -7.39
N LYS A 82 6.46 1.01 -6.66
CA LYS A 82 7.40 0.09 -6.01
C LYS A 82 6.71 -0.84 -5.00
N ALA A 83 5.80 -0.33 -4.18
CA ALA A 83 5.00 -1.16 -3.26
C ALA A 83 4.10 -2.15 -4.02
N ILE A 84 3.28 -1.65 -4.96
CA ILE A 84 2.34 -2.47 -5.76
C ILE A 84 3.09 -3.59 -6.49
N ASP A 85 4.25 -3.30 -7.09
CA ASP A 85 5.10 -4.27 -7.76
C ASP A 85 5.55 -5.45 -6.88
N VAL A 86 6.10 -5.17 -5.69
CA VAL A 86 6.48 -6.21 -4.71
C VAL A 86 5.26 -6.95 -4.19
N VAL A 87 4.17 -6.27 -3.85
CA VAL A 87 2.96 -6.90 -3.27
C VAL A 87 2.37 -7.92 -4.25
N VAL A 88 2.27 -7.59 -5.55
CA VAL A 88 1.82 -8.54 -6.59
C VAL A 88 2.82 -9.69 -6.75
N MET A 89 4.13 -9.42 -6.81
CA MET A 89 5.16 -10.45 -6.98
C MET A 89 5.27 -11.45 -5.81
N VAL A 90 5.15 -10.98 -4.56
CA VAL A 90 5.29 -11.82 -3.35
C VAL A 90 4.02 -12.65 -3.12
N SER A 91 2.84 -12.03 -3.19
CA SER A 91 1.56 -12.72 -2.92
C SER A 91 1.11 -13.63 -4.07
N GLY A 92 1.48 -13.29 -5.31
CA GLY A 92 0.93 -13.91 -6.53
C GLY A 92 -0.49 -13.45 -6.87
N GLU A 93 -1.09 -12.56 -6.07
CA GLU A 93 -2.44 -12.01 -6.28
C GLU A 93 -2.40 -10.85 -7.30
N PRO A 94 -3.38 -10.76 -8.22
CA PRO A 94 -3.55 -9.58 -9.08
C PRO A 94 -4.04 -8.38 -8.26
N LEU A 95 -3.72 -7.16 -8.72
CA LEU A 95 -4.25 -5.91 -8.19
C LEU A 95 -4.65 -4.97 -9.34
N LEU A 96 -5.91 -4.55 -9.37
CA LEU A 96 -6.38 -3.48 -10.27
C LEU A 96 -5.94 -2.09 -9.77
N ALA A 97 -5.37 -1.99 -8.56
CA ALA A 97 -4.79 -0.78 -8.00
C ALA A 97 -3.59 -0.29 -8.85
N LYS A 98 -3.80 0.71 -9.70
CA LYS A 98 -2.74 1.44 -10.42
C LYS A 98 -2.41 2.73 -9.67
N PRO A 99 -1.12 3.08 -9.43
CA PRO A 99 -0.74 4.17 -8.54
C PRO A 99 -1.32 5.54 -8.93
N ALA A 100 -1.43 5.83 -10.23
CA ALA A 100 -2.04 7.07 -10.76
C ALA A 100 -3.55 7.20 -10.46
N ARG A 101 -4.20 6.12 -9.99
CA ARG A 101 -5.56 6.14 -9.42
C ARG A 101 -5.51 6.43 -7.92
N ILE A 102 -4.61 5.75 -7.21
CA ILE A 102 -4.47 5.83 -5.74
C ILE A 102 -4.13 7.26 -5.29
N VAL A 103 -3.13 7.88 -5.93
CA VAL A 103 -2.70 9.27 -5.64
C VAL A 103 -3.79 10.29 -5.94
N ALA A 104 -4.60 10.04 -6.98
CA ALA A 104 -5.76 10.86 -7.36
C ALA A 104 -7.04 10.55 -6.54
N GLY A 105 -7.05 9.51 -5.71
CA GLY A 105 -8.17 9.09 -4.86
C GLY A 105 -9.26 8.25 -5.56
N HIS A 106 -8.99 7.74 -6.77
CA HIS A 106 -9.88 6.82 -7.51
C HIS A 106 -9.62 5.35 -7.15
N GLU A 107 -10.55 4.47 -7.56
CA GLU A 107 -10.52 3.01 -7.28
C GLU A 107 -10.36 2.69 -5.78
N PRO A 108 -11.23 3.22 -4.89
CA PRO A 108 -11.05 3.15 -3.44
C PRO A 108 -11.11 1.73 -2.88
N GLU A 109 -11.84 0.80 -3.51
CA GLU A 109 -11.84 -0.61 -3.12
C GLU A 109 -10.52 -1.30 -3.47
N ARG A 110 -9.79 -0.81 -4.49
CA ARG A 110 -8.44 -1.28 -4.86
C ARG A 110 -7.37 -0.67 -3.96
N THR A 111 -7.57 0.56 -3.48
CA THR A 111 -6.75 1.14 -2.41
C THR A 111 -6.85 0.32 -1.13
N ASN A 112 -8.06 -0.12 -0.77
CA ASN A 112 -8.28 -1.10 0.29
C ASN A 112 -7.66 -2.47 -0.02
N GLU A 113 -7.84 -3.00 -1.23
CA GLU A 113 -7.33 -4.32 -1.62
C GLU A 113 -5.80 -4.40 -1.53
N LEU A 114 -5.07 -3.35 -1.96
CA LEU A 114 -3.62 -3.26 -1.83
C LEU A 114 -3.17 -3.42 -0.37
N LEU A 115 -3.81 -2.71 0.55
CA LEU A 115 -3.55 -2.79 1.99
C LEU A 115 -3.94 -4.16 2.58
N GLN A 116 -5.03 -4.76 2.12
CA GLN A 116 -5.39 -6.14 2.47
C GLN A 116 -4.32 -7.16 2.05
N ILE A 117 -3.75 -7.06 0.83
CA ILE A 117 -2.66 -7.96 0.40
C ILE A 117 -1.33 -7.67 1.13
N ILE A 118 -0.99 -6.41 1.42
CA ILE A 118 0.13 -6.06 2.31
C ILE A 118 -0.03 -6.74 3.68
N GLY A 119 -1.21 -6.63 4.28
CA GLY A 119 -1.57 -7.32 5.53
C GLY A 119 -1.44 -8.85 5.43
N LYS A 120 -1.96 -9.45 4.35
CA LYS A 120 -1.84 -10.90 4.07
C LYS A 120 -0.39 -11.37 3.98
N CYS A 121 0.46 -10.64 3.24
CA CYS A 121 1.87 -11.00 3.06
C CYS A 121 2.63 -11.02 4.41
N CYS A 122 2.32 -10.04 5.26
CA CYS A 122 2.89 -9.91 6.61
C CYS A 122 2.38 -10.98 7.58
N LEU A 123 1.07 -11.28 7.59
CA LEU A 123 0.47 -12.32 8.43
C LEU A 123 0.98 -13.73 8.08
N ASN A 124 1.35 -13.96 6.82
CA ASN A 124 1.99 -15.20 6.35
C ASN A 124 3.54 -15.17 6.41
N LYS A 125 4.15 -14.04 6.79
CA LYS A 125 5.60 -13.78 6.78
C LYS A 125 6.32 -14.20 5.49
N LEU A 126 5.73 -13.78 4.36
CA LEU A 126 6.27 -14.02 3.03
C LEU A 126 7.55 -13.19 2.79
N SER A 127 8.65 -13.87 2.44
CA SER A 127 9.96 -13.24 2.21
C SER A 127 9.98 -12.41 0.93
N SER A 128 10.09 -11.08 1.06
CA SER A 128 10.02 -10.13 -0.06
C SER A 128 11.33 -9.91 -0.83
N ASP A 129 12.47 -10.42 -0.35
CA ASP A 129 13.81 -10.19 -0.94
C ASP A 129 13.90 -10.34 -2.48
N ASP A 130 13.51 -11.50 -3.01
CA ASP A 130 13.44 -11.74 -4.46
C ASP A 130 12.60 -10.75 -5.29
N ALA A 131 11.46 -10.30 -4.76
CA ALA A 131 10.60 -9.33 -5.42
C ALA A 131 11.14 -7.90 -5.30
N VAL A 132 11.62 -7.52 -4.11
CA VAL A 132 12.24 -6.21 -3.84
C VAL A 132 13.44 -6.02 -4.76
N ARG A 133 14.30 -7.04 -4.87
CA ARG A 133 15.49 -7.04 -5.74
C ARG A 133 15.14 -6.88 -7.23
N ARG A 134 13.99 -7.42 -7.67
CA ARG A 134 13.47 -7.28 -9.04
C ARG A 134 12.91 -5.89 -9.34
N VAL A 135 12.30 -5.21 -8.35
CA VAL A 135 11.91 -3.80 -8.46
C VAL A 135 13.14 -2.88 -8.49
N LEU A 136 14.14 -3.13 -7.62
CA LEU A 136 15.38 -2.35 -7.57
C LEU A 136 16.24 -2.53 -8.84
N ALA A 137 16.22 -3.71 -9.46
CA ALA A 137 16.81 -3.96 -10.78
C ALA A 137 16.13 -3.16 -11.93
N GLY A 138 14.93 -2.63 -11.71
CA GLY A 138 14.21 -1.74 -12.62
C GLY A 138 14.68 -0.28 -12.59
N GLU A 139 15.60 0.10 -11.70
CA GLU A 139 16.20 1.44 -11.67
C GLU A 139 17.00 1.78 -12.94
N LYS A 140 16.94 3.05 -13.37
CA LYS A 140 17.54 3.56 -14.62
C LYS A 140 18.95 4.13 -14.40
N GLY A 1 -32.64 1.51 -7.32
CA GLY A 1 -33.36 0.37 -7.92
C GLY A 1 -32.76 -0.96 -7.47
N SER A 2 -32.83 -1.98 -8.32
CA SER A 2 -32.28 -3.33 -8.08
C SER A 2 -30.75 -3.43 -8.18
N SER A 3 -30.10 -2.49 -8.88
CA SER A 3 -28.64 -2.38 -9.02
C SER A 3 -27.94 -1.98 -7.72
N GLY A 4 -26.68 -2.41 -7.56
CA GLY A 4 -25.82 -2.07 -6.42
C GLY A 4 -25.27 -0.64 -6.49
N SER A 5 -24.95 -0.06 -5.32
CA SER A 5 -24.33 1.26 -5.19
C SER A 5 -22.84 1.29 -5.62
N SER A 6 -22.38 2.44 -6.09
CA SER A 6 -20.98 2.69 -6.48
C SER A 6 -20.06 3.00 -5.29
N GLY A 7 -18.75 2.86 -5.49
CA GLY A 7 -17.72 3.19 -4.49
C GLY A 7 -17.60 2.19 -3.33
N MET A 8 -17.00 2.64 -2.22
CA MET A 8 -16.73 1.85 -1.01
C MET A 8 -17.98 1.40 -0.25
N ASN A 9 -17.82 0.33 0.55
CA ASN A 9 -18.81 -0.14 1.54
C ASN A 9 -18.10 -0.74 2.77
N ALA A 10 -18.86 -0.98 3.84
CA ALA A 10 -18.34 -1.45 5.12
C ALA A 10 -17.66 -2.83 5.06
N ALA A 11 -18.08 -3.73 4.16
CA ALA A 11 -17.53 -5.08 4.06
C ALA A 11 -16.16 -5.10 3.35
N VAL A 12 -15.90 -4.15 2.45
CA VAL A 12 -14.55 -3.95 1.90
C VAL A 12 -13.63 -3.38 2.98
N VAL A 13 -14.08 -2.38 3.75
CA VAL A 13 -13.23 -1.73 4.76
C VAL A 13 -12.90 -2.58 5.99
N ARG A 14 -13.86 -3.38 6.48
CA ARG A 14 -13.68 -4.29 7.63
C ARG A 14 -12.58 -5.32 7.37
N ARG A 15 -12.47 -5.81 6.13
CA ARG A 15 -11.38 -6.71 5.68
C ARG A 15 -10.02 -6.04 5.83
N THR A 16 -9.88 -4.79 5.38
CA THR A 16 -8.67 -3.99 5.57
C THR A 16 -8.30 -3.68 7.01
N GLN A 17 -9.27 -3.34 7.84
CA GLN A 17 -9.07 -3.06 9.26
C GLN A 17 -8.48 -4.26 10.02
N GLU A 18 -9.03 -5.46 9.81
CA GLU A 18 -8.50 -6.69 10.45
C GLU A 18 -7.22 -7.22 9.77
N ALA A 19 -7.01 -6.91 8.48
CA ALA A 19 -5.78 -7.26 7.76
C ALA A 19 -4.58 -6.40 8.20
N LEU A 20 -4.77 -5.10 8.43
CA LEU A 20 -3.70 -4.17 8.85
C LEU A 20 -3.50 -4.08 10.38
N GLY A 21 -4.52 -4.38 11.18
CA GLY A 21 -4.50 -4.16 12.64
C GLY A 21 -3.44 -4.95 13.41
N LYS A 22 -2.82 -5.95 12.78
CA LYS A 22 -1.71 -6.77 13.30
C LYS A 22 -0.34 -6.46 12.68
N VAL A 23 -0.29 -5.53 11.72
CA VAL A 23 0.87 -5.25 10.85
C VAL A 23 1.51 -3.87 11.03
N ILE A 24 0.68 -2.87 11.30
CA ILE A 24 1.06 -1.46 11.55
C ILE A 24 0.15 -0.79 12.59
N ARG A 25 0.63 0.31 13.21
CA ARG A 25 -0.10 1.06 14.25
C ARG A 25 -0.02 2.60 14.18
N ARG A 26 0.79 3.20 13.30
CA ARG A 26 0.92 4.68 13.20
C ARG A 26 -0.35 5.39 12.70
N PRO A 27 -0.83 5.20 11.45
CA PRO A 27 -2.07 5.80 11.02
C PRO A 27 -3.29 5.07 11.61
N PRO A 28 -4.35 5.78 12.03
CA PRO A 28 -5.54 5.17 12.61
C PRO A 28 -6.40 4.49 11.53
N LEU A 29 -6.82 3.24 11.78
CA LEU A 29 -7.58 2.41 10.83
C LEU A 29 -9.07 2.72 10.83
N THR A 30 -9.41 3.99 10.62
CA THR A 30 -10.80 4.47 10.56
C THR A 30 -11.54 4.10 9.26
N GLU A 31 -12.87 3.93 9.34
CA GLU A 31 -13.72 3.70 8.17
C GLU A 31 -13.59 4.85 7.14
N LYS A 32 -13.60 6.10 7.62
CA LYS A 32 -13.48 7.30 6.77
C LYS A 32 -12.12 7.37 6.07
N LEU A 33 -11.03 7.13 6.80
CA LEU A 33 -9.67 7.27 6.27
C LEU A 33 -9.31 6.11 5.35
N LEU A 34 -9.68 4.87 5.66
CA LEU A 34 -9.47 3.74 4.74
C LEU A 34 -10.40 3.83 3.52
N SER A 35 -11.58 4.44 3.61
CA SER A 35 -12.48 4.64 2.47
C SER A 35 -11.89 5.57 1.39
N LYS A 36 -11.17 6.64 1.77
CA LYS A 36 -10.48 7.54 0.83
C LYS A 36 -9.22 8.18 1.47
N PRO A 37 -8.08 7.46 1.51
CA PRO A 37 -6.87 7.93 2.18
C PRO A 37 -6.06 8.94 1.35
N PRO A 38 -5.44 9.96 1.98
CA PRO A 38 -4.44 10.80 1.32
C PRO A 38 -3.14 10.02 1.09
N PHE A 39 -2.26 10.51 0.21
CA PHE A 39 -0.94 9.90 -0.02
C PHE A 39 -0.08 9.70 1.24
N ARG A 40 -0.01 10.72 2.11
CA ARG A 40 0.76 10.68 3.37
C ARG A 40 0.27 9.57 4.30
N TYR A 41 -1.05 9.35 4.34
CA TYR A 41 -1.61 8.28 5.16
C TYR A 41 -1.15 6.88 4.72
N LEU A 42 -1.12 6.63 3.41
CA LEU A 42 -0.61 5.39 2.81
C LEU A 42 0.92 5.26 2.97
N HIS A 43 1.68 6.34 2.78
CA HIS A 43 3.11 6.41 3.09
C HIS A 43 3.38 6.03 4.55
N ASP A 44 2.56 6.49 5.48
CA ASP A 44 2.60 6.10 6.90
C ASP A 44 2.25 4.63 7.23
N ILE A 45 1.66 3.90 6.30
CA ILE A 45 1.51 2.44 6.37
C ILE A 45 2.74 1.77 5.74
N ILE A 46 3.09 2.17 4.51
CA ILE A 46 4.12 1.51 3.69
C ILE A 46 5.52 1.65 4.30
N THR A 47 5.86 2.79 4.90
CA THR A 47 7.08 2.95 5.70
C THR A 47 7.02 2.39 7.13
N GLU A 48 5.83 2.11 7.68
CA GLU A 48 5.69 1.49 9.01
C GLU A 48 5.73 -0.04 8.97
N VAL A 49 5.20 -0.67 7.92
CA VAL A 49 5.24 -2.13 7.76
C VAL A 49 6.67 -2.68 7.68
N ILE A 50 7.57 -1.90 7.07
CA ILE A 50 9.01 -2.18 7.02
C ILE A 50 9.62 -2.20 8.43
N ARG A 51 9.22 -1.27 9.30
CA ARG A 51 9.69 -1.13 10.69
C ARG A 51 9.09 -2.20 11.63
N MET A 52 7.83 -2.56 11.43
CA MET A 52 7.08 -3.52 12.26
C MET A 52 7.34 -4.99 11.91
N THR A 53 7.34 -5.32 10.62
CA THR A 53 7.37 -6.70 10.10
C THR A 53 8.58 -7.11 9.28
N GLY A 54 9.29 -6.13 8.70
CA GLY A 54 10.37 -6.34 7.74
C GLY A 54 9.90 -6.64 6.31
N PHE A 55 8.59 -6.68 6.05
CA PHE A 55 8.06 -6.81 4.70
C PHE A 55 8.36 -5.56 3.83
N MET A 56 8.85 -5.76 2.61
CA MET A 56 9.40 -4.72 1.73
C MET A 56 10.65 -3.99 2.27
N LYS A 57 11.40 -4.57 3.21
CA LYS A 57 12.65 -3.96 3.73
C LYS A 57 13.71 -3.80 2.62
N GLY A 58 14.35 -2.63 2.56
CA GLY A 58 15.36 -2.27 1.56
C GLY A 58 14.80 -1.81 0.19
N LEU A 59 13.48 -1.81 0.00
CA LEU A 59 12.78 -1.43 -1.23
C LEU A 59 12.77 0.09 -1.47
N TYR A 60 12.86 0.87 -0.41
CA TYR A 60 13.01 2.34 -0.43
C TYR A 60 14.36 2.83 0.09
N THR A 61 14.89 3.90 -0.52
CA THR A 61 16.05 4.64 0.03
C THR A 61 15.66 5.53 1.22
N ASP A 62 16.63 6.00 1.99
CA ASP A 62 16.39 6.87 3.16
C ASP A 62 15.61 8.16 2.87
N ALA A 63 15.81 8.74 1.68
CA ALA A 63 15.05 9.89 1.20
C ALA A 63 13.60 9.53 0.78
N GLU A 64 13.38 8.35 0.18
CA GLU A 64 12.05 7.88 -0.22
C GLU A 64 11.12 7.56 0.96
N MET A 65 11.67 7.19 2.12
CA MET A 65 10.92 6.98 3.38
C MET A 65 10.58 8.29 4.12
N LYS A 66 10.82 9.46 3.52
CA LYS A 66 10.55 10.80 4.06
C LYS A 66 9.64 11.59 3.10
N SER A 67 8.40 11.83 3.52
CA SER A 67 7.33 12.40 2.68
C SER A 67 7.62 13.81 2.15
N ASP A 68 8.51 14.57 2.80
CA ASP A 68 8.98 15.88 2.32
C ASP A 68 9.77 15.85 0.99
N ASN A 69 10.45 14.74 0.69
CA ASN A 69 11.05 14.50 -0.63
C ASN A 69 9.99 14.02 -1.63
N VAL A 70 9.09 13.14 -1.18
CA VAL A 70 7.96 12.59 -1.95
C VAL A 70 6.75 13.53 -2.10
N LYS A 71 7.02 14.81 -2.32
CA LYS A 71 6.02 15.88 -2.45
C LYS A 71 5.42 16.00 -3.86
N ASP A 72 6.20 15.70 -4.90
CA ASP A 72 5.74 15.71 -6.30
C ASP A 72 4.86 14.52 -6.70
N LYS A 73 3.82 14.74 -7.52
CA LYS A 73 2.87 13.69 -7.94
C LYS A 73 3.55 12.52 -8.64
N ASP A 74 4.55 12.79 -9.48
CA ASP A 74 5.38 11.75 -10.12
C ASP A 74 6.21 10.90 -9.14
N ALA A 75 6.75 11.52 -8.08
CA ALA A 75 7.46 10.83 -7.01
C ALA A 75 6.50 9.99 -6.15
N LYS A 76 5.30 10.52 -5.84
CA LYS A 76 4.21 9.82 -5.15
C LYS A 76 3.77 8.56 -5.91
N ILE A 77 3.58 8.71 -7.22
CA ILE A 77 3.25 7.61 -8.13
C ILE A 77 4.36 6.56 -8.18
N SER A 78 5.62 6.98 -8.31
CA SER A 78 6.79 6.07 -8.32
C SER A 78 6.92 5.29 -7.00
N PHE A 79 6.74 5.97 -5.87
CA PHE A 79 6.72 5.36 -4.54
C PHE A 79 5.66 4.27 -4.36
N LEU A 80 4.42 4.55 -4.78
CA LEU A 80 3.33 3.58 -4.76
C LEU A 80 3.54 2.42 -5.74
N GLN A 81 4.07 2.68 -6.95
CA GLN A 81 4.32 1.62 -7.93
C GLN A 81 5.34 0.59 -7.41
N LYS A 82 6.38 1.02 -6.67
CA LYS A 82 7.31 0.10 -5.99
C LYS A 82 6.59 -0.86 -5.01
N ALA A 83 5.67 -0.35 -4.18
CA ALA A 83 4.87 -1.18 -3.28
C ALA A 83 3.95 -2.13 -4.06
N ILE A 84 3.18 -1.62 -5.02
CA ILE A 84 2.25 -2.40 -5.86
C ILE A 84 2.99 -3.56 -6.54
N ASP A 85 4.19 -3.30 -7.09
CA ASP A 85 5.06 -4.31 -7.68
C ASP A 85 5.45 -5.47 -6.76
N VAL A 86 6.06 -5.18 -5.60
CA VAL A 86 6.46 -6.21 -4.62
C VAL A 86 5.24 -6.96 -4.06
N VAL A 87 4.15 -6.27 -3.73
CA VAL A 87 2.96 -6.89 -3.12
C VAL A 87 2.35 -7.93 -4.06
N VAL A 88 2.24 -7.64 -5.36
CA VAL A 88 1.78 -8.62 -6.37
C VAL A 88 2.78 -9.76 -6.52
N MET A 89 4.09 -9.47 -6.59
CA MET A 89 5.14 -10.49 -6.77
C MET A 89 5.28 -11.47 -5.59
N VAL A 90 5.18 -11.00 -4.35
CA VAL A 90 5.34 -11.82 -3.14
C VAL A 90 4.11 -12.68 -2.89
N SER A 91 2.91 -12.11 -2.95
CA SER A 91 1.65 -12.83 -2.70
C SER A 91 1.25 -13.77 -3.86
N GLY A 92 1.59 -13.40 -5.09
CA GLY A 92 1.09 -14.03 -6.31
C GLY A 92 -0.37 -13.63 -6.65
N GLU A 93 -0.99 -12.76 -5.84
CA GLU A 93 -2.36 -12.25 -6.07
C GLU A 93 -2.35 -11.00 -6.98
N PRO A 94 -3.25 -10.89 -7.97
CA PRO A 94 -3.37 -9.69 -8.80
C PRO A 94 -3.96 -8.50 -8.02
N LEU A 95 -3.67 -7.29 -8.51
CA LEU A 95 -4.29 -6.04 -8.07
C LEU A 95 -4.67 -5.19 -9.30
N LEU A 96 -5.91 -4.68 -9.33
CA LEU A 96 -6.34 -3.70 -10.34
C LEU A 96 -5.87 -2.27 -10.00
N ALA A 97 -5.43 -2.04 -8.77
CA ALA A 97 -4.99 -0.74 -8.25
C ALA A 97 -3.79 -0.21 -9.06
N LYS A 98 -3.91 1.02 -9.56
CA LYS A 98 -2.79 1.78 -10.16
C LYS A 98 -2.46 3.07 -9.40
N PRO A 99 -1.17 3.45 -9.32
CA PRO A 99 -0.70 4.54 -8.47
C PRO A 99 -1.31 5.90 -8.82
N ALA A 100 -1.48 6.21 -10.12
CA ALA A 100 -2.07 7.47 -10.57
C ALA A 100 -3.50 7.67 -10.06
N ARG A 101 -4.32 6.60 -10.04
CA ARG A 101 -5.66 6.61 -9.43
C ARG A 101 -5.61 6.75 -7.91
N ILE A 102 -4.70 6.05 -7.24
CA ILE A 102 -4.57 6.11 -5.77
C ILE A 102 -4.25 7.54 -5.30
N VAL A 103 -3.28 8.21 -5.94
CA VAL A 103 -2.90 9.61 -5.63
C VAL A 103 -4.02 10.61 -5.96
N ALA A 104 -4.75 10.38 -7.07
CA ALA A 104 -5.92 11.20 -7.45
C ALA A 104 -7.19 10.92 -6.61
N GLY A 105 -7.20 9.88 -5.77
CA GLY A 105 -8.33 9.50 -4.90
C GLY A 105 -9.38 8.59 -5.54
N HIS A 106 -9.09 8.02 -6.71
CA HIS A 106 -9.92 7.02 -7.40
C HIS A 106 -9.48 5.59 -7.04
N GLU A 107 -10.23 4.58 -7.49
CA GLU A 107 -10.03 3.16 -7.16
C GLU A 107 -9.94 2.85 -5.65
N PRO A 108 -10.83 3.39 -4.80
CA PRO A 108 -10.73 3.24 -3.34
C PRO A 108 -10.88 1.79 -2.86
N GLU A 109 -11.70 0.98 -3.53
CA GLU A 109 -11.84 -0.45 -3.23
C GLU A 109 -10.54 -1.23 -3.54
N ARG A 110 -9.76 -0.78 -4.54
CA ARG A 110 -8.45 -1.38 -4.90
C ARG A 110 -7.32 -0.83 -4.04
N THR A 111 -7.46 0.41 -3.56
CA THR A 111 -6.58 0.96 -2.50
C THR A 111 -6.72 0.16 -1.21
N ASN A 112 -7.95 -0.21 -0.85
CA ASN A 112 -8.23 -1.17 0.23
C ASN A 112 -7.68 -2.57 -0.09
N GLU A 113 -7.88 -3.08 -1.30
CA GLU A 113 -7.39 -4.41 -1.70
C GLU A 113 -5.85 -4.51 -1.60
N LEU A 114 -5.11 -3.46 -1.98
CA LEU A 114 -3.65 -3.38 -1.87
C LEU A 114 -3.21 -3.55 -0.40
N LEU A 115 -3.88 -2.84 0.52
CA LEU A 115 -3.63 -2.92 1.95
C LEU A 115 -4.02 -4.27 2.54
N GLN A 116 -5.11 -4.88 2.08
CA GLN A 116 -5.47 -6.26 2.42
C GLN A 116 -4.40 -7.28 1.98
N ILE A 117 -3.80 -7.15 0.78
CA ILE A 117 -2.69 -8.02 0.35
C ILE A 117 -1.38 -7.74 1.13
N ILE A 118 -1.06 -6.47 1.46
CA ILE A 118 0.03 -6.13 2.38
C ILE A 118 -0.18 -6.83 3.74
N GLY A 119 -1.40 -6.78 4.26
CA GLY A 119 -1.81 -7.51 5.47
C GLY A 119 -1.61 -9.02 5.35
N LYS A 120 -2.09 -9.63 4.25
CA LYS A 120 -1.90 -11.06 3.93
C LYS A 120 -0.43 -11.46 3.91
N CYS A 121 0.44 -10.68 3.28
CA CYS A 121 1.87 -10.94 3.20
C CYS A 121 2.55 -10.94 4.58
N CYS A 122 2.16 -10.00 5.45
CA CYS A 122 2.64 -9.88 6.82
C CYS A 122 2.14 -11.01 7.74
N LEU A 123 0.86 -11.37 7.65
CA LEU A 123 0.25 -12.45 8.44
C LEU A 123 0.82 -13.83 8.08
N ASN A 124 1.04 -14.07 6.78
CA ASN A 124 1.74 -15.26 6.26
C ASN A 124 3.29 -15.18 6.37
N LYS A 125 3.82 -14.05 6.84
CA LYS A 125 5.25 -13.80 7.16
C LYS A 125 6.17 -14.04 5.94
N LEU A 126 5.71 -13.65 4.75
CA LEU A 126 6.36 -13.90 3.48
C LEU A 126 7.64 -13.06 3.31
N SER A 127 8.75 -13.72 2.97
CA SER A 127 10.03 -13.10 2.64
C SER A 127 10.00 -12.39 1.28
N SER A 128 10.16 -11.07 1.28
CA SER A 128 10.06 -10.22 0.08
C SER A 128 11.38 -9.96 -0.67
N ASP A 129 12.52 -10.42 -0.16
CA ASP A 129 13.86 -10.08 -0.67
C ASP A 129 14.08 -10.16 -2.19
N ASP A 130 13.78 -11.31 -2.81
CA ASP A 130 13.83 -11.47 -4.26
C ASP A 130 12.83 -10.66 -5.10
N ALA A 131 11.64 -10.36 -4.56
CA ALA A 131 10.69 -9.46 -5.22
C ALA A 131 11.13 -7.99 -5.12
N VAL A 132 11.66 -7.56 -3.96
CA VAL A 132 12.26 -6.23 -3.74
C VAL A 132 13.42 -6.04 -4.72
N ARG A 133 14.31 -7.03 -4.81
CA ARG A 133 15.43 -7.08 -5.76
C ARG A 133 15.00 -6.94 -7.21
N ARG A 134 13.84 -7.49 -7.61
CA ARG A 134 13.28 -7.38 -8.97
C ARG A 134 12.77 -5.97 -9.29
N VAL A 135 12.23 -5.25 -8.31
CA VAL A 135 11.88 -3.81 -8.45
C VAL A 135 13.14 -2.94 -8.54
N LEU A 136 14.14 -3.19 -7.69
CA LEU A 136 15.41 -2.46 -7.69
C LEU A 136 16.20 -2.68 -9.00
N ALA A 137 16.16 -3.90 -9.56
CA ALA A 137 16.70 -4.23 -10.88
C ALA A 137 16.00 -3.51 -12.06
N GLY A 138 14.84 -2.89 -11.83
CA GLY A 138 14.17 -2.00 -12.78
C GLY A 138 14.87 -0.63 -12.96
N GLU A 139 15.79 -0.28 -12.05
CA GLU A 139 16.64 0.93 -12.09
C GLU A 139 15.89 2.28 -12.19
N LYS A 140 16.63 3.37 -12.41
CA LYS A 140 16.14 4.77 -12.48
C LYS A 140 16.88 5.61 -13.53
N GLY A 1 -26.73 14.82 0.48
CA GLY A 1 -25.89 13.62 0.29
C GLY A 1 -26.34 12.46 1.18
N SER A 2 -25.46 11.49 1.40
CA SER A 2 -25.71 10.29 2.22
C SER A 2 -24.40 9.71 2.80
N SER A 3 -24.51 8.71 3.68
CA SER A 3 -23.39 7.98 4.29
C SER A 3 -22.65 7.01 3.34
N GLY A 4 -23.12 6.86 2.09
CA GLY A 4 -22.52 5.98 1.08
C GLY A 4 -21.18 6.46 0.50
N SER A 5 -20.56 5.63 -0.34
CA SER A 5 -19.29 5.91 -1.03
C SER A 5 -19.23 5.20 -2.39
N SER A 6 -18.41 5.73 -3.32
CA SER A 6 -18.20 5.15 -4.65
C SER A 6 -17.23 3.95 -4.61
N GLY A 7 -17.53 2.89 -5.35
CA GLY A 7 -16.67 1.71 -5.55
C GLY A 7 -16.54 0.74 -4.37
N MET A 8 -16.59 1.23 -3.12
CA MET A 8 -16.36 0.47 -1.88
C MET A 8 -17.44 0.73 -0.83
N ASN A 9 -17.45 -0.10 0.23
CA ASN A 9 -18.40 -0.04 1.35
C ASN A 9 -17.78 -0.57 2.66
N ALA A 10 -18.55 -0.56 3.76
CA ALA A 10 -18.08 -1.00 5.08
C ALA A 10 -17.60 -2.46 5.13
N ALA A 11 -18.11 -3.36 4.29
CA ALA A 11 -17.68 -4.76 4.23
C ALA A 11 -16.31 -4.92 3.52
N VAL A 12 -15.95 -3.97 2.65
CA VAL A 12 -14.58 -3.86 2.10
C VAL A 12 -13.65 -3.33 3.19
N VAL A 13 -14.07 -2.28 3.90
CA VAL A 13 -13.22 -1.61 4.90
C VAL A 13 -12.87 -2.45 6.12
N ARG A 14 -13.85 -3.21 6.64
CA ARG A 14 -13.68 -4.12 7.78
C ARG A 14 -12.64 -5.20 7.52
N ARG A 15 -12.53 -5.70 6.27
CA ARG A 15 -11.49 -6.64 5.85
C ARG A 15 -10.09 -6.02 5.93
N THR A 16 -9.94 -4.77 5.49
CA THR A 16 -8.71 -3.98 5.68
C THR A 16 -8.33 -3.67 7.13
N GLN A 17 -9.31 -3.33 7.97
CA GLN A 17 -9.11 -3.14 9.41
C GLN A 17 -8.63 -4.42 10.11
N GLU A 18 -9.15 -5.58 9.72
CA GLU A 18 -8.66 -6.88 10.19
C GLU A 18 -7.25 -7.21 9.66
N ALA A 19 -7.00 -6.89 8.39
CA ALA A 19 -5.74 -7.19 7.71
C ALA A 19 -4.56 -6.34 8.22
N LEU A 20 -4.75 -5.03 8.38
CA LEU A 20 -3.72 -4.12 8.89
C LEU A 20 -3.66 -4.07 10.43
N GLY A 21 -4.75 -4.39 11.13
CA GLY A 21 -4.84 -4.34 12.60
C GLY A 21 -3.89 -5.28 13.35
N LYS A 22 -3.24 -6.19 12.62
CA LYS A 22 -2.26 -7.16 13.14
C LYS A 22 -0.82 -6.89 12.66
N VAL A 23 -0.61 -5.85 11.84
CA VAL A 23 0.65 -5.59 11.11
C VAL A 23 1.34 -4.25 11.38
N ILE A 24 0.58 -3.18 11.62
CA ILE A 24 1.08 -1.81 11.87
C ILE A 24 0.32 -1.08 12.99
N ARG A 25 0.84 0.07 13.48
CA ARG A 25 0.27 0.78 14.64
C ARG A 25 0.17 2.31 14.55
N ARG A 26 1.00 3.00 13.75
CA ARG A 26 1.09 4.48 13.81
C ARG A 26 -0.13 5.26 13.27
N PRO A 27 -0.52 5.17 11.99
CA PRO A 27 -1.75 5.81 11.52
C PRO A 27 -3.00 5.02 11.99
N PRO A 28 -4.11 5.70 12.36
CA PRO A 28 -5.31 5.05 12.87
C PRO A 28 -6.10 4.38 11.73
N LEU A 29 -6.58 3.15 11.97
CA LEU A 29 -7.34 2.34 11.00
C LEU A 29 -8.84 2.70 10.98
N THR A 30 -9.12 3.99 10.77
CA THR A 30 -10.49 4.51 10.64
C THR A 30 -11.18 4.23 9.32
N GLU A 31 -12.49 4.07 9.36
CA GLU A 31 -13.35 3.89 8.20
C GLU A 31 -13.35 5.15 7.31
N LYS A 32 -13.29 6.34 7.93
CA LYS A 32 -13.21 7.64 7.25
C LYS A 32 -11.93 7.80 6.43
N LEU A 33 -10.80 7.29 6.96
CA LEU A 33 -9.51 7.32 6.27
C LEU A 33 -9.39 6.19 5.23
N LEU A 34 -9.67 4.93 5.59
CA LEU A 34 -9.52 3.79 4.68
C LEU A 34 -10.51 3.82 3.50
N SER A 35 -11.68 4.46 3.61
CA SER A 35 -12.63 4.60 2.50
C SER A 35 -12.18 5.53 1.37
N LYS A 36 -11.33 6.53 1.66
CA LYS A 36 -10.76 7.46 0.66
C LYS A 36 -9.46 8.11 1.18
N PRO A 37 -8.34 7.36 1.28
CA PRO A 37 -7.14 7.82 1.96
C PRO A 37 -6.31 8.84 1.13
N PRO A 38 -5.65 9.81 1.79
CA PRO A 38 -4.65 10.66 1.14
C PRO A 38 -3.36 9.86 0.86
N PHE A 39 -2.51 10.35 -0.04
CA PHE A 39 -1.18 9.76 -0.27
C PHE A 39 -0.33 9.54 0.98
N ARG A 40 -0.23 10.57 1.85
CA ARG A 40 0.65 10.53 3.03
C ARG A 40 0.20 9.47 4.05
N TYR A 41 -1.11 9.21 4.17
CA TYR A 41 -1.62 8.13 5.02
C TYR A 41 -1.16 6.74 4.58
N LEU A 42 -1.25 6.46 3.28
CA LEU A 42 -0.75 5.23 2.66
C LEU A 42 0.78 5.12 2.72
N HIS A 43 1.49 6.23 2.49
CA HIS A 43 2.94 6.32 2.63
C HIS A 43 3.38 5.87 4.02
N ASP A 44 2.78 6.43 5.08
CA ASP A 44 3.10 6.06 6.45
C ASP A 44 2.77 4.62 6.86
N ILE A 45 1.74 4.00 6.28
CA ILE A 45 1.48 2.55 6.42
C ILE A 45 2.59 1.72 5.73
N ILE A 46 3.05 2.15 4.56
CA ILE A 46 4.15 1.51 3.84
C ILE A 46 5.50 1.66 4.59
N THR A 47 5.81 2.82 5.19
CA THR A 47 6.96 2.94 6.10
C THR A 47 6.80 2.21 7.44
N GLU A 48 5.58 2.09 7.96
CA GLU A 48 5.26 1.31 9.15
C GLU A 48 5.51 -0.18 8.97
N VAL A 49 5.06 -0.77 7.86
CA VAL A 49 5.23 -2.23 7.66
C VAL A 49 6.69 -2.65 7.57
N ILE A 50 7.54 -1.78 7.01
CA ILE A 50 8.99 -1.96 6.97
C ILE A 50 9.61 -1.96 8.38
N ARG A 51 9.10 -1.13 9.31
CA ARG A 51 9.52 -1.10 10.73
C ARG A 51 8.94 -2.25 11.58
N MET A 52 7.64 -2.49 11.44
CA MET A 52 6.84 -3.36 12.32
C MET A 52 6.91 -4.85 11.95
N THR A 53 7.11 -5.18 10.68
CA THR A 53 7.22 -6.56 10.16
C THR A 53 8.47 -6.89 9.35
N GLY A 54 9.09 -5.88 8.72
CA GLY A 54 10.22 -6.04 7.80
C GLY A 54 9.81 -6.41 6.38
N PHE A 55 8.51 -6.50 6.07
CA PHE A 55 8.03 -6.67 4.70
C PHE A 55 8.28 -5.44 3.81
N MET A 56 8.78 -5.63 2.58
CA MET A 56 9.28 -4.58 1.68
C MET A 56 10.51 -3.81 2.20
N LYS A 57 11.25 -4.33 3.19
CA LYS A 57 12.47 -3.67 3.71
C LYS A 57 13.56 -3.55 2.63
N GLY A 58 14.23 -2.39 2.57
CA GLY A 58 15.28 -2.06 1.59
C GLY A 58 14.78 -1.64 0.20
N LEU A 59 13.46 -1.67 -0.04
CA LEU A 59 12.80 -1.28 -1.31
C LEU A 59 12.84 0.24 -1.56
N TYR A 60 13.02 1.03 -0.50
CA TYR A 60 13.20 2.49 -0.53
C TYR A 60 14.49 2.90 0.19
N THR A 61 15.09 4.01 -0.27
CA THR A 61 16.18 4.72 0.42
C THR A 61 15.65 5.63 1.53
N ASP A 62 16.52 6.06 2.46
CA ASP A 62 16.20 6.98 3.55
C ASP A 62 15.46 8.27 3.13
N ALA A 63 15.89 8.86 2.01
CA ALA A 63 15.26 10.05 1.44
C ALA A 63 13.84 9.79 0.93
N GLU A 64 13.54 8.61 0.36
CA GLU A 64 12.18 8.25 -0.08
C GLU A 64 11.26 7.81 1.09
N MET A 65 11.83 7.29 2.18
CA MET A 65 11.10 6.99 3.43
C MET A 65 10.66 8.26 4.20
N LYS A 66 11.25 9.42 3.89
CA LYS A 66 10.85 10.74 4.40
C LYS A 66 9.81 11.41 3.51
N SER A 67 8.58 11.55 4.00
CA SER A 67 7.41 12.03 3.23
C SER A 67 7.58 13.42 2.62
N ASP A 68 8.36 14.30 3.25
CA ASP A 68 8.61 15.66 2.78
C ASP A 68 9.36 15.79 1.44
N ASN A 69 10.16 14.78 1.08
CA ASN A 69 10.80 14.68 -0.23
C ASN A 69 9.83 14.21 -1.33
N VAL A 70 8.85 13.37 -0.97
CA VAL A 70 7.81 12.81 -1.86
C VAL A 70 6.66 13.78 -2.18
N LYS A 71 6.99 15.06 -2.40
CA LYS A 71 6.04 16.17 -2.63
C LYS A 71 5.42 16.14 -4.03
N ASP A 72 6.21 15.79 -5.05
CA ASP A 72 5.78 15.75 -6.46
C ASP A 72 4.85 14.58 -6.84
N LYS A 73 3.85 14.83 -7.68
CA LYS A 73 2.87 13.83 -8.15
C LYS A 73 3.54 12.61 -8.82
N ASP A 74 4.59 12.85 -9.61
CA ASP A 74 5.41 11.79 -10.21
C ASP A 74 6.21 10.94 -9.20
N ALA A 75 6.75 11.58 -8.15
CA ALA A 75 7.44 10.90 -7.06
C ALA A 75 6.47 10.05 -6.21
N LYS A 76 5.26 10.58 -5.93
CA LYS A 76 4.16 9.86 -5.26
C LYS A 76 3.74 8.60 -6.03
N ILE A 77 3.57 8.73 -7.34
CA ILE A 77 3.26 7.61 -8.24
C ILE A 77 4.39 6.58 -8.27
N SER A 78 5.64 7.01 -8.43
CA SER A 78 6.82 6.13 -8.45
C SER A 78 6.98 5.35 -7.13
N PHE A 79 6.80 6.03 -5.99
CA PHE A 79 6.79 5.41 -4.67
C PHE A 79 5.76 4.29 -4.50
N LEU A 80 4.50 4.56 -4.86
CA LEU A 80 3.42 3.56 -4.82
C LEU A 80 3.63 2.42 -5.83
N GLN A 81 4.14 2.71 -7.04
CA GLN A 81 4.39 1.69 -8.06
C GLN A 81 5.36 0.61 -7.57
N LYS A 82 6.43 0.98 -6.86
CA LYS A 82 7.35 0.02 -6.26
C LYS A 82 6.69 -0.90 -5.22
N ALA A 83 5.81 -0.36 -4.36
CA ALA A 83 5.03 -1.17 -3.43
C ALA A 83 4.08 -2.13 -4.17
N ILE A 84 3.30 -1.62 -5.14
CA ILE A 84 2.35 -2.43 -5.94
C ILE A 84 3.08 -3.61 -6.60
N ASP A 85 4.25 -3.36 -7.22
CA ASP A 85 5.10 -4.40 -7.79
C ASP A 85 5.56 -5.52 -6.85
N VAL A 86 6.13 -5.18 -5.68
CA VAL A 86 6.55 -6.18 -4.68
C VAL A 86 5.35 -6.92 -4.10
N VAL A 87 4.25 -6.23 -3.77
CA VAL A 87 3.08 -6.86 -3.15
C VAL A 87 2.46 -7.91 -4.08
N VAL A 88 2.33 -7.63 -5.38
CA VAL A 88 1.86 -8.61 -6.38
C VAL A 88 2.86 -9.76 -6.50
N MET A 89 4.17 -9.49 -6.59
CA MET A 89 5.20 -10.52 -6.74
C MET A 89 5.33 -11.48 -5.54
N VAL A 90 5.23 -10.97 -4.31
CA VAL A 90 5.37 -11.80 -3.08
C VAL A 90 4.11 -12.61 -2.81
N SER A 91 2.92 -12.00 -2.90
CA SER A 91 1.65 -12.70 -2.63
C SER A 91 1.24 -13.67 -3.74
N GLY A 92 1.62 -13.39 -4.99
CA GLY A 92 1.11 -14.08 -6.18
C GLY A 92 -0.33 -13.68 -6.55
N GLU A 93 -0.95 -12.76 -5.80
CA GLU A 93 -2.30 -12.24 -6.05
C GLU A 93 -2.24 -10.99 -6.97
N PRO A 94 -3.14 -10.86 -7.96
CA PRO A 94 -3.23 -9.65 -8.78
C PRO A 94 -3.76 -8.45 -8.00
N LEU A 95 -3.37 -7.23 -8.42
CA LEU A 95 -3.92 -5.96 -7.96
C LEU A 95 -4.18 -5.04 -9.16
N LEU A 96 -5.42 -4.57 -9.29
CA LEU A 96 -5.82 -3.61 -10.34
C LEU A 96 -5.55 -2.14 -9.95
N ALA A 97 -5.17 -1.88 -8.69
CA ALA A 97 -4.93 -0.55 -8.12
C ALA A 97 -3.83 0.20 -8.88
N LYS A 98 -4.18 1.26 -9.60
CA LYS A 98 -3.20 2.11 -10.33
C LYS A 98 -2.67 3.23 -9.42
N PRO A 99 -1.34 3.49 -9.39
CA PRO A 99 -0.75 4.51 -8.51
C PRO A 99 -1.31 5.92 -8.76
N ALA A 100 -1.50 6.33 -10.01
CA ALA A 100 -2.03 7.66 -10.34
C ALA A 100 -3.47 7.86 -9.81
N ARG A 101 -4.30 6.80 -9.86
CA ARG A 101 -5.66 6.80 -9.29
C ARG A 101 -5.64 6.81 -7.76
N ILE A 102 -4.72 6.10 -7.13
CA ILE A 102 -4.56 6.08 -5.67
C ILE A 102 -4.25 7.49 -5.13
N VAL A 103 -3.28 8.20 -5.73
CA VAL A 103 -2.92 9.57 -5.34
C VAL A 103 -4.09 10.56 -5.54
N ALA A 104 -4.85 10.40 -6.62
CA ALA A 104 -6.05 11.19 -6.91
C ALA A 104 -7.29 10.79 -6.07
N GLY A 105 -7.22 9.71 -5.28
CA GLY A 105 -8.31 9.23 -4.41
C GLY A 105 -9.41 8.43 -5.12
N HIS A 106 -9.13 7.88 -6.30
CA HIS A 106 -10.01 6.98 -7.06
C HIS A 106 -9.63 5.50 -6.82
N GLU A 107 -10.44 4.57 -7.34
CA GLU A 107 -10.30 3.11 -7.16
C GLU A 107 -10.20 2.66 -5.68
N PRO A 108 -10.96 3.24 -4.72
CA PRO A 108 -10.73 3.02 -3.29
C PRO A 108 -10.94 1.56 -2.84
N GLU A 109 -11.73 0.76 -3.57
CA GLU A 109 -11.84 -0.68 -3.33
C GLU A 109 -10.52 -1.41 -3.63
N ARG A 110 -9.76 -0.97 -4.63
CA ARG A 110 -8.44 -1.50 -4.98
C ARG A 110 -7.36 -0.93 -4.05
N THR A 111 -7.50 0.31 -3.59
CA THR A 111 -6.68 0.87 -2.49
C THR A 111 -6.80 0.10 -1.18
N ASN A 112 -8.02 -0.30 -0.81
CA ASN A 112 -8.27 -1.23 0.29
C ASN A 112 -7.67 -2.62 0.00
N GLU A 113 -7.89 -3.17 -1.20
CA GLU A 113 -7.36 -4.48 -1.59
C GLU A 113 -5.83 -4.53 -1.48
N LEU A 114 -5.11 -3.48 -1.89
CA LEU A 114 -3.64 -3.38 -1.77
C LEU A 114 -3.19 -3.53 -0.31
N LEU A 115 -3.84 -2.83 0.61
CA LEU A 115 -3.57 -2.92 2.05
C LEU A 115 -3.96 -4.29 2.64
N GLN A 116 -5.05 -4.89 2.18
CA GLN A 116 -5.41 -6.27 2.51
C GLN A 116 -4.35 -7.28 2.05
N ILE A 117 -3.76 -7.15 0.85
CA ILE A 117 -2.66 -8.02 0.39
C ILE A 117 -1.34 -7.74 1.15
N ILE A 118 -1.02 -6.49 1.49
CA ILE A 118 0.10 -6.16 2.41
C ILE A 118 -0.09 -6.87 3.76
N GLY A 119 -1.31 -6.81 4.32
CA GLY A 119 -1.68 -7.53 5.54
C GLY A 119 -1.54 -9.06 5.40
N LYS A 120 -2.00 -9.62 4.28
CA LYS A 120 -1.86 -11.06 3.94
C LYS A 120 -0.40 -11.50 3.89
N CYS A 121 0.48 -10.72 3.25
CA CYS A 121 1.91 -11.03 3.15
C CYS A 121 2.59 -11.07 4.52
N CYS A 122 2.23 -10.13 5.40
CA CYS A 122 2.72 -10.03 6.77
C CYS A 122 2.23 -11.18 7.67
N LEU A 123 0.95 -11.54 7.59
CA LEU A 123 0.35 -12.63 8.37
C LEU A 123 0.88 -14.02 7.94
N ASN A 124 1.09 -14.22 6.64
CA ASN A 124 1.78 -15.40 6.08
C ASN A 124 3.32 -15.34 6.21
N LYS A 125 3.86 -14.24 6.76
CA LYS A 125 5.29 -14.04 7.11
C LYS A 125 6.24 -14.22 5.91
N LEU A 126 5.78 -13.79 4.72
CA LEU A 126 6.47 -13.98 3.45
C LEU A 126 7.70 -13.05 3.34
N SER A 127 8.86 -13.62 3.01
CA SER A 127 10.08 -12.86 2.70
C SER A 127 9.97 -12.16 1.34
N SER A 128 10.18 -10.85 1.32
CA SER A 128 10.10 -10.02 0.11
C SER A 128 11.42 -9.81 -0.63
N ASP A 129 12.55 -10.30 -0.11
CA ASP A 129 13.90 -9.98 -0.61
C ASP A 129 14.13 -10.12 -2.13
N ASP A 130 13.68 -11.24 -2.71
CA ASP A 130 13.74 -11.46 -4.17
C ASP A 130 12.85 -10.54 -5.01
N ALA A 131 11.63 -10.26 -4.55
CA ALA A 131 10.72 -9.32 -5.22
C ALA A 131 11.22 -7.88 -5.11
N VAL A 132 11.74 -7.48 -3.95
CA VAL A 132 12.37 -6.16 -3.72
C VAL A 132 13.55 -6.00 -4.68
N ARG A 133 14.42 -7.01 -4.79
CA ARG A 133 15.55 -7.01 -5.74
C ARG A 133 15.10 -6.90 -7.20
N ARG A 134 13.97 -7.51 -7.58
CA ARG A 134 13.40 -7.43 -8.94
C ARG A 134 12.93 -6.03 -9.32
N VAL A 135 12.31 -5.31 -8.38
CA VAL A 135 11.92 -3.89 -8.56
C VAL A 135 13.15 -2.97 -8.61
N LEU A 136 14.13 -3.16 -7.72
CA LEU A 136 15.37 -2.38 -7.70
C LEU A 136 16.22 -2.59 -8.97
N ALA A 137 16.26 -3.82 -9.49
CA ALA A 137 16.91 -4.15 -10.77
C ALA A 137 16.24 -3.52 -12.01
N GLY A 138 15.03 -2.95 -11.87
CA GLY A 138 14.37 -2.16 -12.91
C GLY A 138 14.99 -0.78 -13.13
N GLU A 139 15.83 -0.29 -12.21
CA GLU A 139 16.57 0.97 -12.35
C GLU A 139 17.80 0.84 -13.27
N LYS A 140 18.15 1.93 -13.98
CA LYS A 140 19.31 2.01 -14.88
C LYS A 140 20.65 2.02 -14.14
N GLY A 1 -27.87 16.13 -4.09
CA GLY A 1 -28.34 14.80 -4.55
C GLY A 1 -28.56 13.84 -3.39
N SER A 2 -29.25 12.72 -3.65
CA SER A 2 -29.56 11.67 -2.67
C SER A 2 -28.32 10.93 -2.15
N SER A 3 -28.39 10.43 -0.91
CA SER A 3 -27.32 9.64 -0.26
C SER A 3 -27.06 8.29 -0.97
N GLY A 4 -25.81 7.82 -0.89
CA GLY A 4 -25.37 6.56 -1.51
C GLY A 4 -23.86 6.28 -1.35
N SER A 5 -23.34 5.34 -2.13
CA SER A 5 -21.93 4.92 -2.15
C SER A 5 -21.48 4.48 -3.55
N SER A 6 -20.16 4.39 -3.76
CA SER A 6 -19.54 3.96 -5.02
C SER A 6 -18.15 3.35 -4.78
N GLY A 7 -17.79 2.33 -5.57
CA GLY A 7 -16.53 1.58 -5.45
C GLY A 7 -16.49 0.63 -4.25
N MET A 8 -16.48 1.18 -3.04
CA MET A 8 -16.30 0.46 -1.76
C MET A 8 -17.46 0.70 -0.77
N ASN A 9 -17.51 -0.16 0.26
CA ASN A 9 -18.49 -0.14 1.35
C ASN A 9 -17.85 -0.57 2.68
N ALA A 10 -18.57 -0.48 3.80
CA ALA A 10 -18.08 -0.90 5.13
C ALA A 10 -17.64 -2.38 5.20
N ALA A 11 -18.19 -3.25 4.36
CA ALA A 11 -17.80 -4.66 4.28
C ALA A 11 -16.42 -4.86 3.62
N VAL A 12 -16.02 -3.93 2.75
CA VAL A 12 -14.65 -3.84 2.22
C VAL A 12 -13.70 -3.34 3.30
N VAL A 13 -14.09 -2.28 4.03
CA VAL A 13 -13.21 -1.68 5.05
C VAL A 13 -12.91 -2.56 6.26
N ARG A 14 -13.92 -3.31 6.72
CA ARG A 14 -13.79 -4.26 7.85
C ARG A 14 -12.79 -5.38 7.57
N ARG A 15 -12.53 -5.73 6.30
CA ARG A 15 -11.45 -6.64 5.90
C ARG A 15 -10.08 -5.98 6.05
N THR A 16 -9.92 -4.77 5.54
CA THR A 16 -8.70 -3.96 5.70
C THR A 16 -8.31 -3.64 7.14
N GLN A 17 -9.29 -3.39 8.01
CA GLN A 17 -9.07 -3.20 9.45
C GLN A 17 -8.53 -4.46 10.14
N GLU A 18 -9.00 -5.65 9.76
CA GLU A 18 -8.44 -6.93 10.23
C GLU A 18 -7.04 -7.18 9.66
N ALA A 19 -6.81 -6.82 8.40
CA ALA A 19 -5.56 -7.09 7.69
C ALA A 19 -4.41 -6.20 8.19
N LEU A 20 -4.65 -4.89 8.36
CA LEU A 20 -3.64 -3.93 8.81
C LEU A 20 -3.49 -3.86 10.34
N GLY A 21 -4.56 -4.10 11.11
CA GLY A 21 -4.57 -3.94 12.57
C GLY A 21 -3.67 -4.90 13.34
N LYS A 22 -3.10 -5.90 12.66
CA LYS A 22 -2.17 -6.91 13.19
C LYS A 22 -0.72 -6.71 12.72
N VAL A 23 -0.48 -5.73 11.84
CA VAL A 23 0.80 -5.52 11.12
C VAL A 23 1.36 -4.10 11.25
N ILE A 24 0.53 -3.08 11.43
CA ILE A 24 0.95 -1.67 11.61
C ILE A 24 0.09 -0.93 12.65
N ARG A 25 0.62 0.20 13.17
CA ARG A 25 -0.02 1.02 14.22
C ARG A 25 0.22 2.54 14.12
N ARG A 26 0.89 3.04 13.07
CA ARG A 26 1.18 4.48 12.87
C ARG A 26 -0.09 5.31 12.59
N PRO A 27 -0.75 5.16 11.41
CA PRO A 27 -2.03 5.83 11.16
C PRO A 27 -3.21 5.10 11.83
N PRO A 28 -4.30 5.80 12.18
CA PRO A 28 -5.53 5.19 12.68
C PRO A 28 -6.34 4.53 11.55
N LEU A 29 -6.83 3.31 11.78
CA LEU A 29 -7.55 2.50 10.79
C LEU A 29 -9.05 2.84 10.73
N THR A 30 -9.36 4.12 10.55
CA THR A 30 -10.74 4.62 10.46
C THR A 30 -11.49 4.28 9.17
N GLU A 31 -12.81 4.12 9.25
CA GLU A 31 -13.68 3.91 8.08
C GLU A 31 -13.55 5.06 7.07
N LYS A 32 -13.54 6.31 7.57
CA LYS A 32 -13.42 7.52 6.74
C LYS A 32 -12.07 7.59 6.01
N LEU A 33 -10.97 7.28 6.70
CA LEU A 33 -9.62 7.38 6.12
C LEU A 33 -9.34 6.22 5.17
N LEU A 34 -9.67 4.97 5.52
CA LEU A 34 -9.50 3.82 4.62
C LEU A 34 -10.44 3.87 3.40
N SER A 35 -11.60 4.56 3.50
CA SER A 35 -12.50 4.78 2.35
C SER A 35 -11.85 5.60 1.21
N LYS A 36 -11.08 6.65 1.53
CA LYS A 36 -10.37 7.49 0.55
C LYS A 36 -9.12 8.16 1.16
N PRO A 37 -8.01 7.41 1.31
CA PRO A 37 -6.83 7.90 2.04
C PRO A 37 -5.96 8.86 1.19
N PRO A 38 -5.33 9.89 1.80
CA PRO A 38 -4.30 10.68 1.14
C PRO A 38 -3.00 9.89 0.97
N PHE A 39 -2.10 10.36 0.09
CA PHE A 39 -0.76 9.79 -0.04
C PHE A 39 0.04 9.62 1.26
N ARG A 40 0.09 10.68 2.08
CA ARG A 40 0.81 10.71 3.36
C ARG A 40 0.31 9.66 4.36
N TYR A 41 -0.99 9.32 4.31
CA TYR A 41 -1.56 8.24 5.11
C TYR A 41 -1.07 6.85 4.68
N LEU A 42 -1.11 6.57 3.38
CA LEU A 42 -0.60 5.32 2.78
C LEU A 42 0.92 5.16 2.95
N HIS A 43 1.68 6.25 2.77
CA HIS A 43 3.12 6.32 3.02
C HIS A 43 3.44 5.82 4.44
N ASP A 44 2.73 6.33 5.45
CA ASP A 44 2.90 5.90 6.84
C ASP A 44 2.51 4.46 7.19
N ILE A 45 1.76 3.78 6.32
CA ILE A 45 1.56 2.31 6.40
C ILE A 45 2.77 1.61 5.79
N ILE A 46 3.17 2.03 4.59
CA ILE A 46 4.22 1.40 3.78
C ILE A 46 5.60 1.51 4.44
N THR A 47 5.92 2.63 5.10
CA THR A 47 7.12 2.73 5.94
C THR A 47 7.00 2.01 7.29
N GLU A 48 5.82 1.98 7.91
CA GLU A 48 5.65 1.31 9.21
C GLU A 48 5.65 -0.21 9.11
N VAL A 49 5.15 -0.80 8.02
CA VAL A 49 5.23 -2.25 7.80
C VAL A 49 6.66 -2.77 7.71
N ILE A 50 7.57 -1.97 7.14
CA ILE A 50 9.01 -2.27 7.12
C ILE A 50 9.59 -2.31 8.54
N ARG A 51 9.18 -1.37 9.40
CA ARG A 51 9.60 -1.30 10.82
C ARG A 51 9.02 -2.41 11.70
N MET A 52 7.75 -2.77 11.48
CA MET A 52 6.99 -3.74 12.28
C MET A 52 7.24 -5.20 11.89
N THR A 53 7.35 -5.48 10.60
CA THR A 53 7.37 -6.84 10.03
C THR A 53 8.59 -7.22 9.19
N GLY A 54 9.29 -6.23 8.65
CA GLY A 54 10.39 -6.41 7.68
C GLY A 54 9.93 -6.68 6.24
N PHE A 55 8.62 -6.74 5.97
CA PHE A 55 8.10 -6.83 4.60
C PHE A 55 8.40 -5.56 3.78
N MET A 56 8.91 -5.72 2.56
CA MET A 56 9.48 -4.65 1.71
C MET A 56 10.72 -3.95 2.29
N LYS A 57 11.47 -4.56 3.22
CA LYS A 57 12.72 -3.98 3.75
C LYS A 57 13.78 -3.80 2.65
N GLY A 58 14.43 -2.63 2.62
CA GLY A 58 15.45 -2.24 1.63
C GLY A 58 14.91 -1.76 0.26
N LEU A 59 13.59 -1.78 0.06
CA LEU A 59 12.90 -1.38 -1.17
C LEU A 59 12.90 0.14 -1.41
N TYR A 60 12.95 0.91 -0.32
CA TYR A 60 13.09 2.37 -0.32
C TYR A 60 14.42 2.87 0.24
N THR A 61 14.94 3.98 -0.32
CA THR A 61 16.06 4.72 0.28
C THR A 61 15.64 5.60 1.47
N ASP A 62 16.58 6.04 2.30
CA ASP A 62 16.30 6.88 3.48
C ASP A 62 15.56 8.18 3.19
N ALA A 63 15.80 8.79 2.02
CA ALA A 63 15.07 9.96 1.54
C ALA A 63 13.64 9.65 1.04
N GLU A 64 13.41 8.46 0.47
CA GLU A 64 12.08 8.02 -0.01
C GLU A 64 11.11 7.71 1.15
N MET A 65 11.61 7.23 2.29
CA MET A 65 10.83 6.96 3.51
C MET A 65 10.44 8.22 4.31
N LYS A 66 10.59 9.41 3.72
CA LYS A 66 10.24 10.72 4.30
C LYS A 66 9.29 11.46 3.34
N SER A 67 8.01 11.54 3.70
CA SER A 67 6.92 12.02 2.84
C SER A 67 7.10 13.45 2.32
N ASP A 68 7.82 14.32 3.05
CA ASP A 68 8.11 15.69 2.65
C ASP A 68 9.04 15.80 1.42
N ASN A 69 9.92 14.81 1.20
CA ASN A 69 10.72 14.71 -0.03
C ASN A 69 9.87 14.29 -1.25
N VAL A 70 8.85 13.47 -1.02
CA VAL A 70 7.87 12.98 -2.01
C VAL A 70 6.80 14.02 -2.38
N LYS A 71 7.25 15.25 -2.66
CA LYS A 71 6.41 16.45 -2.83
C LYS A 71 5.51 16.42 -4.07
N ASP A 72 6.04 15.97 -5.21
CA ASP A 72 5.35 15.94 -6.51
C ASP A 72 4.41 14.74 -6.75
N LYS A 73 3.36 14.93 -7.54
CA LYS A 73 2.42 13.86 -7.96
C LYS A 73 3.16 12.64 -8.53
N ASP A 74 4.08 12.86 -9.45
CA ASP A 74 4.84 11.78 -10.10
C ASP A 74 5.83 11.06 -9.17
N ALA A 75 6.33 11.74 -8.14
CA ALA A 75 7.13 11.14 -7.08
C ALA A 75 6.27 10.23 -6.18
N LYS A 76 5.05 10.65 -5.82
CA LYS A 76 4.08 9.84 -5.05
C LYS A 76 3.68 8.58 -5.82
N ILE A 77 3.43 8.74 -7.12
CA ILE A 77 3.17 7.62 -8.05
C ILE A 77 4.35 6.65 -8.10
N SER A 78 5.59 7.16 -8.26
CA SER A 78 6.81 6.33 -8.27
C SER A 78 7.01 5.57 -6.96
N PHE A 79 6.79 6.22 -5.81
CA PHE A 79 6.81 5.58 -4.49
C PHE A 79 5.80 4.42 -4.35
N LEU A 80 4.54 4.67 -4.71
CA LEU A 80 3.48 3.65 -4.68
C LEU A 80 3.72 2.51 -5.68
N GLN A 81 4.27 2.79 -6.87
CA GLN A 81 4.59 1.78 -7.88
C GLN A 81 5.55 0.72 -7.31
N LYS A 82 6.58 1.12 -6.55
CA LYS A 82 7.50 0.17 -5.90
C LYS A 82 6.79 -0.80 -4.96
N ALA A 83 5.89 -0.30 -4.10
CA ALA A 83 5.10 -1.13 -3.20
C ALA A 83 4.18 -2.08 -3.96
N ILE A 84 3.39 -1.56 -4.92
CA ILE A 84 2.45 -2.34 -5.73
C ILE A 84 3.19 -3.46 -6.48
N ASP A 85 4.36 -3.17 -7.05
CA ASP A 85 5.23 -4.16 -7.69
C ASP A 85 5.64 -5.34 -6.81
N VAL A 86 6.21 -5.08 -5.62
CA VAL A 86 6.57 -6.13 -4.65
C VAL A 86 5.33 -6.88 -4.14
N VAL A 87 4.23 -6.19 -3.82
CA VAL A 87 3.03 -6.84 -3.25
C VAL A 87 2.44 -7.84 -4.24
N VAL A 88 2.33 -7.50 -5.54
CA VAL A 88 1.86 -8.44 -6.58
C VAL A 88 2.87 -9.59 -6.74
N MET A 89 4.18 -9.32 -6.76
CA MET A 89 5.21 -10.35 -6.92
C MET A 89 5.32 -11.36 -5.77
N VAL A 90 5.22 -10.91 -4.51
CA VAL A 90 5.32 -11.78 -3.32
C VAL A 90 4.05 -12.61 -3.12
N SER A 91 2.88 -11.98 -3.22
CA SER A 91 1.60 -12.66 -2.98
C SER A 91 1.15 -13.56 -4.14
N GLY A 92 1.54 -13.22 -5.38
CA GLY A 92 1.02 -13.82 -6.61
C GLY A 92 -0.43 -13.40 -6.94
N GLU A 93 -1.04 -12.52 -6.14
CA GLU A 93 -2.40 -12.01 -6.33
C GLU A 93 -2.45 -10.88 -7.37
N PRO A 94 -3.43 -10.85 -8.29
CA PRO A 94 -3.67 -9.70 -9.16
C PRO A 94 -4.21 -8.51 -8.34
N LEU A 95 -3.86 -7.30 -8.75
CA LEU A 95 -4.41 -6.04 -8.20
C LEU A 95 -4.76 -5.06 -9.34
N LEU A 96 -6.00 -4.55 -9.31
CA LEU A 96 -6.42 -3.43 -10.17
C LEU A 96 -6.03 -2.06 -9.56
N ALA A 97 -5.41 -2.06 -8.38
CA ALA A 97 -4.86 -0.87 -7.73
C ALA A 97 -3.63 -0.35 -8.50
N LYS A 98 -3.74 0.84 -9.08
CA LYS A 98 -2.67 1.51 -9.84
C LYS A 98 -2.29 2.84 -9.19
N PRO A 99 -1.00 3.24 -9.17
CA PRO A 99 -0.54 4.38 -8.38
C PRO A 99 -1.19 5.71 -8.80
N ALA A 100 -1.37 5.96 -10.10
CA ALA A 100 -2.03 7.17 -10.60
C ALA A 100 -3.49 7.26 -10.14
N ARG A 101 -4.22 6.13 -10.12
CA ARG A 101 -5.60 6.04 -9.60
C ARG A 101 -5.64 6.26 -8.09
N ILE A 102 -4.69 5.70 -7.33
CA ILE A 102 -4.61 5.84 -5.88
C ILE A 102 -4.38 7.30 -5.48
N VAL A 103 -3.42 7.98 -6.11
CA VAL A 103 -3.06 9.39 -5.82
C VAL A 103 -4.20 10.34 -6.24
N ALA A 104 -4.90 10.06 -7.35
CA ALA A 104 -6.09 10.79 -7.77
C ALA A 104 -7.37 10.46 -6.97
N GLY A 105 -7.34 9.42 -6.12
CA GLY A 105 -8.46 9.02 -5.24
C GLY A 105 -9.54 8.16 -5.89
N HIS A 106 -9.27 7.56 -7.05
CA HIS A 106 -10.17 6.64 -7.76
C HIS A 106 -9.95 5.17 -7.33
N GLU A 107 -10.90 4.29 -7.70
CA GLU A 107 -10.88 2.84 -7.43
C GLU A 107 -10.66 2.52 -5.92
N PRO A 108 -11.43 3.11 -4.99
CA PRO A 108 -11.16 3.05 -3.56
C PRO A 108 -11.22 1.64 -2.94
N GLU A 109 -11.95 0.70 -3.55
CA GLU A 109 -11.95 -0.71 -3.13
C GLU A 109 -10.61 -1.39 -3.45
N ARG A 110 -9.89 -0.90 -4.46
CA ARG A 110 -8.55 -1.38 -4.83
C ARG A 110 -7.47 -0.79 -3.92
N THR A 111 -7.64 0.46 -3.48
CA THR A 111 -6.81 1.02 -2.40
C THR A 111 -6.92 0.21 -1.10
N ASN A 112 -8.13 -0.22 -0.74
CA ASN A 112 -8.36 -1.19 0.33
C ASN A 112 -7.75 -2.56 0.02
N GLU A 113 -7.97 -3.10 -1.18
CA GLU A 113 -7.46 -4.43 -1.58
C GLU A 113 -5.92 -4.51 -1.50
N LEU A 114 -5.20 -3.47 -1.91
CA LEU A 114 -3.75 -3.38 -1.83
C LEU A 114 -3.27 -3.53 -0.37
N LEU A 115 -3.91 -2.81 0.55
CA LEU A 115 -3.64 -2.88 1.98
C LEU A 115 -4.01 -4.24 2.59
N GLN A 116 -5.12 -4.84 2.15
CA GLN A 116 -5.47 -6.21 2.51
C GLN A 116 -4.40 -7.24 2.07
N ILE A 117 -3.82 -7.13 0.86
CA ILE A 117 -2.73 -8.01 0.43
C ILE A 117 -1.41 -7.72 1.17
N ILE A 118 -1.06 -6.46 1.46
CA ILE A 118 0.06 -6.11 2.35
C ILE A 118 -0.08 -6.80 3.73
N GLY A 119 -1.27 -6.70 4.33
CA GLY A 119 -1.61 -7.38 5.58
C GLY A 119 -1.50 -8.91 5.47
N LYS A 120 -2.04 -9.50 4.39
CA LYS A 120 -1.95 -10.94 4.10
C LYS A 120 -0.50 -11.43 3.99
N CYS A 121 0.35 -10.71 3.26
CA CYS A 121 1.76 -11.08 3.08
C CYS A 121 2.52 -11.13 4.40
N CYS A 122 2.26 -10.14 5.27
CA CYS A 122 2.83 -10.04 6.62
C CYS A 122 2.33 -11.13 7.58
N LEU A 123 1.02 -11.42 7.58
CA LEU A 123 0.42 -12.48 8.40
C LEU A 123 0.90 -13.88 8.00
N ASN A 124 1.07 -14.13 6.70
CA ASN A 124 1.69 -15.33 6.13
C ASN A 124 3.23 -15.32 6.18
N LYS A 125 3.84 -14.22 6.67
CA LYS A 125 5.28 -14.05 6.93
C LYS A 125 6.16 -14.29 5.69
N LEU A 126 5.67 -13.86 4.52
CA LEU A 126 6.30 -14.08 3.22
C LEU A 126 7.56 -13.23 3.05
N SER A 127 8.67 -13.87 2.68
CA SER A 127 9.95 -13.20 2.40
C SER A 127 9.89 -12.40 1.10
N SER A 128 10.04 -11.08 1.19
CA SER A 128 9.98 -10.16 0.05
C SER A 128 11.30 -9.92 -0.70
N ASP A 129 12.43 -10.42 -0.19
CA ASP A 129 13.78 -10.13 -0.70
C ASP A 129 13.99 -10.23 -2.22
N ASP A 130 13.64 -11.37 -2.82
CA ASP A 130 13.69 -11.56 -4.27
C ASP A 130 12.72 -10.71 -5.12
N ALA A 131 11.56 -10.32 -4.57
CA ALA A 131 10.65 -9.38 -5.22
C ALA A 131 11.15 -7.93 -5.12
N VAL A 132 11.68 -7.52 -3.95
CA VAL A 132 12.32 -6.21 -3.73
C VAL A 132 13.50 -6.06 -4.70
N ARG A 133 14.33 -7.10 -4.82
CA ARG A 133 15.45 -7.20 -5.76
C ARG A 133 15.03 -6.99 -7.22
N ARG A 134 13.85 -7.48 -7.64
CA ARG A 134 13.31 -7.30 -9.00
C ARG A 134 12.88 -5.86 -9.29
N VAL A 135 12.35 -5.15 -8.30
CA VAL A 135 12.05 -3.70 -8.41
C VAL A 135 13.34 -2.86 -8.45
N LEU A 136 14.32 -3.17 -7.59
CA LEU A 136 15.61 -2.48 -7.57
C LEU A 136 16.43 -2.73 -8.85
N ALA A 137 16.32 -3.92 -9.45
CA ALA A 137 16.90 -4.25 -10.77
C ALA A 137 16.27 -3.47 -11.95
N GLY A 138 15.16 -2.76 -11.72
CA GLY A 138 14.55 -1.83 -12.70
C GLY A 138 15.33 -0.52 -12.88
N GLU A 139 16.31 -0.22 -12.02
CA GLU A 139 17.20 0.95 -12.16
C GLU A 139 18.21 0.81 -13.32
N LYS A 140 18.60 1.95 -13.90
CA LYS A 140 19.58 2.07 -14.99
C LYS A 140 21.01 1.75 -14.53
N GLY A 1 -30.19 -2.02 -12.12
CA GLY A 1 -29.49 -1.05 -13.00
C GLY A 1 -27.97 -1.23 -12.92
N SER A 2 -27.22 -0.14 -12.97
CA SER A 2 -25.75 -0.12 -12.80
C SER A 2 -25.31 -0.43 -11.36
N SER A 3 -24.03 -0.80 -11.20
CA SER A 3 -23.43 -1.15 -9.89
C SER A 3 -23.36 0.06 -8.93
N GLY A 4 -23.03 1.24 -9.45
CA GLY A 4 -22.97 2.51 -8.71
C GLY A 4 -22.10 3.58 -9.39
N SER A 5 -22.10 4.79 -8.84
CA SER A 5 -21.27 5.92 -9.32
C SER A 5 -19.77 5.70 -9.05
N SER A 6 -19.44 5.02 -7.95
CA SER A 6 -18.08 4.62 -7.55
C SER A 6 -18.10 3.37 -6.66
N GLY A 7 -16.94 2.77 -6.41
CA GLY A 7 -16.76 1.60 -5.55
C GLY A 7 -16.77 1.89 -4.04
N MET A 8 -16.23 0.94 -3.26
CA MET A 8 -16.13 0.94 -1.79
C MET A 8 -17.47 0.79 -1.03
N ASN A 9 -17.44 -0.06 -0.01
CA ASN A 9 -18.54 -0.40 0.91
C ASN A 9 -17.95 -0.82 2.27
N ALA A 10 -18.72 -0.70 3.36
CA ALA A 10 -18.27 -1.06 4.71
C ALA A 10 -17.77 -2.52 4.84
N ALA A 11 -18.29 -3.42 4.01
CA ALA A 11 -17.88 -4.83 3.98
C ALA A 11 -16.53 -5.08 3.29
N VAL A 12 -16.00 -4.09 2.56
CA VAL A 12 -14.63 -4.07 2.03
C VAL A 12 -13.70 -3.50 3.11
N VAL A 13 -14.09 -2.39 3.74
CA VAL A 13 -13.24 -1.69 4.72
C VAL A 13 -12.94 -2.49 5.99
N ARG A 14 -13.92 -3.25 6.46
CA ARG A 14 -13.81 -4.20 7.59
C ARG A 14 -12.70 -5.24 7.38
N ARG A 15 -12.47 -5.68 6.13
CA ARG A 15 -11.39 -6.63 5.77
C ARG A 15 -10.03 -5.98 5.97
N THR A 16 -9.86 -4.75 5.50
CA THR A 16 -8.65 -3.93 5.72
C THR A 16 -8.32 -3.60 7.16
N GLN A 17 -9.32 -3.29 7.98
CA GLN A 17 -9.18 -3.08 9.41
C GLN A 17 -8.66 -4.33 10.15
N GLU A 18 -9.15 -5.52 9.77
CA GLU A 18 -8.61 -6.79 10.27
C GLU A 18 -7.21 -7.10 9.73
N ALA A 19 -6.96 -6.80 8.45
CA ALA A 19 -5.72 -7.14 7.75
C ALA A 19 -4.53 -6.29 8.21
N LEU A 20 -4.70 -4.97 8.41
CA LEU A 20 -3.65 -4.06 8.89
C LEU A 20 -3.58 -3.96 10.42
N GLY A 21 -4.66 -4.23 11.14
CA GLY A 21 -4.74 -4.08 12.61
C GLY A 21 -3.80 -4.98 13.41
N LYS A 22 -3.14 -5.92 12.74
CA LYS A 22 -2.16 -6.88 13.27
C LYS A 22 -0.72 -6.61 12.79
N VAL A 23 -0.54 -5.61 11.92
CA VAL A 23 0.73 -5.31 11.19
C VAL A 23 1.40 -3.99 11.58
N ILE A 24 0.62 -2.92 11.70
CA ILE A 24 1.08 -1.55 12.01
C ILE A 24 0.13 -0.76 12.92
N ARG A 25 0.63 0.33 13.53
CA ARG A 25 -0.06 1.11 14.58
C ARG A 25 -0.11 2.65 14.40
N ARG A 26 0.69 3.27 13.51
CA ARG A 26 0.84 4.74 13.47
C ARG A 26 -0.40 5.48 12.96
N PRO A 27 -0.85 5.33 11.69
CA PRO A 27 -2.11 5.91 11.25
C PRO A 27 -3.31 5.14 11.84
N PRO A 28 -4.40 5.83 12.27
CA PRO A 28 -5.58 5.18 12.82
C PRO A 28 -6.41 4.51 11.71
N LEU A 29 -6.81 3.25 11.93
CA LEU A 29 -7.53 2.42 10.95
C LEU A 29 -9.05 2.69 10.98
N THR A 30 -9.41 3.95 10.82
CA THR A 30 -10.81 4.41 10.77
C THR A 30 -11.56 4.05 9.50
N GLU A 31 -12.88 3.83 9.60
CA GLU A 31 -13.74 3.60 8.42
C GLU A 31 -13.71 4.80 7.45
N LYS A 32 -13.67 6.03 7.98
CA LYS A 32 -13.57 7.26 7.18
C LYS A 32 -12.26 7.34 6.39
N LEU A 33 -11.13 7.08 7.06
CA LEU A 33 -9.80 7.24 6.46
C LEU A 33 -9.47 6.09 5.50
N LEU A 34 -9.75 4.83 5.86
CA LEU A 34 -9.55 3.71 4.95
C LEU A 34 -10.52 3.75 3.75
N SER A 35 -11.73 4.31 3.87
CA SER A 35 -12.66 4.47 2.74
C SER A 35 -12.08 5.31 1.60
N LYS A 36 -11.37 6.41 1.89
CA LYS A 36 -10.68 7.27 0.91
C LYS A 36 -9.46 7.98 1.52
N PRO A 37 -8.29 7.31 1.63
CA PRO A 37 -7.13 7.84 2.32
C PRO A 37 -6.34 8.87 1.47
N PRO A 38 -5.72 9.89 2.10
CA PRO A 38 -4.74 10.73 1.43
C PRO A 38 -3.44 9.96 1.16
N PHE A 39 -2.61 10.43 0.22
CA PHE A 39 -1.31 9.79 -0.05
C PHE A 39 -0.40 9.60 1.16
N ARG A 40 -0.29 10.66 1.99
CA ARG A 40 0.60 10.65 3.16
C ARG A 40 0.18 9.63 4.21
N TYR A 41 -1.12 9.36 4.35
CA TYR A 41 -1.64 8.27 5.20
C TYR A 41 -1.19 6.87 4.75
N LEU A 42 -1.24 6.61 3.43
CA LEU A 42 -0.73 5.38 2.82
C LEU A 42 0.80 5.27 2.92
N HIS A 43 1.52 6.38 2.69
CA HIS A 43 2.98 6.47 2.87
C HIS A 43 3.38 6.12 4.31
N ASP A 44 2.65 6.61 5.32
CA ASP A 44 2.82 6.18 6.70
C ASP A 44 2.70 4.67 6.95
N ILE A 45 1.71 4.00 6.35
CA ILE A 45 1.57 2.53 6.42
C ILE A 45 2.75 1.84 5.73
N ILE A 46 3.09 2.27 4.51
CA ILE A 46 4.09 1.63 3.65
C ILE A 46 5.52 1.76 4.22
N THR A 47 5.86 2.87 4.89
CA THR A 47 7.11 2.95 5.67
C THR A 47 7.05 2.23 7.02
N GLU A 48 5.90 2.23 7.71
CA GLU A 48 5.79 1.58 9.02
C GLU A 48 5.81 0.05 8.95
N VAL A 49 5.28 -0.56 7.88
CA VAL A 49 5.35 -2.01 7.69
C VAL A 49 6.79 -2.54 7.58
N ILE A 50 7.68 -1.74 6.97
CA ILE A 50 9.12 -2.04 6.89
C ILE A 50 9.76 -2.03 8.28
N ARG A 51 9.38 -1.06 9.15
CA ARG A 51 9.87 -0.96 10.54
C ARG A 51 9.35 -2.09 11.44
N MET A 52 8.08 -2.46 11.29
CA MET A 52 7.37 -3.36 12.22
C MET A 52 7.41 -4.84 11.84
N THR A 53 7.34 -5.17 10.55
CA THR A 53 7.32 -6.55 10.03
C THR A 53 8.53 -6.97 9.19
N GLY A 54 9.24 -6.01 8.61
CA GLY A 54 10.33 -6.24 7.66
C GLY A 54 9.86 -6.59 6.23
N PHE A 55 8.55 -6.64 5.97
CA PHE A 55 8.03 -6.79 4.62
C PHE A 55 8.31 -5.55 3.74
N MET A 56 8.80 -5.77 2.50
CA MET A 56 9.35 -4.73 1.61
C MET A 56 10.61 -4.01 2.14
N LYS A 57 11.37 -4.59 3.08
CA LYS A 57 12.61 -3.97 3.59
C LYS A 57 13.67 -3.81 2.50
N GLY A 58 14.31 -2.63 2.46
CA GLY A 58 15.35 -2.27 1.47
C GLY A 58 14.82 -1.81 0.09
N LEU A 59 13.50 -1.90 -0.14
CA LEU A 59 12.82 -1.53 -1.40
C LEU A 59 12.84 -0.02 -1.69
N TYR A 60 12.87 0.79 -0.62
CA TYR A 60 13.05 2.24 -0.68
C TYR A 60 14.44 2.69 -0.23
N THR A 61 15.02 3.67 -0.92
CA THR A 61 16.22 4.37 -0.44
C THR A 61 15.91 5.32 0.73
N ASP A 62 16.94 5.80 1.44
CA ASP A 62 16.79 6.74 2.57
C ASP A 62 15.97 8.00 2.22
N ALA A 63 16.27 8.60 1.07
CA ALA A 63 15.52 9.74 0.53
C ALA A 63 14.07 9.41 0.14
N GLU A 64 13.77 8.17 -0.26
CA GLU A 64 12.39 7.71 -0.55
C GLU A 64 11.56 7.44 0.71
N MET A 65 12.18 6.98 1.81
CA MET A 65 11.50 6.84 3.10
C MET A 65 11.27 8.18 3.82
N LYS A 66 12.11 9.19 3.55
CA LYS A 66 11.91 10.58 3.99
C LYS A 66 10.77 11.26 3.23
N SER A 67 9.64 11.45 3.91
CA SER A 67 8.36 11.92 3.36
C SER A 67 8.42 13.27 2.65
N ASP A 68 9.29 14.19 3.09
CA ASP A 68 9.47 15.53 2.51
C ASP A 68 9.92 15.57 1.03
N ASN A 69 10.71 14.57 0.61
CA ASN A 69 11.09 14.40 -0.80
C ASN A 69 9.90 13.90 -1.65
N VAL A 70 9.07 13.02 -1.08
CA VAL A 70 7.86 12.46 -1.69
C VAL A 70 6.65 13.41 -1.69
N LYS A 71 6.88 14.67 -2.06
CA LYS A 71 5.86 15.73 -2.20
C LYS A 71 5.35 15.86 -3.64
N ASP A 72 6.20 15.59 -4.63
CA ASP A 72 5.85 15.68 -6.05
C ASP A 72 4.96 14.53 -6.54
N LYS A 73 3.97 14.80 -7.40
CA LYS A 73 3.03 13.77 -7.89
C LYS A 73 3.73 12.60 -8.59
N ASP A 74 4.78 12.87 -9.37
CA ASP A 74 5.63 11.84 -9.98
C ASP A 74 6.40 10.97 -8.99
N ALA A 75 6.91 11.56 -7.89
CA ALA A 75 7.56 10.84 -6.81
C ALA A 75 6.56 9.99 -6.01
N LYS A 76 5.36 10.52 -5.75
CA LYS A 76 4.23 9.81 -5.12
C LYS A 76 3.81 8.57 -5.92
N ILE A 77 3.65 8.73 -7.24
CA ILE A 77 3.34 7.65 -8.16
C ILE A 77 4.46 6.61 -8.20
N SER A 78 5.72 7.03 -8.31
CA SER A 78 6.89 6.13 -8.30
C SER A 78 7.01 5.34 -7.00
N PHE A 79 6.76 5.98 -5.86
CA PHE A 79 6.71 5.35 -4.54
C PHE A 79 5.68 4.23 -4.41
N LEU A 80 4.44 4.49 -4.82
CA LEU A 80 3.38 3.48 -4.86
C LEU A 80 3.63 2.39 -5.91
N GLN A 81 4.20 2.72 -7.08
CA GLN A 81 4.53 1.73 -8.12
C GLN A 81 5.45 0.63 -7.58
N LYS A 82 6.49 0.99 -6.82
CA LYS A 82 7.37 0.01 -6.17
C LYS A 82 6.62 -0.93 -5.21
N ALA A 83 5.73 -0.39 -4.36
CA ALA A 83 4.91 -1.19 -3.44
C ALA A 83 3.99 -2.16 -4.21
N ILE A 84 3.23 -1.64 -5.19
CA ILE A 84 2.29 -2.44 -5.99
C ILE A 84 3.02 -3.60 -6.69
N ASP A 85 4.19 -3.35 -7.26
CA ASP A 85 5.06 -4.38 -7.84
C ASP A 85 5.48 -5.51 -6.90
N VAL A 86 6.05 -5.20 -5.73
CA VAL A 86 6.45 -6.23 -4.74
C VAL A 86 5.23 -6.96 -4.16
N VAL A 87 4.15 -6.26 -3.83
CA VAL A 87 2.96 -6.87 -3.21
C VAL A 87 2.32 -7.89 -4.16
N VAL A 88 2.22 -7.60 -5.46
CA VAL A 88 1.73 -8.57 -6.47
C VAL A 88 2.72 -9.73 -6.61
N MET A 89 4.03 -9.46 -6.69
CA MET A 89 5.05 -10.51 -6.87
C MET A 89 5.19 -11.48 -5.68
N VAL A 90 5.09 -11.00 -4.43
CA VAL A 90 5.24 -11.82 -3.22
C VAL A 90 3.97 -12.65 -2.95
N SER A 91 2.79 -12.03 -3.03
CA SER A 91 1.52 -12.73 -2.77
C SER A 91 1.10 -13.68 -3.90
N GLY A 92 1.48 -13.36 -5.15
CA GLY A 92 0.98 -14.01 -6.36
C GLY A 92 -0.44 -13.56 -6.76
N GLU A 93 -1.07 -12.65 -5.98
CA GLU A 93 -2.40 -12.10 -6.26
C GLU A 93 -2.30 -10.84 -7.14
N PRO A 94 -3.11 -10.71 -8.22
CA PRO A 94 -3.16 -9.48 -9.02
C PRO A 94 -3.80 -8.32 -8.25
N LEU A 95 -3.50 -7.08 -8.66
CA LEU A 95 -4.12 -5.86 -8.15
C LEU A 95 -4.51 -4.93 -9.31
N LEU A 96 -5.79 -4.54 -9.35
CA LEU A 96 -6.29 -3.48 -10.24
C LEU A 96 -6.04 -2.07 -9.66
N ALA A 97 -5.50 -1.98 -8.43
CA ALA A 97 -4.99 -0.76 -7.83
C ALA A 97 -3.78 -0.28 -8.65
N LYS A 98 -3.79 0.99 -9.05
CA LYS A 98 -2.72 1.62 -9.84
C LYS A 98 -2.26 2.95 -9.20
N PRO A 99 -0.98 3.32 -9.28
CA PRO A 99 -0.44 4.43 -8.49
C PRO A 99 -1.08 5.77 -8.83
N ALA A 100 -1.29 6.08 -10.11
CA ALA A 100 -1.97 7.30 -10.55
C ALA A 100 -3.43 7.38 -10.06
N ARG A 101 -4.12 6.22 -10.00
CA ARG A 101 -5.49 6.11 -9.44
C ARG A 101 -5.48 6.46 -7.96
N ILE A 102 -4.56 5.87 -7.20
CA ILE A 102 -4.46 6.02 -5.73
C ILE A 102 -4.16 7.47 -5.36
N VAL A 103 -3.17 8.09 -6.01
CA VAL A 103 -2.75 9.49 -5.75
C VAL A 103 -3.87 10.49 -6.11
N ALA A 104 -4.63 10.23 -7.17
CA ALA A 104 -5.81 11.02 -7.56
C ALA A 104 -7.08 10.69 -6.73
N GLY A 105 -7.05 9.68 -5.86
CA GLY A 105 -8.16 9.30 -4.98
C GLY A 105 -9.25 8.40 -5.61
N HIS A 106 -8.99 7.82 -6.77
CA HIS A 106 -9.88 6.88 -7.47
C HIS A 106 -9.65 5.42 -7.02
N GLU A 107 -10.56 4.52 -7.43
CA GLU A 107 -10.52 3.07 -7.16
C GLU A 107 -10.40 2.72 -5.65
N PRO A 108 -11.20 3.32 -4.74
CA PRO A 108 -10.99 3.21 -3.29
C PRO A 108 -11.03 1.78 -2.74
N GLU A 109 -11.84 0.89 -3.32
CA GLU A 109 -11.88 -0.53 -2.95
C GLU A 109 -10.61 -1.28 -3.37
N ARG A 110 -9.92 -0.84 -4.43
CA ARG A 110 -8.61 -1.36 -4.85
C ARG A 110 -7.49 -0.81 -3.97
N THR A 111 -7.57 0.46 -3.54
CA THR A 111 -6.71 1.00 -2.48
C THR A 111 -6.78 0.22 -1.17
N ASN A 112 -7.99 -0.22 -0.80
CA ASN A 112 -8.20 -1.16 0.30
C ASN A 112 -7.63 -2.56 0.00
N GLU A 113 -7.87 -3.10 -1.20
CA GLU A 113 -7.35 -4.40 -1.60
C GLU A 113 -5.81 -4.47 -1.51
N LEU A 114 -5.10 -3.41 -1.92
CA LEU A 114 -3.63 -3.31 -1.80
C LEU A 114 -3.18 -3.48 -0.34
N LEU A 115 -3.83 -2.78 0.59
CA LEU A 115 -3.56 -2.86 2.03
C LEU A 115 -3.94 -4.23 2.61
N GLN A 116 -5.04 -4.83 2.15
CA GLN A 116 -5.40 -6.21 2.50
C GLN A 116 -4.34 -7.23 2.05
N ILE A 117 -3.77 -7.12 0.84
CA ILE A 117 -2.66 -7.99 0.39
C ILE A 117 -1.35 -7.71 1.15
N ILE A 118 -1.02 -6.45 1.48
CA ILE A 118 0.09 -6.12 2.39
C ILE A 118 -0.10 -6.81 3.75
N GLY A 119 -1.32 -6.75 4.30
CA GLY A 119 -1.70 -7.46 5.52
C GLY A 119 -1.56 -8.98 5.42
N LYS A 120 -2.02 -9.57 4.30
CA LYS A 120 -1.86 -11.01 3.99
C LYS A 120 -0.39 -11.42 3.95
N CYS A 121 0.48 -10.65 3.30
CA CYS A 121 1.91 -10.93 3.21
C CYS A 121 2.59 -10.91 4.58
N CYS A 122 2.22 -9.93 5.43
CA CYS A 122 2.70 -9.81 6.80
C CYS A 122 2.24 -10.98 7.70
N LEU A 123 0.96 -11.35 7.64
CA LEU A 123 0.37 -12.42 8.46
C LEU A 123 0.86 -13.81 8.05
N ASN A 124 1.15 -14.03 6.77
CA ASN A 124 1.83 -15.24 6.27
C ASN A 124 3.38 -15.18 6.40
N LYS A 125 3.93 -14.07 6.91
CA LYS A 125 5.37 -13.83 7.14
C LYS A 125 6.23 -14.05 5.90
N LEU A 126 5.72 -13.67 4.72
CA LEU A 126 6.37 -13.89 3.42
C LEU A 126 7.62 -13.02 3.26
N SER A 127 8.76 -13.65 2.98
CA SER A 127 10.01 -12.94 2.65
C SER A 127 9.93 -12.30 1.26
N SER A 128 10.10 -10.98 1.20
CA SER A 128 10.00 -10.20 -0.03
C SER A 128 11.32 -10.00 -0.79
N ASP A 129 12.46 -10.47 -0.27
CA ASP A 129 13.80 -10.17 -0.76
C ASP A 129 14.02 -10.31 -2.29
N ASP A 130 13.60 -11.44 -2.87
CA ASP A 130 13.64 -11.66 -4.33
C ASP A 130 12.75 -10.72 -5.17
N ALA A 131 11.54 -10.42 -4.70
CA ALA A 131 10.63 -9.49 -5.37
C ALA A 131 11.11 -8.03 -5.25
N VAL A 132 11.66 -7.66 -4.08
CA VAL A 132 12.28 -6.34 -3.83
C VAL A 132 13.46 -6.15 -4.78
N ARG A 133 14.34 -7.16 -4.90
CA ARG A 133 15.47 -7.14 -5.84
C ARG A 133 15.04 -6.97 -7.30
N ARG A 134 13.91 -7.55 -7.69
CA ARG A 134 13.35 -7.42 -9.06
C ARG A 134 12.86 -6.01 -9.38
N VAL A 135 12.28 -5.30 -8.39
CA VAL A 135 11.93 -3.88 -8.51
C VAL A 135 13.16 -2.97 -8.51
N LEU A 136 14.12 -3.23 -7.61
CA LEU A 136 15.37 -2.45 -7.53
C LEU A 136 16.23 -2.58 -8.80
N ALA A 137 16.24 -3.75 -9.44
CA ALA A 137 16.87 -3.98 -10.74
C ALA A 137 16.25 -3.17 -11.90
N GLY A 138 15.03 -2.64 -11.71
CA GLY A 138 14.36 -1.73 -12.66
C GLY A 138 14.87 -0.27 -12.60
N GLU A 139 15.68 0.09 -11.60
CA GLU A 139 16.28 1.43 -11.49
C GLU A 139 17.39 1.67 -12.54
N LYS A 140 17.44 2.89 -13.09
CA LYS A 140 18.40 3.35 -14.11
C LYS A 140 18.62 4.87 -14.07
N GLY A 1 -31.92 -1.40 -17.53
CA GLY A 1 -30.72 -1.22 -16.67
C GLY A 1 -30.52 -2.42 -15.75
N SER A 2 -29.26 -2.64 -15.34
CA SER A 2 -28.85 -3.74 -14.43
C SER A 2 -27.56 -3.39 -13.68
N SER A 3 -27.20 -4.19 -12.67
CA SER A 3 -26.06 -4.02 -11.74
C SER A 3 -26.12 -2.76 -10.84
N GLY A 4 -25.28 -2.75 -9.79
CA GLY A 4 -25.23 -1.70 -8.76
C GLY A 4 -23.87 -1.55 -8.07
N SER A 5 -22.78 -1.77 -8.81
CA SER A 5 -21.40 -1.70 -8.30
C SER A 5 -20.99 -0.28 -7.87
N SER A 6 -19.99 -0.18 -6.98
CA SER A 6 -19.46 1.07 -6.42
C SER A 6 -17.97 0.96 -6.09
N GLY A 7 -17.26 2.10 -6.09
CA GLY A 7 -15.82 2.20 -5.82
C GLY A 7 -15.41 2.03 -4.35
N MET A 8 -16.37 1.85 -3.42
CA MET A 8 -16.14 1.62 -1.98
C MET A 8 -17.34 0.86 -1.36
N ASN A 9 -17.10 0.10 -0.28
CA ASN A 9 -18.13 -0.60 0.49
C ASN A 9 -17.65 -0.86 1.93
N ALA A 10 -18.56 -0.93 2.90
CA ALA A 10 -18.26 -1.18 4.31
C ALA A 10 -17.59 -2.54 4.56
N ALA A 11 -17.95 -3.57 3.80
CA ALA A 11 -17.34 -4.90 3.91
C ALA A 11 -15.90 -4.94 3.36
N VAL A 12 -15.59 -4.10 2.37
CA VAL A 12 -14.21 -3.90 1.87
C VAL A 12 -13.40 -3.17 2.94
N VAL A 13 -13.93 -2.11 3.54
CA VAL A 13 -13.19 -1.35 4.57
C VAL A 13 -12.89 -2.15 5.85
N ARG A 14 -13.88 -2.92 6.33
CA ARG A 14 -13.73 -3.79 7.51
C ARG A 14 -12.71 -4.92 7.30
N ARG A 15 -12.61 -5.46 6.07
CA ARG A 15 -11.54 -6.40 5.68
C ARG A 15 -10.15 -5.79 5.87
N THR A 16 -9.94 -4.56 5.39
CA THR A 16 -8.68 -3.82 5.60
C THR A 16 -8.32 -3.50 7.05
N GLN A 17 -9.30 -3.13 7.87
CA GLN A 17 -9.09 -2.90 9.30
C GLN A 17 -8.58 -4.15 10.02
N GLU A 18 -9.10 -5.33 9.67
CA GLU A 18 -8.63 -6.62 10.19
C GLU A 18 -7.30 -7.06 9.57
N ALA A 19 -7.09 -6.78 8.29
CA ALA A 19 -5.86 -7.16 7.58
C ALA A 19 -4.63 -6.38 8.06
N LEU A 20 -4.75 -5.06 8.29
CA LEU A 20 -3.68 -4.20 8.79
C LEU A 20 -3.54 -4.22 10.33
N GLY A 21 -4.58 -4.58 11.07
CA GLY A 21 -4.63 -4.46 12.54
C GLY A 21 -3.60 -5.30 13.31
N LYS A 22 -2.94 -6.26 12.65
CA LYS A 22 -1.85 -7.09 13.19
C LYS A 22 -0.46 -6.69 12.67
N VAL A 23 -0.39 -5.74 11.72
CA VAL A 23 0.82 -5.41 10.93
C VAL A 23 1.43 -4.05 11.22
N ILE A 24 0.57 -3.04 11.39
CA ILE A 24 0.90 -1.64 11.72
C ILE A 24 -0.18 -1.00 12.59
N ARG A 25 0.20 -0.05 13.46
CA ARG A 25 -0.71 0.63 14.40
C ARG A 25 -0.47 2.15 14.60
N ARG A 26 0.44 2.78 13.83
CA ARG A 26 0.75 4.23 13.98
C ARG A 26 -0.38 5.13 13.46
N PRO A 27 -0.76 5.13 12.16
CA PRO A 27 -1.98 5.81 11.73
C PRO A 27 -3.22 5.02 12.18
N PRO A 28 -4.33 5.69 12.55
CA PRO A 28 -5.54 5.03 13.02
C PRO A 28 -6.29 4.35 11.86
N LEU A 29 -6.70 3.10 12.06
CA LEU A 29 -7.43 2.28 11.07
C LEU A 29 -8.93 2.60 11.09
N THR A 30 -9.27 3.86 10.80
CA THR A 30 -10.65 4.34 10.66
C THR A 30 -11.31 4.09 9.31
N GLU A 31 -12.62 3.91 9.33
CA GLU A 31 -13.44 3.76 8.14
C GLU A 31 -13.44 5.06 7.30
N LYS A 32 -13.44 6.22 7.97
CA LYS A 32 -13.36 7.55 7.33
C LYS A 32 -12.07 7.73 6.53
N LEU A 33 -10.94 7.25 7.07
CA LEU A 33 -9.64 7.34 6.41
C LEU A 33 -9.45 6.23 5.36
N LEU A 34 -9.70 4.96 5.69
CA LEU A 34 -9.49 3.85 4.74
C LEU A 34 -10.45 3.90 3.53
N SER A 35 -11.65 4.47 3.66
CA SER A 35 -12.58 4.61 2.51
C SER A 35 -12.11 5.58 1.42
N LYS A 36 -11.28 6.57 1.73
CA LYS A 36 -10.60 7.47 0.76
C LYS A 36 -9.35 8.14 1.39
N PRO A 37 -8.21 7.44 1.50
CA PRO A 37 -7.04 7.94 2.23
C PRO A 37 -6.20 8.94 1.43
N PRO A 38 -5.54 9.92 2.09
CA PRO A 38 -4.53 10.77 1.46
C PRO A 38 -3.22 10.00 1.23
N PHE A 39 -2.37 10.49 0.32
CA PHE A 39 -1.02 9.92 0.12
C PHE A 39 -0.16 9.77 1.38
N ARG A 40 -0.11 10.83 2.21
CA ARG A 40 0.70 10.84 3.46
C ARG A 40 0.28 9.75 4.46
N TYR A 41 -1.02 9.42 4.50
CA TYR A 41 -1.52 8.30 5.31
C TYR A 41 -1.03 6.93 4.82
N LEU A 42 -1.14 6.69 3.52
CA LEU A 42 -0.66 5.46 2.86
C LEU A 42 0.88 5.33 2.93
N HIS A 43 1.61 6.43 2.74
CA HIS A 43 3.06 6.50 2.89
C HIS A 43 3.47 6.02 4.28
N ASP A 44 2.87 6.57 5.33
CA ASP A 44 3.18 6.20 6.71
C ASP A 44 2.89 4.73 7.08
N ILE A 45 1.84 4.13 6.50
CA ILE A 45 1.60 2.68 6.58
C ILE A 45 2.73 1.89 5.90
N ILE A 46 3.12 2.28 4.69
CA ILE A 46 4.13 1.60 3.88
C ILE A 46 5.54 1.69 4.50
N THR A 47 5.93 2.82 5.10
CA THR A 47 7.15 2.89 5.92
C THR A 47 7.08 2.18 7.27
N GLU A 48 5.92 2.14 7.93
CA GLU A 48 5.76 1.45 9.21
C GLU A 48 5.78 -0.07 9.09
N VAL A 49 5.22 -0.66 8.01
CA VAL A 49 5.28 -2.12 7.81
C VAL A 49 6.71 -2.65 7.70
N ILE A 50 7.61 -1.87 7.10
CA ILE A 50 9.04 -2.17 7.04
C ILE A 50 9.66 -2.23 8.45
N ARG A 51 9.29 -1.29 9.33
CA ARG A 51 9.76 -1.24 10.73
C ARG A 51 9.15 -2.33 11.63
N MET A 52 7.87 -2.66 11.43
CA MET A 52 7.10 -3.60 12.25
C MET A 52 7.33 -5.07 11.88
N THR A 53 7.41 -5.38 10.58
CA THR A 53 7.44 -6.75 10.04
C THR A 53 8.66 -7.13 9.19
N GLY A 54 9.37 -6.14 8.66
CA GLY A 54 10.44 -6.34 7.66
C GLY A 54 9.95 -6.60 6.23
N PHE A 55 8.63 -6.63 5.98
CA PHE A 55 8.10 -6.74 4.63
C PHE A 55 8.38 -5.47 3.80
N MET A 56 8.87 -5.63 2.56
CA MET A 56 9.41 -4.57 1.70
C MET A 56 10.67 -3.86 2.26
N LYS A 57 11.44 -4.47 3.18
CA LYS A 57 12.68 -3.86 3.70
C LYS A 57 13.73 -3.66 2.59
N GLY A 58 14.37 -2.49 2.57
CA GLY A 58 15.39 -2.09 1.58
C GLY A 58 14.86 -1.65 0.20
N LEU A 59 13.54 -1.74 -0.03
CA LEU A 59 12.85 -1.40 -1.28
C LEU A 59 12.81 0.12 -1.54
N TYR A 60 12.84 0.91 -0.47
CA TYR A 60 12.95 2.38 -0.49
C TYR A 60 14.29 2.88 0.06
N THR A 61 14.80 3.97 -0.53
CA THR A 61 15.93 4.72 0.04
C THR A 61 15.51 5.62 1.22
N ASP A 62 16.47 6.11 2.01
CA ASP A 62 16.22 6.98 3.16
C ASP A 62 15.34 8.21 2.86
N ALA A 63 15.60 8.87 1.73
CA ALA A 63 14.82 10.00 1.23
C ALA A 63 13.41 9.60 0.77
N GLU A 64 13.24 8.42 0.14
CA GLU A 64 11.92 7.90 -0.28
C GLU A 64 11.01 7.53 0.91
N MET A 65 11.58 7.13 2.05
CA MET A 65 10.85 6.89 3.31
C MET A 65 10.46 8.17 4.07
N LYS A 66 10.63 9.35 3.46
CA LYS A 66 10.30 10.67 4.01
C LYS A 66 9.44 11.47 3.03
N SER A 67 8.15 11.61 3.36
CA SER A 67 7.10 12.14 2.46
C SER A 67 7.34 13.58 1.98
N ASP A 68 8.12 14.38 2.70
CA ASP A 68 8.57 15.72 2.27
C ASP A 68 9.43 15.76 0.99
N ASN A 69 10.20 14.69 0.72
CA ASN A 69 10.94 14.53 -0.54
C ASN A 69 10.03 14.01 -1.66
N VAL A 70 9.08 13.13 -1.33
CA VAL A 70 8.02 12.60 -2.21
C VAL A 70 6.91 13.62 -2.49
N LYS A 71 7.30 14.83 -2.86
CA LYS A 71 6.45 16.04 -2.96
C LYS A 71 5.60 16.11 -4.23
N ASP A 72 6.15 15.69 -5.36
CA ASP A 72 5.45 15.67 -6.67
C ASP A 72 4.51 14.50 -6.90
N LYS A 73 3.42 14.68 -7.65
CA LYS A 73 2.46 13.61 -8.00
C LYS A 73 3.15 12.43 -8.69
N ASP A 74 4.09 12.70 -9.60
CA ASP A 74 4.94 11.69 -10.23
C ASP A 74 5.82 10.88 -9.25
N ALA A 75 6.38 11.55 -8.24
CA ALA A 75 7.15 10.91 -7.18
C ALA A 75 6.26 10.02 -6.28
N LYS A 76 5.06 10.49 -5.90
CA LYS A 76 4.07 9.73 -5.14
C LYS A 76 3.61 8.48 -5.89
N ILE A 77 3.35 8.62 -7.20
CA ILE A 77 3.03 7.52 -8.11
C ILE A 77 4.16 6.50 -8.20
N SER A 78 5.41 6.95 -8.39
CA SER A 78 6.60 6.08 -8.43
C SER A 78 6.81 5.31 -7.12
N PHE A 79 6.66 6.00 -5.97
CA PHE A 79 6.67 5.38 -4.65
C PHE A 79 5.65 4.26 -4.45
N LEU A 80 4.39 4.50 -4.83
CA LEU A 80 3.33 3.49 -4.78
C LEU A 80 3.54 2.34 -5.79
N GLN A 81 4.08 2.62 -6.98
CA GLN A 81 4.36 1.58 -7.98
C GLN A 81 5.37 0.54 -7.43
N LYS A 82 6.40 0.96 -6.68
CA LYS A 82 7.31 0.03 -6.02
C LYS A 82 6.60 -0.93 -5.05
N ALA A 83 5.68 -0.42 -4.21
CA ALA A 83 4.87 -1.24 -3.30
C ALA A 83 3.97 -2.21 -4.09
N ILE A 84 3.20 -1.70 -5.05
CA ILE A 84 2.30 -2.51 -5.90
C ILE A 84 3.07 -3.66 -6.57
N ASP A 85 4.25 -3.37 -7.13
CA ASP A 85 5.13 -4.36 -7.74
C ASP A 85 5.55 -5.52 -6.83
N VAL A 86 6.12 -5.22 -5.65
CA VAL A 86 6.52 -6.24 -4.66
C VAL A 86 5.30 -7.01 -4.13
N VAL A 87 4.19 -6.33 -3.81
CA VAL A 87 3.00 -6.96 -3.23
C VAL A 87 2.40 -7.98 -4.21
N VAL A 88 2.31 -7.66 -5.51
CA VAL A 88 1.87 -8.62 -6.54
C VAL A 88 2.88 -9.77 -6.67
N MET A 89 4.18 -9.50 -6.70
CA MET A 89 5.22 -10.52 -6.85
C MET A 89 5.33 -11.51 -5.67
N VAL A 90 5.19 -11.05 -4.43
CA VAL A 90 5.28 -11.91 -3.23
C VAL A 90 4.01 -12.72 -3.02
N SER A 91 2.83 -12.08 -3.12
CA SER A 91 1.54 -12.76 -2.88
C SER A 91 1.08 -13.66 -4.03
N GLY A 92 1.46 -13.32 -5.28
CA GLY A 92 0.93 -13.91 -6.50
C GLY A 92 -0.48 -13.42 -6.86
N GLU A 93 -1.08 -12.50 -6.09
CA GLU A 93 -2.41 -11.95 -6.32
C GLU A 93 -2.37 -10.82 -7.36
N PRO A 94 -3.21 -10.84 -8.42
CA PRO A 94 -3.32 -9.73 -9.36
C PRO A 94 -4.08 -8.55 -8.74
N LEU A 95 -3.38 -7.46 -8.44
CA LEU A 95 -4.00 -6.19 -8.04
C LEU A 95 -4.55 -5.47 -9.28
N LEU A 96 -5.84 -5.12 -9.23
CA LEU A 96 -6.50 -4.27 -10.24
C LEU A 96 -6.28 -2.76 -9.97
N ALA A 97 -5.43 -2.42 -9.00
CA ALA A 97 -5.04 -1.07 -8.64
C ALA A 97 -4.05 -0.46 -9.64
N LYS A 98 -4.01 0.87 -9.62
CA LYS A 98 -3.02 1.72 -10.31
C LYS A 98 -2.58 2.87 -9.38
N PRO A 99 -1.29 3.24 -9.34
CA PRO A 99 -0.81 4.30 -8.45
C PRO A 99 -1.46 5.66 -8.73
N ALA A 100 -1.70 6.00 -10.00
CA ALA A 100 -2.36 7.26 -10.38
C ALA A 100 -3.79 7.37 -9.81
N ARG A 101 -4.55 6.27 -9.83
CA ARG A 101 -5.88 6.17 -9.20
C ARG A 101 -5.79 6.32 -7.67
N ILE A 102 -4.79 5.70 -7.04
CA ILE A 102 -4.59 5.77 -5.58
C ILE A 102 -4.30 7.20 -5.12
N VAL A 103 -3.37 7.91 -5.76
CA VAL A 103 -2.99 9.29 -5.41
C VAL A 103 -4.15 10.28 -5.64
N ALA A 104 -4.89 10.13 -6.75
CA ALA A 104 -6.08 10.94 -7.04
C ALA A 104 -7.31 10.56 -6.19
N GLY A 105 -7.30 9.40 -5.53
CA GLY A 105 -8.38 8.91 -4.66
C GLY A 105 -9.55 8.24 -5.37
N HIS A 106 -9.39 7.82 -6.62
CA HIS A 106 -10.40 7.11 -7.41
C HIS A 106 -10.35 5.59 -7.19
N GLU A 107 -11.52 4.94 -7.29
CA GLU A 107 -11.71 3.49 -7.08
C GLU A 107 -11.04 2.97 -5.78
N PRO A 108 -11.27 3.60 -4.60
CA PRO A 108 -10.52 3.33 -3.36
C PRO A 108 -10.65 1.90 -2.81
N GLU A 109 -11.61 1.09 -3.30
CA GLU A 109 -11.65 -0.36 -3.05
C GLU A 109 -10.34 -1.06 -3.49
N ARG A 110 -9.65 -0.52 -4.50
CA ARG A 110 -8.32 -0.96 -4.94
C ARG A 110 -7.22 -0.59 -3.95
N THR A 111 -7.26 0.63 -3.40
CA THR A 111 -6.42 1.04 -2.28
C THR A 111 -6.55 0.16 -1.04
N ASN A 112 -7.79 -0.19 -0.71
CA ASN A 112 -8.10 -1.17 0.33
C ASN A 112 -7.56 -2.55 -0.01
N GLU A 113 -7.77 -3.05 -1.23
CA GLU A 113 -7.24 -4.36 -1.66
C GLU A 113 -5.71 -4.44 -1.53
N LEU A 114 -4.98 -3.38 -1.93
CA LEU A 114 -3.52 -3.30 -1.80
C LEU A 114 -3.08 -3.47 -0.34
N LEU A 115 -3.73 -2.74 0.57
CA LEU A 115 -3.48 -2.83 2.01
C LEU A 115 -3.88 -4.19 2.61
N GLN A 116 -4.97 -4.79 2.14
CA GLN A 116 -5.34 -6.15 2.49
C GLN A 116 -4.31 -7.20 2.05
N ILE A 117 -3.72 -7.10 0.84
CA ILE A 117 -2.64 -8.02 0.42
C ILE A 117 -1.32 -7.75 1.16
N ILE A 118 -0.98 -6.49 1.47
CA ILE A 118 0.14 -6.16 2.38
C ILE A 118 -0.08 -6.84 3.76
N GLY A 119 -1.31 -6.75 4.28
CA GLY A 119 -1.75 -7.44 5.50
C GLY A 119 -1.58 -8.96 5.41
N LYS A 120 -2.07 -9.57 4.32
CA LYS A 120 -1.94 -11.01 4.04
C LYS A 120 -0.49 -11.47 4.00
N CYS A 121 0.38 -10.72 3.32
CA CYS A 121 1.81 -11.06 3.20
C CYS A 121 2.50 -11.07 4.57
N CYS A 122 2.17 -10.09 5.42
CA CYS A 122 2.68 -9.97 6.79
C CYS A 122 2.15 -11.05 7.74
N LEU A 123 0.85 -11.37 7.65
CA LEU A 123 0.21 -12.45 8.44
C LEU A 123 0.80 -13.82 8.08
N ASN A 124 1.01 -14.09 6.80
CA ASN A 124 1.69 -15.29 6.29
C ASN A 124 3.23 -15.24 6.44
N LYS A 125 3.78 -14.13 6.96
CA LYS A 125 5.21 -13.92 7.25
C LYS A 125 6.14 -14.15 6.05
N LEU A 126 5.67 -13.75 4.86
CA LEU A 126 6.37 -13.96 3.58
C LEU A 126 7.60 -13.04 3.45
N SER A 127 8.75 -13.63 3.12
CA SER A 127 9.96 -12.88 2.78
C SER A 127 9.85 -12.22 1.40
N SER A 128 10.09 -10.91 1.33
CA SER A 128 10.01 -10.11 0.11
C SER A 128 11.33 -9.91 -0.64
N ASP A 129 12.47 -10.38 -0.11
CA ASP A 129 13.80 -10.07 -0.64
C ASP A 129 14.01 -10.29 -2.15
N ASP A 130 13.49 -11.40 -2.69
CA ASP A 130 13.50 -11.73 -4.11
C ASP A 130 12.76 -10.69 -4.97
N ALA A 131 11.54 -10.34 -4.54
CA ALA A 131 10.67 -9.41 -5.23
C ALA A 131 11.16 -7.96 -5.11
N VAL A 132 11.70 -7.57 -3.96
CA VAL A 132 12.33 -6.27 -3.71
C VAL A 132 13.51 -6.09 -4.68
N ARG A 133 14.37 -7.10 -4.82
CA ARG A 133 15.50 -7.08 -5.76
C ARG A 133 15.05 -6.89 -7.21
N ARG A 134 13.91 -7.47 -7.62
CA ARG A 134 13.37 -7.33 -8.98
C ARG A 134 12.88 -5.91 -9.29
N VAL A 135 12.29 -5.22 -8.31
CA VAL A 135 11.92 -3.80 -8.45
C VAL A 135 13.14 -2.89 -8.50
N LEU A 136 14.13 -3.12 -7.63
CA LEU A 136 15.37 -2.32 -7.60
C LEU A 136 16.21 -2.50 -8.88
N ALA A 137 16.26 -3.72 -9.42
CA ALA A 137 16.89 -4.04 -10.71
C ALA A 137 16.09 -3.56 -11.95
N GLY A 138 14.85 -3.09 -11.76
CA GLY A 138 13.96 -2.62 -12.83
C GLY A 138 14.39 -1.32 -13.52
N GLU A 139 15.34 -0.58 -12.92
CA GLU A 139 15.93 0.68 -13.41
C GLU A 139 14.96 1.86 -13.64
N LYS A 140 15.53 3.05 -13.93
CA LYS A 140 14.82 4.30 -14.24
C LYS A 140 13.99 4.22 -15.54
N GLY A 1 -32.84 -3.48 -1.67
CA GLY A 1 -32.39 -2.12 -2.04
C GLY A 1 -30.88 -2.07 -2.22
N SER A 2 -30.41 -1.29 -3.21
CA SER A 2 -29.00 -1.20 -3.65
C SER A 2 -28.40 -2.52 -4.17
N SER A 3 -27.18 -2.45 -4.70
CA SER A 3 -26.42 -3.55 -5.32
C SER A 3 -24.93 -3.57 -4.93
N GLY A 4 -24.45 -2.58 -4.17
CA GLY A 4 -23.05 -2.42 -3.79
C GLY A 4 -22.11 -1.97 -4.92
N SER A 5 -22.65 -1.54 -6.07
CA SER A 5 -21.89 -1.20 -7.30
C SER A 5 -20.93 0.00 -7.18
N SER A 6 -20.95 0.72 -6.05
CA SER A 6 -19.96 1.75 -5.70
C SER A 6 -18.53 1.21 -5.49
N GLY A 7 -18.36 -0.12 -5.43
CA GLY A 7 -17.07 -0.80 -5.21
C GLY A 7 -16.67 -0.79 -3.73
N MET A 8 -16.36 0.40 -3.21
CA MET A 8 -16.17 0.61 -1.76
C MET A 8 -17.52 0.48 -1.02
N ASN A 9 -17.54 -0.44 -0.06
CA ASN A 9 -18.64 -0.74 0.86
C ASN A 9 -18.06 -1.03 2.25
N ALA A 10 -18.89 -0.99 3.31
CA ALA A 10 -18.45 -1.28 4.68
C ALA A 10 -17.79 -2.67 4.83
N ALA A 11 -18.17 -3.63 3.99
CA ALA A 11 -17.61 -4.98 3.95
C ALA A 11 -16.18 -5.04 3.36
N VAL A 12 -15.82 -4.07 2.51
CA VAL A 12 -14.44 -3.92 2.01
C VAL A 12 -13.59 -3.27 3.09
N VAL A 13 -14.09 -2.21 3.74
CA VAL A 13 -13.31 -1.49 4.76
C VAL A 13 -13.03 -2.31 6.04
N ARG A 14 -14.02 -3.09 6.49
CA ARG A 14 -13.89 -3.98 7.66
C ARG A 14 -12.79 -5.03 7.47
N ARG A 15 -12.62 -5.57 6.25
CA ARG A 15 -11.55 -6.50 5.87
C ARG A 15 -10.17 -5.87 5.99
N THR A 16 -10.00 -4.65 5.51
CA THR A 16 -8.75 -3.89 5.66
C THR A 16 -8.33 -3.56 7.09
N GLN A 17 -9.30 -3.22 7.96
CA GLN A 17 -9.06 -2.97 9.38
C GLN A 17 -8.48 -4.20 10.10
N GLU A 18 -9.03 -5.40 9.87
CA GLU A 18 -8.50 -6.63 10.46
C GLU A 18 -7.24 -7.15 9.74
N ALA A 19 -7.06 -6.84 8.46
CA ALA A 19 -5.86 -7.19 7.71
C ALA A 19 -4.61 -6.38 8.14
N LEU A 20 -4.78 -5.06 8.38
CA LEU A 20 -3.70 -4.17 8.83
C LEU A 20 -3.52 -4.11 10.36
N GLY A 21 -4.53 -4.51 11.15
CA GLY A 21 -4.58 -4.32 12.60
C GLY A 21 -3.48 -5.02 13.41
N LYS A 22 -2.71 -5.92 12.79
CA LYS A 22 -1.55 -6.63 13.36
C LYS A 22 -0.21 -6.25 12.72
N VAL A 23 -0.23 -5.40 11.69
CA VAL A 23 0.91 -5.10 10.79
C VAL A 23 1.57 -3.74 10.96
N ILE A 24 0.78 -2.73 11.29
CA ILE A 24 1.19 -1.33 11.50
C ILE A 24 0.52 -0.64 12.69
N ARG A 25 1.16 0.40 13.23
CA ARG A 25 0.68 1.22 14.37
C ARG A 25 0.69 2.74 14.16
N ARG A 26 1.26 3.27 13.06
CA ARG A 26 1.36 4.72 12.78
C ARG A 26 0.01 5.40 12.46
N PRO A 27 -0.60 5.22 11.27
CA PRO A 27 -1.90 5.83 10.98
C PRO A 27 -3.06 5.07 11.66
N PRO A 28 -4.14 5.77 12.08
CA PRO A 28 -5.31 5.14 12.70
C PRO A 28 -6.18 4.43 11.64
N LEU A 29 -6.61 3.20 11.94
CA LEU A 29 -7.41 2.35 11.04
C LEU A 29 -8.91 2.67 11.10
N THR A 30 -9.25 3.93 10.84
CA THR A 30 -10.64 4.39 10.72
C THR A 30 -11.33 4.04 9.41
N GLU A 31 -12.64 3.81 9.48
CA GLU A 31 -13.48 3.51 8.34
C GLU A 31 -13.52 4.69 7.35
N LYS A 32 -13.59 5.92 7.88
CA LYS A 32 -13.57 7.16 7.09
C LYS A 32 -12.27 7.33 6.30
N LEU A 33 -11.13 7.07 6.94
CA LEU A 33 -9.81 7.22 6.32
C LEU A 33 -9.53 6.09 5.33
N LEU A 34 -9.79 4.83 5.69
CA LEU A 34 -9.59 3.69 4.78
C LEU A 34 -10.56 3.72 3.58
N SER A 35 -11.75 4.33 3.70
CA SER A 35 -12.69 4.47 2.57
C SER A 35 -12.13 5.29 1.40
N LYS A 36 -11.28 6.30 1.66
CA LYS A 36 -10.60 7.13 0.64
C LYS A 36 -9.36 7.84 1.25
N PRO A 37 -8.23 7.13 1.43
CA PRO A 37 -7.07 7.68 2.14
C PRO A 37 -6.25 8.66 1.27
N PRO A 38 -5.65 9.70 1.87
CA PRO A 38 -4.67 10.54 1.18
C PRO A 38 -3.33 9.79 0.98
N PHE A 39 -2.47 10.28 0.08
CA PHE A 39 -1.12 9.73 -0.08
C PHE A 39 -0.30 9.62 1.21
N ARG A 40 -0.30 10.68 2.02
CA ARG A 40 0.49 10.78 3.26
C ARG A 40 0.09 9.70 4.28
N TYR A 41 -1.20 9.36 4.33
CA TYR A 41 -1.70 8.25 5.15
C TYR A 41 -1.15 6.88 4.72
N LEU A 42 -1.20 6.61 3.41
CA LEU A 42 -0.68 5.37 2.80
C LEU A 42 0.86 5.26 2.90
N HIS A 43 1.58 6.36 2.69
CA HIS A 43 3.03 6.46 2.90
C HIS A 43 3.38 5.99 4.31
N ASP A 44 2.67 6.48 5.33
CA ASP A 44 2.88 6.08 6.71
C ASP A 44 2.54 4.62 7.07
N ILE A 45 1.75 3.91 6.25
CA ILE A 45 1.60 2.44 6.34
C ILE A 45 2.85 1.79 5.74
N ILE A 46 3.26 2.22 4.54
CA ILE A 46 4.33 1.58 3.76
C ILE A 46 5.70 1.74 4.43
N THR A 47 5.99 2.86 5.09
CA THR A 47 7.19 2.98 5.95
C THR A 47 7.09 2.27 7.31
N GLU A 48 5.89 2.21 7.91
CA GLU A 48 5.70 1.54 9.20
C GLU A 48 5.74 0.01 9.11
N VAL A 49 5.25 -0.58 8.02
CA VAL A 49 5.32 -2.03 7.81
C VAL A 49 6.74 -2.56 7.71
N ILE A 50 7.65 -1.76 7.14
CA ILE A 50 9.08 -2.05 7.08
C ILE A 50 9.68 -2.09 8.50
N ARG A 51 9.30 -1.16 9.38
CA ARG A 51 9.73 -1.11 10.79
C ARG A 51 9.13 -2.21 11.67
N MET A 52 7.85 -2.54 11.46
CA MET A 52 7.08 -3.49 12.27
C MET A 52 7.32 -4.95 11.90
N THR A 53 7.36 -5.26 10.61
CA THR A 53 7.38 -6.64 10.06
C THR A 53 8.59 -7.02 9.21
N GLY A 54 9.29 -6.02 8.66
CA GLY A 54 10.37 -6.21 7.68
C GLY A 54 9.89 -6.51 6.26
N PHE A 55 8.57 -6.56 6.00
CA PHE A 55 8.04 -6.69 4.64
C PHE A 55 8.32 -5.44 3.79
N MET A 56 8.79 -5.63 2.55
CA MET A 56 9.32 -4.56 1.67
C MET A 56 10.57 -3.84 2.20
N LYS A 57 11.31 -4.40 3.17
CA LYS A 57 12.57 -3.79 3.67
C LYS A 57 13.63 -3.68 2.56
N GLY A 58 14.29 -2.52 2.48
CA GLY A 58 15.30 -2.20 1.47
C GLY A 58 14.74 -1.77 0.09
N LEU A 59 13.43 -1.81 -0.11
CA LEU A 59 12.73 -1.40 -1.34
C LEU A 59 12.76 0.13 -1.57
N TYR A 60 13.00 0.88 -0.50
CA TYR A 60 13.26 2.33 -0.50
C TYR A 60 14.57 2.62 0.25
N THR A 61 15.29 3.66 -0.19
CA THR A 61 16.41 4.24 0.57
C THR A 61 15.95 5.08 1.76
N ASP A 62 16.86 5.40 2.68
CA ASP A 62 16.55 6.21 3.87
C ASP A 62 15.88 7.57 3.58
N ALA A 63 16.33 8.25 2.52
CA ALA A 63 15.76 9.51 2.05
C ALA A 63 14.36 9.34 1.43
N GLU A 64 14.09 8.23 0.73
CA GLU A 64 12.77 7.94 0.15
C GLU A 64 11.68 7.62 1.20
N MET A 65 12.09 7.18 2.40
CA MET A 65 11.19 6.99 3.56
C MET A 65 10.87 8.31 4.31
N LYS A 66 11.50 9.44 3.95
CA LYS A 66 11.13 10.78 4.44
C LYS A 66 10.02 11.38 3.55
N SER A 67 8.89 11.70 4.15
CA SER A 67 7.67 12.13 3.42
C SER A 67 7.83 13.45 2.65
N ASP A 68 8.75 14.33 3.07
CA ASP A 68 9.05 15.60 2.38
C ASP A 68 9.72 15.46 1.01
N ASN A 69 10.57 14.44 0.84
CA ASN A 69 11.14 14.06 -0.46
C ASN A 69 10.09 13.48 -1.42
N VAL A 70 9.00 12.91 -0.88
CA VAL A 70 7.84 12.39 -1.61
C VAL A 70 6.65 13.34 -1.72
N LYS A 71 6.90 14.66 -1.70
CA LYS A 71 5.87 15.71 -1.82
C LYS A 71 5.30 15.83 -3.24
N ASP A 72 6.13 15.68 -4.27
CA ASP A 72 5.72 15.79 -5.69
C ASP A 72 4.91 14.61 -6.25
N LYS A 73 3.94 14.89 -7.13
CA LYS A 73 2.98 13.89 -7.66
C LYS A 73 3.64 12.73 -8.41
N ASP A 74 4.69 13.02 -9.20
CA ASP A 74 5.50 12.00 -9.86
C ASP A 74 6.32 11.12 -8.89
N ALA A 75 6.89 11.71 -7.85
CA ALA A 75 7.56 10.98 -6.77
C ALA A 75 6.58 10.09 -5.98
N LYS A 76 5.35 10.57 -5.71
CA LYS A 76 4.25 9.80 -5.10
C LYS A 76 3.89 8.55 -5.89
N ILE A 77 3.74 8.70 -7.21
CA ILE A 77 3.49 7.58 -8.13
C ILE A 77 4.68 6.61 -8.15
N SER A 78 5.91 7.12 -8.29
CA SER A 78 7.15 6.31 -8.29
C SER A 78 7.35 5.53 -6.99
N PHE A 79 6.95 6.10 -5.85
CA PHE A 79 6.92 5.44 -4.55
C PHE A 79 5.91 4.30 -4.44
N LEU A 80 4.63 4.57 -4.76
CA LEU A 80 3.55 3.58 -4.71
C LEU A 80 3.74 2.43 -5.71
N GLN A 81 4.24 2.71 -6.91
CA GLN A 81 4.43 1.71 -7.97
C GLN A 81 5.31 0.54 -7.53
N LYS A 82 6.37 0.84 -6.75
CA LYS A 82 7.31 -0.15 -6.20
C LYS A 82 6.64 -1.06 -5.17
N ALA A 83 5.85 -0.51 -4.26
CA ALA A 83 5.07 -1.29 -3.29
C ALA A 83 4.06 -2.21 -4.01
N ILE A 84 3.28 -1.67 -4.95
CA ILE A 84 2.30 -2.44 -5.73
C ILE A 84 2.98 -3.62 -6.44
N ASP A 85 4.13 -3.39 -7.08
CA ASP A 85 4.91 -4.43 -7.74
C ASP A 85 5.43 -5.56 -6.84
N VAL A 86 6.02 -5.23 -5.67
CA VAL A 86 6.44 -6.24 -4.68
C VAL A 86 5.23 -6.99 -4.11
N VAL A 87 4.14 -6.30 -3.77
CA VAL A 87 2.95 -6.92 -3.16
C VAL A 87 2.35 -7.96 -4.12
N VAL A 88 2.22 -7.65 -5.42
CA VAL A 88 1.73 -8.62 -6.43
C VAL A 88 2.71 -9.80 -6.56
N MET A 89 4.02 -9.54 -6.63
CA MET A 89 5.04 -10.59 -6.77
C MET A 89 5.15 -11.55 -5.58
N VAL A 90 5.07 -11.03 -4.34
CA VAL A 90 5.22 -11.83 -3.11
C VAL A 90 3.95 -12.62 -2.79
N SER A 91 2.77 -11.99 -2.88
CA SER A 91 1.49 -12.61 -2.49
C SER A 91 0.93 -13.62 -3.50
N GLY A 92 1.33 -13.50 -4.77
CA GLY A 92 0.73 -14.22 -5.90
C GLY A 92 -0.64 -13.68 -6.34
N GLU A 93 -1.17 -12.64 -5.69
CA GLU A 93 -2.47 -12.05 -5.99
C GLU A 93 -2.37 -10.91 -7.03
N PRO A 94 -3.28 -10.81 -8.02
CA PRO A 94 -3.38 -9.64 -8.89
C PRO A 94 -3.94 -8.43 -8.12
N LEU A 95 -3.65 -7.23 -8.61
CA LEU A 95 -4.23 -5.95 -8.13
C LEU A 95 -4.59 -5.06 -9.32
N LEU A 96 -5.81 -4.51 -9.32
CA LEU A 96 -6.23 -3.46 -10.26
C LEU A 96 -5.81 -2.05 -9.79
N ALA A 97 -5.23 -1.94 -8.58
CA ALA A 97 -4.80 -0.68 -7.97
C ALA A 97 -3.62 -0.06 -8.74
N LYS A 98 -3.86 1.04 -9.47
CA LYS A 98 -2.82 1.83 -10.15
C LYS A 98 -2.30 2.98 -9.24
N PRO A 99 -0.98 3.28 -9.24
CA PRO A 99 -0.42 4.36 -8.41
C PRO A 99 -1.03 5.73 -8.73
N ALA A 100 -1.20 6.07 -10.01
CA ALA A 100 -1.81 7.34 -10.43
C ALA A 100 -3.27 7.48 -9.96
N ARG A 101 -4.03 6.37 -9.99
CA ARG A 101 -5.42 6.31 -9.49
C ARG A 101 -5.47 6.50 -7.97
N ILE A 102 -4.55 5.89 -7.22
CA ILE A 102 -4.45 6.03 -5.76
C ILE A 102 -4.19 7.49 -5.37
N VAL A 103 -3.20 8.14 -5.98
CA VAL A 103 -2.85 9.56 -5.70
C VAL A 103 -4.01 10.50 -6.06
N ALA A 104 -4.72 10.25 -7.16
CA ALA A 104 -5.92 10.98 -7.56
C ALA A 104 -7.20 10.62 -6.76
N GLY A 105 -7.16 9.60 -5.89
CA GLY A 105 -8.26 9.18 -5.02
C GLY A 105 -9.34 8.28 -5.68
N HIS A 106 -9.07 7.73 -6.86
CA HIS A 106 -9.95 6.80 -7.58
C HIS A 106 -9.70 5.33 -7.19
N GLU A 107 -10.62 4.44 -7.60
CA GLU A 107 -10.57 2.99 -7.37
C GLU A 107 -10.41 2.62 -5.86
N PRO A 108 -11.21 3.21 -4.93
CA PRO A 108 -10.99 3.09 -3.50
C PRO A 108 -11.04 1.65 -2.95
N GLU A 109 -11.81 0.76 -3.57
CA GLU A 109 -11.84 -0.66 -3.21
C GLU A 109 -10.53 -1.37 -3.56
N ARG A 110 -9.79 -0.89 -4.57
CA ARG A 110 -8.45 -1.37 -4.95
C ARG A 110 -7.37 -0.80 -4.04
N THR A 111 -7.51 0.44 -3.59
CA THR A 111 -6.69 0.99 -2.50
C THR A 111 -6.79 0.18 -1.21
N ASN A 112 -8.02 -0.26 -0.87
CA ASN A 112 -8.26 -1.22 0.20
C ASN A 112 -7.69 -2.60 -0.10
N GLU A 113 -7.89 -3.14 -1.32
CA GLU A 113 -7.38 -4.45 -1.72
C GLU A 113 -5.86 -4.53 -1.58
N LEU A 114 -5.12 -3.49 -2.00
CA LEU A 114 -3.66 -3.39 -1.87
C LEU A 114 -3.24 -3.54 -0.40
N LEU A 115 -3.91 -2.83 0.50
CA LEU A 115 -3.66 -2.90 1.95
C LEU A 115 -4.04 -4.25 2.56
N GLN A 116 -5.14 -4.87 2.11
CA GLN A 116 -5.49 -6.24 2.49
C GLN A 116 -4.42 -7.26 2.05
N ILE A 117 -3.82 -7.14 0.86
CA ILE A 117 -2.71 -8.01 0.41
C ILE A 117 -1.38 -7.70 1.13
N ILE A 118 -1.08 -6.44 1.47
CA ILE A 118 0.03 -6.09 2.38
C ILE A 118 -0.18 -6.78 3.74
N GLY A 119 -1.42 -6.76 4.23
CA GLY A 119 -1.88 -7.52 5.40
C GLY A 119 -1.63 -9.03 5.24
N LYS A 120 -2.04 -9.64 4.12
CA LYS A 120 -1.79 -11.05 3.79
C LYS A 120 -0.30 -11.41 3.88
N CYS A 121 0.57 -10.60 3.26
CA CYS A 121 2.02 -10.84 3.26
C CYS A 121 2.63 -10.81 4.66
N CYS A 122 2.19 -9.87 5.50
CA CYS A 122 2.63 -9.73 6.89
C CYS A 122 2.12 -10.87 7.78
N LEU A 123 0.83 -11.23 7.67
CA LEU A 123 0.21 -12.30 8.46
C LEU A 123 0.75 -13.71 8.12
N ASN A 124 1.17 -13.92 6.86
CA ASN A 124 1.85 -15.14 6.41
C ASN A 124 3.40 -15.09 6.57
N LYS A 125 3.95 -13.97 7.04
CA LYS A 125 5.40 -13.73 7.23
C LYS A 125 6.25 -14.00 5.98
N LEU A 126 5.76 -13.52 4.84
CA LEU A 126 6.38 -13.73 3.52
C LEU A 126 7.64 -12.86 3.34
N SER A 127 8.76 -13.50 3.03
CA SER A 127 10.05 -12.84 2.74
C SER A 127 10.05 -12.19 1.35
N SER A 128 10.15 -10.87 1.30
CA SER A 128 10.03 -10.08 0.05
C SER A 128 11.31 -9.87 -0.74
N ASP A 129 12.48 -10.29 -0.24
CA ASP A 129 13.80 -9.97 -0.81
C ASP A 129 13.98 -10.18 -2.33
N ASP A 130 13.53 -11.33 -2.84
CA ASP A 130 13.50 -11.63 -4.27
C ASP A 130 12.64 -10.70 -5.15
N ALA A 131 11.45 -10.33 -4.68
CA ALA A 131 10.57 -9.38 -5.36
C ALA A 131 11.11 -7.94 -5.26
N VAL A 132 11.63 -7.55 -4.09
CA VAL A 132 12.25 -6.23 -3.84
C VAL A 132 13.42 -6.04 -4.82
N ARG A 133 14.30 -7.04 -4.95
CA ARG A 133 15.41 -7.04 -5.91
C ARG A 133 14.94 -6.89 -7.36
N ARG A 134 13.82 -7.53 -7.73
CA ARG A 134 13.25 -7.49 -9.09
C ARG A 134 12.63 -6.14 -9.44
N VAL A 135 12.03 -5.44 -8.47
CA VAL A 135 11.58 -4.04 -8.65
C VAL A 135 12.78 -3.10 -8.79
N LEU A 136 13.80 -3.23 -7.94
CA LEU A 136 14.98 -2.35 -7.97
C LEU A 136 15.81 -2.53 -9.26
N ALA A 137 15.93 -3.76 -9.76
CA ALA A 137 16.54 -4.08 -11.05
C ALA A 137 15.66 -3.68 -12.26
N GLY A 138 14.35 -3.48 -12.05
CA GLY A 138 13.36 -3.12 -13.07
C GLY A 138 13.33 -1.64 -13.47
N GLU A 139 14.20 -0.81 -12.90
CA GLU A 139 14.30 0.64 -13.16
C GLU A 139 15.72 1.08 -13.59
N LYS A 140 15.79 2.19 -14.34
CA LYS A 140 17.00 2.83 -14.87
C LYS A 140 17.97 1.86 -15.60
N GLY A 1 -20.31 5.18 -6.46
CA GLY A 1 -21.24 4.75 -5.38
C GLY A 1 -20.82 3.38 -4.87
N SER A 2 -21.68 2.37 -5.00
CA SER A 2 -21.33 0.96 -4.75
C SER A 2 -20.39 0.37 -5.84
N SER A 3 -20.38 1.00 -7.02
CA SER A 3 -19.46 0.79 -8.14
C SER A 3 -19.31 2.11 -8.95
N GLY A 4 -18.47 2.11 -9.99
CA GLY A 4 -18.13 3.26 -10.82
C GLY A 4 -16.65 3.66 -10.69
N SER A 5 -16.36 4.97 -10.74
CA SER A 5 -15.01 5.52 -10.50
C SER A 5 -14.50 5.29 -9.07
N SER A 6 -15.40 5.04 -8.12
CA SER A 6 -15.15 4.59 -6.75
C SER A 6 -16.27 3.65 -6.30
N GLY A 7 -15.94 2.56 -5.59
CA GLY A 7 -16.85 1.46 -5.27
C GLY A 7 -16.70 0.89 -3.85
N MET A 8 -16.29 1.71 -2.87
CA MET A 8 -16.15 1.30 -1.48
C MET A 8 -17.47 0.97 -0.76
N ASN A 9 -17.40 -0.01 0.16
CA ASN A 9 -18.47 -0.43 1.06
C ASN A 9 -17.88 -0.82 2.42
N ALA A 10 -18.69 -0.81 3.49
CA ALA A 10 -18.24 -1.19 4.85
C ALA A 10 -17.70 -2.64 4.93
N ALA A 11 -18.18 -3.53 4.06
CA ALA A 11 -17.76 -4.92 3.98
C ALA A 11 -16.37 -5.10 3.34
N VAL A 12 -15.92 -4.11 2.57
CA VAL A 12 -14.54 -4.00 2.08
C VAL A 12 -13.62 -3.49 3.20
N VAL A 13 -14.04 -2.45 3.91
CA VAL A 13 -13.19 -1.83 4.95
C VAL A 13 -12.93 -2.70 6.18
N ARG A 14 -13.93 -3.47 6.61
CA ARG A 14 -13.82 -4.44 7.72
C ARG A 14 -12.72 -5.48 7.50
N ARG A 15 -12.48 -5.88 6.24
CA ARG A 15 -11.37 -6.77 5.84
C ARG A 15 -10.02 -6.09 6.05
N THR A 16 -9.86 -4.86 5.54
CA THR A 16 -8.67 -4.04 5.72
C THR A 16 -8.32 -3.69 7.17
N GLN A 17 -9.33 -3.43 8.00
CA GLN A 17 -9.16 -3.17 9.43
C GLN A 17 -8.61 -4.39 10.20
N GLU A 18 -9.08 -5.60 9.85
CA GLU A 18 -8.51 -6.86 10.35
C GLU A 18 -7.10 -7.12 9.79
N ALA A 19 -6.89 -6.85 8.51
CA ALA A 19 -5.64 -7.15 7.80
C ALA A 19 -4.47 -6.25 8.25
N LEU A 20 -4.69 -4.94 8.42
CA LEU A 20 -3.66 -4.00 8.88
C LEU A 20 -3.56 -3.86 10.41
N GLY A 21 -4.63 -4.18 11.15
CA GLY A 21 -4.69 -4.02 12.61
C GLY A 21 -3.68 -4.85 13.40
N LYS A 22 -2.99 -5.77 12.72
CA LYS A 22 -1.96 -6.67 13.26
C LYS A 22 -0.55 -6.37 12.72
N VAL A 23 -0.41 -5.37 11.83
CA VAL A 23 0.81 -5.10 11.03
C VAL A 23 1.46 -3.71 11.18
N ILE A 24 0.66 -2.68 11.46
CA ILE A 24 1.11 -1.28 11.63
C ILE A 24 0.46 -0.56 12.83
N ARG A 25 1.05 0.56 13.28
CA ARG A 25 0.58 1.34 14.45
C ARG A 25 0.53 2.88 14.27
N ARG A 26 1.00 3.42 13.13
CA ARG A 26 1.00 4.88 12.87
C ARG A 26 -0.38 5.46 12.53
N PRO A 27 -0.98 5.20 11.35
CA PRO A 27 -2.26 5.81 10.98
C PRO A 27 -3.45 5.08 11.64
N PRO A 28 -4.52 5.81 12.03
CA PRO A 28 -5.73 5.21 12.58
C PRO A 28 -6.56 4.54 11.48
N LEU A 29 -7.00 3.30 11.70
CA LEU A 29 -7.73 2.48 10.73
C LEU A 29 -9.23 2.79 10.70
N THR A 30 -9.56 4.07 10.53
CA THR A 30 -10.96 4.55 10.44
C THR A 30 -11.68 4.20 9.15
N GLU A 31 -13.00 3.98 9.22
CA GLU A 31 -13.83 3.76 8.04
C GLU A 31 -13.76 4.95 7.06
N LYS A 32 -13.79 6.19 7.59
CA LYS A 32 -13.72 7.42 6.79
C LYS A 32 -12.39 7.55 6.05
N LEU A 33 -11.27 7.27 6.71
CA LEU A 33 -9.93 7.42 6.14
C LEU A 33 -9.61 6.29 5.16
N LEU A 34 -9.92 5.04 5.47
CA LEU A 34 -9.72 3.93 4.53
C LEU A 34 -10.68 4.01 3.33
N SER A 35 -11.85 4.66 3.44
CA SER A 35 -12.76 4.84 2.30
C SER A 35 -12.22 5.76 1.19
N LYS A 36 -11.27 6.65 1.49
CA LYS A 36 -10.49 7.45 0.51
C LYS A 36 -9.24 8.05 1.17
N PRO A 37 -8.12 7.32 1.30
CA PRO A 37 -6.95 7.77 2.04
C PRO A 37 -6.08 8.76 1.22
N PRO A 38 -5.51 9.81 1.85
CA PRO A 38 -4.50 10.66 1.21
C PRO A 38 -3.16 9.91 1.06
N PHE A 39 -2.28 10.38 0.19
CA PHE A 39 -0.94 9.80 0.03
C PHE A 39 -0.11 9.66 1.31
N ARG A 40 -0.08 10.72 2.13
CA ARG A 40 0.67 10.74 3.40
C ARG A 40 0.16 9.70 4.41
N TYR A 41 -1.15 9.42 4.41
CA TYR A 41 -1.73 8.34 5.22
C TYR A 41 -1.24 6.94 4.81
N LEU A 42 -1.19 6.69 3.50
CA LEU A 42 -0.65 5.44 2.92
C LEU A 42 0.87 5.32 3.11
N HIS A 43 1.62 6.41 2.99
CA HIS A 43 3.05 6.46 3.30
C HIS A 43 3.31 6.08 4.77
N ASP A 44 2.50 6.57 5.70
CA ASP A 44 2.48 6.12 7.10
C ASP A 44 2.18 4.63 7.36
N ILE A 45 1.63 3.90 6.38
CA ILE A 45 1.53 2.43 6.41
C ILE A 45 2.78 1.82 5.79
N ILE A 46 3.15 2.27 4.58
CA ILE A 46 4.19 1.64 3.74
C ILE A 46 5.59 1.76 4.36
N THR A 47 5.91 2.85 5.04
CA THR A 47 7.15 2.95 5.85
C THR A 47 7.06 2.36 7.26
N GLU A 48 5.86 2.10 7.79
CA GLU A 48 5.67 1.50 9.12
C GLU A 48 5.67 -0.02 9.09
N VAL A 49 5.13 -0.64 8.03
CA VAL A 49 5.22 -2.10 7.82
C VAL A 49 6.67 -2.60 7.77
N ILE A 50 7.57 -1.78 7.21
CA ILE A 50 9.01 -2.02 7.17
C ILE A 50 9.61 -2.06 8.59
N ARG A 51 9.18 -1.15 9.48
CA ARG A 51 9.62 -1.09 10.89
C ARG A 51 9.03 -2.20 11.76
N MET A 52 7.77 -2.54 11.54
CA MET A 52 6.98 -3.48 12.35
C MET A 52 7.20 -4.96 11.99
N THR A 53 7.28 -5.26 10.68
CA THR A 53 7.32 -6.63 10.13
C THR A 53 8.56 -7.01 9.31
N GLY A 54 9.25 -6.01 8.77
CA GLY A 54 10.37 -6.19 7.84
C GLY A 54 9.95 -6.49 6.38
N PHE A 55 8.66 -6.54 6.08
CA PHE A 55 8.17 -6.68 4.70
C PHE A 55 8.45 -5.43 3.85
N MET A 56 9.00 -5.61 2.64
CA MET A 56 9.52 -4.55 1.75
C MET A 56 10.72 -3.74 2.32
N LYS A 57 11.44 -4.23 3.34
CA LYS A 57 12.47 -3.43 4.07
C LYS A 57 13.62 -2.88 3.21
N GLY A 58 14.03 -3.60 2.17
CA GLY A 58 15.09 -3.20 1.24
C GLY A 58 14.60 -2.41 0.00
N LEU A 59 13.28 -2.25 -0.15
CA LEU A 59 12.63 -1.69 -1.35
C LEU A 59 12.82 -0.17 -1.49
N TYR A 60 13.08 0.52 -0.38
CA TYR A 60 13.30 1.96 -0.32
C TYR A 60 14.65 2.38 0.29
N THR A 61 15.19 3.49 -0.19
CA THR A 61 16.32 4.20 0.45
C THR A 61 15.81 5.17 1.52
N ASP A 62 16.69 5.60 2.44
CA ASP A 62 16.37 6.56 3.51
C ASP A 62 15.65 7.84 3.05
N ALA A 63 16.09 8.39 1.92
CA ALA A 63 15.50 9.57 1.30
C ALA A 63 14.06 9.34 0.78
N GLU A 64 13.74 8.14 0.26
CA GLU A 64 12.38 7.79 -0.18
C GLU A 64 11.43 7.46 0.99
N MET A 65 11.96 7.01 2.13
CA MET A 65 11.20 6.81 3.38
C MET A 65 10.88 8.14 4.13
N LYS A 66 11.36 9.28 3.62
CA LYS A 66 11.08 10.64 4.14
C LYS A 66 10.05 11.36 3.27
N SER A 67 8.85 11.58 3.82
CA SER A 67 7.67 12.07 3.09
C SER A 67 7.81 13.47 2.48
N ASP A 68 8.66 14.34 3.04
CA ASP A 68 8.98 15.66 2.49
C ASP A 68 9.77 15.66 1.17
N ASN A 69 10.51 14.58 0.88
CA ASN A 69 11.11 14.35 -0.45
C ASN A 69 10.07 13.86 -1.46
N VAL A 70 9.17 12.97 -1.03
CA VAL A 70 8.02 12.44 -1.80
C VAL A 70 6.83 13.41 -1.94
N LYS A 71 7.12 14.72 -2.08
CA LYS A 71 6.11 15.79 -2.18
C LYS A 71 5.44 15.89 -3.56
N ASP A 72 6.19 15.67 -4.63
CA ASP A 72 5.70 15.72 -6.01
C ASP A 72 4.84 14.51 -6.45
N LYS A 73 3.78 14.76 -7.23
CA LYS A 73 2.84 13.72 -7.71
C LYS A 73 3.55 12.59 -8.49
N ASP A 74 4.55 12.94 -9.29
CA ASP A 74 5.41 11.96 -9.98
C ASP A 74 6.22 11.04 -9.04
N ALA A 75 6.83 11.63 -8.01
CA ALA A 75 7.53 10.88 -6.96
C ALA A 75 6.58 9.99 -6.15
N LYS A 76 5.38 10.49 -5.80
CA LYS A 76 4.30 9.73 -5.14
C LYS A 76 3.88 8.50 -5.93
N ILE A 77 3.68 8.67 -7.24
CA ILE A 77 3.32 7.60 -8.16
C ILE A 77 4.44 6.54 -8.24
N SER A 78 5.70 6.95 -8.42
CA SER A 78 6.85 6.03 -8.44
C SER A 78 7.03 5.27 -7.13
N PHE A 79 6.89 5.96 -5.98
CA PHE A 79 6.90 5.35 -4.66
C PHE A 79 5.86 4.24 -4.47
N LEU A 80 4.60 4.51 -4.83
CA LEU A 80 3.51 3.55 -4.80
C LEU A 80 3.72 2.40 -5.81
N GLN A 81 4.20 2.68 -7.03
CA GLN A 81 4.45 1.65 -8.04
C GLN A 81 5.42 0.57 -7.54
N LYS A 82 6.50 0.97 -6.85
CA LYS A 82 7.44 0.00 -6.26
C LYS A 82 6.79 -0.93 -5.23
N ALA A 83 5.94 -0.39 -4.34
CA ALA A 83 5.18 -1.20 -3.38
C ALA A 83 4.19 -2.14 -4.10
N ILE A 84 3.38 -1.62 -5.03
CA ILE A 84 2.41 -2.40 -5.82
C ILE A 84 3.11 -3.57 -6.53
N ASP A 85 4.26 -3.31 -7.15
CA ASP A 85 5.09 -4.34 -7.81
C ASP A 85 5.52 -5.51 -6.90
N VAL A 86 6.12 -5.21 -5.74
CA VAL A 86 6.52 -6.24 -4.76
C VAL A 86 5.30 -6.97 -4.18
N VAL A 87 4.23 -6.27 -3.82
CA VAL A 87 3.04 -6.89 -3.21
C VAL A 87 2.39 -7.89 -4.17
N VAL A 88 2.28 -7.56 -5.47
CA VAL A 88 1.79 -8.50 -6.50
C VAL A 88 2.76 -9.67 -6.67
N MET A 89 4.07 -9.42 -6.73
CA MET A 89 5.08 -10.48 -6.92
C MET A 89 5.21 -11.47 -5.74
N VAL A 90 5.09 -10.99 -4.50
CA VAL A 90 5.21 -11.84 -3.30
C VAL A 90 3.94 -12.65 -3.06
N SER A 91 2.75 -12.03 -3.16
CA SER A 91 1.46 -12.71 -2.95
C SER A 91 1.05 -13.61 -4.12
N GLY A 92 1.44 -13.27 -5.35
CA GLY A 92 0.95 -13.86 -6.59
C GLY A 92 -0.45 -13.39 -7.00
N GLU A 93 -1.08 -12.48 -6.23
CA GLU A 93 -2.42 -11.95 -6.50
C GLU A 93 -2.36 -10.71 -7.41
N PRO A 94 -3.09 -10.67 -8.55
CA PRO A 94 -3.10 -9.51 -9.45
C PRO A 94 -3.94 -8.37 -8.86
N LEU A 95 -3.28 -7.30 -8.42
CA LEU A 95 -3.91 -6.05 -7.97
C LEU A 95 -4.18 -5.14 -9.16
N LEU A 96 -5.43 -4.68 -9.30
CA LEU A 96 -5.83 -3.67 -10.28
C LEU A 96 -5.57 -2.22 -9.81
N ALA A 97 -5.15 -2.04 -8.55
CA ALA A 97 -4.81 -0.75 -7.95
C ALA A 97 -3.65 -0.05 -8.69
N LYS A 98 -3.95 1.07 -9.38
CA LYS A 98 -2.96 1.88 -10.11
C LYS A 98 -2.48 3.07 -9.25
N PRO A 99 -1.18 3.40 -9.24
CA PRO A 99 -0.64 4.48 -8.40
C PRO A 99 -1.26 5.85 -8.71
N ALA A 100 -1.47 6.19 -9.98
CA ALA A 100 -2.06 7.47 -10.39
C ALA A 100 -3.51 7.63 -9.86
N ARG A 101 -4.30 6.54 -9.86
CA ARG A 101 -5.66 6.51 -9.28
C ARG A 101 -5.62 6.63 -7.75
N ILE A 102 -4.67 5.97 -7.09
CA ILE A 102 -4.49 6.03 -5.63
C ILE A 102 -4.22 7.46 -5.16
N VAL A 103 -3.27 8.16 -5.78
CA VAL A 103 -2.92 9.56 -5.45
C VAL A 103 -4.09 10.52 -5.74
N ALA A 104 -4.83 10.30 -6.83
CA ALA A 104 -6.04 11.07 -7.16
C ALA A 104 -7.28 10.73 -6.31
N GLY A 105 -7.25 9.63 -5.54
CA GLY A 105 -8.34 9.18 -4.67
C GLY A 105 -9.45 8.36 -5.35
N HIS A 106 -9.22 7.90 -6.59
CA HIS A 106 -10.16 7.04 -7.33
C HIS A 106 -9.91 5.54 -7.05
N GLU A 107 -10.93 4.72 -7.28
CA GLU A 107 -10.94 3.27 -7.03
C GLU A 107 -10.43 2.85 -5.63
N PRO A 108 -10.84 3.52 -4.53
CA PRO A 108 -10.32 3.24 -3.18
C PRO A 108 -10.59 1.81 -2.68
N GLU A 109 -11.52 1.08 -3.28
CA GLU A 109 -11.72 -0.36 -3.04
C GLU A 109 -10.52 -1.20 -3.49
N ARG A 110 -9.80 -0.78 -4.54
CA ARG A 110 -8.52 -1.37 -4.95
C ARG A 110 -7.37 -0.93 -4.03
N THR A 111 -7.40 0.29 -3.51
CA THR A 111 -6.49 0.72 -2.42
C THR A 111 -6.64 -0.09 -1.14
N ASN A 112 -7.89 -0.38 -0.74
CA ASN A 112 -8.20 -1.33 0.34
C ASN A 112 -7.70 -2.73 0.01
N GLU A 113 -7.93 -3.24 -1.20
CA GLU A 113 -7.42 -4.55 -1.63
C GLU A 113 -5.88 -4.64 -1.53
N LEU A 114 -5.15 -3.59 -1.94
CA LEU A 114 -3.69 -3.51 -1.85
C LEU A 114 -3.24 -3.63 -0.38
N LEU A 115 -3.90 -2.90 0.52
CA LEU A 115 -3.62 -2.94 1.97
C LEU A 115 -3.98 -4.30 2.60
N GLN A 116 -5.07 -4.93 2.17
CA GLN A 116 -5.41 -6.30 2.55
C GLN A 116 -4.34 -7.32 2.10
N ILE A 117 -3.78 -7.21 0.88
CA ILE A 117 -2.67 -8.07 0.44
C ILE A 117 -1.36 -7.77 1.18
N ILE A 118 -1.03 -6.51 1.50
CA ILE A 118 0.08 -6.16 2.40
C ILE A 118 -0.10 -6.84 3.77
N GLY A 119 -1.30 -6.76 4.34
CA GLY A 119 -1.66 -7.44 5.58
C GLY A 119 -1.52 -8.97 5.50
N LYS A 120 -1.99 -9.59 4.41
CA LYS A 120 -1.84 -11.02 4.10
C LYS A 120 -0.37 -11.44 4.04
N CYS A 121 0.49 -10.69 3.34
CA CYS A 121 1.91 -10.98 3.21
C CYS A 121 2.63 -10.94 4.57
N CYS A 122 2.28 -9.96 5.41
CA CYS A 122 2.78 -9.81 6.77
C CYS A 122 2.34 -10.95 7.71
N LEU A 123 1.06 -11.32 7.69
CA LEU A 123 0.50 -12.38 8.54
C LEU A 123 0.99 -13.79 8.13
N ASN A 124 1.26 -14.01 6.85
CA ASN A 124 1.93 -15.22 6.35
C ASN A 124 3.47 -15.16 6.45
N LYS A 125 4.03 -14.04 6.95
CA LYS A 125 5.48 -13.78 7.14
C LYS A 125 6.33 -14.02 5.88
N LEU A 126 5.79 -13.65 4.72
CA LEU A 126 6.42 -13.86 3.42
C LEU A 126 7.66 -12.96 3.24
N SER A 127 8.80 -13.56 2.93
CA SER A 127 10.03 -12.82 2.60
C SER A 127 9.91 -12.15 1.22
N SER A 128 10.08 -10.84 1.18
CA SER A 128 10.00 -10.02 -0.05
C SER A 128 11.32 -9.88 -0.82
N ASP A 129 12.44 -10.34 -0.29
CA ASP A 129 13.78 -10.06 -0.83
C ASP A 129 13.99 -10.31 -2.34
N ASP A 130 13.50 -11.45 -2.85
CA ASP A 130 13.54 -11.76 -4.29
C ASP A 130 12.69 -10.84 -5.18
N ALA A 131 11.50 -10.46 -4.73
CA ALA A 131 10.64 -9.52 -5.44
C ALA A 131 11.17 -8.08 -5.35
N VAL A 132 11.76 -7.69 -4.21
CA VAL A 132 12.42 -6.39 -4.01
C VAL A 132 13.58 -6.26 -4.98
N ARG A 133 14.43 -7.28 -5.13
CA ARG A 133 15.55 -7.28 -6.10
C ARG A 133 15.06 -7.14 -7.55
N ARG A 134 13.85 -7.63 -7.89
CA ARG A 134 13.26 -7.51 -9.23
C ARG A 134 12.78 -6.09 -9.55
N VAL A 135 12.26 -5.37 -8.55
CA VAL A 135 11.92 -3.94 -8.67
C VAL A 135 13.18 -3.07 -8.71
N LEU A 136 14.19 -3.35 -7.88
CA LEU A 136 15.47 -2.61 -7.87
C LEU A 136 16.27 -2.80 -9.16
N ALA A 137 16.19 -3.98 -9.80
CA ALA A 137 16.79 -4.26 -11.11
C ALA A 137 16.17 -3.44 -12.27
N GLY A 138 15.03 -2.76 -12.05
CA GLY A 138 14.44 -1.80 -13.00
C GLY A 138 15.22 -0.47 -13.10
N GLU A 139 16.12 -0.17 -12.16
CA GLU A 139 16.95 1.04 -12.17
C GLU A 139 18.14 0.97 -13.16
N LYS A 140 18.62 2.15 -13.60
CA LYS A 140 19.79 2.31 -14.48
C LYS A 140 21.12 1.93 -13.81
N GLY A 1 -15.06 2.87 -10.63
CA GLY A 1 -16.33 2.58 -9.92
C GLY A 1 -17.48 2.33 -10.89
N SER A 2 -18.51 1.62 -10.44
CA SER A 2 -19.67 1.24 -11.28
C SER A 2 -20.55 2.43 -11.68
N SER A 3 -21.23 2.33 -12.84
CA SER A 3 -22.07 3.40 -13.41
C SER A 3 -23.29 3.78 -12.55
N GLY A 4 -23.77 2.86 -11.70
CA GLY A 4 -24.80 3.09 -10.68
C GLY A 4 -24.31 3.78 -9.40
N SER A 5 -23.08 4.29 -9.38
CA SER A 5 -22.38 4.90 -8.23
C SER A 5 -22.12 3.96 -7.03
N SER A 6 -22.26 2.64 -7.22
CA SER A 6 -21.92 1.62 -6.22
C SER A 6 -20.41 1.40 -6.12
N GLY A 7 -19.90 1.22 -4.90
CA GLY A 7 -18.49 0.96 -4.59
C GLY A 7 -18.08 1.42 -3.19
N MET A 8 -16.93 0.92 -2.71
CA MET A 8 -16.32 1.24 -1.41
C MET A 8 -17.30 1.08 -0.23
N ASN A 9 -17.80 -0.15 -0.07
CA ASN A 9 -18.75 -0.55 0.97
C ASN A 9 -18.05 -0.83 2.32
N ALA A 10 -18.79 -0.77 3.43
CA ALA A 10 -18.26 -1.07 4.76
C ALA A 10 -17.71 -2.51 4.91
N ALA A 11 -18.21 -3.45 4.10
CA ALA A 11 -17.74 -4.84 4.08
C ALA A 11 -16.36 -5.00 3.41
N VAL A 12 -15.95 -4.04 2.57
CA VAL A 12 -14.57 -3.95 2.07
C VAL A 12 -13.68 -3.37 3.16
N VAL A 13 -14.12 -2.28 3.82
CA VAL A 13 -13.30 -1.59 4.83
C VAL A 13 -13.00 -2.40 6.09
N ARG A 14 -14.01 -3.16 6.58
CA ARG A 14 -13.90 -4.03 7.75
C ARG A 14 -12.83 -5.13 7.56
N ARG A 15 -12.68 -5.63 6.33
CA ARG A 15 -11.62 -6.60 5.97
C ARG A 15 -10.23 -5.98 6.05
N THR A 16 -10.05 -4.76 5.54
CA THR A 16 -8.81 -3.98 5.70
C THR A 16 -8.40 -3.64 7.12
N GLN A 17 -9.37 -3.26 7.97
CA GLN A 17 -9.13 -3.01 9.40
C GLN A 17 -8.58 -4.25 10.13
N GLU A 18 -9.09 -5.44 9.80
CA GLU A 18 -8.57 -6.70 10.33
C GLU A 18 -7.24 -7.13 9.68
N ALA A 19 -7.08 -6.88 8.38
CA ALA A 19 -5.88 -7.25 7.64
C ALA A 19 -4.65 -6.42 8.07
N LEU A 20 -4.81 -5.12 8.32
CA LEU A 20 -3.75 -4.23 8.79
C LEU A 20 -3.58 -4.20 10.32
N GLY A 21 -4.59 -4.61 11.09
CA GLY A 21 -4.62 -4.46 12.56
C GLY A 21 -3.51 -5.20 13.31
N LYS A 22 -2.84 -6.16 12.65
CA LYS A 22 -1.70 -6.94 13.19
C LYS A 22 -0.34 -6.52 12.60
N VAL A 23 -0.33 -5.60 11.63
CA VAL A 23 0.85 -5.27 10.79
C VAL A 23 1.51 -3.92 11.04
N ILE A 24 0.70 -2.91 11.35
CA ILE A 24 1.12 -1.52 11.63
C ILE A 24 0.28 -0.87 12.73
N ARG A 25 0.86 0.13 13.43
CA ARG A 25 0.20 0.86 14.54
C ARG A 25 0.13 2.39 14.38
N ARG A 26 0.91 3.00 13.47
CA ARG A 26 1.02 4.48 13.36
C ARG A 26 -0.25 5.18 12.88
N PRO A 27 -0.71 5.02 11.62
CA PRO A 27 -1.95 5.65 11.18
C PRO A 27 -3.18 4.90 11.76
N PRO A 28 -4.22 5.61 12.20
CA PRO A 28 -5.41 4.98 12.80
C PRO A 28 -6.27 4.32 11.71
N LEU A 29 -6.71 3.08 11.97
CA LEU A 29 -7.49 2.26 11.04
C LEU A 29 -8.99 2.60 11.08
N THR A 30 -9.30 3.87 10.84
CA THR A 30 -10.67 4.38 10.73
C THR A 30 -11.36 4.12 9.40
N GLU A 31 -12.67 3.94 9.45
CA GLU A 31 -13.51 3.76 8.26
C GLU A 31 -13.52 5.02 7.38
N LYS A 32 -13.49 6.21 8.00
CA LYS A 32 -13.41 7.52 7.32
C LYS A 32 -12.10 7.67 6.54
N LEU A 33 -10.98 7.22 7.11
CA LEU A 33 -9.67 7.33 6.47
C LEU A 33 -9.44 6.21 5.43
N LEU A 34 -9.76 4.95 5.74
CA LEU A 34 -9.57 3.84 4.79
C LEU A 34 -10.54 3.92 3.59
N SER A 35 -11.73 4.50 3.72
CA SER A 35 -12.66 4.69 2.57
C SER A 35 -12.18 5.69 1.51
N LYS A 36 -11.26 6.60 1.87
CA LYS A 36 -10.51 7.48 0.93
C LYS A 36 -9.26 8.07 1.60
N PRO A 37 -8.11 7.36 1.61
CA PRO A 37 -6.91 7.81 2.31
C PRO A 37 -6.09 8.82 1.49
N PRO A 38 -5.48 9.85 2.13
CA PRO A 38 -4.49 10.70 1.48
C PRO A 38 -3.17 9.93 1.26
N PHE A 39 -2.34 10.40 0.32
CA PHE A 39 -1.00 9.81 0.10
C PHE A 39 -0.13 9.67 1.35
N ARG A 40 -0.10 10.71 2.20
CA ARG A 40 0.74 10.75 3.42
C ARG A 40 0.29 9.70 4.45
N TYR A 41 -1.00 9.37 4.50
CA TYR A 41 -1.53 8.26 5.31
C TYR A 41 -1.05 6.88 4.85
N LEU A 42 -1.10 6.63 3.53
CA LEU A 42 -0.57 5.41 2.91
C LEU A 42 0.95 5.30 3.06
N HIS A 43 1.68 6.42 2.93
CA HIS A 43 3.13 6.49 3.19
C HIS A 43 3.47 6.09 4.63
N ASP A 44 2.68 6.50 5.62
CA ASP A 44 2.81 5.99 7.00
C ASP A 44 2.65 4.47 7.15
N ILE A 45 1.72 3.84 6.43
CA ILE A 45 1.57 2.37 6.43
C ILE A 45 2.79 1.71 5.77
N ILE A 46 3.19 2.20 4.60
CA ILE A 46 4.25 1.59 3.78
C ILE A 46 5.64 1.73 4.45
N THR A 47 5.90 2.83 5.16
CA THR A 47 7.12 2.96 5.98
C THR A 47 6.99 2.17 7.29
N GLU A 48 5.82 2.12 7.94
CA GLU A 48 5.68 1.40 9.22
C GLU A 48 5.71 -0.13 9.08
N VAL A 49 5.21 -0.69 7.98
CA VAL A 49 5.27 -2.14 7.73
C VAL A 49 6.70 -2.67 7.65
N ILE A 50 7.61 -1.88 7.08
CA ILE A 50 9.05 -2.18 7.03
C ILE A 50 9.65 -2.23 8.45
N ARG A 51 9.27 -1.30 9.33
CA ARG A 51 9.69 -1.25 10.75
C ARG A 51 9.12 -2.40 11.59
N MET A 52 7.83 -2.71 11.41
CA MET A 52 7.08 -3.67 12.22
C MET A 52 7.31 -5.13 11.83
N THR A 53 7.34 -5.42 10.53
CA THR A 53 7.35 -6.79 9.97
C THR A 53 8.56 -7.17 9.11
N GLY A 54 9.29 -6.18 8.59
CA GLY A 54 10.36 -6.37 7.62
C GLY A 54 9.88 -6.65 6.19
N PHE A 55 8.57 -6.69 5.93
CA PHE A 55 8.03 -6.79 4.58
C PHE A 55 8.32 -5.53 3.74
N MET A 56 8.82 -5.70 2.51
CA MET A 56 9.36 -4.64 1.65
C MET A 56 10.61 -3.92 2.22
N LYS A 57 11.35 -4.53 3.15
CA LYS A 57 12.61 -3.94 3.68
C LYS A 57 13.67 -3.79 2.57
N GLY A 58 14.34 -2.65 2.53
CA GLY A 58 15.35 -2.29 1.51
C GLY A 58 14.80 -1.84 0.15
N LEU A 59 13.47 -1.79 -0.02
CA LEU A 59 12.77 -1.41 -1.25
C LEU A 59 12.83 0.11 -1.54
N TYR A 60 13.09 0.91 -0.51
CA TYR A 60 13.23 2.37 -0.58
C TYR A 60 14.57 2.89 -0.09
N THR A 61 15.07 3.97 -0.71
CA THR A 61 16.21 4.75 -0.19
C THR A 61 15.81 5.64 1.01
N ASP A 62 16.79 6.15 1.75
CA ASP A 62 16.54 7.01 2.93
C ASP A 62 15.71 8.28 2.65
N ALA A 63 15.89 8.87 1.46
CA ALA A 63 15.10 10.00 0.98
C ALA A 63 13.65 9.60 0.62
N GLU A 64 13.45 8.44 -0.01
CA GLU A 64 12.11 7.93 -0.39
C GLU A 64 11.21 7.61 0.80
N MET A 65 11.79 7.22 1.95
CA MET A 65 11.06 6.99 3.21
C MET A 65 10.68 8.30 3.96
N LYS A 66 10.92 9.47 3.38
CA LYS A 66 10.54 10.79 3.92
C LYS A 66 9.67 11.56 2.93
N SER A 67 8.41 11.81 3.31
CA SER A 67 7.34 12.33 2.44
C SER A 67 7.56 13.75 1.90
N ASP A 68 8.43 14.55 2.52
CA ASP A 68 8.84 15.87 2.01
C ASP A 68 9.70 15.84 0.74
N ASN A 69 10.39 14.72 0.47
CA ASN A 69 11.06 14.46 -0.82
C ASN A 69 10.04 13.97 -1.87
N VAL A 70 9.11 13.12 -1.45
CA VAL A 70 7.98 12.59 -2.24
C VAL A 70 6.82 13.59 -2.44
N LYS A 71 7.16 14.85 -2.75
CA LYS A 71 6.24 16.00 -2.81
C LYS A 71 5.45 16.09 -4.13
N ASP A 72 6.04 15.70 -5.25
CA ASP A 72 5.40 15.70 -6.58
C ASP A 72 4.50 14.50 -6.88
N LYS A 73 3.41 14.70 -7.65
CA LYS A 73 2.48 13.64 -8.10
C LYS A 73 3.22 12.43 -8.69
N ASP A 74 4.14 12.67 -9.62
CA ASP A 74 4.89 11.59 -10.26
C ASP A 74 5.89 10.85 -9.36
N ALA A 75 6.42 11.54 -8.34
CA ALA A 75 7.21 10.93 -7.28
C ALA A 75 6.35 10.04 -6.37
N LYS A 76 5.13 10.49 -5.99
CA LYS A 76 4.16 9.69 -5.23
C LYS A 76 3.73 8.44 -6.00
N ILE A 77 3.47 8.58 -7.31
CA ILE A 77 3.15 7.47 -8.20
C ILE A 77 4.31 6.47 -8.26
N SER A 78 5.55 6.92 -8.44
CA SER A 78 6.75 6.07 -8.45
C SER A 78 6.94 5.33 -7.11
N PHE A 79 6.78 6.04 -5.99
CA PHE A 79 6.79 5.43 -4.65
C PHE A 79 5.78 4.30 -4.44
N LEU A 80 4.51 4.53 -4.80
CA LEU A 80 3.47 3.51 -4.71
C LEU A 80 3.68 2.37 -5.72
N GLN A 81 4.17 2.64 -6.94
CA GLN A 81 4.48 1.61 -7.93
C GLN A 81 5.48 0.58 -7.38
N LYS A 82 6.52 1.03 -6.67
CA LYS A 82 7.49 0.12 -6.03
C LYS A 82 6.84 -0.83 -5.01
N ALA A 83 5.94 -0.32 -4.16
CA ALA A 83 5.17 -1.16 -3.22
C ALA A 83 4.26 -2.15 -3.96
N ILE A 84 3.43 -1.64 -4.89
CA ILE A 84 2.49 -2.45 -5.68
C ILE A 84 3.22 -3.59 -6.40
N ASP A 85 4.38 -3.31 -7.01
CA ASP A 85 5.23 -4.30 -7.66
C ASP A 85 5.68 -5.47 -6.77
N VAL A 86 6.24 -5.18 -5.59
CA VAL A 86 6.61 -6.22 -4.61
C VAL A 86 5.39 -6.95 -4.07
N VAL A 87 4.29 -6.26 -3.75
CA VAL A 87 3.07 -6.90 -3.21
C VAL A 87 2.51 -7.92 -4.21
N VAL A 88 2.41 -7.57 -5.50
CA VAL A 88 1.96 -8.50 -6.56
C VAL A 88 2.96 -9.66 -6.71
N MET A 89 4.27 -9.39 -6.72
CA MET A 89 5.30 -10.44 -6.88
C MET A 89 5.41 -11.43 -5.71
N VAL A 90 5.27 -10.97 -4.46
CA VAL A 90 5.37 -11.83 -3.26
C VAL A 90 4.11 -12.66 -3.07
N SER A 91 2.93 -12.04 -3.16
CA SER A 91 1.64 -12.71 -2.94
C SER A 91 1.18 -13.58 -4.12
N GLY A 92 1.57 -13.23 -5.35
CA GLY A 92 1.04 -13.79 -6.60
C GLY A 92 -0.37 -13.27 -6.96
N GLU A 93 -0.96 -12.38 -6.15
CA GLU A 93 -2.28 -11.79 -6.37
C GLU A 93 -2.23 -10.64 -7.40
N PRO A 94 -3.14 -10.58 -8.39
CA PRO A 94 -3.28 -9.41 -9.25
C PRO A 94 -3.88 -8.23 -8.47
N LEU A 95 -3.53 -7.00 -8.85
CA LEU A 95 -4.09 -5.76 -8.31
C LEU A 95 -4.49 -4.79 -9.41
N LEU A 96 -5.76 -4.38 -9.43
CA LEU A 96 -6.28 -3.30 -10.27
C LEU A 96 -6.04 -1.90 -9.65
N ALA A 97 -5.53 -1.84 -8.41
CA ALA A 97 -5.05 -0.61 -7.79
C ALA A 97 -3.78 -0.10 -8.49
N LYS A 98 -3.96 0.81 -9.46
CA LYS A 98 -2.84 1.46 -10.17
C LYS A 98 -2.47 2.78 -9.46
N PRO A 99 -1.17 3.13 -9.33
CA PRO A 99 -0.74 4.26 -8.51
C PRO A 99 -1.34 5.61 -8.96
N ALA A 100 -1.52 5.81 -10.27
CA ALA A 100 -2.14 7.02 -10.82
C ALA A 100 -3.60 7.21 -10.36
N ARG A 101 -4.35 6.12 -10.09
CA ARG A 101 -5.69 6.20 -9.48
C ARG A 101 -5.59 6.59 -8.01
N ILE A 102 -4.67 5.96 -7.27
CA ILE A 102 -4.53 6.13 -5.81
C ILE A 102 -4.14 7.58 -5.47
N VAL A 103 -3.11 8.12 -6.13
CA VAL A 103 -2.61 9.50 -5.89
C VAL A 103 -3.64 10.56 -6.28
N ALA A 104 -4.42 10.32 -7.34
CA ALA A 104 -5.54 11.18 -7.74
C ALA A 104 -6.82 11.02 -6.88
N GLY A 105 -6.85 10.06 -5.94
CA GLY A 105 -7.97 9.83 -5.02
C GLY A 105 -9.15 9.04 -5.60
N HIS A 106 -8.92 8.25 -6.65
CA HIS A 106 -9.92 7.37 -7.27
C HIS A 106 -9.74 5.90 -6.84
N GLU A 107 -10.79 5.09 -7.07
CA GLU A 107 -10.82 3.64 -6.85
C GLU A 107 -10.39 3.18 -5.43
N PRO A 108 -10.86 3.82 -4.33
CA PRO A 108 -10.35 3.53 -2.98
C PRO A 108 -10.62 2.10 -2.50
N GLU A 109 -11.62 1.39 -3.07
CA GLU A 109 -11.84 -0.03 -2.81
C GLU A 109 -10.69 -0.91 -3.34
N ARG A 110 -9.98 -0.47 -4.38
CA ARG A 110 -8.73 -1.09 -4.87
C ARG A 110 -7.56 -0.72 -3.96
N THR A 111 -7.50 0.50 -3.44
CA THR A 111 -6.56 0.86 -2.36
C THR A 111 -6.71 0.01 -1.10
N ASN A 112 -7.96 -0.28 -0.71
CA ASN A 112 -8.27 -1.26 0.32
C ASN A 112 -7.80 -2.68 -0.03
N GLU A 113 -8.03 -3.14 -1.27
CA GLU A 113 -7.51 -4.44 -1.73
C GLU A 113 -5.98 -4.53 -1.61
N LEU A 114 -5.24 -3.48 -2.00
CA LEU A 114 -3.78 -3.41 -1.88
C LEU A 114 -3.33 -3.56 -0.42
N LEU A 115 -3.99 -2.83 0.49
CA LEU A 115 -3.73 -2.89 1.93
C LEU A 115 -4.10 -4.26 2.54
N GLN A 116 -5.19 -4.88 2.08
CA GLN A 116 -5.53 -6.26 2.44
C GLN A 116 -4.48 -7.28 1.98
N ILE A 117 -3.89 -7.15 0.77
CA ILE A 117 -2.79 -8.04 0.34
C ILE A 117 -1.48 -7.77 1.10
N ILE A 118 -1.15 -6.51 1.41
CA ILE A 118 -0.05 -6.17 2.34
C ILE A 118 -0.28 -6.85 3.70
N GLY A 119 -1.51 -6.78 4.20
CA GLY A 119 -1.98 -7.50 5.38
C GLY A 119 -1.75 -9.02 5.29
N LYS A 120 -2.21 -9.66 4.20
CA LYS A 120 -2.02 -11.09 3.93
C LYS A 120 -0.55 -11.49 3.92
N CYS A 121 0.32 -10.72 3.27
CA CYS A 121 1.76 -10.99 3.21
C CYS A 121 2.40 -10.98 4.60
N CYS A 122 2.03 -10.01 5.44
CA CYS A 122 2.49 -9.87 6.82
C CYS A 122 1.95 -10.97 7.76
N LEU A 123 0.66 -11.30 7.65
CA LEU A 123 0.01 -12.36 8.44
C LEU A 123 0.57 -13.75 8.13
N ASN A 124 0.94 -14.00 6.87
CA ASN A 124 1.66 -15.21 6.44
C ASN A 124 3.20 -15.13 6.61
N LYS A 125 3.72 -14.00 7.11
CA LYS A 125 5.14 -13.71 7.34
C LYS A 125 6.04 -13.95 6.11
N LEU A 126 5.54 -13.60 4.92
CA LEU A 126 6.23 -13.78 3.65
C LEU A 126 7.43 -12.84 3.53
N SER A 127 8.61 -13.41 3.26
CA SER A 127 9.82 -12.68 2.91
C SER A 127 9.73 -12.09 1.48
N SER A 128 10.30 -10.90 1.29
CA SER A 128 10.17 -10.11 0.05
C SER A 128 11.48 -9.86 -0.70
N ASP A 129 12.63 -10.30 -0.19
CA ASP A 129 13.96 -9.98 -0.72
C ASP A 129 14.14 -10.17 -2.24
N ASP A 130 13.76 -11.34 -2.78
CA ASP A 130 13.77 -11.60 -4.22
C ASP A 130 12.90 -10.66 -5.07
N ALA A 131 11.69 -10.33 -4.61
CA ALA A 131 10.82 -9.37 -5.27
C ALA A 131 11.35 -7.92 -5.15
N VAL A 132 11.92 -7.55 -4.00
CA VAL A 132 12.52 -6.23 -3.76
C VAL A 132 13.70 -6.03 -4.72
N ARG A 133 14.60 -7.01 -4.86
CA ARG A 133 15.70 -6.95 -5.83
C ARG A 133 15.24 -6.85 -7.29
N ARG A 134 14.07 -7.42 -7.63
CA ARG A 134 13.46 -7.31 -8.97
C ARG A 134 12.94 -5.91 -9.28
N VAL A 135 12.39 -5.20 -8.30
CA VAL A 135 12.02 -3.78 -8.42
C VAL A 135 13.25 -2.88 -8.49
N LEU A 136 14.27 -3.13 -7.66
CA LEU A 136 15.53 -2.35 -7.65
C LEU A 136 16.34 -2.55 -8.94
N ALA A 137 16.28 -3.73 -9.57
CA ALA A 137 16.84 -3.98 -10.90
C ALA A 137 16.13 -3.18 -12.03
N GLY A 138 14.95 -2.64 -11.77
CA GLY A 138 14.22 -1.74 -12.68
C GLY A 138 14.71 -0.28 -12.67
N GLU A 139 15.64 0.09 -11.78
CA GLU A 139 16.26 1.42 -11.75
C GLU A 139 17.09 1.72 -13.01
N LYS A 140 17.04 2.97 -13.48
CA LYS A 140 17.69 3.46 -14.71
C LYS A 140 19.07 4.08 -14.46
N GLY A 1 -23.89 -0.22 -8.73
CA GLY A 1 -22.82 -1.22 -8.58
C GLY A 1 -21.43 -0.61 -8.78
N SER A 2 -20.39 -1.39 -8.53
CA SER A 2 -18.96 -1.00 -8.56
C SER A 2 -18.38 -0.85 -9.98
N SER A 3 -19.16 -0.32 -10.93
CA SER A 3 -18.85 -0.29 -12.38
C SER A 3 -17.69 0.64 -12.76
N GLY A 4 -17.39 1.65 -11.94
CA GLY A 4 -16.29 2.60 -12.14
C GLY A 4 -16.31 3.76 -11.14
N SER A 5 -15.22 4.52 -11.07
CA SER A 5 -14.96 5.67 -10.17
C SER A 5 -14.93 5.40 -8.66
N SER A 6 -15.81 4.53 -8.14
CA SER A 6 -15.77 4.00 -6.77
C SER A 6 -16.65 2.75 -6.60
N GLY A 7 -16.14 1.76 -5.88
CA GLY A 7 -16.87 0.58 -5.38
C GLY A 7 -16.87 0.49 -3.85
N MET A 8 -16.47 1.57 -3.17
CA MET A 8 -16.19 1.61 -1.73
C MET A 8 -17.43 1.30 -0.87
N ASN A 9 -17.26 0.39 0.10
CA ASN A 9 -18.32 -0.09 0.99
C ASN A 9 -17.77 -0.64 2.32
N ALA A 10 -18.65 -0.86 3.30
CA ALA A 10 -18.28 -1.28 4.65
C ALA A 10 -17.61 -2.68 4.71
N ALA A 11 -18.02 -3.62 3.86
CA ALA A 11 -17.43 -4.97 3.83
C ALA A 11 -16.02 -4.99 3.23
N VAL A 12 -15.70 -4.09 2.30
CA VAL A 12 -14.32 -3.88 1.82
C VAL A 12 -13.50 -3.27 2.96
N VAL A 13 -14.01 -2.23 3.63
CA VAL A 13 -13.23 -1.54 4.69
C VAL A 13 -12.92 -2.39 5.92
N ARG A 14 -13.91 -3.18 6.38
CA ARG A 14 -13.77 -4.10 7.52
C ARG A 14 -12.73 -5.20 7.26
N ARG A 15 -12.62 -5.69 6.03
CA ARG A 15 -11.53 -6.61 5.61
C ARG A 15 -10.16 -5.97 5.79
N THR A 16 -9.98 -4.74 5.33
CA THR A 16 -8.75 -3.96 5.53
C THR A 16 -8.38 -3.66 6.98
N GLN A 17 -9.37 -3.32 7.81
CA GLN A 17 -9.20 -3.11 9.25
C GLN A 17 -8.68 -4.37 9.97
N GLU A 18 -9.15 -5.56 9.58
CA GLU A 18 -8.62 -6.84 10.08
C GLU A 18 -7.23 -7.16 9.48
N ALA A 19 -7.05 -6.91 8.18
CA ALA A 19 -5.83 -7.28 7.45
C ALA A 19 -4.59 -6.46 7.87
N LEU A 20 -4.74 -5.14 8.06
CA LEU A 20 -3.69 -4.27 8.60
C LEU A 20 -3.61 -4.28 10.13
N GLY A 21 -4.65 -4.79 10.83
CA GLY A 21 -4.82 -4.68 12.28
C GLY A 21 -3.71 -5.30 13.15
N LYS A 22 -2.84 -6.13 12.55
CA LYS A 22 -1.66 -6.74 13.20
C LYS A 22 -0.32 -6.25 12.64
N VAL A 23 -0.31 -5.55 11.51
CA VAL A 23 0.92 -5.22 10.73
C VAL A 23 1.66 -3.95 11.13
N ILE A 24 0.91 -2.93 11.55
CA ILE A 24 1.42 -1.60 11.96
C ILE A 24 0.82 -1.11 13.28
N ARG A 25 1.36 -0.02 13.85
CA ARG A 25 0.94 0.56 15.14
C ARG A 25 0.77 2.10 15.18
N ARG A 26 1.01 2.83 14.09
CA ARG A 26 0.95 4.32 14.08
C ARG A 26 -0.36 4.94 13.54
N PRO A 27 -0.66 4.96 12.22
CA PRO A 27 -1.88 5.62 11.76
C PRO A 27 -3.14 4.81 12.16
N PRO A 28 -4.25 5.48 12.53
CA PRO A 28 -5.48 4.81 12.96
C PRO A 28 -6.23 4.20 11.78
N LEU A 29 -6.71 2.96 11.94
CA LEU A 29 -7.46 2.21 10.92
C LEU A 29 -8.96 2.57 10.93
N THR A 30 -9.25 3.86 10.78
CA THR A 30 -10.62 4.38 10.73
C THR A 30 -11.40 4.06 9.46
N GLU A 31 -12.72 3.90 9.57
CA GLU A 31 -13.62 3.72 8.42
C GLU A 31 -13.50 4.88 7.42
N LYS A 32 -13.45 6.13 7.91
CA LYS A 32 -13.28 7.33 7.09
C LYS A 32 -11.94 7.35 6.34
N LEU A 33 -10.84 7.11 7.06
CA LEU A 33 -9.49 7.23 6.48
C LEU A 33 -9.21 6.10 5.49
N LEU A 34 -9.63 4.86 5.78
CA LEU A 34 -9.50 3.77 4.82
C LEU A 34 -10.47 3.92 3.63
N SER A 35 -11.63 4.56 3.79
CA SER A 35 -12.56 4.81 2.66
C SER A 35 -12.06 5.85 1.64
N LYS A 36 -11.16 6.77 2.04
CA LYS A 36 -10.50 7.74 1.15
C LYS A 36 -9.18 8.27 1.76
N PRO A 37 -8.07 7.50 1.69
CA PRO A 37 -6.82 7.88 2.35
C PRO A 37 -6.02 8.93 1.55
N PRO A 38 -5.40 9.93 2.22
CA PRO A 38 -4.40 10.79 1.58
C PRO A 38 -3.10 10.02 1.32
N PHE A 39 -2.28 10.49 0.38
CA PHE A 39 -0.97 9.85 0.11
C PHE A 39 -0.06 9.67 1.34
N ARG A 40 0.06 10.71 2.17
CA ARG A 40 0.89 10.69 3.38
C ARG A 40 0.43 9.64 4.41
N TYR A 41 -0.86 9.34 4.48
CA TYR A 41 -1.39 8.24 5.29
C TYR A 41 -0.94 6.85 4.81
N LEU A 42 -1.07 6.59 3.51
CA LEU A 42 -0.59 5.37 2.86
C LEU A 42 0.93 5.21 2.96
N HIS A 43 1.67 6.30 2.71
CA HIS A 43 3.12 6.38 2.86
C HIS A 43 3.54 5.94 4.27
N ASP A 44 2.91 6.48 5.31
CA ASP A 44 3.23 6.15 6.69
C ASP A 44 2.95 4.69 7.09
N ILE A 45 1.92 4.05 6.52
CA ILE A 45 1.71 2.60 6.66
C ILE A 45 2.85 1.83 5.97
N ILE A 46 3.21 2.23 4.75
CA ILE A 46 4.24 1.59 3.93
C ILE A 46 5.66 1.73 4.53
N THR A 47 5.97 2.83 5.22
CA THR A 47 7.21 2.95 6.01
C THR A 47 7.16 2.27 7.37
N GLU A 48 6.03 2.30 8.11
CA GLU A 48 5.92 1.58 9.38
C GLU A 48 5.94 0.05 9.23
N VAL A 49 5.36 -0.52 8.16
CA VAL A 49 5.39 -1.98 7.94
C VAL A 49 6.82 -2.55 7.82
N ILE A 50 7.73 -1.76 7.25
CA ILE A 50 9.17 -2.09 7.15
C ILE A 50 9.83 -2.17 8.54
N ARG A 51 9.40 -1.35 9.50
CA ARG A 51 9.86 -1.38 10.90
C ARG A 51 9.17 -2.45 11.75
N MET A 52 7.86 -2.63 11.55
CA MET A 52 6.97 -3.46 12.39
C MET A 52 6.94 -4.95 12.00
N THR A 53 7.12 -5.26 10.71
CA THR A 53 7.15 -6.63 10.17
C THR A 53 8.41 -7.02 9.37
N GLY A 54 9.05 -6.04 8.73
CA GLY A 54 10.17 -6.25 7.80
C GLY A 54 9.74 -6.57 6.37
N PHE A 55 8.43 -6.61 6.07
CA PHE A 55 7.95 -6.72 4.68
C PHE A 55 8.26 -5.46 3.84
N MET A 56 8.72 -5.63 2.60
CA MET A 56 9.28 -4.57 1.73
C MET A 56 10.55 -3.88 2.29
N LYS A 57 11.30 -4.48 3.22
CA LYS A 57 12.53 -3.87 3.77
C LYS A 57 13.61 -3.67 2.71
N GLY A 58 14.21 -2.47 2.68
CA GLY A 58 15.25 -2.05 1.72
C GLY A 58 14.74 -1.59 0.34
N LEU A 59 13.43 -1.69 0.08
CA LEU A 59 12.76 -1.34 -1.19
C LEU A 59 12.72 0.18 -1.45
N TYR A 60 12.78 0.97 -0.39
CA TYR A 60 12.88 2.44 -0.41
C TYR A 60 14.20 2.98 0.12
N THR A 61 14.66 4.12 -0.42
CA THR A 61 15.78 4.90 0.15
C THR A 61 15.45 5.62 1.46
N ASP A 62 16.47 6.03 2.22
CA ASP A 62 16.30 6.90 3.39
C ASP A 62 15.57 8.22 3.08
N ALA A 63 15.72 8.74 1.86
CA ALA A 63 15.02 9.92 1.37
C ALA A 63 13.60 9.58 0.86
N GLU A 64 13.40 8.45 0.18
CA GLU A 64 12.07 7.98 -0.27
C GLU A 64 11.13 7.63 0.88
N MET A 65 11.66 7.17 2.02
CA MET A 65 10.91 6.93 3.27
C MET A 65 10.47 8.21 4.02
N LYS A 66 10.54 9.39 3.39
CA LYS A 66 10.13 10.70 3.95
C LYS A 66 9.19 11.45 2.99
N SER A 67 7.95 11.65 3.43
CA SER A 67 6.85 12.16 2.58
C SER A 67 7.03 13.59 2.05
N ASP A 68 7.85 14.42 2.72
CA ASP A 68 8.24 15.75 2.23
C ASP A 68 9.18 15.76 1.01
N ASN A 69 9.95 14.69 0.79
CA ASN A 69 10.69 14.48 -0.46
C ASN A 69 9.74 13.97 -1.56
N VAL A 70 8.87 13.01 -1.21
CA VAL A 70 7.80 12.46 -2.07
C VAL A 70 6.56 13.36 -2.22
N LYS A 71 6.76 14.68 -2.38
CA LYS A 71 5.68 15.67 -2.48
C LYS A 71 5.09 15.80 -3.91
N ASP A 72 5.85 15.44 -4.94
CA ASP A 72 5.45 15.51 -6.35
C ASP A 72 4.57 14.34 -6.80
N LYS A 73 3.54 14.59 -7.62
CA LYS A 73 2.55 13.56 -8.02
C LYS A 73 3.17 12.36 -8.74
N ASP A 74 4.15 12.60 -9.61
CA ASP A 74 4.93 11.53 -10.26
C ASP A 74 5.80 10.70 -9.31
N ALA A 75 6.44 11.35 -8.33
CA ALA A 75 7.17 10.68 -7.26
C ALA A 75 6.25 9.85 -6.36
N LYS A 76 5.05 10.37 -6.03
CA LYS A 76 3.99 9.64 -5.30
C LYS A 76 3.54 8.39 -6.03
N ILE A 77 3.29 8.51 -7.34
CA ILE A 77 2.94 7.40 -8.23
C ILE A 77 4.07 6.36 -8.29
N SER A 78 5.32 6.78 -8.47
CA SER A 78 6.50 5.91 -8.49
C SER A 78 6.69 5.16 -7.16
N PHE A 79 6.53 5.85 -6.03
CA PHE A 79 6.56 5.27 -4.69
C PHE A 79 5.54 4.14 -4.47
N LEU A 80 4.28 4.38 -4.87
CA LEU A 80 3.24 3.35 -4.83
C LEU A 80 3.44 2.24 -5.86
N GLN A 81 3.99 2.52 -7.05
CA GLN A 81 4.30 1.49 -8.04
C GLN A 81 5.32 0.48 -7.49
N LYS A 82 6.34 0.92 -6.74
CA LYS A 82 7.27 0.01 -6.05
C LYS A 82 6.55 -0.95 -5.09
N ALA A 83 5.63 -0.44 -4.26
CA ALA A 83 4.82 -1.26 -3.35
C ALA A 83 3.95 -2.25 -4.14
N ILE A 84 3.17 -1.77 -5.12
CA ILE A 84 2.29 -2.59 -5.96
C ILE A 84 3.07 -3.72 -6.64
N ASP A 85 4.25 -3.43 -7.19
CA ASP A 85 5.15 -4.41 -7.80
C ASP A 85 5.59 -5.56 -6.87
N VAL A 86 6.11 -5.23 -5.68
CA VAL A 86 6.50 -6.25 -4.69
C VAL A 86 5.28 -7.01 -4.16
N VAL A 87 4.17 -6.33 -3.86
CA VAL A 87 2.96 -6.96 -3.31
C VAL A 87 2.41 -8.00 -4.29
N VAL A 88 2.34 -7.69 -5.60
CA VAL A 88 1.92 -8.68 -6.63
C VAL A 88 2.91 -9.85 -6.68
N MET A 89 4.23 -9.57 -6.74
CA MET A 89 5.26 -10.60 -6.83
C MET A 89 5.33 -11.56 -5.63
N VAL A 90 5.12 -11.06 -4.41
CA VAL A 90 5.22 -11.83 -3.16
C VAL A 90 3.93 -12.61 -2.88
N SER A 91 2.77 -11.96 -3.02
CA SER A 91 1.46 -12.57 -2.66
C SER A 91 0.93 -13.57 -3.69
N GLY A 92 1.38 -13.46 -4.95
CA GLY A 92 0.81 -14.17 -6.11
C GLY A 92 -0.53 -13.62 -6.61
N GLU A 93 -1.09 -12.57 -5.98
CA GLU A 93 -2.36 -11.96 -6.35
C GLU A 93 -2.17 -10.87 -7.44
N PRO A 94 -2.92 -10.89 -8.55
CA PRO A 94 -2.95 -9.77 -9.49
C PRO A 94 -3.75 -8.61 -8.89
N LEU A 95 -3.07 -7.50 -8.57
CA LEU A 95 -3.71 -6.28 -8.05
C LEU A 95 -4.41 -5.55 -9.20
N LEU A 96 -5.71 -5.32 -9.03
CA LEU A 96 -6.50 -4.50 -9.96
C LEU A 96 -6.17 -3.00 -9.80
N ALA A 97 -5.72 -2.60 -8.61
CA ALA A 97 -5.24 -1.26 -8.28
C ALA A 97 -4.07 -0.79 -9.15
N LYS A 98 -4.02 0.54 -9.33
CA LYS A 98 -3.01 1.29 -10.07
C LYS A 98 -2.67 2.58 -9.32
N PRO A 99 -1.40 3.03 -9.31
CA PRO A 99 -0.95 4.16 -8.48
C PRO A 99 -1.63 5.48 -8.85
N ALA A 100 -1.89 5.74 -10.14
CA ALA A 100 -2.53 6.97 -10.61
C ALA A 100 -3.96 7.15 -10.05
N ARG A 101 -4.73 6.06 -9.92
CA ARG A 101 -6.03 6.06 -9.22
C ARG A 101 -5.88 6.36 -7.74
N ILE A 102 -4.93 5.70 -7.07
CA ILE A 102 -4.71 5.80 -5.62
C ILE A 102 -4.35 7.24 -5.21
N VAL A 103 -3.38 7.86 -5.89
CA VAL A 103 -2.89 9.22 -5.58
C VAL A 103 -3.95 10.29 -5.84
N ALA A 104 -4.74 10.15 -6.92
CA ALA A 104 -5.85 11.05 -7.23
C ALA A 104 -7.13 10.81 -6.41
N GLY A 105 -7.18 9.74 -5.60
CA GLY A 105 -8.33 9.40 -4.75
C GLY A 105 -9.49 8.69 -5.45
N HIS A 106 -9.31 8.24 -6.69
CA HIS A 106 -10.33 7.49 -7.44
C HIS A 106 -10.27 6.00 -7.09
N GLU A 107 -11.43 5.33 -7.15
CA GLU A 107 -11.57 3.88 -6.91
C GLU A 107 -10.90 3.41 -5.60
N PRO A 108 -11.19 4.03 -4.43
CA PRO A 108 -10.46 3.76 -3.18
C PRO A 108 -10.67 2.33 -2.63
N GLU A 109 -11.62 1.56 -3.16
CA GLU A 109 -11.73 0.12 -2.88
C GLU A 109 -10.51 -0.65 -3.42
N ARG A 110 -9.84 -0.12 -4.47
CA ARG A 110 -8.57 -0.63 -5.01
C ARG A 110 -7.41 -0.34 -4.05
N THR A 111 -7.42 0.83 -3.40
CA THR A 111 -6.52 1.13 -2.28
C THR A 111 -6.66 0.19 -1.11
N ASN A 112 -7.90 -0.12 -0.72
CA ASN A 112 -8.22 -1.14 0.27
C ASN A 112 -7.72 -2.53 -0.15
N GLU A 113 -7.93 -2.94 -1.40
CA GLU A 113 -7.39 -4.20 -1.95
C GLU A 113 -5.87 -4.29 -1.77
N LEU A 114 -5.12 -3.24 -2.12
CA LEU A 114 -3.66 -3.20 -1.98
C LEU A 114 -3.24 -3.39 -0.51
N LEU A 115 -3.91 -2.67 0.42
CA LEU A 115 -3.65 -2.77 1.86
C LEU A 115 -4.03 -4.14 2.43
N GLN A 116 -5.12 -4.76 1.96
CA GLN A 116 -5.47 -6.14 2.30
C GLN A 116 -4.41 -7.16 1.85
N ILE A 117 -3.81 -7.03 0.66
CA ILE A 117 -2.72 -7.92 0.22
C ILE A 117 -1.39 -7.62 0.93
N ILE A 118 -1.09 -6.36 1.30
CA ILE A 118 0.01 -6.03 2.22
C ILE A 118 -0.21 -6.74 3.56
N GLY A 119 -1.45 -6.72 4.05
CA GLY A 119 -1.91 -7.50 5.21
C GLY A 119 -1.65 -9.00 5.05
N LYS A 120 -2.05 -9.60 3.92
CA LYS A 120 -1.79 -11.01 3.57
C LYS A 120 -0.30 -11.37 3.66
N CYS A 121 0.57 -10.53 3.07
CA CYS A 121 2.01 -10.75 3.09
C CYS A 121 2.62 -10.71 4.50
N CYS A 122 2.16 -9.77 5.32
CA CYS A 122 2.58 -9.61 6.71
C CYS A 122 2.08 -10.74 7.64
N LEU A 123 0.83 -11.16 7.50
CA LEU A 123 0.23 -12.26 8.26
C LEU A 123 0.86 -13.62 7.91
N ASN A 124 1.30 -13.81 6.66
CA ASN A 124 2.13 -14.94 6.22
C ASN A 124 3.64 -14.76 6.50
N LYS A 125 4.05 -13.63 7.09
CA LYS A 125 5.43 -13.27 7.49
C LYS A 125 6.46 -13.37 6.36
N LEU A 126 6.05 -13.01 5.14
CA LEU A 126 6.86 -13.13 3.92
C LEU A 126 7.98 -12.08 3.87
N SER A 127 9.20 -12.54 3.63
CA SER A 127 10.44 -11.73 3.68
C SER A 127 10.62 -10.76 2.51
N SER A 128 9.97 -11.01 1.36
CA SER A 128 9.99 -10.21 0.12
C SER A 128 11.34 -10.00 -0.57
N ASP A 129 12.42 -10.63 -0.10
CA ASP A 129 13.80 -10.34 -0.52
C ASP A 129 14.09 -10.38 -2.04
N ASP A 130 13.66 -11.44 -2.73
CA ASP A 130 13.70 -11.53 -4.20
C ASP A 130 12.83 -10.51 -4.95
N ALA A 131 11.58 -10.29 -4.51
CA ALA A 131 10.68 -9.34 -5.14
C ALA A 131 11.16 -7.88 -5.00
N VAL A 132 11.68 -7.52 -3.81
CA VAL A 132 12.28 -6.20 -3.55
C VAL A 132 13.47 -6.00 -4.48
N ARG A 133 14.37 -6.99 -4.58
CA ARG A 133 15.54 -6.95 -5.48
C ARG A 133 15.16 -6.83 -6.95
N ARG A 134 14.04 -7.43 -7.40
CA ARG A 134 13.51 -7.30 -8.77
C ARG A 134 13.04 -5.88 -9.09
N VAL A 135 12.37 -5.22 -8.15
CA VAL A 135 11.97 -3.80 -8.30
C VAL A 135 13.19 -2.87 -8.28
N LEU A 136 14.16 -3.10 -7.39
CA LEU A 136 15.39 -2.29 -7.31
C LEU A 136 16.28 -2.44 -8.56
N ALA A 137 16.32 -3.64 -9.15
CA ALA A 137 16.98 -3.92 -10.43
C ALA A 137 16.20 -3.38 -11.67
N GLY A 138 14.92 -3.02 -11.50
CA GLY A 138 14.01 -2.54 -12.54
C GLY A 138 13.42 -3.63 -13.45
N GLU A 139 14.21 -4.68 -13.74
CA GLU A 139 13.89 -5.84 -14.58
C GLU A 139 13.45 -5.54 -16.04
N LYS A 140 13.28 -6.60 -16.84
CA LYS A 140 12.92 -6.56 -18.28
C LYS A 140 11.77 -7.51 -18.62
N GLY A 1 -15.15 19.01 -7.70
CA GLY A 1 -14.59 17.67 -7.44
C GLY A 1 -15.13 17.07 -6.15
N SER A 2 -14.33 16.24 -5.47
CA SER A 2 -14.58 15.63 -4.14
C SER A 2 -15.95 14.95 -3.95
N SER A 3 -16.48 14.35 -5.02
CA SER A 3 -17.80 13.70 -5.06
C SER A 3 -17.92 12.49 -4.12
N GLY A 4 -19.11 12.28 -3.55
CA GLY A 4 -19.42 11.15 -2.65
C GLY A 4 -19.65 9.80 -3.32
N SER A 5 -19.53 9.71 -4.65
CA SER A 5 -19.80 8.55 -5.52
C SER A 5 -18.76 7.41 -5.45
N SER A 6 -18.16 7.19 -4.27
CA SER A 6 -17.19 6.10 -4.01
C SER A 6 -17.81 4.70 -4.19
N GLY A 7 -17.02 3.74 -4.69
CA GLY A 7 -17.39 2.33 -4.79
C GLY A 7 -17.27 1.54 -3.48
N MET A 8 -16.76 2.15 -2.40
CA MET A 8 -16.56 1.50 -1.10
C MET A 8 -17.85 1.14 -0.34
N ASN A 9 -17.73 0.13 0.54
CA ASN A 9 -18.73 -0.26 1.52
C ASN A 9 -18.06 -0.83 2.79
N ALA A 10 -18.85 -1.04 3.84
CA ALA A 10 -18.37 -1.50 5.15
C ALA A 10 -17.66 -2.87 5.12
N ALA A 11 -18.05 -3.78 4.23
CA ALA A 11 -17.48 -5.13 4.16
C ALA A 11 -16.10 -5.15 3.46
N VAL A 12 -15.85 -4.22 2.53
CA VAL A 12 -14.50 -4.00 1.98
C VAL A 12 -13.59 -3.38 3.04
N VAL A 13 -14.07 -2.38 3.78
CA VAL A 13 -13.23 -1.70 4.79
C VAL A 13 -12.89 -2.54 6.03
N ARG A 14 -13.84 -3.33 6.53
CA ARG A 14 -13.64 -4.24 7.67
C ARG A 14 -12.58 -5.31 7.39
N ARG A 15 -12.49 -5.79 6.14
CA ARG A 15 -11.40 -6.68 5.70
C ARG A 15 -10.03 -6.02 5.87
N THR A 16 -9.88 -4.79 5.40
CA THR A 16 -8.66 -3.99 5.59
C THR A 16 -8.27 -3.68 7.04
N GLN A 17 -9.25 -3.36 7.89
CA GLN A 17 -9.04 -3.15 9.33
C GLN A 17 -8.50 -4.40 10.03
N GLU A 18 -9.03 -5.59 9.68
CA GLU A 18 -8.51 -6.87 10.18
C GLU A 18 -7.13 -7.21 9.57
N ALA A 19 -6.94 -6.92 8.29
CA ALA A 19 -5.71 -7.25 7.56
C ALA A 19 -4.50 -6.43 8.03
N LEU A 20 -4.66 -5.11 8.22
CA LEU A 20 -3.61 -4.22 8.73
C LEU A 20 -3.47 -4.21 10.26
N GLY A 21 -4.51 -4.60 11.00
CA GLY A 21 -4.55 -4.49 12.47
C GLY A 21 -3.50 -5.33 13.21
N LYS A 22 -2.84 -6.27 12.53
CA LYS A 22 -1.73 -7.11 13.02
C LYS A 22 -0.35 -6.68 12.51
N VAL A 23 -0.28 -5.64 11.67
CA VAL A 23 0.92 -5.22 10.92
C VAL A 23 1.52 -3.89 11.36
N ILE A 24 0.66 -2.89 11.52
CA ILE A 24 0.99 -1.52 11.95
C ILE A 24 -0.17 -0.88 12.73
N ARG A 25 0.12 0.19 13.49
CA ARG A 25 -0.88 0.98 14.23
C ARG A 25 -0.64 2.51 14.30
N ARG A 26 0.28 3.05 13.50
CA ARG A 26 0.65 4.49 13.53
C ARG A 26 -0.47 5.38 12.96
N PRO A 27 -0.85 5.30 11.66
CA PRO A 27 -2.07 5.95 11.20
C PRO A 27 -3.30 5.19 11.75
N PRO A 28 -4.40 5.88 12.13
CA PRO A 28 -5.57 5.25 12.70
C PRO A 28 -6.38 4.50 11.62
N LEU A 29 -6.73 3.24 11.86
CA LEU A 29 -7.46 2.38 10.93
C LEU A 29 -8.98 2.64 10.95
N THR A 30 -9.37 3.89 10.72
CA THR A 30 -10.76 4.33 10.61
C THR A 30 -11.45 3.97 9.29
N GLU A 31 -12.75 3.71 9.36
CA GLU A 31 -13.58 3.40 8.21
C GLU A 31 -13.63 4.58 7.23
N LYS A 32 -13.69 5.81 7.75
CA LYS A 32 -13.68 7.06 6.96
C LYS A 32 -12.37 7.24 6.21
N LEU A 33 -11.23 7.04 6.88
CA LEU A 33 -9.91 7.23 6.30
C LEU A 33 -9.57 6.12 5.30
N LEU A 34 -9.79 4.84 5.64
CA LEU A 34 -9.56 3.73 4.73
C LEU A 34 -10.49 3.77 3.50
N SER A 35 -11.68 4.39 3.59
CA SER A 35 -12.58 4.53 2.44
C SER A 35 -12.06 5.44 1.31
N LYS A 36 -11.16 6.41 1.60
CA LYS A 36 -10.45 7.23 0.60
C LYS A 36 -9.22 7.93 1.21
N PRO A 37 -8.12 7.21 1.49
CA PRO A 37 -6.99 7.76 2.23
C PRO A 37 -6.14 8.73 1.38
N PRO A 38 -5.57 9.79 1.98
CA PRO A 38 -4.57 10.63 1.32
C PRO A 38 -3.24 9.89 1.13
N PHE A 39 -2.38 10.37 0.21
CA PHE A 39 -1.05 9.79 0.00
C PHE A 39 -0.17 9.68 1.26
N ARG A 40 -0.16 10.73 2.09
CA ARG A 40 0.60 10.80 3.35
C ARG A 40 0.17 9.69 4.33
N TYR A 41 -1.14 9.43 4.42
CA TYR A 41 -1.66 8.32 5.22
C TYR A 41 -1.18 6.94 4.76
N LEU A 42 -1.19 6.70 3.44
CA LEU A 42 -0.68 5.47 2.83
C LEU A 42 0.85 5.33 3.00
N HIS A 43 1.60 6.41 2.81
CA HIS A 43 3.04 6.46 3.06
C HIS A 43 3.37 6.09 4.52
N ASP A 44 2.60 6.60 5.49
CA ASP A 44 2.69 6.23 6.91
C ASP A 44 2.43 4.76 7.27
N ILE A 45 1.82 3.99 6.36
CA ILE A 45 1.69 2.52 6.43
C ILE A 45 2.89 1.87 5.72
N ILE A 46 3.14 2.27 4.47
CA ILE A 46 4.08 1.62 3.55
C ILE A 46 5.55 1.72 4.03
N THR A 47 5.94 2.82 4.69
CA THR A 47 7.24 2.90 5.38
C THR A 47 7.25 2.23 6.76
N GLU A 48 6.14 2.27 7.51
CA GLU A 48 6.08 1.71 8.87
C GLU A 48 6.00 0.17 8.89
N VAL A 49 5.45 -0.47 7.85
CA VAL A 49 5.46 -1.94 7.73
C VAL A 49 6.87 -2.53 7.69
N ILE A 50 7.82 -1.80 7.10
CA ILE A 50 9.25 -2.15 7.12
C ILE A 50 9.82 -2.07 8.55
N ARG A 51 9.35 -1.12 9.36
CA ARG A 51 9.75 -0.94 10.76
C ARG A 51 9.14 -2.00 11.69
N MET A 52 7.86 -2.32 11.52
CA MET A 52 7.07 -3.16 12.44
C MET A 52 7.03 -4.66 12.08
N THR A 53 7.14 -5.02 10.79
CA THR A 53 7.15 -6.41 10.29
C THR A 53 8.40 -6.84 9.51
N GLY A 54 9.06 -5.89 8.85
CA GLY A 54 10.18 -6.15 7.94
C GLY A 54 9.77 -6.57 6.52
N PHE A 55 8.47 -6.63 6.21
CA PHE A 55 8.00 -6.81 4.84
C PHE A 55 8.36 -5.62 3.92
N MET A 56 8.84 -5.89 2.71
CA MET A 56 9.43 -4.90 1.78
C MET A 56 10.70 -4.20 2.29
N LYS A 57 11.45 -4.77 3.25
CA LYS A 57 12.70 -4.17 3.75
C LYS A 57 13.75 -3.97 2.64
N GLY A 58 14.35 -2.78 2.60
CA GLY A 58 15.37 -2.37 1.61
C GLY A 58 14.82 -1.88 0.25
N LEU A 59 13.50 -1.94 0.04
CA LEU A 59 12.81 -1.55 -1.20
C LEU A 59 12.79 -0.03 -1.44
N TYR A 60 12.84 0.75 -0.35
CA TYR A 60 12.98 2.20 -0.36
C TYR A 60 14.34 2.68 0.19
N THR A 61 14.87 3.77 -0.35
CA THR A 61 16.03 4.48 0.21
C THR A 61 15.76 5.21 1.54
N ASP A 62 16.81 5.56 2.28
CA ASP A 62 16.70 6.44 3.46
C ASP A 62 16.08 7.83 3.18
N ALA A 63 16.15 8.29 1.92
CA ALA A 63 15.47 9.49 1.44
C ALA A 63 14.03 9.20 0.98
N GLU A 64 13.78 8.12 0.24
CA GLU A 64 12.44 7.73 -0.21
C GLU A 64 11.48 7.39 0.94
N MET A 65 11.99 6.87 2.06
CA MET A 65 11.21 6.67 3.30
C MET A 65 10.83 7.96 4.06
N LYS A 66 11.24 9.14 3.57
CA LYS A 66 10.91 10.47 4.13
C LYS A 66 10.06 11.27 3.14
N SER A 67 8.82 11.59 3.50
CA SER A 67 7.81 12.17 2.59
C SER A 67 8.16 13.57 2.07
N ASP A 68 9.13 14.27 2.66
CA ASP A 68 9.68 15.52 2.12
C ASP A 68 10.43 15.39 0.77
N ASN A 69 10.91 14.18 0.46
CA ASN A 69 11.45 13.81 -0.87
C ASN A 69 10.36 13.28 -1.82
N VAL A 70 9.10 13.20 -1.36
CA VAL A 70 7.95 12.56 -2.02
C VAL A 70 6.70 13.46 -2.10
N LYS A 71 6.90 14.77 -2.19
CA LYS A 71 5.83 15.78 -2.34
C LYS A 71 5.28 15.90 -3.77
N ASP A 72 6.11 15.66 -4.78
CA ASP A 72 5.71 15.67 -6.20
C ASP A 72 4.90 14.46 -6.66
N LYS A 73 3.87 14.66 -7.50
CA LYS A 73 2.94 13.59 -7.95
C LYS A 73 3.67 12.44 -8.65
N ASP A 74 4.68 12.73 -9.46
CA ASP A 74 5.52 11.70 -10.09
C ASP A 74 6.32 10.83 -9.12
N ALA A 75 6.85 11.44 -8.06
CA ALA A 75 7.53 10.74 -6.96
C ALA A 75 6.54 9.90 -6.12
N LYS A 76 5.34 10.44 -5.86
CA LYS A 76 4.22 9.73 -5.19
C LYS A 76 3.81 8.47 -5.96
N ILE A 77 3.63 8.61 -7.27
CA ILE A 77 3.32 7.49 -8.17
C ILE A 77 4.45 6.45 -8.17
N SER A 78 5.71 6.88 -8.30
CA SER A 78 6.87 5.98 -8.27
C SER A 78 6.98 5.22 -6.95
N PHE A 79 6.73 5.89 -5.82
CA PHE A 79 6.67 5.28 -4.49
C PHE A 79 5.59 4.20 -4.34
N LEU A 80 4.36 4.49 -4.76
CA LEU A 80 3.26 3.51 -4.75
C LEU A 80 3.48 2.38 -5.77
N GLN A 81 4.05 2.65 -6.94
CA GLN A 81 4.36 1.62 -7.94
C GLN A 81 5.32 0.57 -7.37
N LYS A 82 6.37 0.97 -6.64
CA LYS A 82 7.27 0.04 -5.93
C LYS A 82 6.52 -0.88 -4.96
N ALA A 83 5.60 -0.34 -4.15
CA ALA A 83 4.77 -1.14 -3.25
C ALA A 83 3.88 -2.12 -4.02
N ILE A 84 3.08 -1.64 -4.97
CA ILE A 84 2.16 -2.45 -5.79
C ILE A 84 2.92 -3.60 -6.46
N ASP A 85 4.09 -3.32 -7.04
CA ASP A 85 4.96 -4.31 -7.68
C ASP A 85 5.41 -5.48 -6.78
N VAL A 86 6.00 -5.19 -5.62
CA VAL A 86 6.42 -6.22 -4.66
C VAL A 86 5.21 -6.95 -4.07
N VAL A 87 4.13 -6.26 -3.72
CA VAL A 87 2.95 -6.86 -3.09
C VAL A 87 2.31 -7.89 -4.02
N VAL A 88 2.20 -7.60 -5.33
CA VAL A 88 1.71 -8.57 -6.34
C VAL A 88 2.71 -9.73 -6.48
N MET A 89 4.02 -9.45 -6.59
CA MET A 89 5.05 -10.48 -6.79
C MET A 89 5.21 -11.46 -5.62
N VAL A 90 5.08 -11.00 -4.37
CA VAL A 90 5.26 -11.82 -3.16
C VAL A 90 4.01 -12.68 -2.89
N SER A 91 2.82 -12.07 -2.93
CA SER A 91 1.56 -12.79 -2.66
C SER A 91 1.11 -13.71 -3.80
N GLY A 92 1.46 -13.37 -5.05
CA GLY A 92 0.92 -13.98 -6.27
C GLY A 92 -0.52 -13.52 -6.60
N GLU A 93 -1.11 -12.63 -5.80
CA GLU A 93 -2.45 -12.07 -6.02
C GLU A 93 -2.37 -10.79 -6.90
N PRO A 94 -3.24 -10.64 -7.93
CA PRO A 94 -3.28 -9.44 -8.75
C PRO A 94 -3.85 -8.22 -8.00
N LEU A 95 -3.53 -7.02 -8.49
CA LEU A 95 -4.13 -5.74 -8.06
C LEU A 95 -4.49 -4.90 -9.29
N LEU A 96 -5.71 -4.34 -9.30
CA LEU A 96 -6.13 -3.35 -10.32
C LEU A 96 -5.77 -1.90 -9.92
N ALA A 97 -5.10 -1.71 -8.78
CA ALA A 97 -4.64 -0.41 -8.28
C ALA A 97 -3.64 0.24 -9.25
N LYS A 98 -4.06 1.33 -9.92
CA LYS A 98 -3.19 2.17 -10.77
C LYS A 98 -2.69 3.36 -9.92
N PRO A 99 -1.38 3.51 -9.64
CA PRO A 99 -0.88 4.47 -8.65
C PRO A 99 -1.33 5.93 -8.88
N ALA A 100 -1.39 6.39 -10.14
CA ALA A 100 -1.87 7.75 -10.47
C ALA A 100 -3.31 7.99 -9.99
N ARG A 101 -4.18 6.98 -10.10
CA ARG A 101 -5.55 7.00 -9.59
C ARG A 101 -5.59 6.97 -8.06
N ILE A 102 -4.70 6.21 -7.39
CA ILE A 102 -4.59 6.18 -5.92
C ILE A 102 -4.25 7.57 -5.37
N VAL A 103 -3.24 8.25 -5.94
CA VAL A 103 -2.85 9.62 -5.55
C VAL A 103 -3.99 10.63 -5.79
N ALA A 104 -4.75 10.46 -6.88
CA ALA A 104 -5.93 11.28 -7.19
C ALA A 104 -7.18 10.96 -6.33
N GLY A 105 -7.16 9.88 -5.52
CA GLY A 105 -8.27 9.48 -4.65
C GLY A 105 -9.34 8.59 -5.32
N HIS A 106 -9.03 7.99 -6.48
CA HIS A 106 -9.89 7.06 -7.21
C HIS A 106 -9.44 5.60 -7.04
N GLU A 107 -10.26 4.65 -7.52
CA GLU A 107 -10.12 3.20 -7.26
C GLU A 107 -10.01 2.86 -5.75
N PRO A 108 -10.88 3.39 -4.88
CA PRO A 108 -10.75 3.26 -3.42
C PRO A 108 -10.87 1.81 -2.93
N GLU A 109 -11.59 0.95 -3.63
CA GLU A 109 -11.67 -0.48 -3.32
C GLU A 109 -10.36 -1.20 -3.64
N ARG A 110 -9.60 -0.72 -4.64
CA ARG A 110 -8.24 -1.22 -4.96
C ARG A 110 -7.19 -0.64 -4.03
N THR A 111 -7.41 0.57 -3.52
CA THR A 111 -6.63 1.14 -2.41
C THR A 111 -6.76 0.30 -1.15
N ASN A 112 -7.98 -0.16 -0.83
CA ASN A 112 -8.21 -1.15 0.21
C ASN A 112 -7.61 -2.52 -0.12
N GLU A 113 -7.77 -3.00 -1.36
CA GLU A 113 -7.24 -4.31 -1.78
C GLU A 113 -5.71 -4.38 -1.61
N LEU A 114 -4.98 -3.32 -1.99
CA LEU A 114 -3.52 -3.22 -1.82
C LEU A 114 -3.13 -3.40 -0.35
N LEU A 115 -3.81 -2.70 0.56
CA LEU A 115 -3.59 -2.80 2.00
C LEU A 115 -3.98 -4.17 2.57
N GLN A 116 -5.05 -4.79 2.06
CA GLN A 116 -5.41 -6.17 2.39
C GLN A 116 -4.33 -7.18 1.94
N ILE A 117 -3.73 -7.05 0.75
CA ILE A 117 -2.62 -7.93 0.32
C ILE A 117 -1.32 -7.65 1.10
N ILE A 118 -1.01 -6.39 1.46
CA ILE A 118 0.07 -6.06 2.41
C ILE A 118 -0.17 -6.77 3.75
N GLY A 119 -1.41 -6.73 4.24
CA GLY A 119 -1.88 -7.47 5.41
C GLY A 119 -1.65 -8.98 5.30
N LYS A 120 -2.05 -9.59 4.18
CA LYS A 120 -1.77 -11.02 3.87
C LYS A 120 -0.28 -11.33 3.92
N CYS A 121 0.56 -10.53 3.26
CA CYS A 121 2.00 -10.78 3.20
C CYS A 121 2.66 -10.75 4.59
N CYS A 122 2.22 -9.83 5.45
CA CYS A 122 2.64 -9.71 6.85
C CYS A 122 2.14 -10.87 7.73
N LEU A 123 0.86 -11.25 7.62
CA LEU A 123 0.24 -12.35 8.38
C LEU A 123 0.85 -13.72 7.99
N ASN A 124 0.99 -13.97 6.70
CA ASN A 124 1.63 -15.17 6.14
C ASN A 124 3.18 -15.14 6.25
N LYS A 125 3.76 -14.03 6.73
CA LYS A 125 5.19 -13.83 7.02
C LYS A 125 6.10 -14.13 5.81
N LEU A 126 5.66 -13.68 4.62
CA LEU A 126 6.30 -13.97 3.34
C LEU A 126 7.61 -13.19 3.15
N SER A 127 8.69 -13.89 2.78
CA SER A 127 10.00 -13.31 2.49
C SER A 127 9.99 -12.53 1.17
N SER A 128 10.07 -11.20 1.23
CA SER A 128 9.98 -10.29 0.08
C SER A 128 11.28 -10.00 -0.65
N ASP A 129 12.44 -10.40 -0.10
CA ASP A 129 13.77 -10.03 -0.63
C ASP A 129 14.01 -10.26 -2.14
N ASP A 130 13.53 -11.38 -2.68
CA ASP A 130 13.52 -11.67 -4.12
C ASP A 130 12.76 -10.64 -4.96
N ALA A 131 11.51 -10.37 -4.56
CA ALA A 131 10.62 -9.46 -5.26
C ALA A 131 11.08 -7.99 -5.10
N VAL A 132 11.62 -7.62 -3.94
CA VAL A 132 12.25 -6.32 -3.68
C VAL A 132 13.43 -6.13 -4.65
N ARG A 133 14.34 -7.12 -4.76
CA ARG A 133 15.45 -7.09 -5.71
C ARG A 133 14.98 -6.99 -7.17
N ARG A 134 13.85 -7.64 -7.51
CA ARG A 134 13.26 -7.59 -8.86
C ARG A 134 12.73 -6.21 -9.24
N VAL A 135 12.11 -5.48 -8.31
CA VAL A 135 11.74 -4.07 -8.51
C VAL A 135 12.98 -3.18 -8.62
N LEU A 136 13.97 -3.35 -7.75
CA LEU A 136 15.19 -2.52 -7.75
C LEU A 136 16.04 -2.75 -9.02
N ALA A 137 16.03 -3.95 -9.59
CA ALA A 137 16.66 -4.29 -10.86
C ALA A 137 15.87 -3.81 -12.10
N GLY A 138 14.54 -3.77 -12.01
CA GLY A 138 13.65 -3.25 -13.06
C GLY A 138 13.64 -1.71 -13.12
N GLU A 139 13.92 -1.04 -12.00
CA GLU A 139 14.10 0.41 -11.90
C GLU A 139 15.41 0.92 -12.54
N LYS A 140 15.46 2.23 -12.81
CA LYS A 140 16.56 2.98 -13.46
C LYS A 140 16.86 2.49 -14.89
N GLY A 1 -13.64 2.76 -14.82
CA GLY A 1 -12.62 2.37 -13.81
C GLY A 1 -11.70 1.28 -14.32
N SER A 2 -10.58 1.03 -13.63
CA SER A 2 -9.55 0.04 -13.99
C SER A 2 -10.12 -1.39 -14.05
N SER A 3 -10.94 -1.77 -13.05
CA SER A 3 -11.69 -3.03 -12.98
C SER A 3 -13.12 -2.93 -13.53
N GLY A 4 -13.39 -1.99 -14.45
CA GLY A 4 -14.74 -1.63 -14.89
C GLY A 4 -15.39 -0.69 -13.88
N SER A 5 -16.11 -1.25 -12.90
CA SER A 5 -16.68 -0.50 -11.75
C SER A 5 -16.93 -1.43 -10.56
N SER A 6 -16.83 -0.90 -9.32
CA SER A 6 -17.18 -1.60 -8.08
C SER A 6 -17.55 -0.61 -6.95
N GLY A 7 -16.67 0.37 -6.68
CA GLY A 7 -16.88 1.41 -5.66
C GLY A 7 -16.61 0.95 -4.22
N MET A 8 -16.50 1.91 -3.31
CA MET A 8 -16.24 1.67 -1.86
C MET A 8 -17.44 0.96 -1.19
N ASN A 9 -17.15 0.15 -0.17
CA ASN A 9 -18.14 -0.59 0.62
C ASN A 9 -17.60 -0.81 2.05
N ALA A 10 -18.46 -0.69 3.05
CA ALA A 10 -18.17 -1.02 4.44
C ALA A 10 -17.65 -2.47 4.62
N ALA A 11 -18.14 -3.41 3.82
CA ALA A 11 -17.72 -4.81 3.87
C ALA A 11 -16.31 -5.05 3.28
N VAL A 12 -15.84 -4.17 2.40
CA VAL A 12 -14.44 -4.15 1.94
C VAL A 12 -13.58 -3.51 3.02
N VAL A 13 -14.01 -2.35 3.55
CA VAL A 13 -13.21 -1.61 4.55
C VAL A 13 -12.94 -2.36 5.84
N ARG A 14 -13.95 -3.11 6.32
CA ARG A 14 -13.86 -3.96 7.52
C ARG A 14 -12.82 -5.08 7.38
N ARG A 15 -12.57 -5.58 6.17
CA ARG A 15 -11.49 -6.56 5.89
C ARG A 15 -10.11 -5.90 6.00
N THR A 16 -9.93 -4.70 5.47
CA THR A 16 -8.71 -3.91 5.67
C THR A 16 -8.36 -3.56 7.11
N GLN A 17 -9.37 -3.21 7.92
CA GLN A 17 -9.21 -2.93 9.35
C GLN A 17 -8.62 -4.12 10.12
N GLU A 18 -9.11 -5.35 9.89
CA GLU A 18 -8.55 -6.55 10.54
C GLU A 18 -7.25 -7.03 9.85
N ALA A 19 -7.05 -6.77 8.56
CA ALA A 19 -5.85 -7.16 7.83
C ALA A 19 -4.63 -6.32 8.22
N LEU A 20 -4.77 -5.00 8.33
CA LEU A 20 -3.69 -4.11 8.80
C LEU A 20 -3.57 -4.04 10.33
N GLY A 21 -4.65 -4.28 11.07
CA GLY A 21 -4.70 -4.06 12.54
C GLY A 21 -3.75 -4.93 13.38
N LYS A 22 -3.12 -5.94 12.76
CA LYS A 22 -2.08 -6.77 13.36
C LYS A 22 -0.67 -6.40 12.89
N VAL A 23 -0.56 -5.89 11.66
CA VAL A 23 0.70 -5.65 10.93
C VAL A 23 1.37 -4.31 11.18
N ILE A 24 0.57 -3.28 11.40
CA ILE A 24 0.99 -1.90 11.71
C ILE A 24 0.07 -1.25 12.76
N ARG A 25 0.62 -0.34 13.58
CA ARG A 25 -0.07 0.19 14.78
C ARG A 25 -0.19 1.73 14.84
N ARG A 26 0.61 2.48 14.06
CA ARG A 26 0.72 3.95 14.17
C ARG A 26 -0.46 4.77 13.62
N PRO A 27 -0.73 4.81 12.31
CA PRO A 27 -1.89 5.54 11.80
C PRO A 27 -3.20 4.83 12.17
N PRO A 28 -4.28 5.55 12.54
CA PRO A 28 -5.53 4.95 12.98
C PRO A 28 -6.31 4.35 11.79
N LEU A 29 -6.80 3.11 11.95
CA LEU A 29 -7.53 2.36 10.92
C LEU A 29 -9.03 2.71 10.92
N THR A 30 -9.32 4.00 10.77
CA THR A 30 -10.70 4.52 10.71
C THR A 30 -11.44 4.23 9.40
N GLU A 31 -12.77 4.12 9.46
CA GLU A 31 -13.62 4.03 8.26
C GLU A 31 -13.46 5.28 7.37
N LYS A 32 -13.38 6.48 7.98
CA LYS A 32 -13.20 7.75 7.27
C LYS A 32 -11.90 7.79 6.47
N LEU A 33 -10.80 7.30 7.06
CA LEU A 33 -9.47 7.33 6.43
C LEU A 33 -9.30 6.19 5.42
N LEU A 34 -9.68 4.94 5.75
CA LEU A 34 -9.52 3.83 4.81
C LEU A 34 -10.48 3.91 3.60
N SER A 35 -11.67 4.51 3.73
CA SER A 35 -12.60 4.65 2.60
C SER A 35 -12.15 5.65 1.52
N LYS A 36 -11.30 6.63 1.86
CA LYS A 36 -10.62 7.54 0.90
C LYS A 36 -9.35 8.17 1.51
N PRO A 37 -8.21 7.45 1.52
CA PRO A 37 -7.00 7.89 2.23
C PRO A 37 -6.19 8.96 1.47
N PRO A 38 -5.54 9.91 2.17
CA PRO A 38 -4.55 10.79 1.57
C PRO A 38 -3.25 10.01 1.29
N PHE A 39 -2.42 10.51 0.36
CA PHE A 39 -1.12 9.88 0.09
C PHE A 39 -0.21 9.69 1.30
N ARG A 40 -0.10 10.72 2.16
CA ARG A 40 0.77 10.69 3.35
C ARG A 40 0.36 9.59 4.34
N TYR A 41 -0.94 9.29 4.45
CA TYR A 41 -1.44 8.19 5.28
C TYR A 41 -1.03 6.80 4.78
N LEU A 42 -1.12 6.58 3.48
CA LEU A 42 -0.63 5.36 2.82
C LEU A 42 0.90 5.23 2.91
N HIS A 43 1.64 6.33 2.68
CA HIS A 43 3.09 6.40 2.88
C HIS A 43 3.46 6.02 4.32
N ASP A 44 2.78 6.57 5.32
CA ASP A 44 2.98 6.22 6.73
C ASP A 44 2.80 4.73 7.04
N ILE A 45 1.73 4.09 6.52
CA ILE A 45 1.52 2.64 6.60
C ILE A 45 2.65 1.86 5.91
N ILE A 46 3.07 2.29 4.71
CA ILE A 46 4.10 1.60 3.91
C ILE A 46 5.50 1.68 4.57
N THR A 47 5.89 2.80 5.18
CA THR A 47 7.10 2.86 6.02
C THR A 47 6.95 2.16 7.38
N GLU A 48 5.76 2.12 7.96
CA GLU A 48 5.50 1.45 9.22
C GLU A 48 5.55 -0.07 9.10
N VAL A 49 5.08 -0.67 8.00
CA VAL A 49 5.20 -2.12 7.77
C VAL A 49 6.65 -2.59 7.67
N ILE A 50 7.52 -1.77 7.07
CA ILE A 50 8.95 -2.01 7.02
C ILE A 50 9.56 -2.04 8.44
N ARG A 51 9.16 -1.09 9.31
CA ARG A 51 9.58 -1.06 10.73
C ARG A 51 9.03 -2.21 11.58
N MET A 52 7.76 -2.58 11.38
CA MET A 52 7.04 -3.55 12.21
C MET A 52 7.30 -5.01 11.83
N THR A 53 7.40 -5.31 10.54
CA THR A 53 7.47 -6.67 9.99
C THR A 53 8.69 -7.02 9.15
N GLY A 54 9.37 -6.00 8.61
CA GLY A 54 10.44 -6.15 7.62
C GLY A 54 9.96 -6.46 6.20
N PHE A 55 8.65 -6.54 5.94
CA PHE A 55 8.10 -6.68 4.60
C PHE A 55 8.38 -5.43 3.75
N MET A 56 8.87 -5.61 2.52
CA MET A 56 9.40 -4.54 1.64
C MET A 56 10.63 -3.78 2.20
N LYS A 57 11.39 -4.35 3.16
CA LYS A 57 12.61 -3.70 3.68
C LYS A 57 13.68 -3.54 2.58
N GLY A 58 14.31 -2.36 2.52
CA GLY A 58 15.35 -2.00 1.53
C GLY A 58 14.82 -1.59 0.15
N LEU A 59 13.51 -1.69 -0.10
CA LEU A 59 12.82 -1.34 -1.35
C LEU A 59 12.80 0.18 -1.63
N TYR A 60 12.84 0.97 -0.56
CA TYR A 60 12.97 2.43 -0.59
C TYR A 60 14.31 2.94 -0.03
N THR A 61 14.79 4.06 -0.56
CA THR A 61 15.93 4.81 0.02
C THR A 61 15.62 5.51 1.34
N ASP A 62 16.65 5.90 2.10
CA ASP A 62 16.49 6.77 3.27
C ASP A 62 15.81 8.12 2.99
N ALA A 63 15.89 8.61 1.74
CA ALA A 63 15.19 9.81 1.27
C ALA A 63 13.75 9.48 0.79
N GLU A 64 13.56 8.37 0.06
CA GLU A 64 12.23 7.91 -0.38
C GLU A 64 11.29 7.54 0.77
N MET A 65 11.82 7.07 1.90
CA MET A 65 11.07 6.84 3.15
C MET A 65 10.65 8.13 3.90
N LYS A 66 10.89 9.32 3.33
CA LYS A 66 10.49 10.63 3.89
C LYS A 66 9.54 11.36 2.94
N SER A 67 8.29 11.57 3.36
CA SER A 67 7.22 12.15 2.54
C SER A 67 7.48 13.58 2.07
N ASP A 68 8.37 14.32 2.75
CA ASP A 68 8.86 15.63 2.29
C ASP A 68 9.67 15.62 0.98
N ASN A 69 10.35 14.52 0.67
CA ASN A 69 10.97 14.29 -0.65
C ASN A 69 9.93 13.80 -1.67
N VAL A 70 9.01 12.92 -1.24
CA VAL A 70 7.86 12.43 -2.02
C VAL A 70 6.69 13.42 -2.16
N LYS A 71 7.02 14.71 -2.36
CA LYS A 71 6.07 15.82 -2.47
C LYS A 71 5.36 15.89 -3.83
N ASP A 72 6.09 15.64 -4.91
CA ASP A 72 5.57 15.69 -6.28
C ASP A 72 4.67 14.50 -6.69
N LYS A 73 3.60 14.75 -7.46
CA LYS A 73 2.61 13.73 -7.88
C LYS A 73 3.26 12.57 -8.63
N ASP A 74 4.24 12.84 -9.49
CA ASP A 74 5.03 11.80 -10.17
C ASP A 74 5.90 10.93 -9.24
N ALA A 75 6.49 11.54 -8.21
CA ALA A 75 7.23 10.83 -7.17
C ALA A 75 6.29 9.98 -6.28
N LYS A 76 5.11 10.49 -5.95
CA LYS A 76 4.03 9.77 -5.24
C LYS A 76 3.57 8.51 -6.00
N ILE A 77 3.35 8.65 -7.31
CA ILE A 77 3.04 7.54 -8.21
C ILE A 77 4.19 6.52 -8.25
N SER A 78 5.44 6.99 -8.41
CA SER A 78 6.63 6.13 -8.45
C SER A 78 6.83 5.34 -7.15
N PHE A 79 6.60 5.98 -6.00
CA PHE A 79 6.64 5.35 -4.68
C PHE A 79 5.63 4.21 -4.50
N LEU A 80 4.37 4.44 -4.87
CA LEU A 80 3.31 3.42 -4.85
C LEU A 80 3.54 2.32 -5.90
N GLN A 81 4.08 2.64 -7.08
CA GLN A 81 4.38 1.64 -8.11
C GLN A 81 5.35 0.57 -7.59
N LYS A 82 6.38 0.95 -6.84
CA LYS A 82 7.29 -0.03 -6.19
C LYS A 82 6.56 -0.98 -5.23
N ALA A 83 5.68 -0.44 -4.37
CA ALA A 83 4.88 -1.26 -3.45
C ALA A 83 3.96 -2.23 -4.21
N ILE A 84 3.20 -1.74 -5.20
CA ILE A 84 2.28 -2.55 -6.02
C ILE A 84 3.05 -3.70 -6.69
N ASP A 85 4.22 -3.42 -7.26
CA ASP A 85 5.09 -4.44 -7.84
C ASP A 85 5.55 -5.57 -6.90
N VAL A 86 6.10 -5.24 -5.72
CA VAL A 86 6.51 -6.25 -4.71
C VAL A 86 5.30 -7.00 -4.17
N VAL A 87 4.20 -6.32 -3.84
CA VAL A 87 3.01 -6.94 -3.23
C VAL A 87 2.40 -7.98 -4.18
N VAL A 88 2.31 -7.69 -5.48
CA VAL A 88 1.85 -8.67 -6.49
C VAL A 88 2.86 -9.82 -6.63
N MET A 89 4.17 -9.54 -6.69
CA MET A 89 5.21 -10.56 -6.84
C MET A 89 5.32 -11.54 -5.64
N VAL A 90 5.19 -11.05 -4.41
CA VAL A 90 5.31 -11.88 -3.19
C VAL A 90 4.05 -12.72 -2.95
N SER A 91 2.86 -12.11 -3.07
CA SER A 91 1.59 -12.82 -2.85
C SER A 91 1.20 -13.75 -4.01
N GLY A 92 1.60 -13.41 -5.24
CA GLY A 92 1.13 -14.05 -6.48
C GLY A 92 -0.29 -13.61 -6.88
N GLU A 93 -0.95 -12.71 -6.13
CA GLU A 93 -2.29 -12.20 -6.40
C GLU A 93 -2.23 -10.91 -7.25
N PRO A 94 -2.94 -10.83 -8.40
CA PRO A 94 -2.97 -9.62 -9.22
C PRO A 94 -3.80 -8.50 -8.57
N LEU A 95 -3.19 -7.33 -8.38
CA LEU A 95 -3.88 -6.10 -7.96
C LEU A 95 -4.45 -5.38 -9.20
N LEU A 96 -5.73 -5.04 -9.16
CA LEU A 96 -6.38 -4.18 -10.17
C LEU A 96 -6.17 -2.68 -9.90
N ALA A 97 -5.61 -2.33 -8.73
CA ALA A 97 -5.16 -0.99 -8.36
C ALA A 97 -4.06 -0.46 -9.30
N LYS A 98 -4.05 0.86 -9.41
CA LYS A 98 -3.05 1.65 -10.16
C LYS A 98 -2.56 2.81 -9.29
N PRO A 99 -1.27 3.19 -9.32
CA PRO A 99 -0.76 4.28 -8.50
C PRO A 99 -1.42 5.63 -8.84
N ALA A 100 -1.70 5.88 -10.12
CA ALA A 100 -2.38 7.11 -10.57
C ALA A 100 -3.80 7.25 -9.98
N ARG A 101 -4.55 6.15 -9.85
CA ARG A 101 -5.83 6.10 -9.12
C ARG A 101 -5.64 6.45 -7.64
N ILE A 102 -4.68 5.80 -6.99
CA ILE A 102 -4.46 5.90 -5.54
C ILE A 102 -4.09 7.33 -5.13
N VAL A 103 -3.14 7.97 -5.83
CA VAL A 103 -2.66 9.33 -5.52
C VAL A 103 -3.76 10.39 -5.74
N ALA A 104 -4.59 10.22 -6.77
CA ALA A 104 -5.74 11.08 -7.05
C ALA A 104 -6.99 10.76 -6.19
N GLY A 105 -6.97 9.67 -5.40
CA GLY A 105 -8.05 9.27 -4.50
C GLY A 105 -9.22 8.53 -5.16
N HIS A 106 -9.05 8.03 -6.38
CA HIS A 106 -10.06 7.28 -7.14
C HIS A 106 -9.99 5.77 -6.87
N GLU A 107 -11.11 5.07 -7.11
CA GLU A 107 -11.25 3.60 -6.99
C GLU A 107 -10.74 3.04 -5.65
N PRO A 108 -11.10 3.64 -4.48
CA PRO A 108 -10.49 3.34 -3.19
C PRO A 108 -10.69 1.91 -2.68
N GLU A 109 -11.65 1.14 -3.22
CA GLU A 109 -11.78 -0.29 -2.97
C GLU A 109 -10.54 -1.09 -3.44
N ARG A 110 -9.84 -0.61 -4.48
CA ARG A 110 -8.56 -1.17 -4.94
C ARG A 110 -7.38 -0.71 -4.08
N THR A 111 -7.43 0.50 -3.52
CA THR A 111 -6.51 0.95 -2.46
C THR A 111 -6.60 0.10 -1.19
N ASN A 112 -7.83 -0.25 -0.81
CA ASN A 112 -8.11 -1.22 0.26
C ASN A 112 -7.60 -2.62 -0.08
N GLU A 113 -7.82 -3.11 -1.30
CA GLU A 113 -7.29 -4.40 -1.75
C GLU A 113 -5.75 -4.47 -1.60
N LEU A 114 -5.02 -3.43 -1.99
CA LEU A 114 -3.56 -3.34 -1.86
C LEU A 114 -3.14 -3.51 -0.39
N LEU A 115 -3.79 -2.79 0.54
CA LEU A 115 -3.52 -2.88 1.98
C LEU A 115 -3.89 -4.25 2.57
N GLN A 116 -4.99 -4.86 2.12
CA GLN A 116 -5.34 -6.25 2.47
C GLN A 116 -4.29 -7.27 2.00
N ILE A 117 -3.71 -7.14 0.79
CA ILE A 117 -2.62 -8.03 0.34
C ILE A 117 -1.30 -7.74 1.10
N ILE A 118 -0.97 -6.49 1.42
CA ILE A 118 0.14 -6.15 2.33
C ILE A 118 -0.04 -6.85 3.68
N GLY A 119 -1.25 -6.79 4.25
CA GLY A 119 -1.63 -7.49 5.47
C GLY A 119 -1.46 -9.00 5.37
N LYS A 120 -1.96 -9.61 4.29
CA LYS A 120 -1.82 -11.04 3.97
C LYS A 120 -0.35 -11.48 3.90
N CYS A 121 0.51 -10.71 3.21
CA CYS A 121 1.93 -11.02 3.08
C CYS A 121 2.67 -11.03 4.42
N CYS A 122 2.35 -10.06 5.28
CA CYS A 122 2.91 -9.95 6.63
C CYS A 122 2.45 -11.08 7.56
N LEU A 123 1.16 -11.43 7.55
CA LEU A 123 0.58 -12.48 8.40
C LEU A 123 1.05 -13.88 7.97
N ASN A 124 1.19 -14.13 6.66
CA ASN A 124 1.83 -15.33 6.12
C ASN A 124 3.36 -15.31 6.22
N LYS A 125 3.95 -14.21 6.72
CA LYS A 125 5.39 -14.03 6.99
C LYS A 125 6.28 -14.27 5.76
N LEU A 126 5.80 -13.84 4.59
CA LEU A 126 6.44 -14.06 3.30
C LEU A 126 7.70 -13.19 3.12
N SER A 127 8.82 -13.82 2.77
CA SER A 127 10.09 -13.15 2.48
C SER A 127 10.04 -12.37 1.17
N SER A 128 10.08 -11.03 1.26
CA SER A 128 10.00 -10.13 0.09
C SER A 128 11.32 -9.85 -0.62
N ASP A 129 12.47 -10.27 -0.08
CA ASP A 129 13.80 -9.90 -0.58
C ASP A 129 14.05 -10.08 -2.09
N ASP A 130 13.63 -11.21 -2.66
CA ASP A 130 13.75 -11.47 -4.10
C ASP A 130 12.87 -10.54 -4.93
N ALA A 131 11.63 -10.30 -4.50
CA ALA A 131 10.70 -9.42 -5.19
C ALA A 131 11.12 -7.94 -5.08
N VAL A 132 11.65 -7.53 -3.93
CA VAL A 132 12.27 -6.21 -3.71
C VAL A 132 13.45 -6.04 -4.68
N ARG A 133 14.35 -7.03 -4.76
CA ARG A 133 15.47 -7.04 -5.71
C ARG A 133 15.03 -6.91 -7.17
N ARG A 134 13.91 -7.51 -7.57
CA ARG A 134 13.36 -7.41 -8.95
C ARG A 134 12.88 -6.00 -9.29
N VAL A 135 12.28 -5.28 -8.34
CA VAL A 135 11.92 -3.86 -8.51
C VAL A 135 13.15 -2.95 -8.53
N LEU A 136 14.11 -3.17 -7.63
CA LEU A 136 15.36 -2.39 -7.58
C LEU A 136 16.22 -2.56 -8.85
N ALA A 137 16.24 -3.76 -9.43
CA ALA A 137 16.88 -4.07 -10.71
C ALA A 137 16.21 -3.38 -11.93
N GLY A 138 15.03 -2.78 -11.76
CA GLY A 138 14.33 -1.98 -12.78
C GLY A 138 14.90 -0.57 -13.00
N GLU A 139 15.94 -0.17 -12.26
CA GLU A 139 16.63 1.12 -12.42
C GLU A 139 17.30 1.28 -13.81
N LYS A 140 17.47 2.55 -14.24
CA LYS A 140 18.09 2.95 -15.52
C LYS A 140 18.80 4.32 -15.44
N GLY A 1 -32.16 5.45 -4.33
CA GLY A 1 -31.76 4.13 -4.87
C GLY A 1 -30.37 3.74 -4.39
N SER A 2 -30.10 2.42 -4.32
CA SER A 2 -28.83 1.86 -3.82
C SER A 2 -27.64 2.00 -4.78
N SER A 3 -27.88 2.29 -6.06
CA SER A 3 -26.84 2.47 -7.10
C SER A 3 -26.03 3.77 -6.93
N GLY A 4 -24.78 3.75 -7.42
CA GLY A 4 -23.84 4.88 -7.37
C GLY A 4 -22.43 4.48 -7.83
N SER A 5 -21.52 5.47 -7.88
CA SER A 5 -20.11 5.26 -8.21
C SER A 5 -19.32 4.58 -7.08
N SER A 6 -18.34 3.74 -7.47
CA SER A 6 -17.51 2.87 -6.61
C SER A 6 -18.27 1.78 -5.82
N GLY A 7 -17.61 0.62 -5.63
CA GLY A 7 -18.09 -0.47 -4.77
C GLY A 7 -17.61 -0.37 -3.30
N MET A 8 -16.80 0.63 -2.96
CA MET A 8 -16.24 0.86 -1.62
C MET A 8 -17.35 1.01 -0.56
N ASN A 9 -17.39 0.09 0.41
CA ASN A 9 -18.41 0.02 1.46
C ASN A 9 -17.86 -0.66 2.73
N ALA A 10 -18.64 -0.67 3.81
CA ALA A 10 -18.23 -1.17 5.13
C ALA A 10 -17.71 -2.63 5.13
N ALA A 11 -18.24 -3.50 4.27
CA ALA A 11 -17.83 -4.90 4.18
C ALA A 11 -16.48 -5.10 3.46
N VAL A 12 -16.05 -4.11 2.66
CA VAL A 12 -14.69 -4.03 2.11
C VAL A 12 -13.74 -3.50 3.19
N VAL A 13 -14.14 -2.45 3.91
CA VAL A 13 -13.26 -1.81 4.91
C VAL A 13 -12.93 -2.67 6.13
N ARG A 14 -13.92 -3.44 6.61
CA ARG A 14 -13.77 -4.41 7.71
C ARG A 14 -12.70 -5.48 7.43
N ARG A 15 -12.52 -5.88 6.16
CA ARG A 15 -11.44 -6.79 5.74
C ARG A 15 -10.07 -6.15 5.94
N THR A 16 -9.91 -4.90 5.49
CA THR A 16 -8.70 -4.10 5.71
C THR A 16 -8.35 -3.80 7.16
N GLN A 17 -9.35 -3.51 7.98
CA GLN A 17 -9.20 -3.28 9.43
C GLN A 17 -8.69 -4.53 10.16
N GLU A 18 -9.11 -5.73 9.74
CA GLU A 18 -8.54 -6.99 10.21
C GLU A 18 -7.15 -7.27 9.62
N ALA A 19 -6.96 -7.03 8.32
CA ALA A 19 -5.74 -7.37 7.60
C ALA A 19 -4.53 -6.53 8.03
N LEU A 20 -4.70 -5.22 8.21
CA LEU A 20 -3.69 -4.32 8.77
C LEU A 20 -3.64 -4.34 10.31
N GLY A 21 -4.64 -4.94 10.97
CA GLY A 21 -4.89 -4.86 12.42
C GLY A 21 -3.76 -5.37 13.33
N LYS A 22 -2.78 -6.11 12.78
CA LYS A 22 -1.62 -6.65 13.50
C LYS A 22 -0.27 -6.28 12.85
N VAL A 23 -0.27 -5.49 11.77
CA VAL A 23 0.91 -5.24 10.91
C VAL A 23 1.60 -3.88 11.08
N ILE A 24 0.82 -2.86 11.43
CA ILE A 24 1.28 -1.47 11.64
C ILE A 24 0.59 -0.81 12.85
N ARG A 25 1.24 0.18 13.49
CA ARG A 25 0.73 0.90 14.68
C ARG A 25 0.49 2.40 14.50
N ARG A 26 1.09 3.06 13.49
CA ARG A 26 1.09 4.53 13.37
C ARG A 26 -0.25 5.16 12.93
N PRO A 27 -0.69 5.05 11.66
CA PRO A 27 -1.97 5.63 11.25
C PRO A 27 -3.16 4.80 11.79
N PRO A 28 -4.26 5.43 12.23
CA PRO A 28 -5.43 4.73 12.76
C PRO A 28 -6.27 4.11 11.64
N LEU A 29 -6.79 2.89 11.87
CA LEU A 29 -7.56 2.10 10.90
C LEU A 29 -9.05 2.49 10.88
N THR A 30 -9.32 3.78 10.72
CA THR A 30 -10.68 4.33 10.65
C THR A 30 -11.41 4.09 9.33
N GLU A 31 -12.74 3.91 9.37
CA GLU A 31 -13.56 3.83 8.16
C GLU A 31 -13.56 5.14 7.36
N LYS A 32 -13.49 6.29 8.05
CA LYS A 32 -13.38 7.63 7.44
C LYS A 32 -12.10 7.78 6.62
N LEU A 33 -10.97 7.28 7.12
CA LEU A 33 -9.68 7.35 6.44
C LEU A 33 -9.53 6.26 5.37
N LEU A 34 -9.86 4.99 5.66
CA LEU A 34 -9.67 3.90 4.71
C LEU A 34 -10.63 3.98 3.50
N SER A 35 -11.83 4.56 3.64
CA SER A 35 -12.77 4.73 2.51
C SER A 35 -12.30 5.70 1.41
N LYS A 36 -11.39 6.64 1.74
CA LYS A 36 -10.69 7.51 0.77
C LYS A 36 -9.40 8.10 1.39
N PRO A 37 -8.28 7.35 1.44
CA PRO A 37 -7.07 7.79 2.13
C PRO A 37 -6.24 8.81 1.31
N PRO A 38 -5.60 9.81 1.96
CA PRO A 38 -4.61 10.66 1.31
C PRO A 38 -3.30 9.90 1.06
N PHE A 39 -2.45 10.40 0.17
CA PHE A 39 -1.11 9.83 -0.06
C PHE A 39 -0.24 9.65 1.20
N ARG A 40 -0.18 10.69 2.05
CA ARG A 40 0.59 10.70 3.30
C ARG A 40 0.15 9.62 4.30
N TYR A 41 -1.14 9.26 4.31
CA TYR A 41 -1.66 8.15 5.12
C TYR A 41 -1.14 6.79 4.65
N LEU A 42 -1.23 6.52 3.35
CA LEU A 42 -0.71 5.31 2.71
C LEU A 42 0.82 5.20 2.80
N HIS A 43 1.54 6.31 2.62
CA HIS A 43 2.99 6.42 2.81
C HIS A 43 3.39 5.93 4.20
N ASP A 44 2.73 6.43 5.23
CA ASP A 44 3.01 6.04 6.61
C ASP A 44 2.70 4.57 6.97
N ILE A 45 1.73 3.94 6.32
CA ILE A 45 1.52 2.48 6.40
C ILE A 45 2.72 1.76 5.77
N ILE A 46 3.14 2.20 4.58
CA ILE A 46 4.22 1.57 3.82
C ILE A 46 5.58 1.68 4.52
N THR A 47 5.92 2.83 5.13
CA THR A 47 7.11 2.91 6.01
C THR A 47 6.99 2.19 7.35
N GLU A 48 5.80 2.15 7.96
CA GLU A 48 5.59 1.45 9.23
C GLU A 48 5.62 -0.08 9.06
N VAL A 49 5.14 -0.64 7.95
CA VAL A 49 5.21 -2.08 7.70
C VAL A 49 6.63 -2.61 7.56
N ILE A 50 7.51 -1.82 6.92
CA ILE A 50 8.94 -2.12 6.84
C ILE A 50 9.57 -2.15 8.24
N ARG A 51 9.25 -1.16 9.07
CA ARG A 51 9.73 -1.02 10.47
C ARG A 51 9.21 -2.13 11.40
N MET A 52 7.95 -2.53 11.25
CA MET A 52 7.26 -3.51 12.09
C MET A 52 7.55 -4.97 11.71
N THR A 53 7.41 -5.30 10.42
CA THR A 53 7.42 -6.68 9.91
C THR A 53 8.63 -7.10 9.07
N GLY A 54 9.35 -6.13 8.51
CA GLY A 54 10.40 -6.37 7.51
C GLY A 54 9.87 -6.67 6.09
N PHE A 55 8.56 -6.64 5.87
CA PHE A 55 7.99 -6.71 4.51
C PHE A 55 8.32 -5.44 3.72
N MET A 56 8.82 -5.59 2.49
CA MET A 56 9.42 -4.52 1.66
C MET A 56 10.71 -3.91 2.25
N LYS A 57 11.46 -4.64 3.09
CA LYS A 57 12.78 -4.20 3.60
C LYS A 57 13.76 -3.89 2.46
N GLY A 58 14.38 -2.70 2.50
CA GLY A 58 15.36 -2.24 1.50
C GLY A 58 14.78 -1.78 0.15
N LEU A 59 13.45 -1.77 0.00
CA LEU A 59 12.72 -1.40 -1.23
C LEU A 59 12.78 0.11 -1.57
N TYR A 60 13.09 0.94 -0.57
CA TYR A 60 13.22 2.40 -0.69
C TYR A 60 14.58 2.95 -0.26
N THR A 61 15.01 4.04 -0.91
CA THR A 61 16.15 4.84 -0.43
C THR A 61 15.78 5.71 0.79
N ASP A 62 16.77 6.21 1.52
CA ASP A 62 16.55 7.05 2.71
C ASP A 62 15.70 8.32 2.49
N ALA A 63 15.79 8.90 1.29
CA ALA A 63 14.96 10.03 0.88
C ALA A 63 13.51 9.63 0.53
N GLU A 64 13.29 8.45 -0.06
CA GLU A 64 11.95 7.96 -0.46
C GLU A 64 11.04 7.64 0.74
N MET A 65 11.60 7.27 1.90
CA MET A 65 10.84 7.01 3.14
C MET A 65 10.45 8.29 3.91
N LYS A 66 10.61 9.48 3.30
CA LYS A 66 10.32 10.80 3.88
C LYS A 66 9.37 11.58 2.97
N SER A 67 8.11 11.70 3.37
CA SER A 67 7.02 12.28 2.56
C SER A 67 7.28 13.73 2.11
N ASP A 68 8.10 14.49 2.85
CA ASP A 68 8.58 15.82 2.46
C ASP A 68 9.37 15.87 1.13
N ASN A 69 10.14 14.82 0.82
CA ASN A 69 10.77 14.63 -0.49
C ASN A 69 9.74 14.15 -1.53
N VAL A 70 8.84 13.24 -1.14
CA VAL A 70 7.75 12.70 -1.96
C VAL A 70 6.55 13.65 -2.16
N LYS A 71 6.85 14.95 -2.35
CA LYS A 71 5.87 16.03 -2.57
C LYS A 71 5.19 15.95 -3.94
N ASP A 72 5.96 15.76 -5.00
CA ASP A 72 5.47 15.79 -6.38
C ASP A 72 4.73 14.52 -6.84
N LYS A 73 3.69 14.67 -7.66
CA LYS A 73 2.82 13.55 -8.10
C LYS A 73 3.58 12.42 -8.78
N ASP A 74 4.58 12.75 -9.60
CA ASP A 74 5.47 11.76 -10.22
C ASP A 74 6.31 10.93 -9.23
N ALA A 75 6.82 11.56 -8.17
CA ALA A 75 7.52 10.88 -7.08
C ALA A 75 6.56 10.02 -6.25
N LYS A 76 5.35 10.50 -5.97
CA LYS A 76 4.26 9.75 -5.30
C LYS A 76 3.89 8.50 -6.07
N ILE A 77 3.73 8.62 -7.39
CA ILE A 77 3.44 7.50 -8.30
C ILE A 77 4.58 6.49 -8.31
N SER A 78 5.84 6.93 -8.42
CA SER A 78 7.01 6.04 -8.35
C SER A 78 7.08 5.29 -7.01
N PHE A 79 6.90 5.99 -5.89
CA PHE A 79 6.84 5.40 -4.56
C PHE A 79 5.78 4.30 -4.40
N LEU A 80 4.54 4.57 -4.82
CA LEU A 80 3.44 3.60 -4.81
C LEU A 80 3.68 2.43 -5.77
N GLN A 81 4.20 2.69 -6.98
CA GLN A 81 4.50 1.64 -7.97
C GLN A 81 5.48 0.60 -7.41
N LYS A 82 6.53 1.03 -6.68
CA LYS A 82 7.47 0.11 -6.03
C LYS A 82 6.79 -0.82 -5.01
N ALA A 83 5.88 -0.30 -4.18
CA ALA A 83 5.08 -1.12 -3.25
C ALA A 83 4.16 -2.09 -4.01
N ILE A 84 3.36 -1.58 -4.96
CA ILE A 84 2.42 -2.39 -5.76
C ILE A 84 3.15 -3.54 -6.45
N ASP A 85 4.32 -3.28 -7.03
CA ASP A 85 5.18 -4.28 -7.67
C ASP A 85 5.59 -5.46 -6.76
N VAL A 86 6.14 -5.17 -5.57
CA VAL A 86 6.49 -6.21 -4.59
C VAL A 86 5.25 -6.94 -4.09
N VAL A 87 4.15 -6.25 -3.77
CA VAL A 87 2.94 -6.87 -3.23
C VAL A 87 2.36 -7.88 -4.24
N VAL A 88 2.28 -7.53 -5.52
CA VAL A 88 1.82 -8.44 -6.59
C VAL A 88 2.82 -9.61 -6.74
N MET A 89 4.13 -9.36 -6.75
CA MET A 89 5.15 -10.40 -6.93
C MET A 89 5.26 -11.41 -5.77
N VAL A 90 5.14 -10.96 -4.51
CA VAL A 90 5.24 -11.84 -3.32
C VAL A 90 3.98 -12.68 -3.13
N SER A 91 2.80 -12.06 -3.23
CA SER A 91 1.52 -12.75 -3.01
C SER A 91 1.04 -13.60 -4.21
N GLY A 92 1.42 -13.20 -5.43
CA GLY A 92 0.87 -13.74 -6.68
C GLY A 92 -0.53 -13.23 -7.02
N GLU A 93 -1.11 -12.33 -6.20
CA GLU A 93 -2.45 -11.76 -6.39
C GLU A 93 -2.43 -10.62 -7.42
N PRO A 94 -3.39 -10.57 -8.37
CA PRO A 94 -3.57 -9.41 -9.24
C PRO A 94 -4.14 -8.23 -8.44
N LEU A 95 -3.72 -7.00 -8.79
CA LEU A 95 -4.23 -5.75 -8.21
C LEU A 95 -4.46 -4.71 -9.31
N LEU A 96 -5.69 -4.18 -9.38
CA LEU A 96 -6.08 -3.07 -10.27
C LEU A 96 -5.89 -1.68 -9.62
N ALA A 97 -5.29 -1.62 -8.41
CA ALA A 97 -4.95 -0.38 -7.71
C ALA A 97 -3.78 0.33 -8.39
N LYS A 98 -4.07 1.24 -9.33
CA LYS A 98 -3.05 1.96 -10.11
C LYS A 98 -2.50 3.16 -9.32
N PRO A 99 -1.18 3.43 -9.31
CA PRO A 99 -0.58 4.49 -8.50
C PRO A 99 -1.13 5.89 -8.84
N ALA A 100 -1.29 6.21 -10.13
CA ALA A 100 -1.84 7.50 -10.56
C ALA A 100 -3.28 7.73 -10.06
N ARG A 101 -4.12 6.67 -10.08
CA ARG A 101 -5.49 6.70 -9.57
C ARG A 101 -5.55 6.82 -8.04
N ILE A 102 -4.63 6.18 -7.32
CA ILE A 102 -4.51 6.28 -5.86
C ILE A 102 -4.18 7.72 -5.45
N VAL A 103 -3.19 8.37 -6.08
CA VAL A 103 -2.83 9.77 -5.79
C VAL A 103 -3.96 10.74 -6.16
N ALA A 104 -4.68 10.48 -7.25
CA ALA A 104 -5.89 11.23 -7.63
C ALA A 104 -7.13 10.96 -6.74
N GLY A 105 -7.06 9.98 -5.83
CA GLY A 105 -8.13 9.64 -4.87
C GLY A 105 -9.23 8.72 -5.40
N HIS A 106 -9.03 8.09 -6.56
CA HIS A 106 -9.95 7.13 -7.19
C HIS A 106 -9.63 5.68 -6.80
N GLU A 107 -10.53 4.76 -7.17
CA GLU A 107 -10.44 3.31 -6.93
C GLU A 107 -10.24 2.88 -5.46
N PRO A 108 -10.86 3.52 -4.44
CA PRO A 108 -10.55 3.24 -3.02
C PRO A 108 -10.86 1.79 -2.60
N GLU A 109 -11.76 1.08 -3.28
CA GLU A 109 -11.96 -0.36 -3.09
C GLU A 109 -10.68 -1.17 -3.41
N ARG A 110 -9.99 -0.83 -4.51
CA ARG A 110 -8.70 -1.41 -4.89
C ARG A 110 -7.57 -0.93 -3.99
N THR A 111 -7.60 0.32 -3.52
CA THR A 111 -6.69 0.80 -2.45
C THR A 111 -6.80 0.01 -1.15
N ASN A 112 -8.02 -0.32 -0.73
CA ASN A 112 -8.28 -1.25 0.37
C ASN A 112 -7.77 -2.65 0.06
N GLU A 113 -8.05 -3.18 -1.13
CA GLU A 113 -7.58 -4.50 -1.56
C GLU A 113 -6.04 -4.61 -1.54
N LEU A 114 -5.31 -3.55 -1.93
CA LEU A 114 -3.85 -3.47 -1.85
C LEU A 114 -3.37 -3.61 -0.40
N LEU A 115 -4.00 -2.87 0.52
CA LEU A 115 -3.70 -2.95 1.96
C LEU A 115 -4.07 -4.30 2.56
N GLN A 116 -5.16 -4.92 2.12
CA GLN A 116 -5.52 -6.30 2.48
C GLN A 116 -4.46 -7.32 2.02
N ILE A 117 -3.89 -7.21 0.82
CA ILE A 117 -2.79 -8.08 0.38
C ILE A 117 -1.46 -7.79 1.11
N ILE A 118 -1.13 -6.52 1.41
CA ILE A 118 -0.01 -6.17 2.31
C ILE A 118 -0.19 -6.85 3.67
N GLY A 119 -1.41 -6.79 4.23
CA GLY A 119 -1.80 -7.50 5.44
C GLY A 119 -1.61 -9.02 5.33
N LYS A 120 -2.10 -9.65 4.26
CA LYS A 120 -1.93 -11.08 3.98
C LYS A 120 -0.44 -11.48 3.95
N CYS A 121 0.40 -10.71 3.26
CA CYS A 121 1.84 -10.98 3.16
C CYS A 121 2.53 -10.94 4.53
N CYS A 122 2.16 -9.98 5.37
CA CYS A 122 2.67 -9.81 6.74
C CYS A 122 2.20 -10.92 7.70
N LEU A 123 0.91 -11.27 7.65
CA LEU A 123 0.31 -12.31 8.50
C LEU A 123 0.81 -13.72 8.14
N ASN A 124 1.12 -13.98 6.87
CA ASN A 124 1.81 -15.19 6.40
C ASN A 124 3.35 -15.11 6.49
N LYS A 125 3.91 -13.97 6.94
CA LYS A 125 5.34 -13.69 7.13
C LYS A 125 6.20 -13.96 5.88
N LEU A 126 5.68 -13.60 4.71
CA LEU A 126 6.31 -13.87 3.41
C LEU A 126 7.58 -13.02 3.21
N SER A 127 8.69 -13.68 2.86
CA SER A 127 9.99 -13.06 2.59
C SER A 127 10.00 -12.30 1.26
N SER A 128 9.92 -10.97 1.32
CA SER A 128 9.85 -10.09 0.15
C SER A 128 11.17 -9.81 -0.57
N ASP A 129 12.32 -10.16 0.03
CA ASP A 129 13.64 -9.74 -0.45
C ASP A 129 13.98 -10.04 -1.93
N ASP A 130 13.52 -11.19 -2.45
CA ASP A 130 13.64 -11.53 -3.88
C ASP A 130 12.79 -10.68 -4.84
N ALA A 131 11.56 -10.32 -4.43
CA ALA A 131 10.70 -9.40 -5.17
C ALA A 131 11.20 -7.95 -5.07
N VAL A 132 11.73 -7.55 -3.90
CA VAL A 132 12.36 -6.24 -3.69
C VAL A 132 13.54 -6.09 -4.65
N ARG A 133 14.42 -7.11 -4.74
CA ARG A 133 15.55 -7.12 -5.67
C ARG A 133 15.12 -6.95 -7.14
N ARG A 134 13.97 -7.51 -7.53
CA ARG A 134 13.40 -7.36 -8.88
C ARG A 134 12.90 -5.95 -9.19
N VAL A 135 12.31 -5.25 -8.21
CA VAL A 135 11.96 -3.82 -8.33
C VAL A 135 13.20 -2.93 -8.39
N LEU A 136 14.22 -3.20 -7.57
CA LEU A 136 15.49 -2.46 -7.57
C LEU A 136 16.26 -2.65 -8.88
N ALA A 137 16.25 -3.86 -9.46
CA ALA A 137 16.80 -4.14 -10.79
C ALA A 137 16.00 -3.47 -11.93
N GLY A 138 14.70 -3.20 -11.71
CA GLY A 138 13.80 -2.54 -12.66
C GLY A 138 13.94 -1.00 -12.73
N GLU A 139 14.75 -0.38 -11.88
CA GLU A 139 15.02 1.06 -11.91
C GLU A 139 15.84 1.52 -13.14
N LYS A 140 15.71 2.82 -13.47
CA LYS A 140 16.36 3.47 -14.63
C LYS A 140 17.87 3.66 -14.43
N GLY A 1 -19.44 0.17 -21.25
CA GLY A 1 -20.10 0.20 -19.93
C GLY A 1 -19.48 -0.80 -18.96
N SER A 2 -20.04 -0.90 -17.76
CA SER A 2 -19.58 -1.81 -16.68
C SER A 2 -20.72 -2.17 -15.70
N SER A 3 -20.67 -3.37 -15.13
CA SER A 3 -21.54 -3.80 -14.02
C SER A 3 -21.20 -3.15 -12.67
N GLY A 4 -20.04 -2.48 -12.56
CA GLY A 4 -19.56 -1.77 -11.36
C GLY A 4 -20.27 -0.44 -11.10
N SER A 5 -21.60 -0.49 -10.92
CA SER A 5 -22.46 0.68 -10.67
C SER A 5 -22.16 1.40 -9.34
N SER A 6 -21.64 0.67 -8.35
CA SER A 6 -21.22 1.17 -7.04
C SER A 6 -20.02 0.39 -6.48
N GLY A 7 -19.36 0.93 -5.45
CA GLY A 7 -18.18 0.34 -4.81
C GLY A 7 -17.73 1.06 -3.54
N MET A 8 -16.71 0.50 -2.87
CA MET A 8 -16.19 0.89 -1.55
C MET A 8 -17.28 0.87 -0.46
N ASN A 9 -17.45 -0.31 0.17
CA ASN A 9 -18.47 -0.58 1.19
C ASN A 9 -17.87 -0.92 2.56
N ALA A 10 -18.67 -0.85 3.62
CA ALA A 10 -18.22 -1.17 4.99
C ALA A 10 -17.67 -2.61 5.14
N ALA A 11 -18.16 -3.55 4.34
CA ALA A 11 -17.68 -4.94 4.31
C ALA A 11 -16.30 -5.11 3.62
N VAL A 12 -15.90 -4.16 2.78
CA VAL A 12 -14.54 -4.06 2.25
C VAL A 12 -13.64 -3.44 3.32
N VAL A 13 -14.09 -2.34 3.96
CA VAL A 13 -13.25 -1.63 4.94
C VAL A 13 -12.93 -2.42 6.20
N ARG A 14 -13.91 -3.19 6.71
CA ARG A 14 -13.74 -4.08 7.87
C ARG A 14 -12.65 -5.14 7.65
N ARG A 15 -12.54 -5.66 6.42
CA ARG A 15 -11.49 -6.60 6.00
C ARG A 15 -10.10 -5.96 6.04
N THR A 16 -9.97 -4.72 5.56
CA THR A 16 -8.74 -3.92 5.71
C THR A 16 -8.33 -3.57 7.13
N GLN A 17 -9.29 -3.19 7.98
CA GLN A 17 -9.04 -2.87 9.39
C GLN A 17 -8.49 -4.07 10.17
N GLU A 18 -9.09 -5.26 10.01
CA GLU A 18 -8.63 -6.47 10.70
C GLU A 18 -7.38 -7.10 10.05
N ALA A 19 -7.12 -6.80 8.77
CA ALA A 19 -5.87 -7.15 8.11
C ALA A 19 -4.70 -6.28 8.60
N LEU A 20 -4.83 -4.94 8.55
CA LEU A 20 -3.76 -4.01 8.91
C LEU A 20 -3.52 -3.92 10.43
N GLY A 21 -4.55 -4.10 11.26
CA GLY A 21 -4.47 -3.99 12.72
C GLY A 21 -3.60 -5.07 13.40
N LYS A 22 -3.13 -6.05 12.64
CA LYS A 22 -2.22 -7.13 13.05
C LYS A 22 -0.77 -6.91 12.58
N VAL A 23 -0.52 -5.87 11.77
CA VAL A 23 0.74 -5.65 11.04
C VAL A 23 1.31 -4.23 11.20
N ILE A 24 0.46 -3.22 11.40
CA ILE A 24 0.87 -1.81 11.59
C ILE A 24 0.01 -1.11 12.66
N ARG A 25 0.51 0.01 13.22
CA ARG A 25 -0.11 0.72 14.37
C ARG A 25 -0.08 2.26 14.33
N ARG A 26 0.74 2.89 13.48
CA ARG A 26 0.89 4.36 13.45
C ARG A 26 -0.34 5.13 12.93
N PRO A 27 -0.76 5.00 11.65
CA PRO A 27 -1.93 5.74 11.16
C PRO A 27 -3.25 5.14 11.69
N PRO A 28 -4.27 5.96 12.01
CA PRO A 28 -5.55 5.46 12.55
C PRO A 28 -6.32 4.60 11.54
N LEU A 29 -6.70 3.38 11.92
CA LEU A 29 -7.46 2.45 11.07
C LEU A 29 -8.97 2.72 11.14
N THR A 30 -9.35 3.95 10.79
CA THR A 30 -10.75 4.39 10.66
C THR A 30 -11.40 4.14 9.31
N GLU A 31 -12.71 3.96 9.33
CA GLU A 31 -13.54 3.80 8.15
C GLU A 31 -13.53 5.06 7.27
N LYS A 32 -13.50 6.25 7.90
CA LYS A 32 -13.41 7.56 7.24
C LYS A 32 -12.09 7.71 6.46
N LEU A 33 -10.98 7.25 7.04
CA LEU A 33 -9.66 7.35 6.42
C LEU A 33 -9.45 6.26 5.36
N LEU A 34 -9.76 4.99 5.65
CA LEU A 34 -9.57 3.90 4.70
C LEU A 34 -10.51 3.96 3.49
N SER A 35 -11.70 4.56 3.60
CA SER A 35 -12.62 4.73 2.45
C SER A 35 -12.16 5.73 1.38
N LYS A 36 -11.26 6.67 1.73
CA LYS A 36 -10.55 7.57 0.79
C LYS A 36 -9.26 8.16 1.41
N PRO A 37 -8.15 7.39 1.47
CA PRO A 37 -6.93 7.81 2.17
C PRO A 37 -6.08 8.81 1.38
N PRO A 38 -5.44 9.80 2.02
CA PRO A 38 -4.43 10.65 1.39
C PRO A 38 -3.10 9.89 1.17
N PHE A 39 -2.26 10.40 0.27
CA PHE A 39 -0.93 9.81 0.03
C PHE A 39 -0.03 9.64 1.27
N ARG A 40 0.02 10.67 2.13
CA ARG A 40 0.80 10.69 3.37
C ARG A 40 0.37 9.57 4.32
N TYR A 41 -0.93 9.31 4.43
CA TYR A 41 -1.47 8.20 5.21
C TYR A 41 -1.04 6.82 4.72
N LEU A 42 -1.12 6.59 3.40
CA LEU A 42 -0.66 5.35 2.75
C LEU A 42 0.87 5.18 2.87
N HIS A 43 1.64 6.26 2.68
CA HIS A 43 3.08 6.30 2.93
C HIS A 43 3.42 5.87 4.35
N ASP A 44 2.73 6.41 5.36
CA ASP A 44 2.86 5.94 6.75
C ASP A 44 2.57 4.46 7.01
N ILE A 45 1.58 3.84 6.34
CA ILE A 45 1.38 2.39 6.40
C ILE A 45 2.57 1.65 5.78
N ILE A 46 3.05 2.11 4.62
CA ILE A 46 4.14 1.47 3.87
C ILE A 46 5.49 1.56 4.61
N THR A 47 5.82 2.68 5.25
CA THR A 47 7.00 2.77 6.13
C THR A 47 6.81 2.09 7.50
N GLU A 48 5.59 2.03 8.04
CA GLU A 48 5.32 1.30 9.28
C GLU A 48 5.38 -0.23 9.11
N VAL A 49 4.95 -0.78 7.97
CA VAL A 49 5.06 -2.22 7.71
C VAL A 49 6.52 -2.69 7.61
N ILE A 50 7.40 -1.87 7.04
CA ILE A 50 8.84 -2.12 7.02
C ILE A 50 9.40 -2.15 8.46
N ARG A 51 9.02 -1.17 9.29
CA ARG A 51 9.42 -1.05 10.70
C ARG A 51 8.92 -2.20 11.59
N MET A 52 7.66 -2.62 11.38
CA MET A 52 6.97 -3.61 12.21
C MET A 52 7.24 -5.07 11.81
N THR A 53 7.30 -5.36 10.51
CA THR A 53 7.34 -6.73 9.95
C THR A 53 8.56 -7.12 9.13
N GLY A 54 9.29 -6.14 8.58
CA GLY A 54 10.38 -6.35 7.63
C GLY A 54 9.92 -6.67 6.20
N PHE A 55 8.61 -6.62 5.90
CA PHE A 55 8.11 -6.69 4.52
C PHE A 55 8.43 -5.40 3.76
N MET A 56 8.94 -5.51 2.52
CA MET A 56 9.50 -4.41 1.72
C MET A 56 10.77 -3.74 2.32
N LYS A 57 11.53 -4.43 3.16
CA LYS A 57 12.65 -3.89 3.97
C LYS A 57 13.72 -3.08 3.21
N GLY A 58 14.12 -3.54 2.03
CA GLY A 58 15.16 -2.91 1.19
C GLY A 58 14.60 -2.14 -0.02
N LEU A 59 13.28 -2.04 -0.12
CA LEU A 59 12.54 -1.55 -1.29
C LEU A 59 12.67 -0.03 -1.52
N TYR A 60 13.09 0.70 -0.48
CA TYR A 60 13.26 2.15 -0.50
C TYR A 60 14.61 2.66 0.00
N THR A 61 15.11 3.74 -0.60
CA THR A 61 16.23 4.51 -0.05
C THR A 61 15.85 5.37 1.16
N ASP A 62 16.82 5.86 1.93
CA ASP A 62 16.57 6.70 3.12
C ASP A 62 15.76 7.98 2.87
N ALA A 63 15.91 8.58 1.68
CA ALA A 63 15.13 9.73 1.23
C ALA A 63 13.68 9.34 0.83
N GLU A 64 13.49 8.19 0.17
CA GLU A 64 12.16 7.70 -0.25
C GLU A 64 11.23 7.38 0.94
N MET A 65 11.78 6.93 2.07
CA MET A 65 11.03 6.70 3.31
C MET A 65 10.65 7.98 4.09
N LYS A 66 10.96 9.16 3.56
CA LYS A 66 10.66 10.47 4.15
C LYS A 66 9.81 11.31 3.18
N SER A 67 8.53 11.48 3.51
CA SER A 67 7.51 12.11 2.64
C SER A 67 7.82 13.54 2.21
N ASP A 68 8.68 14.26 2.94
CA ASP A 68 9.22 15.58 2.55
C ASP A 68 9.95 15.58 1.19
N ASN A 69 10.58 14.47 0.80
CA ASN A 69 11.20 14.27 -0.52
C ASN A 69 10.20 13.86 -1.62
N VAL A 70 8.92 13.64 -1.27
CA VAL A 70 7.87 13.03 -2.09
C VAL A 70 6.65 13.94 -2.31
N LYS A 71 6.87 15.25 -2.47
CA LYS A 71 5.82 16.25 -2.72
C LYS A 71 5.18 16.15 -4.10
N ASP A 72 5.98 15.80 -5.12
CA ASP A 72 5.54 15.73 -6.52
C ASP A 72 4.66 14.52 -6.87
N LYS A 73 3.59 14.73 -7.66
CA LYS A 73 2.64 13.70 -8.11
C LYS A 73 3.32 12.50 -8.78
N ASP A 74 4.31 12.76 -9.64
CA ASP A 74 5.13 11.71 -10.26
C ASP A 74 6.05 10.92 -9.29
N ALA A 75 6.59 11.60 -8.26
CA ALA A 75 7.37 10.95 -7.20
C ALA A 75 6.47 10.09 -6.29
N LYS A 76 5.25 10.57 -5.98
CA LYS A 76 4.20 9.83 -5.26
C LYS A 76 3.81 8.55 -6.01
N ILE A 77 3.62 8.66 -7.33
CA ILE A 77 3.35 7.51 -8.21
C ILE A 77 4.53 6.52 -8.21
N SER A 78 5.78 7.00 -8.36
CA SER A 78 6.98 6.15 -8.32
C SER A 78 7.10 5.39 -6.99
N PHE A 79 6.90 6.07 -5.86
CA PHE A 79 6.87 5.45 -4.54
C PHE A 79 5.85 4.32 -4.38
N LEU A 80 4.59 4.57 -4.77
CA LEU A 80 3.52 3.56 -4.73
C LEU A 80 3.75 2.42 -5.74
N GLN A 81 4.27 2.70 -6.94
CA GLN A 81 4.56 1.68 -7.96
C GLN A 81 5.51 0.61 -7.41
N LYS A 82 6.57 1.02 -6.68
CA LYS A 82 7.50 0.08 -6.05
C LYS A 82 6.81 -0.88 -5.06
N ALA A 83 5.93 -0.36 -4.21
CA ALA A 83 5.16 -1.18 -3.27
C ALA A 83 4.21 -2.14 -4.01
N ILE A 84 3.40 -1.62 -4.94
CA ILE A 84 2.44 -2.40 -5.74
C ILE A 84 3.14 -3.55 -6.47
N ASP A 85 4.31 -3.28 -7.07
CA ASP A 85 5.15 -4.28 -7.73
C ASP A 85 5.57 -5.46 -6.84
N VAL A 86 6.13 -5.18 -5.65
CA VAL A 86 6.50 -6.23 -4.68
C VAL A 86 5.27 -6.97 -4.16
N VAL A 87 4.18 -6.28 -3.83
CA VAL A 87 2.98 -6.91 -3.26
C VAL A 87 2.39 -7.93 -4.26
N VAL A 88 2.28 -7.58 -5.55
CA VAL A 88 1.83 -8.51 -6.59
C VAL A 88 2.83 -9.67 -6.76
N MET A 89 4.13 -9.40 -6.79
CA MET A 89 5.17 -10.43 -6.97
C MET A 89 5.30 -11.43 -5.81
N VAL A 90 5.19 -10.98 -4.56
CA VAL A 90 5.31 -11.82 -3.36
C VAL A 90 4.05 -12.66 -3.14
N SER A 91 2.86 -12.04 -3.22
CA SER A 91 1.58 -12.72 -2.98
C SER A 91 1.14 -13.62 -4.15
N GLY A 92 1.50 -13.26 -5.39
CA GLY A 92 0.97 -13.85 -6.61
C GLY A 92 -0.47 -13.41 -6.94
N GLU A 93 -1.07 -12.53 -6.14
CA GLU A 93 -2.43 -12.02 -6.32
C GLU A 93 -2.49 -10.86 -7.33
N PRO A 94 -3.46 -10.84 -8.26
CA PRO A 94 -3.73 -9.68 -9.11
C PRO A 94 -4.17 -8.47 -8.26
N LEU A 95 -3.79 -7.25 -8.69
CA LEU A 95 -4.26 -5.99 -8.15
C LEU A 95 -4.53 -4.99 -9.29
N LEU A 96 -5.76 -4.47 -9.35
CA LEU A 96 -6.15 -3.38 -10.27
C LEU A 96 -5.90 -1.97 -9.66
N ALA A 97 -5.34 -1.90 -8.45
CA ALA A 97 -4.90 -0.65 -7.84
C ALA A 97 -3.65 -0.11 -8.56
N LYS A 98 -3.81 0.86 -9.46
CA LYS A 98 -2.68 1.51 -10.16
C LYS A 98 -2.33 2.84 -9.48
N PRO A 99 -1.03 3.20 -9.36
CA PRO A 99 -0.59 4.34 -8.54
C PRO A 99 -1.19 5.68 -8.99
N ALA A 100 -1.36 5.90 -10.29
CA ALA A 100 -1.97 7.11 -10.83
C ALA A 100 -3.43 7.31 -10.37
N ARG A 101 -4.18 6.23 -10.16
CA ARG A 101 -5.55 6.26 -9.60
C ARG A 101 -5.50 6.61 -8.12
N ILE A 102 -4.58 5.99 -7.36
CA ILE A 102 -4.45 6.12 -5.91
C ILE A 102 -4.09 7.56 -5.52
N VAL A 103 -3.10 8.17 -6.19
CA VAL A 103 -2.64 9.55 -5.93
C VAL A 103 -3.73 10.58 -6.29
N ALA A 104 -4.51 10.32 -7.34
CA ALA A 104 -5.69 11.13 -7.71
C ALA A 104 -6.94 10.85 -6.83
N GLY A 105 -6.89 9.87 -5.92
CA GLY A 105 -7.97 9.54 -4.97
C GLY A 105 -9.09 8.65 -5.52
N HIS A 106 -8.90 8.03 -6.70
CA HIS A 106 -9.85 7.12 -7.34
C HIS A 106 -9.64 5.66 -6.93
N GLU A 107 -10.64 4.82 -7.21
CA GLU A 107 -10.66 3.36 -6.95
C GLU A 107 -10.29 2.95 -5.50
N PRO A 108 -10.85 3.60 -4.45
CA PRO A 108 -10.46 3.33 -3.06
C PRO A 108 -10.74 1.89 -2.60
N GLU A 109 -11.68 1.17 -3.23
CA GLU A 109 -11.87 -0.27 -3.01
C GLU A 109 -10.64 -1.10 -3.42
N ARG A 110 -9.96 -0.71 -4.51
CA ARG A 110 -8.67 -1.29 -4.92
C ARG A 110 -7.53 -0.87 -4.00
N THR A 111 -7.53 0.39 -3.52
CA THR A 111 -6.61 0.81 -2.44
C THR A 111 -6.74 0.00 -1.15
N ASN A 112 -7.98 -0.30 -0.74
CA ASN A 112 -8.27 -1.24 0.34
C ASN A 112 -7.77 -2.66 0.03
N GLU A 113 -8.02 -3.16 -1.17
CA GLU A 113 -7.53 -4.49 -1.60
C GLU A 113 -5.99 -4.59 -1.53
N LEU A 114 -5.26 -3.54 -1.94
CA LEU A 114 -3.80 -3.48 -1.85
C LEU A 114 -3.31 -3.60 -0.40
N LEU A 115 -3.95 -2.87 0.51
CA LEU A 115 -3.67 -2.92 1.95
C LEU A 115 -4.03 -4.28 2.58
N GLN A 116 -5.13 -4.89 2.17
CA GLN A 116 -5.47 -6.26 2.56
C GLN A 116 -4.41 -7.29 2.10
N ILE A 117 -3.85 -7.19 0.88
CA ILE A 117 -2.76 -8.06 0.43
C ILE A 117 -1.43 -7.76 1.16
N ILE A 118 -1.09 -6.50 1.45
CA ILE A 118 0.04 -6.14 2.33
C ILE A 118 -0.10 -6.82 3.70
N GLY A 119 -1.30 -6.74 4.30
CA GLY A 119 -1.65 -7.44 5.53
C GLY A 119 -1.49 -8.97 5.41
N LYS A 120 -2.01 -9.56 4.33
CA LYS A 120 -1.90 -11.00 4.04
C LYS A 120 -0.45 -11.48 3.94
N CYS A 121 0.40 -10.74 3.22
CA CYS A 121 1.81 -11.11 3.04
C CYS A 121 2.56 -11.16 4.38
N CYS A 122 2.29 -10.18 5.24
CA CYS A 122 2.84 -10.07 6.58
C CYS A 122 2.32 -11.14 7.56
N LEU A 123 1.01 -11.44 7.51
CA LEU A 123 0.39 -12.51 8.31
C LEU A 123 0.90 -13.91 7.92
N ASN A 124 1.19 -14.13 6.64
CA ASN A 124 1.87 -15.33 6.13
C ASN A 124 3.41 -15.29 6.27
N LYS A 125 3.97 -14.20 6.81
CA LYS A 125 5.41 -13.97 7.04
C LYS A 125 6.29 -14.16 5.79
N LEU A 126 5.77 -13.77 4.63
CA LEU A 126 6.45 -13.93 3.33
C LEU A 126 7.65 -12.99 3.21
N SER A 127 8.84 -13.55 2.95
CA SER A 127 10.06 -12.77 2.68
C SER A 127 9.99 -12.10 1.31
N SER A 128 10.08 -10.77 1.28
CA SER A 128 9.99 -9.96 0.06
C SER A 128 11.30 -9.74 -0.69
N ASP A 129 12.46 -10.06 -0.10
CA ASP A 129 13.78 -9.68 -0.63
C ASP A 129 14.07 -10.04 -2.11
N ASP A 130 13.58 -11.19 -2.58
CA ASP A 130 13.67 -11.58 -4.00
C ASP A 130 12.81 -10.74 -4.98
N ALA A 131 11.61 -10.34 -4.56
CA ALA A 131 10.74 -9.43 -5.32
C ALA A 131 11.26 -7.98 -5.24
N VAL A 132 11.77 -7.57 -4.07
CA VAL A 132 12.38 -6.24 -3.85
C VAL A 132 13.57 -6.05 -4.80
N ARG A 133 14.44 -7.06 -4.93
CA ARG A 133 15.57 -7.04 -5.87
C ARG A 133 15.14 -6.83 -7.33
N ARG A 134 13.97 -7.38 -7.72
CA ARG A 134 13.41 -7.23 -9.08
C ARG A 134 12.90 -5.81 -9.35
N VAL A 135 12.33 -5.14 -8.35
CA VAL A 135 11.96 -3.72 -8.42
C VAL A 135 13.19 -2.80 -8.43
N LEU A 136 14.19 -3.07 -7.58
CA LEU A 136 15.43 -2.28 -7.54
C LEU A 136 16.21 -2.36 -8.86
N ALA A 137 16.23 -3.54 -9.50
CA ALA A 137 16.80 -3.74 -10.84
C ALA A 137 16.07 -2.97 -11.96
N GLY A 138 14.84 -2.48 -11.70
CA GLY A 138 14.08 -1.63 -12.62
C GLY A 138 14.55 -0.16 -12.67
N GLU A 139 15.40 0.27 -11.74
CA GLU A 139 16.01 1.61 -11.76
C GLU A 139 17.13 1.77 -12.81
N LYS A 140 17.30 3.00 -13.31
CA LYS A 140 18.24 3.38 -14.37
C LYS A 140 18.82 4.80 -14.23
N GLY A 1 -21.80 -0.41 -16.02
CA GLY A 1 -22.22 0.45 -14.89
C GLY A 1 -21.39 0.19 -13.63
N SER A 2 -21.65 0.96 -12.57
CA SER A 2 -21.01 0.85 -11.25
C SER A 2 -21.93 1.37 -10.14
N SER A 3 -21.68 0.98 -8.88
CA SER A 3 -22.47 1.39 -7.71
C SER A 3 -22.27 2.88 -7.35
N GLY A 4 -23.24 3.47 -6.64
CA GLY A 4 -23.12 4.82 -6.07
C GLY A 4 -22.02 4.93 -5.00
N SER A 5 -21.65 3.81 -4.38
CA SER A 5 -20.51 3.67 -3.45
C SER A 5 -19.14 3.54 -4.14
N SER A 6 -19.09 3.47 -5.48
CA SER A 6 -17.86 3.27 -6.29
C SER A 6 -17.06 2.02 -5.84
N GLY A 7 -17.78 0.94 -5.53
CA GLY A 7 -17.24 -0.33 -5.03
C GLY A 7 -16.79 -0.34 -3.56
N MET A 8 -16.64 0.82 -2.90
CA MET A 8 -16.31 0.92 -1.49
C MET A 8 -17.56 0.76 -0.60
N ASN A 9 -17.82 -0.48 -0.23
CA ASN A 9 -18.82 -0.88 0.77
C ASN A 9 -18.14 -1.14 2.12
N ALA A 10 -18.89 -1.03 3.23
CA ALA A 10 -18.35 -1.21 4.59
C ALA A 10 -17.69 -2.59 4.83
N ALA A 11 -18.07 -3.62 4.06
CA ALA A 11 -17.47 -4.95 4.13
C ALA A 11 -16.03 -4.99 3.54
N VAL A 12 -15.72 -4.11 2.59
CA VAL A 12 -14.37 -3.94 2.05
C VAL A 12 -13.49 -3.24 3.08
N VAL A 13 -13.99 -2.18 3.73
CA VAL A 13 -13.21 -1.44 4.74
C VAL A 13 -12.95 -2.23 6.03
N ARG A 14 -13.94 -2.99 6.51
CA ARG A 14 -13.83 -3.86 7.69
C ARG A 14 -12.87 -5.02 7.48
N ARG A 15 -12.64 -5.48 6.24
CA ARG A 15 -11.58 -6.44 5.89
C ARG A 15 -10.18 -5.83 6.06
N THR A 16 -9.97 -4.63 5.53
CA THR A 16 -8.72 -3.87 5.72
C THR A 16 -8.34 -3.55 7.15
N GLN A 17 -9.32 -3.23 8.00
CA GLN A 17 -9.12 -3.07 9.44
C GLN A 17 -8.59 -4.36 10.12
N GLU A 18 -9.11 -5.53 9.73
CA GLU A 18 -8.60 -6.83 10.22
C GLU A 18 -7.22 -7.17 9.66
N ALA A 19 -6.96 -6.80 8.40
CA ALA A 19 -5.71 -7.12 7.70
C ALA A 19 -4.53 -6.27 8.20
N LEU A 20 -4.71 -4.95 8.32
CA LEU A 20 -3.66 -4.05 8.79
C LEU A 20 -3.51 -4.03 10.33
N GLY A 21 -4.58 -4.24 11.08
CA GLY A 21 -4.59 -4.11 12.56
C GLY A 21 -3.75 -5.14 13.31
N LYS A 22 -3.22 -6.15 12.60
CA LYS A 22 -2.34 -7.22 13.10
C LYS A 22 -0.88 -7.04 12.68
N VAL A 23 -0.59 -6.02 11.86
CA VAL A 23 0.72 -5.79 11.21
C VAL A 23 1.26 -4.38 11.50
N ILE A 24 0.39 -3.37 11.61
CA ILE A 24 0.70 -1.98 12.00
C ILE A 24 -0.47 -1.37 12.79
N ARG A 25 -0.20 -0.33 13.59
CA ARG A 25 -1.24 0.40 14.35
C ARG A 25 -0.97 1.89 14.61
N ARG A 26 0.08 2.47 14.03
CA ARG A 26 0.50 3.86 14.33
C ARG A 26 -0.42 4.91 13.70
N PRO A 27 -0.67 4.94 12.37
CA PRO A 27 -1.78 5.76 11.85
C PRO A 27 -3.12 5.08 12.20
N PRO A 28 -4.16 5.83 12.59
CA PRO A 28 -5.42 5.24 13.07
C PRO A 28 -6.22 4.61 11.93
N LEU A 29 -6.59 3.33 12.08
CA LEU A 29 -7.29 2.53 11.06
C LEU A 29 -8.80 2.81 11.01
N THR A 30 -9.15 4.09 10.85
CA THR A 30 -10.54 4.56 10.76
C THR A 30 -11.26 4.24 9.45
N GLU A 31 -12.58 4.08 9.50
CA GLU A 31 -13.41 3.94 8.29
C GLU A 31 -13.36 5.21 7.42
N LYS A 32 -13.28 6.40 8.02
CA LYS A 32 -13.13 7.68 7.32
C LYS A 32 -11.84 7.74 6.49
N LEU A 33 -10.74 7.25 7.05
CA LEU A 33 -9.44 7.25 6.38
C LEU A 33 -9.32 6.10 5.37
N LEU A 34 -9.66 4.87 5.74
CA LEU A 34 -9.51 3.71 4.85
C LEU A 34 -10.46 3.74 3.65
N SER A 35 -11.67 4.31 3.76
CA SER A 35 -12.62 4.39 2.63
C SER A 35 -12.15 5.31 1.48
N LYS A 36 -11.34 6.34 1.75
CA LYS A 36 -10.70 7.22 0.75
C LYS A 36 -9.42 7.89 1.32
N PRO A 37 -8.28 7.20 1.37
CA PRO A 37 -7.09 7.67 2.08
C PRO A 37 -6.28 8.73 1.31
N PRO A 38 -5.64 9.70 2.00
CA PRO A 38 -4.65 10.59 1.41
C PRO A 38 -3.33 9.84 1.15
N PHE A 39 -2.49 10.36 0.25
CA PHE A 39 -1.16 9.81 0.01
C PHE A 39 -0.27 9.63 1.25
N ARG A 40 -0.20 10.66 2.11
CA ARG A 40 0.61 10.65 3.33
C ARG A 40 0.22 9.53 4.30
N TYR A 41 -1.08 9.22 4.40
CA TYR A 41 -1.56 8.08 5.20
C TYR A 41 -1.09 6.70 4.69
N LEU A 42 -1.21 6.47 3.38
CA LEU A 42 -0.70 5.26 2.71
C LEU A 42 0.83 5.15 2.80
N HIS A 43 1.54 6.26 2.55
CA HIS A 43 2.99 6.36 2.70
C HIS A 43 3.42 5.94 4.10
N ASP A 44 2.79 6.50 5.14
CA ASP A 44 3.11 6.18 6.52
C ASP A 44 2.86 4.72 6.92
N ILE A 45 1.75 4.10 6.50
CA ILE A 45 1.53 2.65 6.62
C ILE A 45 2.65 1.85 5.92
N ILE A 46 3.06 2.25 4.71
CA ILE A 46 4.12 1.58 3.95
C ILE A 46 5.50 1.70 4.63
N THR A 47 5.85 2.83 5.26
CA THR A 47 7.03 2.90 6.13
C THR A 47 6.88 2.20 7.48
N GLU A 48 5.69 2.16 8.08
CA GLU A 48 5.45 1.42 9.32
C GLU A 48 5.51 -0.10 9.14
N VAL A 49 5.06 -0.66 8.01
CA VAL A 49 5.21 -2.11 7.79
C VAL A 49 6.66 -2.56 7.71
N ILE A 50 7.52 -1.70 7.15
CA ILE A 50 8.98 -1.88 7.13
C ILE A 50 9.56 -1.86 8.56
N ARG A 51 9.10 -0.93 9.41
CA ARG A 51 9.51 -0.78 10.81
C ARG A 51 8.97 -1.86 11.76
N MET A 52 7.72 -2.28 11.58
CA MET A 52 6.96 -3.14 12.50
C MET A 52 6.98 -4.64 12.13
N THR A 53 7.15 -4.98 10.84
CA THR A 53 7.25 -6.37 10.34
C THR A 53 8.53 -6.72 9.58
N GLY A 54 9.13 -5.74 8.90
CA GLY A 54 10.29 -5.92 8.03
C GLY A 54 9.95 -6.27 6.56
N PHE A 55 8.66 -6.41 6.22
CA PHE A 55 8.23 -6.59 4.84
C PHE A 55 8.52 -5.37 3.94
N MET A 56 9.08 -5.58 2.75
CA MET A 56 9.58 -4.54 1.83
C MET A 56 10.77 -3.68 2.36
N LYS A 57 11.50 -4.11 3.40
CA LYS A 57 12.51 -3.25 4.07
C LYS A 57 13.63 -2.69 3.18
N GLY A 58 14.07 -3.46 2.16
CA GLY A 58 15.12 -3.06 1.21
C GLY A 58 14.60 -2.32 -0.03
N LEU A 59 13.28 -2.17 -0.17
CA LEU A 59 12.59 -1.65 -1.37
C LEU A 59 12.70 -0.13 -1.53
N TYR A 60 12.95 0.58 -0.43
CA TYR A 60 13.09 2.05 -0.40
C TYR A 60 14.43 2.60 0.09
N THR A 61 14.84 3.74 -0.47
CA THR A 61 15.94 4.56 0.04
C THR A 61 15.44 5.54 1.10
N ASP A 62 16.31 5.99 2.01
CA ASP A 62 15.95 6.94 3.08
C ASP A 62 15.29 8.24 2.58
N ALA A 63 15.73 8.74 1.43
CA ALA A 63 15.15 9.92 0.78
C ALA A 63 13.70 9.71 0.30
N GLU A 64 13.32 8.48 -0.09
CA GLU A 64 11.95 8.13 -0.48
C GLU A 64 11.05 7.75 0.72
N MET A 65 11.62 7.28 1.83
CA MET A 65 10.90 7.10 3.10
C MET A 65 10.63 8.42 3.85
N LYS A 66 11.30 9.51 3.45
CA LYS A 66 11.04 10.89 3.90
C LYS A 66 9.89 11.53 3.09
N SER A 67 8.69 11.55 3.67
CA SER A 67 7.46 12.10 3.05
C SER A 67 7.62 13.52 2.49
N ASP A 68 8.43 14.35 3.14
CA ASP A 68 8.67 15.75 2.71
C ASP A 68 9.38 15.91 1.36
N ASN A 69 10.12 14.88 0.92
CA ASN A 69 10.66 14.79 -0.45
C ASN A 69 9.60 14.31 -1.45
N VAL A 70 8.66 13.46 -1.01
CA VAL A 70 7.57 12.88 -1.83
C VAL A 70 6.36 13.81 -2.02
N LYS A 71 6.62 15.11 -2.23
CA LYS A 71 5.62 16.17 -2.38
C LYS A 71 4.86 16.12 -3.71
N ASP A 72 5.57 15.95 -4.82
CA ASP A 72 5.00 16.01 -6.17
C ASP A 72 4.35 14.70 -6.66
N LYS A 73 3.29 14.80 -7.47
CA LYS A 73 2.47 13.65 -7.90
C LYS A 73 3.27 12.56 -8.62
N ASP A 74 4.23 12.93 -9.45
CA ASP A 74 5.17 12.00 -10.10
C ASP A 74 6.08 11.23 -9.13
N ALA A 75 6.59 11.89 -8.10
CA ALA A 75 7.34 11.26 -7.01
C ALA A 75 6.44 10.32 -6.17
N LYS A 76 5.20 10.73 -5.88
CA LYS A 76 4.18 9.90 -5.19
C LYS A 76 3.87 8.61 -5.95
N ILE A 77 3.69 8.72 -7.26
CA ILE A 77 3.52 7.56 -8.16
C ILE A 77 4.78 6.68 -8.20
N SER A 78 5.96 7.30 -8.33
CA SER A 78 7.26 6.60 -8.33
C SER A 78 7.57 5.87 -7.01
N PHE A 79 6.98 6.31 -5.90
CA PHE A 79 6.96 5.60 -4.62
C PHE A 79 6.00 4.41 -4.57
N LEU A 80 4.70 4.65 -4.83
CA LEU A 80 3.65 3.61 -4.74
C LEU A 80 3.84 2.48 -5.75
N GLN A 81 4.34 2.76 -6.96
CA GLN A 81 4.58 1.75 -8.00
C GLN A 81 5.47 0.61 -7.50
N LYS A 82 6.53 0.92 -6.74
CA LYS A 82 7.45 -0.07 -6.18
C LYS A 82 6.76 -1.01 -5.18
N ALA A 83 5.96 -0.46 -4.27
CA ALA A 83 5.18 -1.24 -3.31
C ALA A 83 4.17 -2.15 -4.02
N ILE A 84 3.41 -1.61 -4.98
CA ILE A 84 2.43 -2.39 -5.76
C ILE A 84 3.10 -3.57 -6.48
N ASP A 85 4.25 -3.34 -7.11
CA ASP A 85 5.05 -4.39 -7.74
C ASP A 85 5.51 -5.53 -6.83
N VAL A 86 6.10 -5.22 -5.66
CA VAL A 86 6.51 -6.25 -4.68
C VAL A 86 5.29 -6.98 -4.10
N VAL A 87 4.22 -6.26 -3.74
CA VAL A 87 3.02 -6.87 -3.12
C VAL A 87 2.36 -7.86 -4.09
N VAL A 88 2.28 -7.55 -5.39
CA VAL A 88 1.80 -8.48 -6.42
C VAL A 88 2.76 -9.66 -6.57
N MET A 89 4.08 -9.42 -6.66
CA MET A 89 5.07 -10.49 -6.84
C MET A 89 5.20 -11.48 -5.67
N VAL A 90 5.10 -11.00 -4.42
CA VAL A 90 5.22 -11.85 -3.22
C VAL A 90 3.93 -12.67 -2.99
N SER A 91 2.75 -12.05 -3.10
CA SER A 91 1.47 -12.73 -2.90
C SER A 91 1.05 -13.62 -4.07
N GLY A 92 1.44 -13.26 -5.29
CA GLY A 92 0.95 -13.84 -6.54
C GLY A 92 -0.46 -13.35 -6.95
N GLU A 93 -1.07 -12.44 -6.17
CA GLU A 93 -2.40 -11.88 -6.45
C GLU A 93 -2.31 -10.63 -7.35
N PRO A 94 -3.02 -10.57 -8.49
CA PRO A 94 -3.01 -9.40 -9.37
C PRO A 94 -3.84 -8.25 -8.80
N LEU A 95 -3.15 -7.18 -8.36
CA LEU A 95 -3.78 -5.92 -7.93
C LEU A 95 -4.11 -5.06 -9.15
N LEU A 96 -5.38 -4.64 -9.26
CA LEU A 96 -5.82 -3.62 -10.22
C LEU A 96 -5.64 -2.18 -9.70
N ALA A 97 -5.11 -2.02 -8.47
CA ALA A 97 -4.76 -0.74 -7.86
C ALA A 97 -3.58 -0.08 -8.61
N LYS A 98 -3.84 1.00 -9.37
CA LYS A 98 -2.80 1.76 -10.10
C LYS A 98 -2.35 2.98 -9.28
N PRO A 99 -1.04 3.32 -9.23
CA PRO A 99 -0.53 4.41 -8.41
C PRO A 99 -1.14 5.77 -8.78
N ALA A 100 -1.29 6.07 -10.08
CA ALA A 100 -1.87 7.33 -10.54
C ALA A 100 -3.34 7.51 -10.08
N ARG A 101 -4.12 6.43 -10.07
CA ARG A 101 -5.50 6.40 -9.53
C ARG A 101 -5.53 6.58 -8.02
N ILE A 102 -4.62 5.93 -7.29
CA ILE A 102 -4.52 6.02 -5.82
C ILE A 102 -4.23 7.47 -5.38
N VAL A 103 -3.22 8.12 -5.98
CA VAL A 103 -2.86 9.51 -5.66
C VAL A 103 -3.97 10.50 -6.01
N ALA A 104 -4.69 10.27 -7.11
CA ALA A 104 -5.88 11.03 -7.49
C ALA A 104 -7.16 10.71 -6.67
N GLY A 105 -7.12 9.70 -5.80
CA GLY A 105 -8.23 9.31 -4.91
C GLY A 105 -9.31 8.41 -5.52
N HIS A 106 -9.05 7.84 -6.70
CA HIS A 106 -9.95 6.90 -7.40
C HIS A 106 -9.69 5.43 -7.00
N GLU A 107 -10.59 4.54 -7.43
CA GLU A 107 -10.52 3.08 -7.20
C GLU A 107 -10.36 2.66 -5.72
N PRO A 108 -11.14 3.22 -4.76
CA PRO A 108 -10.94 3.02 -3.32
C PRO A 108 -11.04 1.56 -2.87
N GLU A 109 -11.82 0.73 -3.55
CA GLU A 109 -11.88 -0.72 -3.34
C GLU A 109 -10.51 -1.38 -3.58
N ARG A 110 -9.80 -0.98 -4.64
CA ARG A 110 -8.46 -1.47 -4.98
C ARG A 110 -7.38 -0.89 -4.06
N THR A 111 -7.52 0.37 -3.64
CA THR A 111 -6.68 0.94 -2.56
C THR A 111 -6.76 0.19 -1.23
N ASN A 112 -7.96 -0.26 -0.87
CA ASN A 112 -8.18 -1.18 0.25
C ASN A 112 -7.57 -2.56 -0.01
N GLU A 113 -7.79 -3.12 -1.20
CA GLU A 113 -7.24 -4.43 -1.58
C GLU A 113 -5.71 -4.46 -1.46
N LEU A 114 -4.99 -3.40 -1.87
CA LEU A 114 -3.54 -3.30 -1.73
C LEU A 114 -3.09 -3.45 -0.27
N LEU A 115 -3.75 -2.74 0.65
CA LEU A 115 -3.50 -2.83 2.09
C LEU A 115 -3.88 -4.20 2.67
N GLN A 116 -4.98 -4.80 2.21
CA GLN A 116 -5.34 -6.18 2.56
C GLN A 116 -4.26 -7.20 2.11
N ILE A 117 -3.67 -7.07 0.91
CA ILE A 117 -2.56 -7.95 0.48
C ILE A 117 -1.25 -7.67 1.24
N ILE A 118 -0.92 -6.41 1.56
CA ILE A 118 0.20 -6.07 2.47
C ILE A 118 0.02 -6.76 3.83
N GLY A 119 -1.19 -6.69 4.40
CA GLY A 119 -1.56 -7.40 5.62
C GLY A 119 -1.41 -8.93 5.49
N LYS A 120 -1.93 -9.52 4.40
CA LYS A 120 -1.83 -10.95 4.07
C LYS A 120 -0.38 -11.44 3.99
N CYS A 121 0.50 -10.71 3.31
CA CYS A 121 1.91 -11.06 3.15
C CYS A 121 2.65 -11.12 4.50
N CYS A 122 2.37 -10.14 5.36
CA CYS A 122 2.93 -10.05 6.71
C CYS A 122 2.37 -11.14 7.66
N LEU A 123 1.06 -11.41 7.60
CA LEU A 123 0.41 -12.47 8.39
C LEU A 123 0.91 -13.87 8.00
N ASN A 124 1.22 -14.10 6.72
CA ASN A 124 1.88 -15.31 6.22
C ASN A 124 3.42 -15.30 6.35
N LYS A 125 4.00 -14.22 6.90
CA LYS A 125 5.44 -14.01 7.14
C LYS A 125 6.31 -14.20 5.90
N LEU A 126 5.81 -13.80 4.73
CA LEU A 126 6.46 -13.97 3.44
C LEU A 126 7.68 -13.03 3.30
N SER A 127 8.84 -13.61 2.97
CA SER A 127 10.06 -12.83 2.67
C SER A 127 9.93 -12.15 1.30
N SER A 128 10.11 -10.83 1.28
CA SER A 128 9.99 -10.01 0.06
C SER A 128 11.27 -9.87 -0.77
N ASP A 129 12.43 -10.29 -0.25
CA ASP A 129 13.74 -10.00 -0.87
C ASP A 129 13.90 -10.35 -2.36
N ASP A 130 13.37 -11.49 -2.80
CA ASP A 130 13.36 -11.91 -4.21
C ASP A 130 12.51 -11.05 -5.15
N ALA A 131 11.41 -10.47 -4.65
CA ALA A 131 10.57 -9.52 -5.38
C ALA A 131 11.14 -8.09 -5.31
N VAL A 132 11.68 -7.69 -4.16
CA VAL A 132 12.34 -6.38 -3.95
C VAL A 132 13.50 -6.23 -4.93
N ARG A 133 14.33 -7.26 -5.07
CA ARG A 133 15.44 -7.30 -6.04
C ARG A 133 14.96 -7.13 -7.48
N ARG A 134 13.79 -7.67 -7.84
CA ARG A 134 13.20 -7.57 -9.19
C ARG A 134 12.72 -6.16 -9.53
N VAL A 135 12.15 -5.44 -8.56
CA VAL A 135 11.80 -4.01 -8.71
C VAL A 135 13.05 -3.13 -8.85
N LEU A 136 14.05 -3.33 -7.98
CA LEU A 136 15.28 -2.54 -7.97
C LEU A 136 16.12 -2.78 -9.25
N ALA A 137 16.19 -4.03 -9.73
CA ALA A 137 16.84 -4.39 -11.01
C ALA A 137 16.09 -3.86 -12.24
N GLY A 138 14.83 -3.44 -12.10
CA GLY A 138 14.04 -2.79 -13.16
C GLY A 138 14.48 -1.36 -13.47
N GLU A 139 15.27 -0.72 -12.59
CA GLU A 139 15.87 0.60 -12.79
C GLU A 139 17.30 0.57 -13.37
N LYS A 140 17.69 1.71 -13.97
CA LYS A 140 19.01 1.97 -14.58
C LYS A 140 20.15 2.11 -13.55
#